data_2N23
#
_entry.id   2N23
#
loop_
_entity.id
_entity.type
_entity.pdbx_description
1 polymer 'RNA polymerase II transcription factor B subunit 1'
2 polymer 'Krueppel-like factor 1'
#
loop_
_entity_poly.entity_id
_entity_poly.type
_entity_poly.pdbx_seq_one_letter_code
_entity_poly.pdbx_strand_id
1 'polypeptide(L)'
;PSHSGAAIFEKVSGIIAINEDVSPAELTWRSTDGDKVHTVVLSTIDKLQATPASSEKMMLRLIGKVDESKKRKDNEGNEV
VPKPQRHMFSFNNRTVMDNIKMTLQQIISRYKDAD
;
A
2 'polypeptide(L)' DTQDDFLKWWRSEEAQDMG B
#
# COMPACT_ATOMS: atom_id res chain seq x y z
N PRO A 1 -7.97 5.74 -16.01
CA PRO A 1 -6.92 4.70 -16.16
C PRO A 1 -5.85 4.82 -15.08
N SER A 2 -5.17 5.96 -15.03
CA SER A 2 -4.03 6.13 -14.14
C SER A 2 -4.47 6.49 -12.72
N HIS A 3 -5.47 5.79 -12.22
CA HIS A 3 -5.93 5.94 -10.84
C HIS A 3 -6.56 4.65 -10.32
N SER A 4 -6.72 3.67 -11.18
CA SER A 4 -7.47 2.48 -10.80
C SER A 4 -7.00 1.24 -11.54
N GLY A 5 -7.54 0.11 -11.13
CA GLY A 5 -7.22 -1.16 -11.73
C GLY A 5 -7.72 -2.29 -10.88
N ALA A 6 -8.07 -3.38 -11.51
CA ALA A 6 -8.69 -4.49 -10.81
C ALA A 6 -7.73 -5.15 -9.83
N ALA A 7 -8.07 -5.03 -8.55
CA ALA A 7 -7.24 -5.55 -7.47
C ALA A 7 -8.05 -6.51 -6.63
N ILE A 8 -7.40 -7.18 -5.72
CA ILE A 8 -8.04 -8.14 -4.87
C ILE A 8 -7.71 -7.86 -3.40
N PHE A 9 -8.72 -7.90 -2.55
CA PHE A 9 -8.58 -7.49 -1.17
C PHE A 9 -9.54 -8.27 -0.28
N GLU A 10 -9.01 -8.91 0.76
CA GLU A 10 -9.81 -9.69 1.70
C GLU A 10 -10.49 -10.87 1.01
N LYS A 11 -9.71 -11.57 0.20
CA LYS A 11 -10.13 -12.81 -0.47
C LYS A 11 -11.17 -12.56 -1.57
N VAL A 12 -11.56 -11.32 -1.76
CA VAL A 12 -12.50 -10.97 -2.81
C VAL A 12 -11.84 -10.05 -3.82
N SER A 13 -12.27 -10.16 -5.06
CA SER A 13 -11.69 -9.40 -6.13
C SER A 13 -12.47 -8.11 -6.37
N GLY A 14 -11.81 -7.13 -6.98
CA GLY A 14 -12.45 -5.87 -7.28
C GLY A 14 -11.54 -4.94 -8.04
N ILE A 15 -11.69 -3.65 -7.81
CA ILE A 15 -10.83 -2.63 -8.39
C ILE A 15 -10.27 -1.76 -7.27
N ILE A 16 -9.04 -1.30 -7.45
CA ILE A 16 -8.47 -0.30 -6.57
C ILE A 16 -8.59 1.04 -7.28
N ALA A 17 -9.05 2.06 -6.59
CA ALA A 17 -9.41 3.32 -7.24
C ALA A 17 -8.99 4.53 -6.40
N ILE A 18 -7.98 5.24 -6.87
CA ILE A 18 -7.50 6.42 -6.20
C ILE A 18 -8.27 7.64 -6.68
N ASN A 19 -8.83 8.37 -5.74
CA ASN A 19 -9.73 9.47 -6.04
C ASN A 19 -9.12 10.78 -5.59
N GLU A 20 -8.94 11.72 -6.51
CA GLU A 20 -8.62 13.06 -6.08
C GLU A 20 -9.69 14.00 -6.63
N ASP A 21 -10.88 13.90 -6.05
CA ASP A 21 -11.90 14.92 -6.12
C ASP A 21 -12.10 15.50 -4.74
N VAL A 22 -11.59 14.74 -3.79
CA VAL A 22 -11.94 14.84 -2.39
C VAL A 22 -10.82 15.47 -1.59
N SER A 23 -10.95 15.39 -0.29
CA SER A 23 -9.91 15.83 0.61
C SER A 23 -8.82 14.76 0.52
N PRO A 24 -7.61 14.98 1.08
CA PRO A 24 -6.37 14.39 0.54
C PRO A 24 -6.57 13.00 -0.05
N ALA A 25 -6.13 12.89 -1.32
CA ALA A 25 -6.49 11.79 -2.23
C ALA A 25 -6.60 10.46 -1.53
N GLU A 26 -7.68 9.76 -1.75
CA GLU A 26 -7.89 8.52 -1.06
C GLU A 26 -7.94 7.37 -2.07
N LEU A 27 -7.49 6.22 -1.62
CA LEU A 27 -7.46 5.02 -2.45
C LEU A 27 -8.60 4.12 -2.04
N THR A 28 -9.36 3.70 -3.00
CA THR A 28 -10.58 2.98 -2.71
C THR A 28 -10.59 1.62 -3.38
N TRP A 29 -10.46 0.56 -2.61
CA TRP A 29 -10.65 -0.76 -3.18
C TRP A 29 -12.11 -1.14 -3.06
N ARG A 30 -12.72 -1.40 -4.19
CA ARG A 30 -14.10 -1.83 -4.23
C ARG A 30 -14.20 -3.13 -4.99
N SER A 31 -14.93 -4.09 -4.41
CA SER A 31 -15.04 -5.40 -4.97
C SER A 31 -15.72 -5.36 -6.33
N THR A 32 -15.60 -6.41 -7.13
CA THR A 32 -16.15 -6.41 -8.47
C THR A 32 -17.65 -6.14 -8.45
N ASP A 33 -18.32 -6.63 -7.41
CA ASP A 33 -19.75 -6.42 -7.26
C ASP A 33 -20.06 -4.99 -6.82
N GLY A 34 -19.11 -4.38 -6.11
CA GLY A 34 -19.27 -2.99 -5.70
C GLY A 34 -19.71 -2.86 -4.27
N ASP A 35 -20.05 -3.99 -3.65
CA ASP A 35 -20.53 -3.99 -2.26
C ASP A 35 -19.43 -3.55 -1.31
N LYS A 36 -18.27 -4.16 -1.44
CA LYS A 36 -17.15 -3.84 -0.58
C LYS A 36 -16.37 -2.65 -1.12
N VAL A 37 -16.29 -1.62 -0.31
CA VAL A 37 -15.51 -0.41 -0.64
C VAL A 37 -14.67 -0.03 0.56
N HIS A 38 -13.37 0.12 0.34
CA HIS A 38 -12.47 0.50 1.43
C HIS A 38 -11.62 1.68 0.97
N THR A 39 -11.79 2.81 1.65
CA THR A 39 -11.15 4.03 1.22
C THR A 39 -9.97 4.39 2.12
N VAL A 40 -8.84 4.73 1.50
CA VAL A 40 -7.60 5.06 2.19
C VAL A 40 -7.13 6.47 1.82
N VAL A 41 -7.35 7.44 2.70
CA VAL A 41 -6.86 8.79 2.46
C VAL A 41 -5.33 8.81 2.58
N LEU A 42 -4.69 9.18 1.49
CA LEU A 42 -3.25 9.04 1.31
C LEU A 42 -2.44 9.94 2.24
N SER A 43 -3.08 10.94 2.82
CA SER A 43 -2.41 11.82 3.76
C SER A 43 -2.00 11.06 5.03
N THR A 44 -2.66 9.93 5.27
CA THR A 44 -2.38 9.14 6.46
C THR A 44 -1.36 8.05 6.16
N ILE A 45 -0.89 8.04 4.92
CA ILE A 45 0.03 7.03 4.46
C ILE A 45 1.49 7.53 4.48
N ASP A 46 2.38 6.65 4.90
CA ASP A 46 3.80 6.97 5.01
C ASP A 46 4.56 6.47 3.78
N LYS A 47 4.24 5.26 3.33
CA LYS A 47 4.92 4.68 2.18
C LYS A 47 3.93 3.87 1.35
N LEU A 48 4.41 3.39 0.21
CA LEU A 48 3.72 2.37 -0.56
C LEU A 48 4.74 1.50 -1.25
N GLN A 49 4.35 0.28 -1.54
CA GLN A 49 5.30 -0.75 -1.99
C GLN A 49 4.67 -1.62 -3.05
N ALA A 50 5.50 -2.33 -3.78
CA ALA A 50 5.03 -3.19 -4.85
C ALA A 50 5.91 -4.43 -4.96
N THR A 51 5.44 -5.43 -5.67
CA THR A 51 6.21 -6.65 -5.85
C THR A 51 7.42 -6.43 -6.74
N PRO A 52 8.58 -6.96 -6.31
CA PRO A 52 9.81 -6.90 -7.10
C PRO A 52 9.64 -7.62 -8.44
N ALA A 53 10.34 -7.11 -9.45
CA ALA A 53 10.21 -7.59 -10.82
C ALA A 53 10.60 -9.06 -10.97
N SER A 54 11.37 -9.56 -10.01
CA SER A 54 11.79 -10.95 -10.03
C SER A 54 10.59 -11.87 -9.74
N SER A 55 9.61 -11.33 -9.03
CA SER A 55 8.40 -12.08 -8.71
C SER A 55 7.34 -11.79 -9.75
N GLU A 56 6.65 -12.84 -10.17
CA GLU A 56 5.64 -12.72 -11.22
C GLU A 56 4.36 -12.11 -10.69
N LYS A 57 4.07 -12.36 -9.42
CA LYS A 57 2.81 -11.94 -8.85
C LYS A 57 2.75 -10.42 -8.73
N MET A 58 1.54 -9.89 -8.71
CA MET A 58 1.32 -8.45 -8.74
C MET A 58 0.73 -7.97 -7.42
N MET A 59 1.43 -7.09 -6.75
CA MET A 59 0.98 -6.63 -5.44
C MET A 59 1.35 -5.17 -5.21
N LEU A 60 0.45 -4.43 -4.60
CA LEU A 60 0.76 -3.10 -4.10
C LEU A 60 0.50 -3.07 -2.60
N ARG A 61 1.20 -2.19 -1.91
CA ARG A 61 0.94 -1.97 -0.49
C ARG A 61 0.62 -0.51 -0.21
N LEU A 62 -0.14 -0.28 0.84
CA LEU A 62 -0.36 1.04 1.39
C LEU A 62 0.20 1.10 2.79
N ILE A 63 1.35 1.74 2.97
CA ILE A 63 1.99 1.78 4.26
C ILE A 63 1.47 2.97 5.04
N GLY A 64 0.54 2.74 5.94
CA GLY A 64 -0.02 3.82 6.72
C GLY A 64 0.96 4.31 7.76
N LYS A 65 0.85 5.58 8.13
CA LYS A 65 1.75 6.19 9.07
C LYS A 65 1.64 5.56 10.43
N VAL A 66 2.66 5.80 11.21
CA VAL A 66 2.81 5.17 12.50
C VAL A 66 2.74 6.19 13.62
N ASP A 67 2.68 5.65 14.82
CA ASP A 67 2.81 6.43 16.04
C ASP A 67 4.15 7.16 16.05
N GLU A 68 4.18 8.30 16.71
CA GLU A 68 5.40 9.10 16.88
C GLU A 68 6.51 8.32 17.59
N SER A 69 6.26 7.04 17.88
CA SER A 69 7.23 6.12 18.46
C SER A 69 8.50 5.96 17.59
N LYS A 70 8.60 6.75 16.51
CA LYS A 70 9.86 6.90 15.77
C LYS A 70 10.89 7.61 16.65
N LYS A 71 10.43 7.94 17.85
CA LYS A 71 11.23 8.55 18.90
C LYS A 71 12.52 7.78 19.14
N ARG A 72 13.46 8.45 19.78
CA ARG A 72 14.79 7.92 20.04
C ARG A 72 14.73 6.58 20.79
N LYS A 73 15.89 5.93 20.89
CA LYS A 73 15.97 4.57 21.40
C LYS A 73 15.61 4.50 22.88
N ASP A 74 15.40 3.29 23.36
CA ASP A 74 14.95 3.05 24.72
C ASP A 74 16.14 3.04 25.69
N ASN A 75 15.86 3.02 26.99
CA ASN A 75 16.90 3.01 28.01
C ASN A 75 17.74 1.73 27.92
N GLU A 76 17.14 0.65 27.44
CA GLU A 76 17.85 -0.61 27.31
C GLU A 76 18.40 -0.72 25.90
N GLY A 77 18.42 0.42 25.23
CA GLY A 77 18.85 0.51 23.87
C GLY A 77 17.69 0.25 22.94
N ASN A 78 17.15 -0.95 23.09
CA ASN A 78 16.16 -1.54 22.18
C ASN A 78 16.47 -1.38 20.69
N GLU A 79 16.63 -0.15 20.23
CA GLU A 79 16.75 0.15 18.81
C GLU A 79 15.48 -0.30 18.10
N VAL A 80 14.45 0.55 18.18
CA VAL A 80 13.14 0.17 17.68
C VAL A 80 12.77 0.96 16.44
N VAL A 81 12.07 0.30 15.55
CA VAL A 81 11.43 0.94 14.43
C VAL A 81 9.94 0.66 14.52
N PRO A 82 9.10 1.70 14.55
CA PRO A 82 7.67 1.52 14.77
C PRO A 82 7.01 0.80 13.61
N LYS A 83 6.30 -0.28 13.94
CA LYS A 83 5.66 -1.11 12.94
C LYS A 83 4.47 -0.40 12.32
N PRO A 84 4.55 -0.17 11.00
CA PRO A 84 3.51 0.48 10.21
C PRO A 84 2.27 -0.39 10.00
N GLN A 85 1.11 0.24 9.98
CA GLN A 85 -0.11 -0.45 9.59
C GLN A 85 -0.30 -0.29 8.08
N ARG A 86 -0.23 -1.39 7.36
CA ARG A 86 -0.22 -1.33 5.92
C ARG A 86 -1.33 -2.17 5.29
N HIS A 87 -1.63 -1.86 4.05
CA HIS A 87 -2.65 -2.57 3.29
C HIS A 87 -1.99 -3.29 2.13
N MET A 88 -2.56 -4.40 1.69
CA MET A 88 -1.97 -5.12 0.56
C MET A 88 -3.03 -5.50 -0.47
N PHE A 89 -2.74 -5.21 -1.73
CA PHE A 89 -3.68 -5.42 -2.83
C PHE A 89 -3.07 -6.31 -3.89
N SER A 90 -3.83 -7.30 -4.31
CA SER A 90 -3.37 -8.23 -5.33
C SER A 90 -3.94 -7.87 -6.71
N PHE A 91 -3.05 -7.64 -7.67
CA PHE A 91 -3.46 -7.43 -9.06
C PHE A 91 -2.97 -8.59 -9.90
N ASN A 92 -3.28 -8.55 -11.18
CA ASN A 92 -2.79 -9.54 -12.14
C ASN A 92 -2.48 -8.87 -13.46
N ASN A 93 -1.97 -7.65 -13.38
CA ASN A 93 -1.61 -6.88 -14.55
C ASN A 93 -0.50 -5.90 -14.20
N ARG A 94 0.58 -5.93 -14.98
CA ARG A 94 1.75 -5.11 -14.69
C ARG A 94 1.50 -3.64 -14.96
N THR A 95 0.71 -3.35 -15.99
CA THR A 95 0.34 -1.98 -16.33
C THR A 95 -0.39 -1.33 -15.16
N VAL A 96 -1.41 -2.02 -14.66
CA VAL A 96 -2.11 -1.62 -13.46
C VAL A 96 -1.12 -1.40 -12.31
N MET A 97 -0.31 -2.42 -12.03
CA MET A 97 0.71 -2.32 -10.99
C MET A 97 1.50 -1.03 -11.09
N ASP A 98 2.11 -0.80 -12.24
CA ASP A 98 2.99 0.35 -12.41
C ASP A 98 2.23 1.66 -12.27
N ASN A 99 1.02 1.70 -12.79
CA ASN A 99 0.18 2.88 -12.71
C ASN A 99 -0.26 3.14 -11.27
N ILE A 100 -0.78 2.10 -10.61
CA ILE A 100 -1.15 2.20 -9.20
C ILE A 100 0.10 2.51 -8.37
N LYS A 101 1.22 1.88 -8.69
CA LYS A 101 2.49 2.20 -8.03
C LYS A 101 2.73 3.70 -8.09
N MET A 102 2.78 4.21 -9.30
CA MET A 102 3.05 5.61 -9.57
C MET A 102 2.02 6.52 -8.94
N THR A 103 0.74 6.22 -9.18
CA THR A 103 -0.36 7.04 -8.69
C THR A 103 -0.27 7.26 -7.18
N LEU A 104 -0.07 6.18 -6.45
CA LEU A 104 -0.04 6.24 -5.00
C LEU A 104 1.23 6.94 -4.56
N GLN A 105 2.35 6.46 -5.09
CA GLN A 105 3.67 6.97 -4.79
C GLN A 105 3.74 8.49 -4.93
N GLN A 106 3.29 9.00 -6.06
CA GLN A 106 3.37 10.42 -6.35
C GLN A 106 2.51 11.25 -5.42
N ILE A 107 1.23 10.89 -5.27
CA ILE A 107 0.33 11.68 -4.42
C ILE A 107 0.82 11.67 -2.98
N ILE A 108 1.23 10.49 -2.51
CA ILE A 108 1.85 10.35 -1.20
C ILE A 108 3.03 11.31 -1.07
N SER A 109 3.89 11.31 -2.06
CA SER A 109 5.06 12.14 -2.07
C SER A 109 4.71 13.63 -2.25
N ARG A 110 3.53 13.91 -2.80
CA ARG A 110 3.06 15.29 -2.90
C ARG A 110 2.75 15.85 -1.52
N TYR A 111 2.47 14.95 -0.59
CA TYR A 111 2.22 15.32 0.80
C TYR A 111 3.53 15.36 1.57
N LYS A 112 4.55 14.76 0.98
CA LYS A 112 5.88 14.73 1.55
C LYS A 112 6.69 15.93 1.11
N ASP A 113 6.74 16.15 -0.19
CA ASP A 113 7.45 17.29 -0.75
C ASP A 113 6.63 18.55 -0.55
N ALA A 114 5.32 18.35 -0.62
CA ALA A 114 4.32 19.37 -0.27
C ALA A 114 4.40 20.59 -1.18
N ASP A 115 4.81 20.37 -2.42
CA ASP A 115 4.88 21.43 -3.40
C ASP A 115 3.85 21.21 -4.48
N ASP B 1 -2.72 -16.08 10.10
CA ASP B 1 -1.94 -17.27 9.70
C ASP B 1 -1.39 -17.10 8.28
N THR B 2 -2.24 -16.65 7.37
CA THR B 2 -1.84 -16.49 5.98
C THR B 2 -1.15 -15.15 5.75
N GLN B 3 -1.74 -14.09 6.31
CA GLN B 3 -1.16 -12.75 6.22
C GLN B 3 0.26 -12.74 6.76
N ASP B 4 0.50 -13.62 7.72
CA ASP B 4 1.80 -13.76 8.35
C ASP B 4 2.84 -14.21 7.34
N ASP B 5 2.44 -15.10 6.43
CA ASP B 5 3.33 -15.58 5.38
C ASP B 5 3.52 -14.54 4.30
N PHE B 6 2.53 -13.66 4.15
CA PHE B 6 2.58 -12.62 3.14
C PHE B 6 3.71 -11.63 3.40
N LEU B 7 4.02 -11.38 4.67
CA LEU B 7 5.13 -10.52 5.00
C LEU B 7 6.45 -11.31 4.95
N LYS B 8 6.33 -12.64 4.93
CA LYS B 8 7.50 -13.49 4.87
C LYS B 8 8.02 -13.61 3.44
N TRP B 9 7.11 -13.87 2.49
CA TRP B 9 7.53 -14.08 1.11
C TRP B 9 8.03 -12.77 0.50
N TRP B 10 7.56 -11.65 1.02
CA TRP B 10 8.00 -10.35 0.55
C TRP B 10 9.48 -10.15 0.87
N ARG B 11 9.87 -10.59 2.06
CA ARG B 11 11.25 -10.50 2.49
C ARG B 11 12.07 -11.62 1.87
N SER B 12 11.46 -12.78 1.72
CA SER B 12 12.12 -13.92 1.10
C SER B 12 12.51 -13.59 -0.35
N GLU B 13 11.59 -12.95 -1.06
CA GLU B 13 11.85 -12.54 -2.44
C GLU B 13 12.91 -11.43 -2.47
N GLU B 14 12.96 -10.64 -1.42
CA GLU B 14 13.94 -9.56 -1.33
C GLU B 14 15.32 -10.13 -1.01
N ALA B 15 15.36 -11.12 -0.12
CA ALA B 15 16.61 -11.77 0.26
C ALA B 15 17.19 -12.56 -0.91
N GLN B 16 16.33 -12.90 -1.87
CA GLN B 16 16.76 -13.57 -3.08
C GLN B 16 17.64 -12.64 -3.91
N ASP B 17 17.19 -11.39 -4.07
CA ASP B 17 17.94 -10.39 -4.80
C ASP B 17 19.14 -9.93 -3.98
N MET B 18 18.96 -9.84 -2.67
CA MET B 18 20.04 -9.48 -1.77
C MET B 18 20.86 -10.71 -1.42
N GLY B 19 21.62 -11.19 -2.39
CA GLY B 19 22.44 -12.37 -2.19
C GLY B 19 23.84 -12.04 -1.75
N PRO A 1 -6.27 5.13 -17.41
CA PRO A 1 -4.87 5.52 -17.16
C PRO A 1 -4.69 5.97 -15.72
N SER A 2 -3.84 5.25 -14.98
CA SER A 2 -3.50 5.53 -13.59
C SER A 2 -4.73 5.53 -12.67
N HIS A 3 -4.47 5.70 -11.37
CA HIS A 3 -5.51 5.85 -10.34
C HIS A 3 -6.28 4.57 -10.04
N SER A 4 -6.68 3.84 -11.05
CA SER A 4 -7.53 2.69 -10.82
C SER A 4 -7.19 1.50 -11.69
N GLY A 5 -7.61 0.34 -11.19
CA GLY A 5 -7.37 -0.92 -11.85
C GLY A 5 -7.83 -2.05 -10.97
N ALA A 6 -8.17 -3.17 -11.57
CA ALA A 6 -8.76 -4.28 -10.85
C ALA A 6 -7.79 -4.91 -9.86
N ALA A 7 -8.14 -4.81 -8.58
CA ALA A 7 -7.31 -5.31 -7.50
C ALA A 7 -8.08 -6.33 -6.68
N ILE A 8 -7.41 -6.96 -5.76
CA ILE A 8 -7.97 -7.97 -4.90
C ILE A 8 -7.60 -7.70 -3.45
N PHE A 9 -8.58 -7.82 -2.57
CA PHE A 9 -8.40 -7.50 -1.16
C PHE A 9 -9.31 -8.40 -0.34
N GLU A 10 -8.77 -9.01 0.71
CA GLU A 10 -9.53 -9.96 1.54
C GLU A 10 -9.92 -11.18 0.72
N LYS A 11 -9.06 -11.51 -0.22
CA LYS A 11 -9.24 -12.65 -1.12
C LYS A 11 -10.45 -12.49 -2.04
N VAL A 12 -11.12 -11.34 -1.97
CA VAL A 12 -12.16 -11.00 -2.94
C VAL A 12 -11.61 -9.99 -3.93
N SER A 13 -12.11 -10.06 -5.14
CA SER A 13 -11.60 -9.24 -6.22
C SER A 13 -12.46 -8.00 -6.45
N GLY A 14 -11.83 -6.98 -6.99
CA GLY A 14 -12.50 -5.74 -7.28
C GLY A 14 -11.61 -4.79 -8.05
N ILE A 15 -11.80 -3.49 -7.82
CA ILE A 15 -10.95 -2.48 -8.40
C ILE A 15 -10.36 -1.62 -7.28
N ILE A 16 -9.13 -1.17 -7.47
CA ILE A 16 -8.54 -0.18 -6.60
C ILE A 16 -8.64 1.16 -7.32
N ALA A 17 -9.09 2.19 -6.63
CA ALA A 17 -9.41 3.46 -7.28
C ALA A 17 -8.97 4.66 -6.45
N ILE A 18 -7.93 5.34 -6.89
CA ILE A 18 -7.46 6.53 -6.21
C ILE A 18 -8.11 7.77 -6.81
N ASN A 19 -8.64 8.63 -5.95
CA ASN A 19 -9.34 9.82 -6.38
C ASN A 19 -8.65 11.06 -5.85
N GLU A 20 -8.36 12.02 -6.72
CA GLU A 20 -7.95 13.31 -6.25
C GLU A 20 -8.95 14.33 -6.78
N ASP A 21 -10.14 14.30 -6.20
CA ASP A 21 -11.11 15.37 -6.30
C ASP A 21 -11.28 16.03 -4.95
N VAL A 22 -10.93 15.22 -3.97
CA VAL A 22 -11.29 15.41 -2.59
C VAL A 22 -10.10 15.86 -1.76
N SER A 23 -10.29 15.84 -0.46
CA SER A 23 -9.22 16.09 0.49
C SER A 23 -8.34 14.85 0.46
N PRO A 24 -7.13 14.84 1.05
CA PRO A 24 -6.01 14.06 0.53
C PRO A 24 -6.40 12.77 -0.14
N ALA A 25 -5.94 12.65 -1.38
CA ALA A 25 -6.34 11.60 -2.33
C ALA A 25 -6.63 10.30 -1.64
N GLU A 26 -7.78 9.70 -1.92
CA GLU A 26 -8.14 8.48 -1.24
C GLU A 26 -8.19 7.34 -2.23
N LEU A 27 -7.80 6.18 -1.75
CA LEU A 27 -7.75 4.97 -2.53
C LEU A 27 -8.94 4.11 -2.17
N THR A 28 -9.66 3.66 -3.15
CA THR A 28 -10.86 2.91 -2.90
C THR A 28 -10.77 1.53 -3.52
N TRP A 29 -10.62 0.50 -2.71
CA TRP A 29 -10.76 -0.83 -3.23
C TRP A 29 -12.21 -1.24 -3.13
N ARG A 30 -12.82 -1.42 -4.25
CA ARG A 30 -14.20 -1.81 -4.31
C ARG A 30 -14.37 -3.09 -5.11
N SER A 31 -14.96 -4.08 -4.46
CA SER A 31 -15.08 -5.42 -5.00
C SER A 31 -15.85 -5.41 -6.32
N THR A 32 -15.61 -6.39 -7.18
CA THR A 32 -16.19 -6.41 -8.52
C THR A 32 -17.72 -6.22 -8.47
N ASP A 33 -18.33 -6.85 -7.47
CA ASP A 33 -19.78 -6.82 -7.31
C ASP A 33 -20.28 -5.43 -6.96
N GLY A 34 -19.41 -4.64 -6.34
CA GLY A 34 -19.79 -3.30 -5.90
C GLY A 34 -20.25 -3.30 -4.46
N ASP A 35 -20.17 -4.45 -3.82
CA ASP A 35 -20.58 -4.59 -2.42
C ASP A 35 -19.53 -3.99 -1.50
N LYS A 36 -18.34 -4.56 -1.53
CA LYS A 36 -17.24 -4.11 -0.68
C LYS A 36 -16.57 -2.88 -1.26
N VAL A 37 -16.44 -1.87 -0.41
CA VAL A 37 -15.71 -0.65 -0.75
C VAL A 37 -14.90 -0.21 0.45
N HIS A 38 -13.59 -0.18 0.29
CA HIS A 38 -12.71 0.20 1.37
C HIS A 38 -11.88 1.39 0.93
N THR A 39 -12.07 2.52 1.61
CA THR A 39 -11.47 3.76 1.17
C THR A 39 -10.33 4.20 2.08
N VAL A 40 -9.16 4.31 1.48
CA VAL A 40 -7.93 4.70 2.17
C VAL A 40 -7.54 6.13 1.78
N VAL A 41 -7.82 7.10 2.63
CA VAL A 41 -7.31 8.44 2.40
C VAL A 41 -5.79 8.43 2.58
N LEU A 42 -5.11 8.72 1.50
CA LEU A 42 -3.68 8.53 1.40
C LEU A 42 -2.91 9.35 2.44
N SER A 43 -3.49 10.44 2.91
CA SER A 43 -2.84 11.28 3.92
C SER A 43 -2.39 10.46 5.14
N THR A 44 -3.04 9.31 5.36
CA THR A 44 -2.74 8.47 6.51
C THR A 44 -1.60 7.50 6.20
N ILE A 45 -1.14 7.53 4.97
CA ILE A 45 -0.08 6.67 4.49
C ILE A 45 1.24 7.42 4.47
N ASP A 46 2.33 6.71 4.76
CA ASP A 46 3.66 7.29 4.73
C ASP A 46 4.42 6.80 3.51
N LYS A 47 4.31 5.51 3.22
CA LYS A 47 5.05 4.91 2.14
C LYS A 47 4.15 4.01 1.33
N LEU A 48 4.69 3.48 0.26
CA LEU A 48 4.03 2.43 -0.50
C LEU A 48 5.10 1.47 -1.00
N GLN A 49 4.70 0.23 -1.23
CA GLN A 49 5.65 -0.77 -1.68
C GLN A 49 5.07 -1.59 -2.81
N ALA A 50 5.90 -1.99 -3.73
CA ALA A 50 5.44 -2.69 -4.92
C ALA A 50 6.33 -3.89 -5.22
N THR A 51 5.72 -4.94 -5.73
CA THR A 51 6.42 -6.20 -5.98
C THR A 51 7.28 -6.15 -7.24
N PRO A 52 8.34 -6.97 -7.26
CA PRO A 52 9.27 -7.07 -8.38
C PRO A 52 8.59 -7.35 -9.72
N ALA A 53 9.06 -6.68 -10.77
CA ALA A 53 8.58 -6.92 -12.12
C ALA A 53 9.13 -8.25 -12.64
N SER A 54 10.19 -8.70 -12.01
CA SER A 54 10.82 -9.97 -12.34
C SER A 54 9.96 -11.13 -11.84
N SER A 55 8.99 -10.80 -11.00
CA SER A 55 8.06 -11.79 -10.50
C SER A 55 6.73 -11.66 -11.24
N GLU A 56 5.88 -12.64 -11.10
CA GLU A 56 4.55 -12.56 -11.66
C GLU A 56 3.66 -11.70 -10.79
N LYS A 57 3.82 -11.86 -9.48
CA LYS A 57 2.88 -11.31 -8.53
C LYS A 57 2.84 -9.79 -8.58
N MET A 58 1.68 -9.25 -8.92
CA MET A 58 1.46 -7.81 -8.93
C MET A 58 0.78 -7.37 -7.64
N MET A 59 1.50 -6.62 -6.83
CA MET A 59 1.02 -6.21 -5.53
C MET A 59 1.37 -4.77 -5.23
N LEU A 60 0.50 -4.07 -4.52
CA LEU A 60 0.84 -2.76 -3.98
C LEU A 60 0.58 -2.75 -2.49
N ARG A 61 1.44 -2.05 -1.77
CA ARG A 61 1.25 -1.88 -0.35
C ARG A 61 0.94 -0.43 -0.01
N LEU A 62 0.16 -0.27 1.03
CA LEU A 62 -0.12 1.04 1.60
C LEU A 62 0.53 1.12 2.97
N ILE A 63 1.64 1.81 3.07
CA ILE A 63 2.38 1.86 4.32
C ILE A 63 1.84 2.99 5.18
N GLY A 64 0.97 2.66 6.12
CA GLY A 64 0.34 3.68 6.95
C GLY A 64 1.32 4.34 7.88
N LYS A 65 1.06 5.60 8.19
CA LYS A 65 1.96 6.39 9.00
C LYS A 65 2.07 5.87 10.42
N VAL A 66 3.13 6.29 11.04
CA VAL A 66 3.39 5.99 12.43
C VAL A 66 3.40 7.28 13.23
N ASP A 67 2.74 7.26 14.37
CA ASP A 67 2.73 8.41 15.24
C ASP A 67 4.04 8.50 15.99
N GLU A 68 4.63 9.68 16.02
CA GLU A 68 5.88 9.89 16.74
C GLU A 68 5.68 9.71 18.25
N SER A 69 4.42 9.74 18.67
CA SER A 69 4.08 9.48 20.06
C SER A 69 4.01 7.97 20.33
N LYS A 70 3.78 7.21 19.27
CA LYS A 70 3.72 5.76 19.34
C LYS A 70 5.12 5.17 19.20
N LYS A 71 6.07 6.04 18.92
CA LYS A 71 7.47 5.66 18.76
C LYS A 71 8.00 4.99 20.02
N ARG A 72 9.00 4.15 19.82
CA ARG A 72 9.51 3.33 20.91
C ARG A 72 11.02 3.48 21.06
N LYS A 73 11.49 3.17 22.25
CA LYS A 73 12.91 3.08 22.50
C LYS A 73 13.25 1.67 22.92
N ASP A 74 14.46 1.23 22.61
CA ASP A 74 14.90 -0.10 22.99
C ASP A 74 15.74 -0.01 24.26
N ASN A 75 16.36 -1.09 24.70
CA ASN A 75 17.03 -1.11 26.00
C ASN A 75 18.15 -0.06 26.09
N GLU A 76 18.78 0.24 24.96
CA GLU A 76 19.84 1.24 24.93
C GLU A 76 19.31 2.63 24.59
N GLY A 77 17.98 2.78 24.65
CA GLY A 77 17.35 4.06 24.33
C GLY A 77 17.61 4.49 22.91
N ASN A 78 17.58 3.52 22.00
CA ASN A 78 17.90 3.74 20.59
C ASN A 78 16.95 4.74 19.93
N GLU A 79 15.71 4.77 20.38
CA GLU A 79 14.67 5.61 19.78
C GLU A 79 14.46 5.19 18.33
N VAL A 80 13.76 4.09 18.16
CA VAL A 80 13.58 3.49 16.86
C VAL A 80 12.19 3.80 16.31
N VAL A 81 12.10 3.96 15.01
CA VAL A 81 10.82 4.16 14.36
C VAL A 81 10.09 2.82 14.28
N PRO A 82 8.83 2.76 14.73
CA PRO A 82 8.06 1.53 14.73
C PRO A 82 7.64 1.15 13.33
N LYS A 83 7.47 -0.15 13.09
CA LYS A 83 7.09 -0.64 11.78
C LYS A 83 5.70 -0.13 11.43
N PRO A 84 5.63 0.65 10.36
CA PRO A 84 4.40 1.26 9.87
C PRO A 84 3.35 0.21 9.51
N GLN A 85 2.11 0.46 9.89
CA GLN A 85 1.03 -0.48 9.66
C GLN A 85 0.58 -0.39 8.21
N ARG A 86 0.78 -1.46 7.47
CA ARG A 86 0.59 -1.41 6.04
C ARG A 86 -0.59 -2.25 5.57
N HIS A 87 -1.15 -1.82 4.45
CA HIS A 87 -2.21 -2.56 3.78
C HIS A 87 -1.62 -3.17 2.52
N MET A 88 -2.21 -4.25 2.03
CA MET A 88 -1.71 -4.89 0.82
C MET A 88 -2.85 -5.21 -0.13
N PHE A 89 -2.70 -4.81 -1.38
CA PHE A 89 -3.72 -5.08 -2.38
C PHE A 89 -3.09 -5.81 -3.56
N SER A 90 -3.74 -6.87 -3.99
CA SER A 90 -3.27 -7.67 -5.11
C SER A 90 -3.90 -7.15 -6.40
N PHE A 91 -3.20 -7.26 -7.50
CA PHE A 91 -3.79 -7.05 -8.81
C PHE A 91 -3.66 -8.29 -9.66
N ASN A 92 -4.23 -8.22 -10.84
CA ASN A 92 -4.16 -9.32 -11.79
C ASN A 92 -3.64 -8.83 -13.14
N ASN A 93 -2.85 -7.76 -13.11
CA ASN A 93 -2.28 -7.20 -14.33
C ASN A 93 -1.04 -6.38 -13.98
N ARG A 94 0.03 -6.56 -14.75
CA ARG A 94 1.32 -5.95 -14.47
C ARG A 94 1.31 -4.46 -14.74
N THR A 95 0.59 -4.05 -15.76
CA THR A 95 0.45 -2.64 -16.10
C THR A 95 -0.33 -1.90 -15.01
N VAL A 96 -1.46 -2.49 -14.64
CA VAL A 96 -2.31 -1.96 -13.57
C VAL A 96 -1.50 -1.60 -12.33
N MET A 97 -0.78 -2.58 -11.79
CA MET A 97 -0.04 -2.35 -10.57
C MET A 97 0.90 -1.16 -10.70
N ASP A 98 1.70 -1.17 -11.76
CA ASP A 98 2.66 -0.10 -12.03
C ASP A 98 1.99 1.27 -12.11
N ASN A 99 0.82 1.31 -12.75
CA ASN A 99 0.02 2.53 -12.82
C ASN A 99 -0.37 2.99 -11.43
N ILE A 100 -0.92 2.07 -10.65
CA ILE A 100 -1.26 2.32 -9.25
C ILE A 100 0.00 2.70 -8.47
N LYS A 101 1.11 2.00 -8.71
CA LYS A 101 2.40 2.32 -8.10
C LYS A 101 2.68 3.80 -8.25
N MET A 102 2.82 4.21 -9.50
CA MET A 102 3.18 5.57 -9.86
C MET A 102 2.19 6.59 -9.32
N THR A 103 0.89 6.29 -9.45
CA THR A 103 -0.15 7.18 -8.97
C THR A 103 0.05 7.49 -7.50
N LEU A 104 0.08 6.44 -6.69
CA LEU A 104 0.14 6.56 -5.25
C LEU A 104 1.47 7.19 -4.84
N GLN A 105 2.54 6.59 -5.37
CA GLN A 105 3.91 6.99 -5.09
C GLN A 105 4.07 8.51 -5.09
N GLN A 106 3.60 9.17 -6.14
CA GLN A 106 3.74 10.60 -6.27
C GLN A 106 2.85 11.35 -5.29
N ILE A 107 1.56 11.02 -5.25
CA ILE A 107 0.62 11.67 -4.32
C ILE A 107 1.17 11.59 -2.90
N ILE A 108 1.59 10.40 -2.54
CA ILE A 108 2.20 10.14 -1.26
C ILE A 108 3.38 11.04 -1.05
N SER A 109 4.34 10.99 -1.96
CA SER A 109 5.54 11.78 -1.84
C SER A 109 5.21 13.28 -1.80
N ARG A 110 4.05 13.66 -2.33
CA ARG A 110 3.59 15.03 -2.27
C ARG A 110 3.24 15.42 -0.83
N TYR A 111 2.56 14.52 -0.12
CA TYR A 111 2.17 14.79 1.26
C TYR A 111 3.21 14.28 2.24
N LYS A 112 4.09 13.45 1.73
CA LYS A 112 5.22 12.93 2.47
C LYS A 112 6.19 14.07 2.76
N ASP A 113 6.51 14.80 1.71
CA ASP A 113 7.38 15.96 1.82
C ASP A 113 6.57 17.14 2.34
N ALA A 114 5.28 17.13 2.00
CA ALA A 114 4.30 18.13 2.43
C ALA A 114 4.53 19.46 1.75
N ASP A 115 5.29 19.44 0.66
CA ASP A 115 5.52 20.61 -0.15
C ASP A 115 5.19 20.31 -1.60
N ASP B 1 0.84 -19.64 8.72
CA ASP B 1 2.14 -19.50 8.03
C ASP B 1 2.08 -18.39 6.98
N THR B 2 1.02 -18.36 6.20
CA THR B 2 0.90 -17.42 5.10
C THR B 2 0.78 -15.98 5.57
N GLN B 3 0.06 -15.78 6.67
CA GLN B 3 -0.11 -14.44 7.23
C GLN B 3 1.25 -13.84 7.56
N ASP B 4 2.16 -14.69 7.99
CA ASP B 4 3.53 -14.28 8.29
C ASP B 4 4.35 -14.18 7.01
N ASP B 5 4.09 -15.12 6.10
CA ASP B 5 4.83 -15.23 4.86
C ASP B 5 4.71 -13.94 4.03
N PHE B 6 3.59 -13.23 4.19
CA PHE B 6 3.38 -11.97 3.50
C PHE B 6 4.45 -10.94 3.84
N LEU B 7 5.08 -11.09 4.99
CA LEU B 7 6.17 -10.23 5.38
C LEU B 7 7.50 -10.85 4.95
N LYS B 8 7.58 -12.16 5.12
CA LYS B 8 8.78 -12.92 4.82
C LYS B 8 9.13 -12.87 3.33
N TRP B 9 8.15 -13.13 2.48
CA TRP B 9 8.39 -13.25 1.05
C TRP B 9 8.78 -11.90 0.45
N TRP B 10 8.33 -10.82 1.06
CA TRP B 10 8.61 -9.49 0.55
C TRP B 10 10.05 -9.10 0.86
N ARG B 11 10.46 -9.37 2.09
CA ARG B 11 11.79 -9.01 2.55
C ARG B 11 12.88 -9.80 1.84
N SER B 12 12.57 -11.03 1.45
CA SER B 12 13.53 -11.87 0.75
C SER B 12 13.71 -11.42 -0.70
N GLU B 13 12.68 -10.78 -1.25
CA GLU B 13 12.76 -10.21 -2.59
C GLU B 13 13.64 -8.97 -2.56
N GLU B 14 13.40 -8.13 -1.56
CA GLU B 14 14.15 -6.90 -1.40
C GLU B 14 15.62 -7.20 -1.11
N ALA B 15 15.86 -8.27 -0.36
CA ALA B 15 17.22 -8.68 -0.04
C ALA B 15 17.94 -9.17 -1.29
N GLN B 16 17.19 -9.72 -2.23
CA GLN B 16 17.75 -10.22 -3.47
C GLN B 16 18.15 -9.04 -4.36
N ASP B 17 17.33 -8.01 -4.37
CA ASP B 17 17.59 -6.83 -5.18
C ASP B 17 18.61 -5.92 -4.49
N MET B 18 18.31 -5.51 -3.28
CA MET B 18 19.19 -4.64 -2.50
C MET B 18 20.17 -5.47 -1.69
N GLY B 19 21.12 -6.08 -2.37
CA GLY B 19 22.11 -6.90 -1.71
C GLY B 19 23.44 -6.19 -1.60
N PRO A 1 -5.18 1.79 -17.49
CA PRO A 1 -5.72 1.72 -16.12
C PRO A 1 -5.06 2.77 -15.23
N SER A 2 -5.51 4.01 -15.35
CA SER A 2 -4.95 5.11 -14.57
C SER A 2 -5.77 5.33 -13.31
N HIS A 3 -5.08 5.51 -12.18
CA HIS A 3 -5.70 5.74 -10.87
C HIS A 3 -6.49 4.53 -10.38
N SER A 4 -6.66 3.53 -11.22
CA SER A 4 -7.47 2.38 -10.85
C SER A 4 -7.08 1.13 -11.59
N GLY A 5 -7.56 0.01 -11.09
CA GLY A 5 -7.28 -1.27 -11.66
C GLY A 5 -7.76 -2.37 -10.76
N ALA A 6 -8.13 -3.49 -11.34
CA ALA A 6 -8.73 -4.57 -10.59
C ALA A 6 -7.74 -5.20 -9.62
N ALA A 7 -8.03 -5.05 -8.34
CA ALA A 7 -7.15 -5.50 -7.28
C ALA A 7 -7.90 -6.45 -6.36
N ILE A 8 -7.21 -6.99 -5.37
CA ILE A 8 -7.83 -7.91 -4.41
C ILE A 8 -7.48 -7.49 -2.99
N PHE A 9 -8.47 -7.53 -2.11
CA PHE A 9 -8.30 -7.12 -0.73
C PHE A 9 -9.26 -7.91 0.15
N GLU A 10 -8.80 -8.40 1.29
CA GLU A 10 -9.62 -9.24 2.18
C GLU A 10 -9.99 -10.54 1.51
N LYS A 11 -9.09 -11.00 0.65
CA LYS A 11 -9.25 -12.25 -0.11
C LYS A 11 -10.42 -12.20 -1.09
N VAL A 12 -11.06 -11.05 -1.22
CA VAL A 12 -12.07 -10.83 -2.24
C VAL A 12 -11.49 -9.92 -3.32
N SER A 13 -11.94 -10.11 -4.53
CA SER A 13 -11.44 -9.35 -5.65
C SER A 13 -12.29 -8.10 -5.92
N GLY A 14 -11.64 -7.08 -6.46
CA GLY A 14 -12.31 -5.83 -6.76
C GLY A 14 -11.48 -4.93 -7.63
N ILE A 15 -11.67 -3.63 -7.50
CA ILE A 15 -10.82 -2.64 -8.16
C ILE A 15 -10.22 -1.73 -7.10
N ILE A 16 -9.00 -1.29 -7.34
CA ILE A 16 -8.40 -0.25 -6.52
C ILE A 16 -8.54 1.07 -7.27
N ALA A 17 -9.04 2.10 -6.61
CA ALA A 17 -9.40 3.34 -7.29
C ALA A 17 -9.01 4.57 -6.50
N ILE A 18 -8.03 5.31 -6.99
CA ILE A 18 -7.57 6.52 -6.34
C ILE A 18 -8.28 7.73 -6.93
N ASN A 19 -8.86 8.53 -6.04
CA ASN A 19 -9.65 9.68 -6.45
C ASN A 19 -9.02 10.96 -5.96
N GLU A 20 -8.87 11.94 -6.85
CA GLU A 20 -8.51 13.26 -6.40
C GLU A 20 -9.56 14.24 -6.91
N ASP A 21 -10.73 14.17 -6.31
CA ASP A 21 -11.77 15.19 -6.42
C ASP A 21 -11.93 15.86 -5.07
N VAL A 22 -11.49 15.10 -4.10
CA VAL A 22 -11.86 15.26 -2.72
C VAL A 22 -10.72 15.82 -1.89
N SER A 23 -10.92 15.76 -0.60
CA SER A 23 -9.89 16.11 0.37
C SER A 23 -8.87 14.97 0.31
N PRO A 24 -7.66 15.09 0.94
CA PRO A 24 -6.45 14.44 0.43
C PRO A 24 -6.71 13.08 -0.21
N ALA A 25 -6.21 12.97 -1.45
CA ALA A 25 -6.56 11.89 -2.38
C ALA A 25 -6.69 10.55 -1.69
N GLU A 26 -7.75 9.85 -1.99
CA GLU A 26 -8.03 8.62 -1.30
C GLU A 26 -8.03 7.46 -2.29
N LEU A 27 -7.60 6.32 -1.80
CA LEU A 27 -7.55 5.10 -2.57
C LEU A 27 -8.70 4.22 -2.15
N THR A 28 -9.45 3.76 -3.11
CA THR A 28 -10.63 3.00 -2.81
C THR A 28 -10.54 1.61 -3.41
N TRP A 29 -10.35 0.61 -2.57
CA TRP A 29 -10.50 -0.75 -3.05
C TRP A 29 -11.94 -1.14 -2.89
N ARG A 30 -12.58 -1.44 -3.99
CA ARG A 30 -13.97 -1.81 -3.97
C ARG A 30 -14.17 -3.11 -4.74
N SER A 31 -14.83 -4.06 -4.08
CA SER A 31 -14.99 -5.40 -4.60
C SER A 31 -15.78 -5.37 -5.91
N THR A 32 -15.49 -6.33 -6.79
CA THR A 32 -16.09 -6.38 -8.13
C THR A 32 -17.61 -6.48 -8.06
N ASP A 33 -18.11 -7.09 -6.98
CA ASP A 33 -19.54 -7.24 -6.77
C ASP A 33 -20.19 -5.90 -6.42
N GLY A 34 -19.38 -4.94 -5.99
CA GLY A 34 -19.87 -3.60 -5.75
C GLY A 34 -20.39 -3.38 -4.34
N ASP A 35 -20.19 -4.38 -3.49
CA ASP A 35 -20.65 -4.31 -2.11
C ASP A 35 -19.59 -3.70 -1.21
N LYS A 36 -18.38 -4.22 -1.30
CA LYS A 36 -17.30 -3.76 -0.46
C LYS A 36 -16.55 -2.59 -1.08
N VAL A 37 -16.43 -1.52 -0.33
CA VAL A 37 -15.68 -0.35 -0.73
C VAL A 37 -14.88 0.15 0.46
N HIS A 38 -13.57 0.29 0.29
CA HIS A 38 -12.71 0.72 1.37
C HIS A 38 -11.86 1.88 0.92
N THR A 39 -12.03 3.02 1.55
CA THR A 39 -11.38 4.23 1.11
C THR A 39 -10.22 4.63 2.03
N VAL A 40 -9.03 4.61 1.46
CA VAL A 40 -7.79 4.97 2.14
C VAL A 40 -7.36 6.38 1.73
N VAL A 41 -7.58 7.37 2.59
CA VAL A 41 -7.09 8.71 2.31
C VAL A 41 -5.57 8.72 2.44
N LEU A 42 -4.93 9.04 1.33
CA LEU A 42 -3.49 8.87 1.16
C LEU A 42 -2.67 9.73 2.10
N SER A 43 -3.28 10.76 2.67
CA SER A 43 -2.57 11.63 3.61
C SER A 43 -2.30 10.92 4.93
N THR A 44 -2.89 9.74 5.11
CA THR A 44 -2.66 8.97 6.32
C THR A 44 -1.65 7.86 6.07
N ILE A 45 -1.12 7.83 4.85
CA ILE A 45 -0.17 6.82 4.44
C ILE A 45 1.27 7.31 4.51
N ASP A 46 2.17 6.40 4.86
CA ASP A 46 3.59 6.70 5.00
C ASP A 46 4.39 6.19 3.82
N LYS A 47 4.16 4.95 3.45
CA LYS A 47 4.93 4.30 2.40
C LYS A 47 4.02 3.51 1.48
N LEU A 48 4.58 3.00 0.41
CA LEU A 48 3.90 2.00 -0.39
C LEU A 48 4.92 1.01 -0.95
N GLN A 49 4.50 -0.22 -1.17
CA GLN A 49 5.41 -1.26 -1.66
C GLN A 49 4.83 -1.90 -2.91
N ALA A 50 5.71 -2.33 -3.79
CA ALA A 50 5.29 -2.87 -5.08
C ALA A 50 6.23 -4.01 -5.49
N THR A 51 5.66 -5.11 -5.96
CA THR A 51 6.44 -6.27 -6.35
C THR A 51 7.30 -6.01 -7.58
N PRO A 52 8.42 -6.72 -7.69
CA PRO A 52 9.37 -6.55 -8.81
C PRO A 52 8.78 -6.99 -10.13
N ALA A 53 9.16 -6.31 -11.20
CA ALA A 53 8.68 -6.61 -12.54
C ALA A 53 9.22 -7.95 -13.02
N SER A 54 10.23 -8.46 -12.33
CA SER A 54 10.80 -9.76 -12.65
C SER A 54 9.83 -10.86 -12.25
N SER A 55 9.06 -10.61 -11.20
CA SER A 55 8.07 -11.55 -10.73
C SER A 55 6.83 -11.49 -11.61
N GLU A 56 6.05 -12.55 -11.59
CA GLU A 56 4.78 -12.56 -12.26
C GLU A 56 3.75 -11.82 -11.43
N LYS A 57 3.83 -12.04 -10.13
CA LYS A 57 2.81 -11.57 -9.23
C LYS A 57 2.78 -10.05 -9.14
N MET A 58 1.59 -9.51 -9.35
CA MET A 58 1.39 -8.07 -9.29
C MET A 58 0.73 -7.67 -7.97
N MET A 59 1.48 -6.95 -7.14
CA MET A 59 1.02 -6.61 -5.80
C MET A 59 1.42 -5.18 -5.42
N LEU A 60 0.50 -4.48 -4.78
CA LEU A 60 0.79 -3.18 -4.17
C LEU A 60 0.51 -3.23 -2.69
N ARG A 61 1.18 -2.38 -1.92
CA ARG A 61 0.86 -2.21 -0.51
C ARG A 61 0.60 -0.75 -0.19
N LEU A 62 -0.24 -0.53 0.81
CA LEU A 62 -0.43 0.78 1.40
C LEU A 62 0.13 0.75 2.81
N ILE A 63 1.18 1.50 3.03
CA ILE A 63 1.81 1.51 4.33
C ILE A 63 1.33 2.73 5.12
N GLY A 64 0.39 2.52 6.02
CA GLY A 64 -0.16 3.64 6.77
C GLY A 64 0.85 4.26 7.73
N LYS A 65 0.63 5.53 8.08
CA LYS A 65 1.53 6.23 8.98
C LYS A 65 1.33 5.77 10.42
N VAL A 66 2.41 5.78 11.16
CA VAL A 66 2.40 5.49 12.58
C VAL A 66 2.80 6.74 13.35
N ASP A 67 2.24 6.92 14.52
CA ASP A 67 2.56 8.09 15.33
C ASP A 67 3.94 7.94 15.95
N GLU A 68 4.84 8.82 15.55
CA GLU A 68 6.23 8.76 15.95
C GLU A 68 6.41 9.16 17.42
N SER A 69 5.54 10.01 17.91
CA SER A 69 5.71 10.61 19.22
C SER A 69 5.04 9.81 20.33
N LYS A 70 3.97 9.09 19.99
CA LYS A 70 3.24 8.32 21.01
C LYS A 70 4.07 7.18 21.56
N LYS A 71 4.92 6.59 20.73
CA LYS A 71 5.78 5.53 21.21
C LYS A 71 7.12 6.09 21.64
N ARG A 72 7.80 5.33 22.47
CA ARG A 72 9.05 5.78 23.09
C ARG A 72 10.12 4.71 22.92
N LYS A 73 11.35 5.06 23.25
CA LYS A 73 12.48 4.15 23.12
C LYS A 73 12.39 3.01 24.13
N ASP A 74 13.22 2.00 23.91
CA ASP A 74 13.17 0.79 24.72
C ASP A 74 14.33 0.76 25.72
N ASN A 75 14.62 -0.41 26.27
CA ASN A 75 15.60 -0.54 27.34
C ASN A 75 17.02 -0.21 26.87
N GLU A 76 17.32 -0.51 25.61
CA GLU A 76 18.64 -0.26 25.07
C GLU A 76 18.61 0.96 24.17
N GLY A 77 17.53 1.73 24.32
CA GLY A 77 17.26 2.80 23.42
C GLY A 77 16.43 2.28 22.28
N ASN A 78 17.04 1.34 21.56
CA ASN A 78 16.45 0.62 20.43
C ASN A 78 15.88 1.51 19.30
N GLU A 79 15.25 2.62 19.65
CA GLU A 79 14.53 3.49 18.70
C GLU A 79 13.68 2.65 17.75
N VAL A 80 12.77 1.89 18.34
CA VAL A 80 11.93 0.99 17.58
C VAL A 80 10.83 1.76 16.87
N VAL A 81 10.44 1.29 15.73
CA VAL A 81 9.35 1.89 15.00
C VAL A 81 8.15 0.96 15.01
N PRO A 82 6.97 1.49 15.37
CA PRO A 82 5.74 0.71 15.41
C PRO A 82 5.34 0.27 14.01
N LYS A 83 5.02 -0.99 13.87
CA LYS A 83 4.66 -1.54 12.57
C LYS A 83 3.43 -0.87 12.01
N PRO A 84 3.61 -0.23 10.86
CA PRO A 84 2.55 0.47 10.14
C PRO A 84 1.46 -0.48 9.68
N GLN A 85 0.20 -0.07 9.84
CA GLN A 85 -0.90 -0.88 9.37
C GLN A 85 -0.91 -0.88 7.85
N ARG A 86 -0.68 -2.04 7.28
CA ARG A 86 -0.55 -2.15 5.86
C ARG A 86 -1.77 -2.72 5.19
N HIS A 87 -1.83 -2.51 3.90
CA HIS A 87 -2.93 -2.98 3.07
C HIS A 87 -2.34 -3.57 1.81
N MET A 88 -2.71 -4.80 1.45
CA MET A 88 -2.10 -5.44 0.30
C MET A 88 -3.13 -5.76 -0.77
N PHE A 89 -2.77 -5.49 -2.01
CA PHE A 89 -3.66 -5.64 -3.15
C PHE A 89 -3.04 -6.47 -4.25
N SER A 90 -3.77 -7.46 -4.73
CA SER A 90 -3.34 -8.25 -5.87
C SER A 90 -4.04 -7.77 -7.13
N PHE A 91 -3.27 -7.50 -8.16
CA PHE A 91 -3.81 -7.11 -9.45
C PHE A 91 -3.62 -8.22 -10.45
N ASN A 92 -4.08 -8.00 -11.66
CA ASN A 92 -3.97 -8.99 -12.71
C ASN A 92 -3.15 -8.47 -13.89
N ASN A 93 -2.33 -7.44 -13.65
CA ASN A 93 -1.54 -6.84 -14.73
C ASN A 93 -0.47 -5.91 -14.13
N ARG A 94 0.74 -5.97 -14.70
CA ARG A 94 1.87 -5.19 -14.19
C ARG A 94 1.82 -3.74 -14.67
N THR A 95 1.15 -3.49 -15.78
CA THR A 95 0.91 -2.12 -16.23
C THR A 95 0.01 -1.41 -15.22
N VAL A 96 -1.04 -2.11 -14.78
CA VAL A 96 -1.85 -1.66 -13.66
C VAL A 96 -0.96 -1.34 -12.47
N MET A 97 -0.12 -2.30 -12.09
CA MET A 97 0.89 -2.07 -11.06
C MET A 97 1.58 -0.73 -11.22
N ASP A 98 2.33 -0.57 -12.30
CA ASP A 98 3.16 0.63 -12.50
C ASP A 98 2.32 1.91 -12.41
N ASN A 99 1.09 1.83 -12.88
CA ASN A 99 0.16 2.96 -12.83
C ASN A 99 -0.25 3.25 -11.38
N ILE A 100 -0.83 2.23 -10.73
CA ILE A 100 -1.20 2.34 -9.31
C ILE A 100 0.02 2.71 -8.48
N LYS A 101 1.13 2.03 -8.72
CA LYS A 101 2.40 2.34 -8.06
C LYS A 101 2.68 3.83 -8.08
N MET A 102 2.83 4.34 -9.29
CA MET A 102 3.12 5.76 -9.52
C MET A 102 2.02 6.65 -8.93
N THR A 103 0.77 6.34 -9.25
CA THR A 103 -0.37 7.12 -8.79
C THR A 103 -0.31 7.36 -7.29
N LEU A 104 -0.13 6.28 -6.55
CA LEU A 104 -0.11 6.33 -5.10
C LEU A 104 1.17 7.01 -4.62
N GLN A 105 2.30 6.49 -5.10
CA GLN A 105 3.62 6.96 -4.72
C GLN A 105 3.74 8.47 -4.81
N GLN A 106 3.32 9.04 -5.94
CA GLN A 106 3.43 10.46 -6.17
C GLN A 106 2.57 11.25 -5.18
N ILE A 107 1.32 10.82 -4.99
CA ILE A 107 0.43 11.48 -4.05
C ILE A 107 0.95 11.33 -2.62
N ILE A 108 1.42 10.13 -2.29
CA ILE A 108 2.07 9.88 -1.00
C ILE A 108 3.27 10.80 -0.84
N SER A 109 4.07 10.92 -1.90
CA SER A 109 5.21 11.81 -1.92
C SER A 109 4.78 13.26 -1.69
N ARG A 110 3.61 13.62 -2.19
CA ARG A 110 3.06 14.95 -1.98
C ARG A 110 2.87 15.24 -0.50
N TYR A 111 2.43 14.23 0.24
CA TYR A 111 2.18 14.38 1.67
C TYR A 111 3.46 14.13 2.46
N LYS A 112 4.43 13.52 1.80
CA LYS A 112 5.74 13.33 2.37
C LYS A 112 6.48 14.65 2.44
N ASP A 113 6.37 15.42 1.37
CA ASP A 113 6.98 16.75 1.31
C ASP A 113 6.08 17.75 2.00
N ALA A 114 4.78 17.51 1.87
CA ALA A 114 3.73 18.26 2.56
C ALA A 114 3.62 19.70 2.06
N ASP A 115 4.16 19.95 0.89
CA ASP A 115 4.08 21.26 0.28
C ASP A 115 3.25 21.21 -0.99
N ASP B 1 1.97 -17.81 10.03
CA ASP B 1 2.75 -18.46 8.96
C ASP B 1 2.38 -17.92 7.58
N THR B 2 1.11 -17.55 7.38
CA THR B 2 0.65 -17.11 6.07
C THR B 2 1.14 -15.70 5.75
N GLN B 3 0.85 -14.75 6.62
CA GLN B 3 1.27 -13.37 6.41
C GLN B 3 2.77 -13.26 6.55
N ASP B 4 3.35 -14.16 7.34
CA ASP B 4 4.79 -14.20 7.56
C ASP B 4 5.49 -14.44 6.24
N ASP B 5 4.93 -15.36 5.44
CA ASP B 5 5.48 -15.70 4.15
C ASP B 5 5.38 -14.50 3.20
N PHE B 6 4.30 -13.75 3.33
CA PHE B 6 4.06 -12.58 2.48
C PHE B 6 5.11 -11.49 2.70
N LEU B 7 5.75 -11.50 3.85
CA LEU B 7 6.85 -10.57 4.11
C LEU B 7 8.16 -11.15 3.58
N LYS B 8 8.24 -12.48 3.56
CA LYS B 8 9.46 -13.16 3.15
C LYS B 8 9.64 -13.11 1.63
N TRP B 9 8.59 -13.43 0.87
CA TRP B 9 8.71 -13.44 -0.58
C TRP B 9 8.76 -12.02 -1.13
N TRP B 10 8.37 -11.07 -0.29
CA TRP B 10 8.35 -9.68 -0.68
C TRP B 10 9.70 -9.02 -0.44
N ARG B 11 10.24 -9.22 0.75
CA ARG B 11 11.43 -8.52 1.18
C ARG B 11 12.68 -9.13 0.55
N SER B 12 12.61 -10.41 0.21
CA SER B 12 13.70 -11.07 -0.47
C SER B 12 13.95 -10.41 -1.83
N GLU B 13 12.86 -9.97 -2.44
CA GLU B 13 12.93 -9.26 -3.72
C GLU B 13 13.39 -7.82 -3.50
N GLU B 14 12.97 -7.24 -2.38
CA GLU B 14 13.36 -5.87 -2.04
C GLU B 14 14.86 -5.80 -1.77
N ALA B 15 15.37 -6.79 -1.04
CA ALA B 15 16.78 -6.81 -0.64
C ALA B 15 17.72 -6.92 -1.83
N GLN B 16 17.20 -7.38 -2.96
CA GLN B 16 18.01 -7.51 -4.17
C GLN B 16 18.46 -6.14 -4.67
N ASP B 17 17.57 -5.17 -4.58
CA ASP B 17 17.89 -3.80 -4.98
C ASP B 17 18.24 -2.97 -3.75
N MET B 18 17.39 -3.07 -2.74
CA MET B 18 17.58 -2.30 -1.51
C MET B 18 18.43 -3.10 -0.53
N GLY B 19 19.71 -3.24 -0.87
CA GLY B 19 20.62 -3.98 -0.03
C GLY B 19 21.96 -4.15 -0.70
N PRO A 1 -6.77 7.91 -17.57
CA PRO A 1 -5.74 6.86 -17.36
C PRO A 1 -5.37 6.77 -15.89
N SER A 2 -4.69 5.67 -15.53
CA SER A 2 -4.22 5.41 -14.18
C SER A 2 -5.35 5.49 -13.14
N HIS A 3 -4.94 5.56 -11.86
CA HIS A 3 -5.87 5.76 -10.74
C HIS A 3 -6.64 4.51 -10.37
N SER A 4 -6.97 3.68 -11.33
CA SER A 4 -7.78 2.50 -11.03
C SER A 4 -7.36 1.27 -11.81
N GLY A 5 -7.82 0.14 -11.31
CA GLY A 5 -7.52 -1.14 -11.90
C GLY A 5 -7.87 -2.27 -10.97
N ALA A 6 -8.17 -3.42 -11.53
CA ALA A 6 -8.69 -4.53 -10.75
C ALA A 6 -7.67 -5.09 -9.76
N ALA A 7 -8.02 -4.97 -8.49
CA ALA A 7 -7.17 -5.42 -7.39
C ALA A 7 -7.94 -6.36 -6.48
N ILE A 8 -7.27 -6.91 -5.48
CA ILE A 8 -7.89 -7.85 -4.56
C ILE A 8 -7.59 -7.46 -3.11
N PHE A 9 -8.60 -7.53 -2.26
CA PHE A 9 -8.47 -7.15 -0.86
C PHE A 9 -9.44 -7.98 -0.03
N GLU A 10 -8.95 -8.54 1.08
CA GLU A 10 -9.78 -9.38 1.97
C GLU A 10 -10.25 -10.64 1.26
N LYS A 11 -9.35 -11.21 0.49
CA LYS A 11 -9.59 -12.46 -0.25
C LYS A 11 -10.72 -12.32 -1.29
N VAL A 12 -11.22 -11.12 -1.47
CA VAL A 12 -12.19 -10.85 -2.52
C VAL A 12 -11.57 -9.92 -3.56
N SER A 13 -11.99 -10.07 -4.79
CA SER A 13 -11.44 -9.32 -5.90
C SER A 13 -12.30 -8.12 -6.24
N GLY A 14 -11.68 -7.13 -6.85
CA GLY A 14 -12.38 -5.92 -7.22
C GLY A 14 -11.50 -4.96 -7.98
N ILE A 15 -11.78 -3.67 -7.82
CA ILE A 15 -11.01 -2.63 -8.46
C ILE A 15 -10.44 -1.70 -7.39
N ILE A 16 -9.23 -1.23 -7.61
CA ILE A 16 -8.63 -0.22 -6.78
C ILE A 16 -8.78 1.11 -7.50
N ALA A 17 -9.20 2.15 -6.78
CA ALA A 17 -9.54 3.41 -7.43
C ALA A 17 -9.08 4.60 -6.60
N ILE A 18 -8.05 5.28 -7.06
CA ILE A 18 -7.54 6.46 -6.38
C ILE A 18 -8.30 7.69 -6.85
N ASN A 19 -8.90 8.38 -5.91
CA ASN A 19 -9.76 9.52 -6.21
C ASN A 19 -9.12 10.81 -5.74
N GLU A 20 -9.03 11.80 -6.62
CA GLU A 20 -8.68 13.12 -6.17
C GLU A 20 -9.80 14.06 -6.59
N ASP A 21 -10.91 13.93 -5.91
CA ASP A 21 -12.01 14.90 -5.95
C ASP A 21 -12.08 15.59 -4.61
N VAL A 22 -11.55 14.87 -3.66
CA VAL A 22 -11.77 15.09 -2.25
C VAL A 22 -10.55 15.67 -1.57
N SER A 23 -10.62 15.71 -0.26
CA SER A 23 -9.51 16.09 0.57
C SER A 23 -8.55 14.89 0.51
N PRO A 24 -7.31 14.97 1.04
CA PRO A 24 -6.16 14.24 0.48
C PRO A 24 -6.53 12.91 -0.15
N ALA A 25 -6.09 12.78 -1.42
CA ALA A 25 -6.55 11.74 -2.34
C ALA A 25 -6.68 10.40 -1.66
N GLU A 26 -7.72 9.69 -2.01
CA GLU A 26 -7.98 8.43 -1.37
C GLU A 26 -7.84 7.30 -2.37
N LEU A 27 -7.47 6.15 -1.87
CA LEU A 27 -7.48 4.94 -2.66
C LEU A 27 -8.68 4.13 -2.24
N THR A 28 -9.47 3.73 -3.20
CA THR A 28 -10.72 3.07 -2.92
C THR A 28 -10.78 1.72 -3.60
N TRP A 29 -10.68 0.66 -2.82
CA TRP A 29 -10.84 -0.67 -3.37
C TRP A 29 -12.29 -1.08 -3.25
N ARG A 30 -12.88 -1.43 -4.37
CA ARG A 30 -14.26 -1.89 -4.40
C ARG A 30 -14.37 -3.21 -5.13
N SER A 31 -14.92 -4.21 -4.45
CA SER A 31 -15.01 -5.55 -4.98
C SER A 31 -15.81 -5.57 -6.29
N THR A 32 -15.37 -6.42 -7.20
CA THR A 32 -16.05 -6.63 -8.46
C THR A 32 -17.25 -7.53 -8.19
N ASP A 33 -17.27 -8.02 -6.95
CA ASP A 33 -18.30 -8.93 -6.43
C ASP A 33 -19.53 -8.18 -5.91
N GLY A 34 -19.74 -6.95 -6.35
CA GLY A 34 -20.89 -6.20 -5.89
C GLY A 34 -20.53 -5.00 -5.02
N ASP A 35 -19.31 -4.50 -5.18
CA ASP A 35 -18.92 -3.20 -4.68
C ASP A 35 -18.78 -3.17 -3.16
N LYS A 36 -17.79 -3.89 -2.68
CA LYS A 36 -17.31 -3.76 -1.33
C LYS A 36 -16.21 -2.72 -1.33
N VAL A 37 -16.41 -1.64 -0.63
CA VAL A 37 -15.56 -0.46 -0.75
C VAL A 37 -14.74 -0.22 0.51
N HIS A 38 -13.45 -0.04 0.30
CA HIS A 38 -12.54 0.32 1.39
C HIS A 38 -11.69 1.49 0.95
N THR A 39 -11.75 2.58 1.69
CA THR A 39 -11.16 3.82 1.25
C THR A 39 -9.95 4.20 2.11
N VAL A 40 -8.89 4.61 1.44
CA VAL A 40 -7.61 4.92 2.06
C VAL A 40 -7.18 6.36 1.76
N VAL A 41 -7.32 7.26 2.73
CA VAL A 41 -6.86 8.63 2.56
C VAL A 41 -5.32 8.65 2.54
N LEU A 42 -4.75 9.03 1.40
CA LEU A 42 -3.33 8.89 1.14
C LEU A 42 -2.44 9.73 2.05
N SER A 43 -3.00 10.77 2.65
CA SER A 43 -2.22 11.62 3.55
C SER A 43 -1.85 10.86 4.82
N THR A 44 -2.56 9.77 5.08
CA THR A 44 -2.34 9.00 6.29
C THR A 44 -1.44 7.81 6.00
N ILE A 45 -0.88 7.79 4.80
CA ILE A 45 0.05 6.75 4.40
C ILE A 45 1.48 7.30 4.41
N ASP A 46 2.41 6.49 4.91
CA ASP A 46 3.80 6.91 5.05
C ASP A 46 4.65 6.39 3.89
N LYS A 47 4.47 5.13 3.55
CA LYS A 47 5.29 4.52 2.52
C LYS A 47 4.42 3.73 1.56
N LEU A 48 5.05 3.22 0.53
CA LEU A 48 4.37 2.38 -0.45
C LEU A 48 5.32 1.32 -0.95
N GLN A 49 4.83 0.10 -1.01
CA GLN A 49 5.64 -1.04 -1.40
C GLN A 49 5.03 -1.75 -2.61
N ALA A 50 5.87 -2.17 -3.54
CA ALA A 50 5.40 -2.81 -4.76
C ALA A 50 6.30 -3.99 -5.11
N THR A 51 5.74 -4.95 -5.84
CA THR A 51 6.50 -6.13 -6.22
C THR A 51 7.54 -5.81 -7.29
N PRO A 52 8.77 -6.32 -7.10
CA PRO A 52 9.87 -6.14 -8.06
C PRO A 52 9.54 -6.71 -9.43
N ALA A 53 10.18 -6.15 -10.46
CA ALA A 53 9.89 -6.50 -11.85
C ALA A 53 10.36 -7.92 -12.18
N SER A 54 11.20 -8.46 -11.32
CA SER A 54 11.73 -9.80 -11.52
C SER A 54 10.73 -10.86 -11.08
N SER A 55 9.65 -10.42 -10.44
CA SER A 55 8.62 -11.32 -9.98
C SER A 55 7.34 -11.09 -10.78
N GLU A 56 6.71 -12.17 -11.22
CA GLU A 56 5.45 -12.09 -11.95
C GLU A 56 4.37 -11.44 -11.11
N LYS A 57 4.30 -11.85 -9.85
CA LYS A 57 3.19 -11.47 -9.00
C LYS A 57 3.11 -9.96 -8.84
N MET A 58 1.89 -9.45 -8.80
CA MET A 58 1.65 -8.02 -8.82
C MET A 58 0.95 -7.57 -7.56
N MET A 59 1.67 -6.79 -6.77
CA MET A 59 1.17 -6.38 -5.46
C MET A 59 1.54 -4.93 -5.17
N LEU A 60 0.61 -4.24 -4.53
CA LEU A 60 0.90 -2.93 -3.97
C LEU A 60 0.58 -2.93 -2.49
N ARG A 61 1.39 -2.22 -1.74
CA ARG A 61 1.15 -2.04 -0.31
C ARG A 61 0.99 -0.58 0.03
N LEU A 62 0.13 -0.34 1.00
CA LEU A 62 -0.06 0.96 1.57
C LEU A 62 0.51 0.95 2.97
N ILE A 63 1.64 1.60 3.18
CA ILE A 63 2.23 1.62 4.50
C ILE A 63 1.66 2.79 5.27
N GLY A 64 0.68 2.55 6.12
CA GLY A 64 0.01 3.63 6.81
C GLY A 64 0.91 4.34 7.81
N LYS A 65 0.62 5.61 8.05
CA LYS A 65 1.40 6.42 8.96
C LYS A 65 1.15 6.05 10.40
N VAL A 66 2.14 6.32 11.21
CA VAL A 66 2.07 6.06 12.63
C VAL A 66 2.21 7.35 13.41
N ASP A 67 1.40 7.49 14.44
CA ASP A 67 1.55 8.60 15.37
C ASP A 67 2.45 8.17 16.51
N GLU A 68 3.75 8.17 16.23
CA GLU A 68 4.75 7.65 17.15
C GLU A 68 5.02 8.65 18.26
N SER A 69 4.80 9.91 17.95
CA SER A 69 4.98 10.98 18.90
C SER A 69 3.74 11.15 19.78
N LYS A 70 2.70 10.40 19.47
CA LYS A 70 1.47 10.48 20.24
C LYS A 70 1.23 9.19 21.03
N LYS A 71 1.87 8.11 20.59
CA LYS A 71 1.77 6.84 21.30
C LYS A 71 2.45 6.90 22.65
N ARG A 72 2.05 5.98 23.50
CA ARG A 72 2.45 6.00 24.89
C ARG A 72 2.97 4.64 25.34
N LYS A 73 3.59 4.62 26.51
CA LYS A 73 4.07 3.36 27.08
C LYS A 73 2.92 2.58 27.71
N ASP A 74 3.05 1.27 27.71
CA ASP A 74 1.99 0.39 28.17
C ASP A 74 2.17 0.04 29.65
N ASN A 75 1.56 -1.06 30.09
CA ASN A 75 1.45 -1.41 31.51
C ASN A 75 2.80 -1.45 32.24
N GLU A 76 3.87 -1.84 31.56
CA GLU A 76 5.16 -2.01 32.22
C GLU A 76 6.13 -0.92 31.80
N GLY A 77 5.60 0.18 31.31
CA GLY A 77 6.42 1.23 30.78
C GLY A 77 7.15 0.78 29.53
N ASN A 78 6.49 -0.14 28.83
CA ASN A 78 6.96 -0.69 27.55
C ASN A 78 7.59 0.37 26.64
N GLU A 79 6.91 1.51 26.50
CA GLU A 79 7.33 2.56 25.57
C GLU A 79 7.47 1.99 24.17
N VAL A 80 6.33 1.70 23.54
CA VAL A 80 6.31 1.01 22.27
C VAL A 80 6.22 1.99 21.11
N VAL A 81 7.02 1.75 20.08
CA VAL A 81 6.89 2.50 18.85
C VAL A 81 5.91 1.76 17.93
N PRO A 82 4.87 2.46 17.47
CA PRO A 82 3.82 1.84 16.67
C PRO A 82 4.31 1.38 15.31
N LYS A 83 3.97 0.14 14.97
CA LYS A 83 4.29 -0.42 13.67
C LYS A 83 3.20 -0.08 12.68
N PRO A 84 3.61 0.49 11.55
CA PRO A 84 2.70 0.97 10.51
C PRO A 84 1.73 -0.10 10.03
N GLN A 85 0.47 0.25 9.97
CA GLN A 85 -0.56 -0.66 9.51
C GLN A 85 -0.57 -0.68 7.99
N ARG A 86 -0.24 -1.83 7.42
CA ARG A 86 -0.13 -1.95 5.99
C ARG A 86 -1.38 -2.52 5.37
N HIS A 87 -1.61 -2.10 4.14
CA HIS A 87 -2.73 -2.58 3.35
C HIS A 87 -2.18 -3.17 2.07
N MET A 88 -2.53 -4.40 1.75
CA MET A 88 -1.97 -5.04 0.59
C MET A 88 -3.05 -5.36 -0.44
N PHE A 89 -2.79 -4.97 -1.68
CA PHE A 89 -3.73 -5.19 -2.76
C PHE A 89 -3.06 -5.94 -3.91
N SER A 90 -3.77 -6.90 -4.49
CA SER A 90 -3.21 -7.72 -5.55
C SER A 90 -3.87 -7.42 -6.89
N PHE A 91 -3.07 -7.27 -7.93
CA PHE A 91 -3.60 -7.11 -9.28
C PHE A 91 -3.22 -8.32 -10.12
N ASN A 92 -3.69 -8.32 -11.35
CA ASN A 92 -3.34 -9.37 -12.31
C ASN A 92 -2.99 -8.75 -13.65
N ASN A 93 -2.62 -7.47 -13.62
CA ASN A 93 -2.18 -6.76 -14.80
C ASN A 93 -1.01 -5.86 -14.42
N ARG A 94 0.11 -6.02 -15.13
CA ARG A 94 1.36 -5.41 -14.72
C ARG A 94 1.33 -3.90 -14.90
N THR A 95 0.73 -3.45 -15.98
CA THR A 95 0.57 -2.03 -16.24
C THR A 95 -0.27 -1.40 -15.13
N VAL A 96 -1.38 -2.06 -14.80
CA VAL A 96 -2.23 -1.65 -13.69
C VAL A 96 -1.41 -1.38 -12.43
N MET A 97 -0.70 -2.40 -11.95
CA MET A 97 0.00 -2.26 -10.69
C MET A 97 1.01 -1.13 -10.73
N ASP A 98 1.82 -1.12 -11.78
CA ASP A 98 2.84 -0.08 -11.97
C ASP A 98 2.25 1.32 -12.02
N ASN A 99 1.07 1.44 -12.63
CA ASN A 99 0.40 2.74 -12.74
C ASN A 99 -0.20 3.13 -11.40
N ILE A 100 -0.95 2.22 -10.79
CA ILE A 100 -1.47 2.41 -9.44
C ILE A 100 -0.32 2.72 -8.48
N LYS A 101 0.75 1.96 -8.64
CA LYS A 101 1.99 2.13 -7.89
C LYS A 101 2.40 3.60 -7.87
N MET A 102 2.68 4.10 -9.07
CA MET A 102 3.08 5.49 -9.26
C MET A 102 2.03 6.45 -8.77
N THR A 103 0.77 6.20 -9.15
CA THR A 103 -0.34 7.05 -8.75
C THR A 103 -0.34 7.29 -7.24
N LEU A 104 -0.24 6.22 -6.48
CA LEU A 104 -0.25 6.29 -5.04
C LEU A 104 1.02 6.95 -4.52
N GLN A 105 2.14 6.36 -4.91
CA GLN A 105 3.47 6.78 -4.47
C GLN A 105 3.68 8.28 -4.62
N GLN A 106 3.32 8.81 -5.80
CA GLN A 106 3.53 10.22 -6.10
C GLN A 106 2.62 11.10 -5.26
N ILE A 107 1.36 10.73 -5.11
CA ILE A 107 0.44 11.50 -4.28
C ILE A 107 0.93 11.49 -2.83
N ILE A 108 1.40 10.34 -2.38
CA ILE A 108 2.03 10.22 -1.06
C ILE A 108 3.20 11.20 -0.94
N SER A 109 4.04 11.22 -1.96
CA SER A 109 5.19 12.12 -2.01
C SER A 109 4.74 13.58 -2.03
N ARG A 110 3.58 13.85 -2.63
CA ARG A 110 3.02 15.20 -2.65
C ARG A 110 2.71 15.69 -1.24
N TYR A 111 2.23 14.76 -0.40
CA TYR A 111 1.87 15.09 0.97
C TYR A 111 3.10 15.00 1.86
N LYS A 112 4.13 14.35 1.35
CA LYS A 112 5.40 14.29 2.04
C LYS A 112 6.15 15.60 1.93
N ASP A 113 6.19 16.15 0.73
CA ASP A 113 6.89 17.40 0.49
C ASP A 113 6.09 18.57 1.03
N ALA A 114 4.77 18.47 0.82
CA ALA A 114 3.77 19.37 1.43
C ALA A 114 4.05 20.85 1.15
N ASP A 115 4.78 21.12 0.08
CA ASP A 115 5.14 22.49 -0.27
C ASP A 115 4.40 22.94 -1.52
N ASP B 1 0.86 -18.05 9.80
CA ASP B 1 1.76 -18.65 8.78
C ASP B 1 1.55 -18.02 7.41
N THR B 2 0.29 -17.89 7.01
CA THR B 2 -0.04 -17.40 5.68
C THR B 2 0.33 -15.92 5.51
N GLN B 3 -0.15 -15.09 6.43
CA GLN B 3 0.17 -13.67 6.40
C GLN B 3 1.65 -13.46 6.67
N ASP B 4 2.24 -14.39 7.41
CA ASP B 4 3.65 -14.31 7.77
C ASP B 4 4.51 -14.60 6.54
N ASP B 5 3.98 -15.39 5.63
CA ASP B 5 4.66 -15.65 4.36
C ASP B 5 4.78 -14.36 3.57
N PHE B 6 3.74 -13.54 3.62
CA PHE B 6 3.69 -12.31 2.85
C PHE B 6 4.74 -11.31 3.33
N LEU B 7 5.03 -11.30 4.61
CA LEU B 7 6.00 -10.35 5.15
C LEU B 7 7.43 -10.81 4.86
N LYS B 8 7.61 -12.12 4.72
CA LYS B 8 8.94 -12.66 4.46
C LYS B 8 9.25 -12.68 2.97
N TRP B 9 8.32 -13.15 2.13
CA TRP B 9 8.60 -13.26 0.70
C TRP B 9 8.81 -11.88 0.10
N TRP B 10 8.14 -10.89 0.67
CA TRP B 10 8.27 -9.52 0.21
C TRP B 10 9.72 -9.07 0.36
N ARG B 11 10.28 -9.35 1.53
CA ARG B 11 11.63 -8.93 1.83
C ARG B 11 12.65 -9.77 1.06
N SER B 12 12.42 -11.07 0.98
CA SER B 12 13.34 -11.97 0.28
C SER B 12 13.34 -11.69 -1.22
N GLU B 13 12.18 -11.32 -1.75
CA GLU B 13 12.06 -10.98 -3.16
C GLU B 13 12.79 -9.67 -3.44
N GLU B 14 12.55 -8.68 -2.58
CA GLU B 14 13.18 -7.36 -2.72
C GLU B 14 14.68 -7.43 -2.49
N ALA B 15 15.11 -8.30 -1.59
CA ALA B 15 16.53 -8.44 -1.27
C ALA B 15 17.35 -8.88 -2.48
N GLN B 16 16.71 -9.64 -3.36
CA GLN B 16 17.36 -10.12 -4.57
C GLN B 16 17.51 -9.00 -5.58
N ASP B 17 16.56 -8.06 -5.55
CA ASP B 17 16.57 -6.94 -6.47
C ASP B 17 17.49 -5.83 -5.96
N MET B 18 17.29 -5.44 -4.71
CA MET B 18 18.09 -4.39 -4.07
C MET B 18 17.92 -3.07 -4.80
N GLY B 19 16.84 -2.37 -4.46
CA GLY B 19 16.57 -1.07 -5.05
C GLY B 19 16.01 -0.11 -4.02
N PRO A 1 -4.99 5.52 -18.90
CA PRO A 1 -5.21 4.58 -17.78
C PRO A 1 -4.35 4.97 -16.59
N SER A 2 -4.99 5.14 -15.43
CA SER A 2 -4.30 5.47 -14.20
C SER A 2 -5.30 5.48 -13.05
N HIS A 3 -4.79 5.60 -11.82
CA HIS A 3 -5.61 5.77 -10.63
C HIS A 3 -6.39 4.52 -10.24
N SER A 4 -6.65 3.64 -11.17
CA SER A 4 -7.48 2.50 -10.87
C SER A 4 -7.11 1.26 -11.69
N GLY A 5 -7.54 0.13 -11.17
CA GLY A 5 -7.26 -1.16 -11.77
C GLY A 5 -7.75 -2.25 -10.89
N ALA A 6 -8.07 -3.39 -11.49
CA ALA A 6 -8.69 -4.48 -10.75
C ALA A 6 -7.74 -5.09 -9.73
N ALA A 7 -8.11 -4.94 -8.47
CA ALA A 7 -7.30 -5.40 -7.36
C ALA A 7 -8.10 -6.35 -6.48
N ILE A 8 -7.45 -6.91 -5.48
CA ILE A 8 -8.09 -7.84 -4.57
C ILE A 8 -7.79 -7.46 -3.12
N PHE A 9 -8.80 -7.55 -2.27
CA PHE A 9 -8.65 -7.22 -0.86
C PHE A 9 -9.59 -8.10 -0.04
N GLU A 10 -9.05 -8.77 0.97
CA GLU A 10 -9.83 -9.70 1.81
C GLU A 10 -10.27 -10.91 1.01
N LYS A 11 -9.36 -11.39 0.18
CA LYS A 11 -9.57 -12.57 -0.67
C LYS A 11 -10.64 -12.36 -1.75
N VAL A 12 -11.35 -11.24 -1.69
CA VAL A 12 -12.31 -10.92 -2.72
C VAL A 12 -11.71 -9.93 -3.71
N SER A 13 -12.10 -10.06 -4.95
CA SER A 13 -11.56 -9.26 -6.03
C SER A 13 -12.44 -8.07 -6.35
N GLY A 14 -11.82 -7.07 -6.94
CA GLY A 14 -12.51 -5.87 -7.31
C GLY A 14 -11.60 -4.91 -8.04
N ILE A 15 -11.79 -3.62 -7.84
CA ILE A 15 -10.94 -2.60 -8.41
C ILE A 15 -10.38 -1.70 -7.31
N ILE A 16 -9.15 -1.24 -7.49
CA ILE A 16 -8.58 -0.22 -6.64
C ILE A 16 -8.69 1.11 -7.38
N ALA A 17 -9.16 2.14 -6.70
CA ALA A 17 -9.47 3.40 -7.38
C ALA A 17 -9.07 4.60 -6.52
N ILE A 18 -8.06 5.33 -6.97
CA ILE A 18 -7.59 6.49 -6.25
C ILE A 18 -8.33 7.74 -6.72
N ASN A 19 -8.93 8.41 -5.76
CA ASN A 19 -9.80 9.55 -6.03
C ASN A 19 -9.13 10.84 -5.63
N GLU A 20 -9.05 11.80 -6.55
CA GLU A 20 -8.66 13.13 -6.19
C GLU A 20 -9.73 14.10 -6.62
N ASP A 21 -10.84 14.09 -5.91
CA ASP A 21 -11.82 15.18 -5.94
C ASP A 21 -11.82 15.85 -4.59
N VAL A 22 -11.36 15.07 -3.65
CA VAL A 22 -11.62 15.27 -2.25
C VAL A 22 -10.39 15.80 -1.52
N SER A 23 -10.50 15.80 -0.21
CA SER A 23 -9.38 16.12 0.66
C SER A 23 -8.47 14.90 0.63
N PRO A 24 -7.23 14.95 1.20
CA PRO A 24 -6.08 14.23 0.64
C PRO A 24 -6.43 12.90 -0.01
N ALA A 25 -5.99 12.78 -1.27
CA ALA A 25 -6.43 11.74 -2.19
C ALA A 25 -6.56 10.40 -1.51
N GLU A 26 -7.66 9.74 -1.76
CA GLU A 26 -7.92 8.48 -1.11
C GLU A 26 -7.97 7.36 -2.13
N LEU A 27 -7.58 6.18 -1.69
CA LEU A 27 -7.57 5.00 -2.51
C LEU A 27 -8.76 4.14 -2.14
N THR A 28 -9.50 3.73 -3.13
CA THR A 28 -10.75 3.08 -2.89
C THR A 28 -10.78 1.69 -3.53
N TRP A 29 -10.69 0.65 -2.73
CA TRP A 29 -10.86 -0.68 -3.27
C TRP A 29 -12.32 -1.07 -3.15
N ARG A 30 -12.90 -1.43 -4.28
CA ARG A 30 -14.27 -1.88 -4.33
C ARG A 30 -14.34 -3.21 -5.05
N SER A 31 -15.07 -4.16 -4.48
CA SER A 31 -15.16 -5.49 -5.02
C SER A 31 -15.77 -5.48 -6.42
N THR A 32 -15.61 -6.56 -7.17
CA THR A 32 -16.12 -6.62 -8.53
C THR A 32 -17.63 -6.34 -8.58
N ASP A 33 -18.33 -6.76 -7.53
CA ASP A 33 -19.76 -6.51 -7.42
C ASP A 33 -20.03 -5.01 -7.23
N GLY A 34 -19.08 -4.34 -6.61
CA GLY A 34 -19.19 -2.90 -6.44
C GLY A 34 -19.74 -2.51 -5.09
N ASP A 35 -19.99 -3.50 -4.25
CA ASP A 35 -20.56 -3.25 -2.93
C ASP A 35 -19.49 -2.96 -1.91
N LYS A 36 -18.55 -3.88 -1.76
CA LYS A 36 -17.50 -3.75 -0.77
C LYS A 36 -16.52 -2.66 -1.20
N VAL A 37 -16.41 -1.64 -0.37
CA VAL A 37 -15.58 -0.48 -0.66
C VAL A 37 -14.74 -0.15 0.58
N HIS A 38 -13.45 0.05 0.37
CA HIS A 38 -12.57 0.44 1.45
C HIS A 38 -11.72 1.61 0.99
N THR A 39 -11.81 2.72 1.72
CA THR A 39 -11.19 3.96 1.26
C THR A 39 -10.01 4.36 2.14
N VAL A 40 -8.85 4.44 1.51
CA VAL A 40 -7.59 4.77 2.15
C VAL A 40 -7.15 6.19 1.79
N VAL A 41 -7.34 7.14 2.69
CA VAL A 41 -6.85 8.50 2.46
C VAL A 41 -5.33 8.52 2.58
N LEU A 42 -4.70 8.89 1.48
CA LEU A 42 -3.26 8.76 1.30
C LEU A 42 -2.45 9.63 2.26
N SER A 43 -3.12 10.58 2.90
CA SER A 43 -2.47 11.44 3.89
C SER A 43 -2.03 10.64 5.11
N THR A 44 -2.67 9.50 5.34
CA THR A 44 -2.37 8.69 6.51
C THR A 44 -1.33 7.64 6.16
N ILE A 45 -0.95 7.62 4.89
CA ILE A 45 0.02 6.69 4.39
C ILE A 45 1.40 7.33 4.38
N ASP A 46 2.40 6.58 4.80
CA ASP A 46 3.78 7.04 4.78
C ASP A 46 4.45 6.63 3.47
N LYS A 47 4.33 5.35 3.14
CA LYS A 47 4.98 4.80 1.97
C LYS A 47 4.03 3.93 1.19
N LEU A 48 4.43 3.59 -0.02
CA LEU A 48 3.78 2.54 -0.77
C LEU A 48 4.84 1.78 -1.55
N GLN A 49 4.56 0.55 -1.82
CA GLN A 49 5.57 -0.36 -2.38
C GLN A 49 4.89 -1.49 -3.13
N ALA A 50 5.54 -1.98 -4.15
CA ALA A 50 5.00 -3.08 -4.93
C ALA A 50 5.84 -4.33 -4.74
N THR A 51 5.33 -5.46 -5.18
CA THR A 51 6.05 -6.73 -5.05
C THR A 51 7.40 -6.67 -5.76
N PRO A 52 8.38 -7.44 -5.28
CA PRO A 52 9.69 -7.58 -5.91
C PRO A 52 9.56 -8.00 -7.38
N ALA A 53 10.51 -7.56 -8.19
CA ALA A 53 10.48 -7.80 -9.63
C ALA A 53 10.69 -9.27 -9.96
N SER A 54 11.26 -10.01 -9.01
CA SER A 54 11.51 -11.42 -9.20
C SER A 54 10.23 -12.24 -9.02
N SER A 55 9.25 -11.65 -8.34
CA SER A 55 8.00 -12.30 -8.06
C SER A 55 7.04 -12.18 -9.23
N GLU A 56 6.17 -13.17 -9.36
CA GLU A 56 5.13 -13.15 -10.37
C GLU A 56 3.87 -12.48 -9.85
N LYS A 57 3.56 -12.71 -8.58
CA LYS A 57 2.33 -12.22 -7.99
C LYS A 57 2.34 -10.70 -7.91
N MET A 58 1.20 -10.10 -8.21
CA MET A 58 1.09 -8.67 -8.31
C MET A 58 0.41 -8.10 -7.08
N MET A 59 1.09 -7.16 -6.44
CA MET A 59 0.58 -6.59 -5.20
C MET A 59 1.11 -5.17 -5.00
N LEU A 60 0.26 -4.29 -4.52
CA LEU A 60 0.70 -2.99 -4.05
C LEU A 60 0.49 -2.89 -2.55
N ARG A 61 1.43 -2.25 -1.88
CA ARG A 61 1.31 -2.02 -0.46
C ARG A 61 0.96 -0.57 -0.16
N LEU A 62 0.16 -0.40 0.87
CA LEU A 62 -0.13 0.90 1.44
C LEU A 62 0.46 0.98 2.83
N ILE A 63 1.56 1.67 2.98
CA ILE A 63 2.26 1.74 4.25
C ILE A 63 1.74 2.89 5.09
N GLY A 64 0.87 2.59 6.04
CA GLY A 64 0.31 3.65 6.87
C GLY A 64 1.33 4.18 7.85
N LYS A 65 1.19 5.45 8.22
CA LYS A 65 2.13 6.09 9.12
C LYS A 65 2.09 5.49 10.50
N VAL A 66 3.17 5.68 11.20
CA VAL A 66 3.27 5.25 12.58
C VAL A 66 3.51 6.43 13.50
N ASP A 67 2.81 6.46 14.61
CA ASP A 67 3.11 7.43 15.65
C ASP A 67 3.85 6.73 16.77
N GLU A 68 5.12 7.06 16.92
CA GLU A 68 5.99 6.35 17.85
C GLU A 68 5.61 6.64 19.31
N SER A 69 4.99 7.78 19.55
CA SER A 69 4.68 8.20 20.92
C SER A 69 3.29 7.75 21.38
N LYS A 70 2.32 7.83 20.47
CA LYS A 70 0.94 7.57 20.81
C LYS A 70 0.58 6.10 20.66
N LYS A 71 1.23 5.42 19.73
CA LYS A 71 0.85 4.06 19.39
C LYS A 71 1.22 3.06 20.47
N ARG A 72 0.56 1.92 20.41
CA ARG A 72 0.66 0.88 21.42
C ARG A 72 2.09 0.41 21.65
N LYS A 73 2.35 0.03 22.89
CA LYS A 73 3.64 -0.51 23.31
C LYS A 73 3.73 -2.00 23.02
N ASP A 74 4.93 -2.54 23.18
CA ASP A 74 5.17 -3.97 23.02
C ASP A 74 4.36 -4.77 24.05
N ASN A 75 4.30 -6.09 23.92
CA ASN A 75 3.50 -6.91 24.85
C ASN A 75 3.99 -6.74 26.29
N GLU A 76 5.26 -6.41 26.47
CA GLU A 76 5.79 -6.15 27.80
C GLU A 76 5.76 -4.65 28.13
N GLY A 77 5.02 -3.90 27.32
CA GLY A 77 4.89 -2.48 27.52
C GLY A 77 6.16 -1.72 27.25
N ASN A 78 6.86 -2.11 26.19
CA ASN A 78 8.05 -1.40 25.77
C ASN A 78 7.65 -0.29 24.81
N GLU A 79 8.15 0.89 25.06
CA GLU A 79 7.88 2.05 24.21
C GLU A 79 8.60 1.91 22.86
N VAL A 80 8.11 0.99 22.07
CA VAL A 80 8.71 0.64 20.80
C VAL A 80 8.13 1.48 19.68
N VAL A 81 8.93 1.73 18.65
CA VAL A 81 8.41 2.30 17.44
C VAL A 81 7.83 1.17 16.59
N PRO A 82 6.51 1.19 16.36
CA PRO A 82 5.78 0.07 15.79
C PRO A 82 6.00 -0.07 14.29
N LYS A 83 6.03 -1.31 13.83
CA LYS A 83 6.10 -1.60 12.41
C LYS A 83 4.87 -1.06 11.72
N PRO A 84 5.08 -0.28 10.66
CA PRO A 84 4.02 0.40 9.94
C PRO A 84 2.98 -0.56 9.40
N GLN A 85 1.73 -0.30 9.73
CA GLN A 85 0.64 -1.15 9.31
C GLN A 85 0.32 -0.87 7.85
N ARG A 86 0.49 -1.89 7.04
CA ARG A 86 0.38 -1.73 5.62
C ARG A 86 -0.77 -2.55 5.06
N HIS A 87 -1.24 -2.13 3.91
CA HIS A 87 -2.39 -2.77 3.27
C HIS A 87 -1.93 -3.34 1.94
N MET A 88 -2.32 -4.56 1.64
CA MET A 88 -1.87 -5.20 0.41
C MET A 88 -3.02 -5.52 -0.51
N PHE A 89 -2.95 -5.01 -1.72
CA PHE A 89 -3.98 -5.24 -2.72
C PHE A 89 -3.37 -5.94 -3.93
N SER A 90 -4.02 -7.00 -4.40
CA SER A 90 -3.46 -7.80 -5.48
C SER A 90 -4.06 -7.44 -6.83
N PHE A 91 -3.22 -7.27 -7.82
CA PHE A 91 -3.66 -7.09 -9.20
C PHE A 91 -3.24 -8.29 -10.02
N ASN A 92 -3.58 -8.28 -11.29
CA ASN A 92 -3.18 -9.35 -12.19
C ASN A 92 -2.58 -8.79 -13.47
N ASN A 93 -1.93 -7.63 -13.34
CA ASN A 93 -1.33 -6.96 -14.48
C ASN A 93 -0.23 -6.03 -13.98
N ARG A 94 0.98 -6.21 -14.52
CA ARG A 94 2.13 -5.42 -14.09
C ARG A 94 1.99 -3.97 -14.51
N THR A 95 1.32 -3.75 -15.63
CA THR A 95 1.00 -2.41 -16.08
C THR A 95 0.15 -1.69 -15.03
N VAL A 96 -0.94 -2.34 -14.63
CA VAL A 96 -1.78 -1.84 -13.55
C VAL A 96 -0.96 -1.54 -12.31
N MET A 97 -0.12 -2.50 -11.91
CA MET A 97 0.78 -2.31 -10.78
C MET A 97 1.56 -1.02 -10.88
N ASP A 98 2.15 -0.77 -12.05
CA ASP A 98 2.99 0.41 -12.22
C ASP A 98 2.14 1.68 -12.20
N ASN A 99 0.95 1.60 -12.78
CA ASN A 99 0.01 2.72 -12.80
C ASN A 99 -0.39 3.08 -11.37
N ILE A 100 -0.87 2.09 -10.63
CA ILE A 100 -1.23 2.26 -9.23
C ILE A 100 0.01 2.65 -8.42
N LYS A 101 1.16 2.05 -8.71
CA LYS A 101 2.41 2.44 -8.06
C LYS A 101 2.60 3.95 -8.17
N MET A 102 2.76 4.39 -9.40
CA MET A 102 3.01 5.78 -9.71
C MET A 102 1.96 6.70 -9.12
N THR A 103 0.69 6.35 -9.32
CA THR A 103 -0.42 7.14 -8.82
C THR A 103 -0.28 7.41 -7.33
N LEU A 104 -0.15 6.34 -6.56
CA LEU A 104 -0.11 6.45 -5.11
C LEU A 104 1.18 7.12 -4.68
N GLN A 105 2.28 6.63 -5.24
CA GLN A 105 3.61 7.12 -4.95
C GLN A 105 3.69 8.63 -5.03
N GLN A 106 3.28 9.20 -6.16
CA GLN A 106 3.39 10.63 -6.38
C GLN A 106 2.51 11.42 -5.42
N ILE A 107 1.24 11.03 -5.28
CA ILE A 107 0.33 11.74 -4.39
C ILE A 107 0.82 11.66 -2.96
N ILE A 108 1.25 10.47 -2.56
CA ILE A 108 1.85 10.26 -1.25
C ILE A 108 3.05 11.17 -1.06
N SER A 109 3.92 11.19 -2.06
CA SER A 109 5.12 11.99 -2.02
C SER A 109 4.79 13.49 -2.03
N ARG A 110 3.63 13.84 -2.58
CA ARG A 110 3.15 15.22 -2.50
C ARG A 110 2.95 15.61 -1.05
N TYR A 111 2.55 14.64 -0.24
CA TYR A 111 2.29 14.87 1.18
C TYR A 111 3.58 14.68 1.99
N LYS A 112 4.56 14.02 1.38
CA LYS A 112 5.89 13.90 1.99
C LYS A 112 6.60 15.24 1.91
N ASP A 113 6.62 15.78 0.70
CA ASP A 113 7.21 17.10 0.46
C ASP A 113 6.34 18.17 1.10
N ALA A 114 5.03 17.89 1.08
CA ALA A 114 4.02 18.70 1.76
C ALA A 114 3.91 20.09 1.13
N ASP A 115 4.38 20.19 -0.10
CA ASP A 115 4.34 21.44 -0.83
C ASP A 115 3.33 21.34 -1.96
N ASP B 1 0.20 -16.73 12.57
CA ASP B 1 1.25 -17.30 11.72
C ASP B 1 0.93 -17.14 10.24
N THR B 2 -0.30 -17.44 9.85
CA THR B 2 -0.69 -17.39 8.45
C THR B 2 -0.74 -15.96 7.92
N GLN B 3 -1.50 -15.11 8.59
CA GLN B 3 -1.58 -13.70 8.19
C GLN B 3 -0.26 -13.01 8.46
N ASP B 4 0.47 -13.53 9.43
CA ASP B 4 1.80 -13.02 9.74
C ASP B 4 2.76 -13.37 8.60
N ASP B 5 2.56 -14.54 8.02
CA ASP B 5 3.32 -14.98 6.85
C ASP B 5 3.03 -14.07 5.67
N PHE B 6 1.78 -13.63 5.58
CA PHE B 6 1.34 -12.70 4.55
C PHE B 6 2.06 -11.36 4.69
N LEU B 7 2.72 -11.15 5.82
CA LEU B 7 3.50 -9.95 6.03
C LEU B 7 4.99 -10.22 5.82
N LYS B 8 5.47 -11.36 6.29
CA LYS B 8 6.91 -11.65 6.28
C LYS B 8 7.40 -12.21 4.95
N TRP B 9 6.50 -12.80 4.15
CA TRP B 9 6.90 -13.35 2.85
C TRP B 9 7.51 -12.24 2.00
N TRP B 10 6.95 -11.04 2.13
CA TRP B 10 7.42 -9.88 1.40
C TRP B 10 8.87 -9.60 1.73
N ARG B 11 9.19 -9.68 3.01
CA ARG B 11 10.52 -9.39 3.50
C ARG B 11 11.51 -10.42 3.00
N SER B 12 11.10 -11.68 2.99
CA SER B 12 11.95 -12.76 2.49
C SER B 12 12.16 -12.61 0.98
N GLU B 13 11.10 -12.26 0.27
CA GLU B 13 11.18 -12.03 -1.17
C GLU B 13 12.11 -10.86 -1.48
N GLU B 14 11.98 -9.78 -0.71
CA GLU B 14 12.82 -8.61 -0.90
C GLU B 14 14.25 -8.86 -0.44
N ALA B 15 14.42 -9.74 0.55
CA ALA B 15 15.73 -10.09 1.07
C ALA B 15 16.56 -10.83 0.03
N GLN B 16 15.88 -11.32 -1.00
CA GLN B 16 16.55 -11.98 -2.13
C GLN B 16 17.36 -10.96 -2.92
N ASP B 17 16.82 -9.75 -3.04
CA ASP B 17 17.52 -8.68 -3.73
C ASP B 17 18.30 -7.85 -2.73
N MET B 18 17.66 -7.53 -1.62
CA MET B 18 18.29 -6.78 -0.55
C MET B 18 18.86 -7.74 0.49
N GLY B 19 20.10 -8.15 0.29
CA GLY B 19 20.73 -9.07 1.20
C GLY B 19 22.15 -8.69 1.47
N PRO A 1 -5.73 3.14 -17.38
CA PRO A 1 -5.88 2.72 -15.97
C PRO A 1 -4.74 3.31 -15.13
N SER A 2 -4.85 4.59 -14.83
CA SER A 2 -3.84 5.27 -14.03
C SER A 2 -4.28 5.34 -12.57
N HIS A 3 -5.49 5.82 -12.34
CA HIS A 3 -6.01 5.98 -10.99
C HIS A 3 -6.65 4.69 -10.49
N SER A 4 -6.95 3.79 -11.40
CA SER A 4 -7.67 2.58 -11.01
C SER A 4 -7.21 1.36 -11.79
N GLY A 5 -7.57 0.21 -11.24
CA GLY A 5 -7.22 -1.06 -11.81
C GLY A 5 -7.68 -2.17 -10.91
N ALA A 6 -7.99 -3.31 -11.50
CA ALA A 6 -8.59 -4.41 -10.75
C ALA A 6 -7.62 -4.97 -9.73
N ALA A 7 -8.06 -4.96 -8.48
CA ALA A 7 -7.25 -5.42 -7.36
C ALA A 7 -8.06 -6.33 -6.46
N ILE A 8 -7.42 -6.91 -5.47
CA ILE A 8 -8.06 -7.85 -4.56
C ILE A 8 -7.73 -7.48 -3.11
N PHE A 9 -8.74 -7.58 -2.25
CA PHE A 9 -8.58 -7.26 -0.85
C PHE A 9 -9.50 -8.15 -0.02
N GLU A 10 -8.98 -8.74 1.05
CA GLU A 10 -9.74 -9.66 1.90
C GLU A 10 -10.20 -10.89 1.11
N LYS A 11 -9.30 -11.33 0.25
CA LYS A 11 -9.51 -12.52 -0.59
C LYS A 11 -10.63 -12.35 -1.62
N VAL A 12 -11.27 -11.19 -1.64
CA VAL A 12 -12.25 -10.89 -2.67
C VAL A 12 -11.66 -9.92 -3.67
N SER A 13 -12.08 -10.05 -4.92
CA SER A 13 -11.55 -9.27 -6.00
C SER A 13 -12.42 -8.06 -6.29
N GLY A 14 -11.80 -7.05 -6.87
CA GLY A 14 -12.47 -5.82 -7.21
C GLY A 14 -11.59 -4.88 -7.98
N ILE A 15 -11.81 -3.59 -7.82
CA ILE A 15 -10.95 -2.59 -8.43
C ILE A 15 -10.38 -1.67 -7.35
N ILE A 16 -9.16 -1.22 -7.57
CA ILE A 16 -8.55 -0.22 -6.71
C ILE A 16 -8.66 1.12 -7.43
N ALA A 17 -9.07 2.15 -6.73
CA ALA A 17 -9.42 3.42 -7.38
C ALA A 17 -8.95 4.62 -6.56
N ILE A 18 -7.93 5.29 -7.04
CA ILE A 18 -7.45 6.50 -6.39
C ILE A 18 -8.25 7.69 -6.89
N ASN A 19 -8.82 8.42 -5.95
CA ASN A 19 -9.75 9.48 -6.27
C ASN A 19 -9.23 10.83 -5.79
N GLU A 20 -9.08 11.78 -6.71
CA GLU A 20 -8.81 13.12 -6.30
C GLU A 20 -9.96 14.00 -6.79
N ASP A 21 -11.09 13.83 -6.16
CA ASP A 21 -12.22 14.76 -6.24
C ASP A 21 -12.40 15.43 -4.90
N VAL A 22 -11.89 14.71 -3.93
CA VAL A 22 -12.21 14.87 -2.54
C VAL A 22 -11.08 15.50 -1.77
N SER A 23 -11.22 15.47 -0.46
CA SER A 23 -10.17 15.89 0.45
C SER A 23 -9.10 14.80 0.37
N PRO A 24 -7.89 15.00 0.96
CA PRO A 24 -6.66 14.41 0.43
C PRO A 24 -6.86 13.04 -0.19
N ALA A 25 -6.38 12.95 -1.45
CA ALA A 25 -6.69 11.85 -2.36
C ALA A 25 -6.74 10.52 -1.68
N GLU A 26 -7.76 9.75 -1.99
CA GLU A 26 -7.95 8.49 -1.32
C GLU A 26 -7.98 7.35 -2.33
N LEU A 27 -7.57 6.19 -1.89
CA LEU A 27 -7.59 5.00 -2.71
C LEU A 27 -8.76 4.15 -2.29
N THR A 28 -9.56 3.76 -3.23
CA THR A 28 -10.79 3.07 -2.94
C THR A 28 -10.81 1.71 -3.61
N TRP A 29 -10.69 0.65 -2.83
CA TRP A 29 -10.85 -0.68 -3.38
C TRP A 29 -12.31 -1.08 -3.25
N ARG A 30 -12.87 -1.53 -4.35
CA ARG A 30 -14.26 -1.97 -4.38
C ARG A 30 -14.38 -3.30 -5.09
N SER A 31 -15.00 -4.25 -4.41
CA SER A 31 -15.16 -5.61 -4.91
C SER A 31 -15.93 -5.59 -6.23
N THR A 32 -15.65 -6.59 -7.07
CA THR A 32 -16.13 -6.64 -8.44
C THR A 32 -17.65 -6.55 -8.53
N ASP A 33 -18.33 -6.93 -7.45
CA ASP A 33 -19.79 -6.85 -7.40
C ASP A 33 -20.25 -5.41 -7.19
N GLY A 34 -19.41 -4.62 -6.54
CA GLY A 34 -19.74 -3.23 -6.27
C GLY A 34 -20.27 -3.04 -4.87
N ASP A 35 -20.04 -4.03 -4.02
CA ASP A 35 -20.55 -4.00 -2.66
C ASP A 35 -19.50 -3.54 -1.67
N LYS A 36 -18.36 -4.20 -1.68
CA LYS A 36 -17.34 -3.99 -0.69
C LYS A 36 -16.36 -2.91 -1.13
N VAL A 37 -16.30 -1.88 -0.34
CA VAL A 37 -15.49 -0.70 -0.64
C VAL A 37 -14.64 -0.32 0.56
N HIS A 38 -13.36 -0.09 0.35
CA HIS A 38 -12.48 0.35 1.41
C HIS A 38 -11.66 1.53 0.92
N THR A 39 -11.74 2.65 1.64
CA THR A 39 -11.15 3.88 1.17
C THR A 39 -9.93 4.28 2.03
N VAL A 40 -8.83 4.55 1.34
CA VAL A 40 -7.56 4.89 1.97
C VAL A 40 -7.14 6.31 1.59
N VAL A 41 -7.35 7.27 2.49
CA VAL A 41 -6.89 8.63 2.25
C VAL A 41 -5.37 8.68 2.34
N LEU A 42 -4.76 9.10 1.25
CA LEU A 42 -3.32 8.93 1.03
C LEU A 42 -2.46 9.75 1.98
N SER A 43 -3.04 10.74 2.62
CA SER A 43 -2.31 11.54 3.61
C SER A 43 -1.95 10.71 4.85
N THR A 44 -2.52 9.51 4.95
CA THR A 44 -2.23 8.64 6.09
C THR A 44 -1.14 7.65 5.73
N ILE A 45 -0.74 7.63 4.46
CA ILE A 45 0.23 6.67 3.98
C ILE A 45 1.62 7.29 3.87
N ASP A 46 2.63 6.48 4.21
CA ASP A 46 4.03 6.90 4.19
C ASP A 46 4.77 6.29 3.01
N LYS A 47 4.60 4.98 2.83
CA LYS A 47 5.36 4.25 1.82
C LYS A 47 4.45 3.33 1.03
N LEU A 48 5.01 2.73 0.00
CA LEU A 48 4.35 1.67 -0.73
C LEU A 48 5.26 0.49 -0.85
N GLN A 49 4.66 -0.65 -1.07
CA GLN A 49 5.41 -1.85 -1.34
C GLN A 49 4.83 -2.52 -2.57
N ALA A 50 5.70 -3.01 -3.41
CA ALA A 50 5.28 -3.56 -4.70
C ALA A 50 6.12 -4.77 -5.03
N THR A 51 5.46 -5.82 -5.47
CA THR A 51 6.12 -7.07 -5.77
C THR A 51 7.03 -6.96 -6.99
N PRO A 52 8.14 -7.70 -6.98
CA PRO A 52 9.11 -7.72 -8.07
C PRO A 52 8.49 -8.20 -9.38
N ALA A 53 8.80 -7.51 -10.47
CA ALA A 53 8.28 -7.84 -11.79
C ALA A 53 8.75 -9.21 -12.23
N SER A 54 9.79 -9.71 -11.59
CA SER A 54 10.31 -11.04 -11.86
C SER A 54 9.39 -12.12 -11.30
N SER A 55 8.39 -11.68 -10.52
CA SER A 55 7.37 -12.55 -10.00
C SER A 55 6.07 -12.30 -10.76
N GLU A 56 5.25 -13.33 -10.89
CA GLU A 56 3.97 -13.19 -11.56
C GLU A 56 2.95 -12.55 -10.65
N LYS A 57 3.20 -12.60 -9.36
CA LYS A 57 2.22 -12.14 -8.40
C LYS A 57 2.18 -10.61 -8.32
N MET A 58 1.08 -10.03 -8.78
CA MET A 58 0.89 -8.59 -8.70
C MET A 58 0.38 -8.21 -7.32
N MET A 59 1.10 -7.34 -6.63
CA MET A 59 0.72 -6.94 -5.29
C MET A 59 1.22 -5.54 -4.96
N LEU A 60 0.35 -4.74 -4.39
CA LEU A 60 0.71 -3.44 -3.83
C LEU A 60 0.48 -3.44 -2.33
N ARG A 61 1.31 -2.72 -1.62
CA ARG A 61 1.06 -2.47 -0.21
C ARG A 61 0.95 -0.99 0.05
N LEU A 62 0.14 -0.65 1.02
CA LEU A 62 -0.08 0.72 1.41
C LEU A 62 0.50 0.92 2.79
N ILE A 63 1.66 1.53 2.88
CA ILE A 63 2.35 1.64 4.15
C ILE A 63 1.90 2.86 4.91
N GLY A 64 1.01 2.69 5.86
CA GLY A 64 0.52 3.82 6.63
C GLY A 64 1.59 4.47 7.47
N LYS A 65 1.45 5.76 7.73
CA LYS A 65 2.40 6.50 8.54
C LYS A 65 2.34 6.04 9.98
N VAL A 66 3.46 6.08 10.65
CA VAL A 66 3.54 5.74 12.05
C VAL A 66 3.90 6.97 12.86
N ASP A 67 3.41 7.02 14.06
CA ASP A 67 3.68 8.15 14.94
C ASP A 67 4.73 7.76 15.97
N GLU A 68 5.98 7.80 15.54
CA GLU A 68 7.09 7.44 16.39
C GLU A 68 7.40 8.59 17.34
N SER A 69 7.06 9.80 16.89
CA SER A 69 7.22 10.99 17.70
C SER A 69 6.29 10.95 18.91
N LYS A 70 5.12 10.36 18.74
CA LYS A 70 4.18 10.23 19.84
C LYS A 70 4.46 8.95 20.63
N LYS A 71 5.03 7.95 19.97
CA LYS A 71 5.32 6.69 20.62
C LYS A 71 6.41 6.85 21.66
N ARG A 72 6.25 6.11 22.74
CA ARG A 72 7.18 6.17 23.86
C ARG A 72 8.47 5.43 23.54
N LYS A 73 9.48 5.69 24.34
CA LYS A 73 10.80 5.13 24.13
C LYS A 73 11.05 3.95 25.05
N ASP A 74 12.15 3.25 24.82
CA ASP A 74 12.50 2.08 25.62
C ASP A 74 13.16 2.52 26.93
N ASN A 75 13.64 1.58 27.72
CA ASN A 75 14.23 1.89 29.01
C ASN A 75 15.60 2.57 28.83
N GLU A 76 16.25 2.30 27.70
CA GLU A 76 17.52 2.91 27.38
C GLU A 76 17.28 4.14 26.52
N GLY A 77 16.03 4.35 26.19
CA GLY A 77 15.66 5.31 25.21
C GLY A 77 15.36 4.61 23.92
N ASN A 78 16.39 3.94 23.41
CA ASN A 78 16.37 3.19 22.14
C ASN A 78 15.93 4.01 20.92
N GLU A 79 14.87 4.79 21.05
CA GLU A 79 14.24 5.46 19.91
C GLU A 79 13.84 4.40 18.89
N VAL A 80 12.86 3.60 19.26
CA VAL A 80 12.44 2.47 18.46
C VAL A 80 11.58 2.94 17.30
N VAL A 81 11.76 2.31 16.14
CA VAL A 81 10.92 2.57 15.02
C VAL A 81 9.74 1.61 15.02
N PRO A 82 8.53 2.13 15.08
CA PRO A 82 7.33 1.32 15.15
C PRO A 82 6.97 0.74 13.80
N LYS A 83 6.63 -0.53 13.79
CA LYS A 83 6.31 -1.23 12.56
C LYS A 83 5.00 -0.71 11.97
N PRO A 84 5.10 -0.17 10.77
CA PRO A 84 3.97 0.45 10.07
C PRO A 84 2.85 -0.52 9.79
N GLN A 85 1.62 -0.06 9.95
CA GLN A 85 0.47 -0.84 9.60
C GLN A 85 0.11 -0.56 8.14
N ARG A 86 0.23 -1.59 7.31
CA ARG A 86 0.12 -1.42 5.88
C ARG A 86 -0.98 -2.31 5.30
N HIS A 87 -1.51 -1.88 4.18
CA HIS A 87 -2.58 -2.62 3.50
C HIS A 87 -1.98 -3.38 2.32
N MET A 88 -2.63 -4.44 1.88
CA MET A 88 -2.11 -5.22 0.76
C MET A 88 -3.21 -5.47 -0.27
N PHE A 89 -2.90 -5.21 -1.54
CA PHE A 89 -3.84 -5.40 -2.62
C PHE A 89 -3.20 -6.17 -3.76
N SER A 90 -3.94 -7.08 -4.38
CA SER A 90 -3.42 -7.87 -5.50
C SER A 90 -4.05 -7.44 -6.81
N PHE A 91 -3.25 -7.23 -7.84
CA PHE A 91 -3.78 -6.87 -9.15
C PHE A 91 -3.54 -8.02 -10.12
N ASN A 92 -4.00 -7.85 -11.35
CA ASN A 92 -3.84 -8.87 -12.38
C ASN A 92 -3.01 -8.36 -13.55
N ASN A 93 -2.43 -7.16 -13.41
CA ASN A 93 -1.66 -6.56 -14.48
C ASN A 93 -0.43 -5.83 -13.92
N ARG A 94 0.70 -5.99 -14.61
CA ARG A 94 1.93 -5.29 -14.25
C ARG A 94 1.78 -3.78 -14.47
N THR A 95 1.11 -3.43 -15.55
CA THR A 95 0.85 -2.03 -15.87
C THR A 95 0.04 -1.36 -14.77
N VAL A 96 -1.06 -2.01 -14.38
CA VAL A 96 -1.86 -1.56 -13.23
C VAL A 96 -0.98 -1.32 -12.02
N MET A 97 -0.17 -2.33 -11.66
CA MET A 97 0.76 -2.19 -10.55
C MET A 97 1.55 -0.89 -10.62
N ASP A 98 2.26 -0.70 -11.72
CA ASP A 98 3.19 0.42 -11.85
C ASP A 98 2.43 1.75 -11.88
N ASN A 99 1.29 1.75 -12.54
CA ASN A 99 0.45 2.95 -12.61
C ASN A 99 -0.10 3.30 -11.25
N ILE A 100 -0.74 2.33 -10.60
CA ILE A 100 -1.28 2.51 -9.26
C ILE A 100 -0.14 2.88 -8.30
N LYS A 101 1.00 2.22 -8.44
CA LYS A 101 2.20 2.56 -7.68
C LYS A 101 2.49 4.05 -7.77
N MET A 102 2.73 4.51 -8.98
CA MET A 102 3.09 5.89 -9.24
C MET A 102 1.98 6.85 -8.79
N THR A 103 0.74 6.52 -9.17
CA THR A 103 -0.41 7.34 -8.78
C THR A 103 -0.45 7.55 -7.28
N LEU A 104 -0.37 6.44 -6.54
CA LEU A 104 -0.34 6.49 -5.09
C LEU A 104 0.88 7.24 -4.58
N GLN A 105 2.05 6.74 -4.97
CA GLN A 105 3.32 7.24 -4.47
C GLN A 105 3.48 8.74 -4.63
N GLN A 106 3.13 9.27 -5.80
CA GLN A 106 3.30 10.69 -6.08
C GLN A 106 2.37 11.53 -5.22
N ILE A 107 1.12 11.11 -5.08
CA ILE A 107 0.17 11.86 -4.24
C ILE A 107 0.62 11.78 -2.79
N ILE A 108 1.06 10.59 -2.38
CA ILE A 108 1.65 10.39 -1.06
C ILE A 108 2.79 11.38 -0.85
N SER A 109 3.71 11.42 -1.80
CA SER A 109 4.86 12.29 -1.74
C SER A 109 4.44 13.77 -1.71
N ARG A 110 3.30 14.07 -2.31
CA ARG A 110 2.77 15.44 -2.30
C ARG A 110 2.31 15.84 -0.91
N TYR A 111 1.90 14.86 -0.11
CA TYR A 111 1.52 15.11 1.27
C TYR A 111 2.71 14.87 2.19
N LYS A 112 3.70 14.19 1.63
CA LYS A 112 4.92 13.87 2.33
C LYS A 112 5.82 15.10 2.40
N ASP A 113 6.09 15.65 1.23
CA ASP A 113 6.83 16.90 1.12
C ASP A 113 5.90 18.05 1.49
N ALA A 114 4.61 17.77 1.32
CA ALA A 114 3.51 18.67 1.68
C ALA A 114 3.46 19.88 0.76
N ASP A 115 4.04 19.72 -0.43
CA ASP A 115 3.98 20.75 -1.45
C ASP A 115 3.35 20.18 -2.71
N ASP B 1 -1.33 -20.47 7.52
CA ASP B 1 0.08 -20.20 7.91
C ASP B 1 0.77 -19.32 6.88
N THR B 2 0.31 -19.38 5.63
CA THR B 2 0.91 -18.61 4.55
C THR B 2 0.69 -17.11 4.70
N GLN B 3 -0.27 -16.72 5.54
CA GLN B 3 -0.50 -15.31 5.83
C GLN B 3 0.74 -14.72 6.49
N ASP B 4 1.48 -15.58 7.18
CA ASP B 4 2.72 -15.18 7.85
C ASP B 4 3.84 -15.10 6.83
N ASP B 5 3.73 -15.91 5.78
CA ASP B 5 4.74 -15.98 4.73
C ASP B 5 4.71 -14.76 3.83
N PHE B 6 3.65 -13.96 3.94
CA PHE B 6 3.53 -12.75 3.14
C PHE B 6 4.60 -11.73 3.52
N LEU B 7 5.26 -11.95 4.65
CA LEU B 7 6.38 -11.14 5.05
C LEU B 7 7.67 -11.75 4.50
N LYS B 8 7.76 -13.08 4.60
CA LYS B 8 8.96 -13.82 4.23
C LYS B 8 9.26 -13.71 2.73
N TRP B 9 8.23 -13.95 1.91
CA TRP B 9 8.43 -13.99 0.47
C TRP B 9 8.69 -12.59 -0.09
N TRP B 10 8.16 -11.60 0.59
CA TRP B 10 8.21 -10.24 0.10
C TRP B 10 9.58 -9.63 0.38
N ARG B 11 10.03 -9.77 1.62
CA ARG B 11 11.27 -9.13 2.06
C ARG B 11 12.49 -9.93 1.63
N SER B 12 12.26 -11.14 1.16
CA SER B 12 13.34 -11.96 0.64
C SER B 12 13.81 -11.38 -0.69
N GLU B 13 12.87 -11.11 -1.58
CA GLU B 13 13.22 -10.57 -2.90
C GLU B 13 13.53 -9.08 -2.82
N GLU B 14 12.96 -8.39 -1.83
CA GLU B 14 13.32 -7.00 -1.60
C GLU B 14 14.74 -6.90 -1.07
N ALA B 15 15.19 -7.95 -0.40
CA ALA B 15 16.55 -7.99 0.13
C ALA B 15 17.57 -8.15 -0.98
N GLN B 16 17.09 -8.52 -2.17
CA GLN B 16 17.95 -8.66 -3.32
C GLN B 16 18.11 -7.32 -4.02
N ASP B 17 17.00 -6.59 -4.15
CA ASP B 17 17.02 -5.27 -4.77
C ASP B 17 17.58 -4.24 -3.79
N MET B 18 17.05 -4.27 -2.57
CA MET B 18 17.51 -3.40 -1.49
C MET B 18 17.32 -1.93 -1.85
N GLY B 19 16.14 -1.41 -1.54
CA GLY B 19 15.87 -0.02 -1.76
C GLY B 19 16.10 0.80 -0.52
N PRO A 1 -5.74 5.02 -17.80
CA PRO A 1 -6.19 4.50 -16.50
C PRO A 1 -5.09 4.66 -15.46
N SER A 2 -4.89 5.88 -14.99
CA SER A 2 -3.82 6.16 -14.04
C SER A 2 -4.37 6.51 -12.66
N HIS A 3 -5.42 5.80 -12.23
CA HIS A 3 -5.95 5.94 -10.88
C HIS A 3 -6.58 4.65 -10.40
N SER A 4 -6.83 3.71 -11.29
CA SER A 4 -7.55 2.51 -10.92
C SER A 4 -7.11 1.28 -11.71
N GLY A 5 -7.54 0.13 -11.18
CA GLY A 5 -7.21 -1.15 -11.76
C GLY A 5 -7.70 -2.26 -10.87
N ALA A 6 -7.99 -3.40 -11.44
CA ALA A 6 -8.60 -4.48 -10.70
C ALA A 6 -7.64 -5.07 -9.67
N ALA A 7 -8.02 -4.93 -8.41
CA ALA A 7 -7.21 -5.37 -7.30
C ALA A 7 -8.00 -6.33 -6.41
N ILE A 8 -7.35 -6.87 -5.41
CA ILE A 8 -7.99 -7.80 -4.50
C ILE A 8 -7.70 -7.40 -3.05
N PHE A 9 -8.69 -7.50 -2.20
CA PHE A 9 -8.56 -7.13 -0.80
C PHE A 9 -9.47 -8.00 0.06
N GLU A 10 -8.91 -8.59 1.10
CA GLU A 10 -9.67 -9.48 2.01
C GLU A 10 -10.17 -10.71 1.27
N LYS A 11 -9.30 -11.24 0.44
CA LYS A 11 -9.52 -12.49 -0.32
C LYS A 11 -10.64 -12.35 -1.37
N VAL A 12 -11.23 -11.17 -1.48
CA VAL A 12 -12.20 -10.91 -2.53
C VAL A 12 -11.58 -9.96 -3.55
N SER A 13 -11.98 -10.12 -4.80
CA SER A 13 -11.44 -9.33 -5.87
C SER A 13 -12.30 -8.12 -6.17
N GLY A 14 -11.68 -7.11 -6.77
CA GLY A 14 -12.39 -5.89 -7.13
C GLY A 14 -11.50 -4.95 -7.92
N ILE A 15 -11.73 -3.66 -7.77
CA ILE A 15 -10.88 -2.63 -8.38
C ILE A 15 -10.34 -1.70 -7.30
N ILE A 16 -9.12 -1.24 -7.48
CA ILE A 16 -8.56 -0.21 -6.63
C ILE A 16 -8.68 1.13 -7.36
N ALA A 17 -9.12 2.16 -6.68
CA ALA A 17 -9.44 3.42 -7.34
C ALA A 17 -9.01 4.62 -6.51
N ILE A 18 -7.99 5.33 -6.98
CA ILE A 18 -7.51 6.51 -6.29
C ILE A 18 -8.24 7.75 -6.78
N ASN A 19 -8.77 8.50 -5.82
CA ASN A 19 -9.60 9.66 -6.13
C ASN A 19 -8.96 10.93 -5.64
N GLU A 20 -8.68 11.87 -6.52
CA GLU A 20 -8.32 13.18 -6.08
C GLU A 20 -9.38 14.15 -6.57
N ASP A 21 -10.54 14.05 -5.96
CA ASP A 21 -11.60 15.05 -6.07
C ASP A 21 -11.76 15.72 -4.73
N VAL A 22 -11.26 15.00 -3.76
CA VAL A 22 -11.56 15.19 -2.36
C VAL A 22 -10.37 15.73 -1.60
N SER A 23 -10.51 15.74 -0.30
CA SER A 23 -9.42 16.06 0.59
C SER A 23 -8.50 14.85 0.56
N PRO A 24 -7.27 14.89 1.13
CA PRO A 24 -6.11 14.16 0.60
C PRO A 24 -6.47 12.83 -0.04
N ALA A 25 -5.99 12.71 -1.28
CA ALA A 25 -6.38 11.63 -2.20
C ALA A 25 -6.64 10.33 -1.50
N GLU A 26 -7.77 9.73 -1.77
CA GLU A 26 -8.12 8.50 -1.10
C GLU A 26 -8.18 7.38 -2.12
N LEU A 27 -7.76 6.21 -1.69
CA LEU A 27 -7.73 5.04 -2.53
C LEU A 27 -8.89 4.15 -2.16
N THR A 28 -9.65 3.78 -3.14
CA THR A 28 -10.88 3.08 -2.91
C THR A 28 -10.87 1.71 -3.56
N TRP A 29 -10.77 0.67 -2.75
CA TRP A 29 -10.90 -0.67 -3.29
C TRP A 29 -12.34 -1.11 -3.19
N ARG A 30 -12.90 -1.50 -4.32
CA ARG A 30 -14.26 -1.98 -4.39
C ARG A 30 -14.32 -3.33 -5.07
N SER A 31 -14.96 -4.27 -4.41
CA SER A 31 -15.10 -5.63 -4.90
C SER A 31 -15.82 -5.63 -6.25
N THR A 32 -15.53 -6.63 -7.07
CA THR A 32 -16.01 -6.67 -8.46
C THR A 32 -17.54 -6.63 -8.54
N ASP A 33 -18.19 -6.99 -7.45
CA ASP A 33 -19.66 -6.94 -7.38
C ASP A 33 -20.13 -5.50 -7.15
N GLY A 34 -19.31 -4.72 -6.48
CA GLY A 34 -19.63 -3.32 -6.23
C GLY A 34 -20.15 -3.10 -4.84
N ASP A 35 -20.18 -4.15 -4.05
CA ASP A 35 -20.74 -4.08 -2.70
C ASP A 35 -19.69 -3.65 -1.68
N LYS A 36 -18.52 -4.26 -1.73
CA LYS A 36 -17.50 -4.01 -0.77
C LYS A 36 -16.55 -2.91 -1.23
N VAL A 37 -16.47 -1.87 -0.44
CA VAL A 37 -15.68 -0.67 -0.76
C VAL A 37 -14.89 -0.24 0.47
N HIS A 38 -13.63 0.10 0.26
CA HIS A 38 -12.79 0.58 1.36
C HIS A 38 -12.01 1.79 0.88
N THR A 39 -12.10 2.89 1.60
CA THR A 39 -11.46 4.11 1.16
C THR A 39 -10.28 4.50 2.06
N VAL A 40 -9.11 4.53 1.46
CA VAL A 40 -7.85 4.83 2.14
C VAL A 40 -7.42 6.27 1.80
N VAL A 41 -7.61 7.20 2.71
CA VAL A 41 -7.11 8.57 2.51
C VAL A 41 -5.59 8.59 2.70
N LEU A 42 -4.91 8.79 1.60
CA LEU A 42 -3.48 8.70 1.48
C LEU A 42 -2.69 9.47 2.54
N SER A 43 -3.20 10.59 3.03
CA SER A 43 -2.45 11.36 4.03
C SER A 43 -2.24 10.57 5.34
N THR A 44 -2.81 9.38 5.43
CA THR A 44 -2.59 8.53 6.59
C THR A 44 -1.60 7.44 6.23
N ILE A 45 -1.18 7.44 4.98
CA ILE A 45 -0.15 6.53 4.49
C ILE A 45 1.22 7.21 4.60
N ASP A 46 2.24 6.41 4.87
CA ASP A 46 3.60 6.90 4.99
C ASP A 46 4.41 6.54 3.73
N LYS A 47 4.22 5.32 3.26
CA LYS A 47 4.94 4.83 2.10
C LYS A 47 4.05 3.93 1.27
N LEU A 48 4.52 3.56 0.10
CA LEU A 48 3.91 2.49 -0.66
C LEU A 48 5.00 1.55 -1.14
N GLN A 49 4.68 0.29 -1.27
CA GLN A 49 5.65 -0.70 -1.67
C GLN A 49 5.05 -1.61 -2.72
N ALA A 50 5.83 -1.95 -3.72
CA ALA A 50 5.34 -2.77 -4.82
C ALA A 50 6.19 -4.02 -4.95
N THR A 51 5.59 -5.11 -5.43
CA THR A 51 6.27 -6.40 -5.49
C THR A 51 7.55 -6.34 -6.32
N PRO A 52 8.58 -7.04 -5.84
CA PRO A 52 9.87 -7.16 -6.54
C PRO A 52 9.69 -7.70 -7.95
N ALA A 53 10.54 -7.23 -8.86
CA ALA A 53 10.42 -7.56 -10.28
C ALA A 53 10.58 -9.05 -10.56
N SER A 54 11.19 -9.77 -9.61
CA SER A 54 11.36 -11.20 -9.76
C SER A 54 10.05 -11.94 -9.49
N SER A 55 9.11 -11.26 -8.86
CA SER A 55 7.84 -11.86 -8.49
C SER A 55 6.82 -11.67 -9.61
N GLU A 56 6.00 -12.69 -9.81
CA GLU A 56 4.92 -12.61 -10.77
C GLU A 56 3.67 -12.06 -10.12
N LYS A 57 3.65 -12.07 -8.81
CA LYS A 57 2.45 -11.68 -8.09
C LYS A 57 2.30 -10.17 -8.07
N MET A 58 1.31 -9.68 -8.78
CA MET A 58 1.01 -8.27 -8.82
C MET A 58 0.46 -7.81 -7.47
N MET A 59 1.15 -6.91 -6.83
CA MET A 59 0.82 -6.50 -5.47
C MET A 59 1.29 -5.08 -5.17
N LEU A 60 0.42 -4.31 -4.53
CA LEU A 60 0.81 -3.02 -3.98
C LEU A 60 0.57 -3.02 -2.49
N ARG A 61 1.41 -2.31 -1.77
CA ARG A 61 1.21 -2.14 -0.34
C ARG A 61 1.00 -0.68 0.02
N LEU A 62 0.11 -0.47 0.96
CA LEU A 62 -0.13 0.83 1.53
C LEU A 62 0.49 0.86 2.91
N ILE A 63 1.57 1.57 3.05
CA ILE A 63 2.25 1.60 4.32
C ILE A 63 1.65 2.70 5.16
N GLY A 64 0.75 2.34 6.05
CA GLY A 64 0.07 3.33 6.83
C GLY A 64 0.98 3.97 7.86
N LYS A 65 0.74 5.23 8.13
CA LYS A 65 1.58 5.99 9.04
C LYS A 65 1.58 5.40 10.43
N VAL A 66 2.60 5.75 11.17
CA VAL A 66 2.76 5.29 12.52
C VAL A 66 2.41 6.41 13.48
N ASP A 67 1.29 6.24 14.15
CA ASP A 67 0.81 7.23 15.11
C ASP A 67 1.51 7.02 16.44
N GLU A 68 1.76 8.13 17.13
CA GLU A 68 2.45 8.11 18.42
C GLU A 68 1.69 7.27 19.46
N SER A 69 0.41 7.05 19.19
CA SER A 69 -0.43 6.25 20.06
C SER A 69 -0.24 4.76 19.79
N LYS A 70 0.26 4.44 18.60
CA LYS A 70 0.51 3.07 18.20
C LYS A 70 1.96 2.69 18.46
N LYS A 71 2.75 3.69 18.84
CA LYS A 71 4.15 3.48 19.19
C LYS A 71 4.29 2.38 20.23
N ARG A 72 5.44 1.73 20.21
CA ARG A 72 5.65 0.56 21.05
C ARG A 72 6.96 0.62 21.80
N LYS A 73 7.08 -0.31 22.74
CA LYS A 73 8.28 -0.48 23.52
C LYS A 73 8.65 -1.95 23.56
N ASP A 74 9.94 -2.21 23.61
CA ASP A 74 10.44 -3.58 23.68
C ASP A 74 10.39 -4.07 25.13
N ASN A 75 10.80 -5.31 25.36
CA ASN A 75 10.79 -5.87 26.72
C ASN A 75 11.64 -5.02 27.67
N GLU A 76 12.69 -4.41 27.13
CA GLU A 76 13.57 -3.57 27.92
C GLU A 76 13.08 -2.12 27.93
N GLY A 77 11.89 -1.92 27.39
CA GLY A 77 11.28 -0.60 27.37
C GLY A 77 11.90 0.33 26.37
N ASN A 78 12.59 -0.23 25.40
CA ASN A 78 13.06 0.54 24.27
C ASN A 78 11.90 0.91 23.40
N GLU A 79 11.69 2.19 23.27
CA GLU A 79 10.59 2.74 22.47
C GLU A 79 10.87 2.56 20.98
N VAL A 80 10.81 1.32 20.55
CA VAL A 80 11.09 0.96 19.18
C VAL A 80 9.90 1.31 18.31
N VAL A 81 10.18 1.82 17.12
CA VAL A 81 9.13 2.21 16.21
C VAL A 81 8.49 0.96 15.61
N PRO A 82 7.17 0.83 15.76
CA PRO A 82 6.44 -0.34 15.29
C PRO A 82 6.29 -0.34 13.78
N LYS A 83 6.26 -1.52 13.19
CA LYS A 83 6.07 -1.65 11.77
C LYS A 83 4.70 -1.13 11.36
N PRO A 84 4.70 -0.19 10.42
CA PRO A 84 3.50 0.49 9.93
C PRO A 84 2.43 -0.47 9.45
N GLN A 85 1.18 -0.14 9.74
CA GLN A 85 0.06 -0.98 9.33
C GLN A 85 -0.10 -0.94 7.82
N ARG A 86 0.09 -2.08 7.19
CA ARG A 86 0.08 -2.15 5.76
C ARG A 86 -1.20 -2.74 5.20
N HIS A 87 -1.69 -2.07 4.17
CA HIS A 87 -2.85 -2.56 3.42
C HIS A 87 -2.33 -3.17 2.14
N MET A 88 -2.56 -4.45 1.92
CA MET A 88 -2.00 -5.10 0.76
C MET A 88 -3.07 -5.44 -0.25
N PHE A 89 -2.85 -5.04 -1.50
CA PHE A 89 -3.82 -5.27 -2.57
C PHE A 89 -3.16 -6.01 -3.72
N SER A 90 -3.86 -7.00 -4.28
CA SER A 90 -3.31 -7.78 -5.37
C SER A 90 -3.96 -7.39 -6.69
N PHE A 91 -3.15 -7.22 -7.71
CA PHE A 91 -3.67 -6.99 -9.06
C PHE A 91 -3.34 -8.19 -9.92
N ASN A 92 -3.78 -8.14 -11.16
CA ASN A 92 -3.53 -9.22 -12.09
C ASN A 92 -3.10 -8.68 -13.44
N ASN A 93 -2.51 -7.49 -13.43
CA ASN A 93 -2.00 -6.88 -14.65
C ASN A 93 -0.67 -6.19 -14.36
N ARG A 94 0.27 -6.34 -15.30
CA ARG A 94 1.62 -5.80 -15.15
C ARG A 94 1.62 -4.28 -15.24
N THR A 95 0.78 -3.76 -16.11
CA THR A 95 0.66 -2.32 -16.31
C THR A 95 -0.05 -1.65 -15.13
N VAL A 96 -1.16 -2.24 -14.70
CA VAL A 96 -1.89 -1.75 -13.54
C VAL A 96 -0.95 -1.50 -12.37
N MET A 97 -0.07 -2.46 -12.10
CA MET A 97 0.97 -2.26 -11.10
C MET A 97 1.64 -0.91 -11.22
N ASP A 98 2.34 -0.70 -12.34
CA ASP A 98 3.13 0.51 -12.54
C ASP A 98 2.26 1.76 -12.44
N ASN A 99 1.02 1.67 -12.91
CA ASN A 99 0.11 2.78 -12.86
C ASN A 99 -0.26 3.12 -11.43
N ILE A 100 -0.85 2.16 -10.72
CA ILE A 100 -1.20 2.33 -9.32
C ILE A 100 0.04 2.68 -8.50
N LYS A 101 1.16 2.01 -8.78
CA LYS A 101 2.44 2.33 -8.14
C LYS A 101 2.72 3.82 -8.23
N MET A 102 2.90 4.28 -9.45
CA MET A 102 3.17 5.66 -9.75
C MET A 102 2.13 6.60 -9.18
N THR A 103 0.86 6.31 -9.46
CA THR A 103 -0.26 7.15 -9.03
C THR A 103 -0.16 7.47 -7.55
N LEU A 104 -0.06 6.42 -6.75
CA LEU A 104 -0.04 6.55 -5.30
C LEU A 104 1.25 7.24 -4.89
N GLN A 105 2.36 6.70 -5.38
CA GLN A 105 3.70 7.18 -5.06
C GLN A 105 3.83 8.70 -5.21
N GLN A 106 3.34 9.23 -6.33
CA GLN A 106 3.46 10.65 -6.59
C GLN A 106 2.67 11.48 -5.57
N ILE A 107 1.45 11.05 -5.26
CA ILE A 107 0.62 11.74 -4.27
C ILE A 107 1.26 11.63 -2.89
N ILE A 108 1.75 10.44 -2.57
CA ILE A 108 2.44 10.20 -1.32
C ILE A 108 3.70 11.06 -1.24
N SER A 109 4.45 11.10 -2.33
CA SER A 109 5.64 11.92 -2.41
C SER A 109 5.28 13.40 -2.18
N ARG A 110 4.07 13.77 -2.57
CA ARG A 110 3.58 15.12 -2.33
C ARG A 110 3.48 15.39 -0.84
N TYR A 111 2.84 14.48 -0.10
CA TYR A 111 2.68 14.70 1.34
C TYR A 111 3.87 14.16 2.12
N LYS A 112 4.82 13.55 1.42
CA LYS A 112 6.09 13.20 2.02
C LYS A 112 6.96 14.44 2.15
N ASP A 113 7.09 15.17 1.04
CA ASP A 113 7.86 16.40 1.04
C ASP A 113 7.10 17.49 1.75
N ALA A 114 5.78 17.49 1.56
CA ALA A 114 4.89 18.47 2.19
C ALA A 114 5.34 19.89 1.89
N ASP A 115 5.55 20.14 0.62
CA ASP A 115 6.03 21.44 0.16
C ASP A 115 4.90 22.44 0.14
N ASP B 1 0.50 -16.94 11.89
CA ASP B 1 1.26 -17.71 10.88
C ASP B 1 0.82 -17.33 9.47
N THR B 2 -0.49 -17.26 9.25
CA THR B 2 -1.03 -16.93 7.94
C THR B 2 -0.65 -15.50 7.52
N GLN B 3 -0.92 -14.55 8.41
CA GLN B 3 -0.57 -13.15 8.15
C GLN B 3 0.93 -12.98 8.10
N ASP B 4 1.63 -13.85 8.81
CA ASP B 4 3.07 -13.77 8.93
C ASP B 4 3.74 -14.18 7.63
N ASP B 5 3.33 -15.34 7.10
CA ASP B 5 3.84 -15.81 5.81
C ASP B 5 3.39 -14.87 4.70
N PHE B 6 2.27 -14.21 4.94
CA PHE B 6 1.70 -13.27 4.00
C PHE B 6 2.51 -11.97 3.94
N LEU B 7 3.38 -11.76 4.92
CA LEU B 7 4.27 -10.61 4.88
C LEU B 7 5.73 -11.04 4.62
N LYS B 8 6.09 -12.25 5.08
CA LYS B 8 7.47 -12.71 4.96
C LYS B 8 7.82 -13.17 3.55
N TRP B 9 6.82 -13.58 2.77
CA TRP B 9 7.06 -14.05 1.40
C TRP B 9 7.65 -12.91 0.58
N TRP B 10 7.37 -11.69 0.99
CA TRP B 10 7.78 -10.51 0.27
C TRP B 10 9.30 -10.34 0.37
N ARG B 11 9.82 -10.44 1.57
CA ARG B 11 11.24 -10.22 1.80
C ARG B 11 12.03 -11.45 1.36
N SER B 12 11.37 -12.61 1.41
CA SER B 12 11.95 -13.84 0.89
C SER B 12 12.28 -13.67 -0.59
N GLU B 13 11.42 -12.95 -1.30
CA GLU B 13 11.60 -12.67 -2.70
C GLU B 13 12.63 -11.55 -2.91
N GLU B 14 12.53 -10.51 -2.09
CA GLU B 14 13.43 -9.36 -2.19
C GLU B 14 14.87 -9.73 -1.87
N ALA B 15 15.05 -10.79 -1.09
CA ALA B 15 16.37 -11.24 -0.71
C ALA B 15 17.10 -11.88 -1.89
N GLN B 16 16.34 -12.32 -2.89
CA GLN B 16 16.91 -13.03 -4.03
C GLN B 16 17.83 -12.13 -4.85
N ASP B 17 17.41 -10.89 -5.08
CA ASP B 17 18.24 -9.94 -5.83
C ASP B 17 19.21 -9.23 -4.91
N MET B 18 19.03 -9.41 -3.61
CA MET B 18 19.95 -8.87 -2.63
C MET B 18 21.22 -9.70 -2.60
N GLY B 19 21.07 -11.01 -2.61
CA GLY B 19 22.22 -11.88 -2.63
C GLY B 19 21.83 -13.33 -2.80
N PRO A 1 -6.34 5.73 -17.90
CA PRO A 1 -6.51 6.54 -16.68
C PRO A 1 -5.76 5.93 -15.51
N SER A 2 -4.65 6.57 -15.13
CA SER A 2 -3.83 6.08 -14.04
C SER A 2 -4.43 6.47 -12.69
N HIS A 3 -5.49 5.76 -12.29
CA HIS A 3 -6.08 5.95 -10.97
C HIS A 3 -6.72 4.67 -10.46
N SER A 4 -6.95 3.71 -11.34
CA SER A 4 -7.67 2.52 -10.94
C SER A 4 -7.19 1.28 -11.68
N GLY A 5 -7.69 0.15 -11.22
CA GLY A 5 -7.32 -1.12 -11.78
C GLY A 5 -7.79 -2.23 -10.89
N ALA A 6 -8.16 -3.35 -11.48
CA ALA A 6 -8.77 -4.43 -10.75
C ALA A 6 -7.79 -5.06 -9.76
N ALA A 7 -8.14 -4.96 -8.49
CA ALA A 7 -7.30 -5.46 -7.41
C ALA A 7 -8.09 -6.43 -6.55
N ILE A 8 -7.42 -7.05 -5.61
CA ILE A 8 -8.02 -8.02 -4.72
C ILE A 8 -7.66 -7.72 -3.27
N PHE A 9 -8.66 -7.67 -2.42
CA PHE A 9 -8.47 -7.32 -1.02
C PHE A 9 -9.42 -8.14 -0.16
N GLU A 10 -8.91 -8.75 0.92
CA GLU A 10 -9.70 -9.65 1.76
C GLU A 10 -10.09 -10.90 1.00
N LYS A 11 -9.22 -11.25 0.06
CA LYS A 11 -9.37 -12.44 -0.79
C LYS A 11 -10.53 -12.33 -1.78
N VAL A 12 -11.23 -11.20 -1.74
CA VAL A 12 -12.26 -10.92 -2.74
C VAL A 12 -11.70 -9.96 -3.77
N SER A 13 -12.17 -10.08 -4.98
CA SER A 13 -11.67 -9.30 -6.08
C SER A 13 -12.52 -8.06 -6.32
N GLY A 14 -11.88 -7.05 -6.88
CA GLY A 14 -12.54 -5.80 -7.17
C GLY A 14 -11.64 -4.87 -7.95
N ILE A 15 -11.83 -3.58 -7.77
CA ILE A 15 -10.99 -2.57 -8.38
C ILE A 15 -10.39 -1.67 -7.29
N ILE A 16 -9.18 -1.23 -7.52
CA ILE A 16 -8.56 -0.23 -6.68
C ILE A 16 -8.70 1.11 -7.41
N ALA A 17 -9.18 2.12 -6.71
CA ALA A 17 -9.56 3.38 -7.36
C ALA A 17 -9.15 4.60 -6.55
N ILE A 18 -8.17 5.34 -7.03
CA ILE A 18 -7.67 6.51 -6.34
C ILE A 18 -8.42 7.76 -6.77
N ASN A 19 -9.01 8.44 -5.81
CA ASN A 19 -9.84 9.59 -6.08
C ASN A 19 -9.16 10.87 -5.63
N GLU A 20 -9.01 11.81 -6.54
CA GLU A 20 -8.62 13.13 -6.14
C GLU A 20 -9.71 14.09 -6.57
N ASP A 21 -10.83 14.01 -5.87
CA ASP A 21 -11.90 15.00 -5.92
C ASP A 21 -11.96 15.70 -4.59
N VAL A 22 -11.47 14.96 -3.61
CA VAL A 22 -11.74 15.18 -2.21
C VAL A 22 -10.53 15.72 -1.48
N SER A 23 -10.65 15.73 -0.17
CA SER A 23 -9.56 16.07 0.71
C SER A 23 -8.62 14.87 0.68
N PRO A 24 -7.40 14.92 1.26
CA PRO A 24 -6.22 14.23 0.72
C PRO A 24 -6.55 12.91 0.05
N ALA A 25 -6.12 12.81 -1.21
CA ALA A 25 -6.52 11.78 -2.15
C ALA A 25 -6.67 10.43 -1.50
N GLU A 26 -7.78 9.76 -1.77
CA GLU A 26 -8.06 8.52 -1.12
C GLU A 26 -8.14 7.40 -2.14
N LEU A 27 -7.70 6.22 -1.74
CA LEU A 27 -7.69 5.05 -2.59
C LEU A 27 -8.83 4.14 -2.21
N THR A 28 -9.61 3.75 -3.17
CA THR A 28 -10.79 3.00 -2.90
C THR A 28 -10.73 1.62 -3.54
N TRP A 29 -10.54 0.59 -2.74
CA TRP A 29 -10.70 -0.75 -3.25
C TRP A 29 -12.14 -1.15 -3.09
N ARG A 30 -12.78 -1.42 -4.19
CA ARG A 30 -14.15 -1.78 -4.18
C ARG A 30 -14.34 -3.07 -4.96
N SER A 31 -15.04 -4.02 -4.37
CA SER A 31 -15.16 -5.35 -4.90
C SER A 31 -15.89 -5.35 -6.24
N THR A 32 -15.69 -6.38 -7.05
CA THR A 32 -16.30 -6.43 -8.38
C THR A 32 -17.82 -6.27 -8.29
N ASP A 33 -18.41 -6.87 -7.26
CA ASP A 33 -19.85 -6.79 -7.03
C ASP A 33 -20.27 -5.37 -6.68
N GLY A 34 -19.37 -4.61 -6.06
CA GLY A 34 -19.66 -3.24 -5.68
C GLY A 34 -20.16 -3.15 -4.27
N ASP A 35 -20.25 -4.31 -3.62
CA ASP A 35 -20.75 -4.39 -2.26
C ASP A 35 -19.69 -3.93 -1.27
N LYS A 36 -18.45 -4.33 -1.52
CA LYS A 36 -17.34 -3.92 -0.69
C LYS A 36 -16.65 -2.70 -1.28
N VAL A 37 -16.43 -1.70 -0.45
CA VAL A 37 -15.71 -0.49 -0.83
C VAL A 37 -14.90 -0.02 0.37
N HIS A 38 -13.60 0.11 0.19
CA HIS A 38 -12.72 0.53 1.28
C HIS A 38 -11.88 1.71 0.83
N THR A 39 -11.92 2.80 1.57
CA THR A 39 -11.26 4.02 1.12
C THR A 39 -10.07 4.38 2.01
N VAL A 40 -8.90 4.46 1.38
CA VAL A 40 -7.65 4.78 2.03
C VAL A 40 -7.23 6.21 1.70
N VAL A 41 -7.43 7.14 2.62
CA VAL A 41 -6.98 8.52 2.42
C VAL A 41 -5.46 8.58 2.58
N LEU A 42 -4.80 8.99 1.51
CA LEU A 42 -3.37 8.83 1.33
C LEU A 42 -2.53 9.69 2.29
N SER A 43 -3.14 10.65 2.95
CA SER A 43 -2.43 11.47 3.91
C SER A 43 -2.08 10.67 5.17
N THR A 44 -2.72 9.52 5.33
CA THR A 44 -2.46 8.66 6.47
C THR A 44 -1.38 7.64 6.13
N ILE A 45 -0.96 7.69 4.87
CA ILE A 45 0.04 6.76 4.36
C ILE A 45 1.44 7.35 4.45
N ASP A 46 2.39 6.53 4.87
CA ASP A 46 3.76 6.93 5.04
C ASP A 46 4.64 6.43 3.89
N LYS A 47 4.43 5.18 3.49
CA LYS A 47 5.24 4.58 2.43
C LYS A 47 4.36 3.83 1.44
N LEU A 48 5.00 3.32 0.41
CA LEU A 48 4.35 2.50 -0.59
C LEU A 48 5.33 1.45 -1.07
N GLN A 49 4.85 0.24 -1.31
CA GLN A 49 5.72 -0.85 -1.73
C GLN A 49 5.08 -1.63 -2.87
N ALA A 50 5.91 -2.18 -3.73
CA ALA A 50 5.44 -2.95 -4.87
C ALA A 50 6.35 -4.17 -5.07
N THR A 51 5.78 -5.27 -5.54
CA THR A 51 6.52 -6.50 -5.71
C THR A 51 7.69 -6.34 -6.68
N PRO A 52 8.84 -6.95 -6.34
CA PRO A 52 10.04 -6.93 -7.19
C PRO A 52 9.76 -7.50 -8.57
N ALA A 53 10.50 -7.01 -9.56
CA ALA A 53 10.31 -7.40 -10.96
C ALA A 53 10.56 -8.88 -11.17
N SER A 54 11.38 -9.46 -10.30
CA SER A 54 11.70 -10.87 -10.37
C SER A 54 10.48 -11.72 -10.00
N SER A 55 9.65 -11.17 -9.11
CA SER A 55 8.44 -11.83 -8.69
C SER A 55 7.30 -11.50 -9.63
N GLU A 56 6.70 -12.54 -10.20
CA GLU A 56 5.59 -12.38 -11.15
C GLU A 56 4.37 -11.78 -10.48
N LYS A 57 4.11 -12.19 -9.24
CA LYS A 57 2.88 -11.81 -8.58
C LYS A 57 2.77 -10.31 -8.42
N MET A 58 1.57 -9.80 -8.65
CA MET A 58 1.32 -8.37 -8.65
C MET A 58 0.79 -7.94 -7.31
N MET A 59 1.48 -7.01 -6.66
CA MET A 59 1.07 -6.54 -5.35
C MET A 59 1.46 -5.09 -5.15
N LEU A 60 0.56 -4.33 -4.55
CA LEU A 60 0.89 -3.01 -4.06
C LEU A 60 0.62 -2.94 -2.57
N ARG A 61 1.45 -2.19 -1.88
CA ARG A 61 1.24 -1.96 -0.46
C ARG A 61 1.01 -0.49 -0.18
N LEU A 62 0.10 -0.25 0.73
CA LEU A 62 -0.12 1.06 1.29
C LEU A 62 0.45 1.07 2.70
N ILE A 63 1.59 1.69 2.88
CA ILE A 63 2.20 1.71 4.20
C ILE A 63 1.66 2.86 4.98
N GLY A 64 0.71 2.59 5.84
CA GLY A 64 0.14 3.64 6.66
C GLY A 64 1.12 4.10 7.70
N LYS A 65 0.89 5.29 8.25
CA LYS A 65 1.75 5.82 9.26
C LYS A 65 1.81 4.87 10.45
N VAL A 66 2.85 5.02 11.20
CA VAL A 66 3.26 3.99 12.11
C VAL A 66 2.66 4.15 13.49
N ASP A 67 2.73 3.06 14.23
CA ASP A 67 2.30 2.99 15.62
C ASP A 67 3.14 3.93 16.48
N GLU A 68 2.52 4.46 17.53
CA GLU A 68 3.14 5.42 18.45
C GLU A 68 4.41 4.87 19.11
N SER A 69 4.75 3.62 18.83
CA SER A 69 6.02 3.04 19.29
C SER A 69 7.22 3.75 18.64
N LYS A 70 6.94 4.78 17.83
CA LYS A 70 7.96 5.67 17.33
C LYS A 70 8.51 6.51 18.49
N LYS A 71 7.83 6.45 19.61
CA LYS A 71 8.26 7.07 20.85
C LYS A 71 9.59 6.50 21.30
N ARG A 72 10.24 7.21 22.21
CA ARG A 72 11.58 6.84 22.70
C ARG A 72 11.60 5.41 23.26
N LYS A 73 12.80 4.93 23.55
CA LYS A 73 13.00 3.53 23.95
C LYS A 73 12.31 3.23 25.28
N ASP A 74 11.98 1.96 25.44
CA ASP A 74 11.24 1.48 26.61
C ASP A 74 12.10 1.61 27.87
N ASN A 75 11.56 1.27 29.04
CA ASN A 75 12.34 1.32 30.28
C ASN A 75 13.54 0.40 30.17
N GLU A 76 13.39 -0.68 29.41
CA GLU A 76 14.46 -1.63 29.17
C GLU A 76 15.46 -1.08 28.16
N GLY A 77 15.15 0.11 27.65
CA GLY A 77 16.02 0.78 26.70
C GLY A 77 16.02 0.13 25.35
N ASN A 78 14.94 -0.55 25.05
CA ASN A 78 14.76 -1.11 23.73
C ASN A 78 14.28 -0.02 22.81
N GLU A 79 15.21 0.41 22.01
CA GLU A 79 14.98 1.34 20.92
C GLU A 79 14.17 0.63 19.85
N VAL A 80 12.90 0.44 20.14
CA VAL A 80 12.01 -0.35 19.30
C VAL A 80 11.61 0.43 18.06
N VAL A 81 11.61 -0.25 16.93
CA VAL A 81 11.20 0.37 15.69
C VAL A 81 9.68 0.33 15.56
N PRO A 82 9.07 1.47 15.25
CA PRO A 82 7.62 1.56 15.12
C PRO A 82 7.11 0.79 13.91
N LYS A 83 6.15 -0.07 14.14
CA LYS A 83 5.62 -0.90 13.07
C LYS A 83 4.50 -0.19 12.35
N PRO A 84 4.70 0.04 11.06
CA PRO A 84 3.73 0.70 10.19
C PRO A 84 2.52 -0.19 9.94
N GLN A 85 1.32 0.38 9.96
CA GLN A 85 0.14 -0.39 9.59
C GLN A 85 -0.08 -0.29 8.09
N ARG A 86 0.04 -1.41 7.40
CA ARG A 86 0.04 -1.39 5.95
C ARG A 86 -1.11 -2.17 5.36
N HIS A 87 -1.57 -1.71 4.22
CA HIS A 87 -2.62 -2.36 3.46
C HIS A 87 -1.98 -3.05 2.27
N MET A 88 -2.54 -4.15 1.82
CA MET A 88 -1.96 -4.87 0.69
C MET A 88 -3.04 -5.25 -0.31
N PHE A 89 -2.81 -4.94 -1.58
CA PHE A 89 -3.80 -5.21 -2.62
C PHE A 89 -3.18 -6.02 -3.76
N SER A 90 -3.91 -7.01 -4.21
CA SER A 90 -3.40 -7.94 -5.22
C SER A 90 -3.99 -7.65 -6.61
N PHE A 91 -3.12 -7.49 -7.60
CA PHE A 91 -3.57 -7.34 -8.98
C PHE A 91 -3.13 -8.55 -9.79
N ASN A 92 -3.47 -8.55 -11.07
CA ASN A 92 -3.01 -9.56 -12.00
C ASN A 92 -2.57 -8.93 -13.31
N ASN A 93 -2.17 -7.67 -13.23
CA ASN A 93 -1.69 -6.95 -14.40
C ASN A 93 -0.55 -6.03 -13.99
N ARG A 94 0.58 -6.18 -14.67
CA ARG A 94 1.80 -5.48 -14.28
C ARG A 94 1.72 -4.00 -14.65
N THR A 95 0.98 -3.69 -15.71
CA THR A 95 0.74 -2.30 -16.09
C THR A 95 -0.07 -1.60 -15.01
N VAL A 96 -1.14 -2.25 -14.57
CA VAL A 96 -1.92 -1.76 -13.43
C VAL A 96 -1.01 -1.50 -12.24
N MET A 97 -0.18 -2.48 -11.90
CA MET A 97 0.82 -2.30 -10.85
C MET A 97 1.59 -0.99 -11.01
N ASP A 98 2.20 -0.80 -12.16
CA ASP A 98 3.04 0.37 -12.40
C ASP A 98 2.23 1.66 -12.34
N ASN A 99 1.04 1.64 -12.91
CA ASN A 99 0.16 2.80 -12.93
C ASN A 99 -0.29 3.14 -11.52
N ILE A 100 -0.88 2.17 -10.83
CA ILE A 100 -1.28 2.32 -9.44
C ILE A 100 -0.08 2.69 -8.58
N LYS A 101 1.07 2.05 -8.81
CA LYS A 101 2.29 2.39 -8.09
C LYS A 101 2.52 3.89 -8.12
N MET A 102 2.75 4.39 -9.32
CA MET A 102 3.04 5.77 -9.56
C MET A 102 1.95 6.67 -9.02
N THR A 103 0.71 6.36 -9.35
CA THR A 103 -0.43 7.16 -8.93
C THR A 103 -0.40 7.40 -7.42
N LEU A 104 -0.17 6.35 -6.67
CA LEU A 104 -0.24 6.41 -5.23
C LEU A 104 1.03 7.02 -4.68
N GLN A 105 2.15 6.49 -5.15
CA GLN A 105 3.48 6.90 -4.72
C GLN A 105 3.69 8.40 -4.89
N GLN A 106 3.28 8.95 -6.03
CA GLN A 106 3.42 10.38 -6.29
C GLN A 106 2.58 11.19 -5.33
N ILE A 107 1.33 10.78 -5.11
CA ILE A 107 0.46 11.46 -4.17
C ILE A 107 1.04 11.41 -2.77
N ILE A 108 1.58 10.25 -2.40
CA ILE A 108 2.26 10.08 -1.12
C ILE A 108 3.46 11.02 -1.05
N SER A 109 4.24 11.06 -2.12
CA SER A 109 5.39 11.95 -2.21
C SER A 109 4.94 13.41 -2.10
N ARG A 110 3.79 13.72 -2.68
CA ARG A 110 3.21 15.03 -2.63
C ARG A 110 2.92 15.45 -1.20
N TYR A 111 2.53 14.49 -0.36
CA TYR A 111 2.26 14.76 1.04
C TYR A 111 3.53 14.60 1.88
N LYS A 112 4.52 13.94 1.30
CA LYS A 112 5.83 13.81 1.93
C LYS A 112 6.59 15.12 1.84
N ASP A 113 6.64 15.68 0.64
CA ASP A 113 7.36 16.91 0.39
C ASP A 113 6.49 18.10 0.75
N ALA A 114 5.18 17.89 0.60
CA ALA A 114 4.15 18.87 1.00
C ALA A 114 4.26 20.15 0.19
N ASP A 115 4.90 20.06 -0.96
CA ASP A 115 5.03 21.20 -1.86
C ASP A 115 3.97 21.12 -2.94
N ASP B 1 0.28 -16.22 10.08
CA ASP B 1 0.87 -17.18 9.12
C ASP B 1 0.88 -16.63 7.71
N THR B 2 -0.23 -16.05 7.28
CA THR B 2 -0.35 -15.55 5.93
C THR B 2 0.49 -14.29 5.74
N GLN B 3 0.23 -13.29 6.57
CA GLN B 3 0.96 -12.03 6.50
C GLN B 3 2.41 -12.24 6.84
N ASP B 4 2.68 -13.27 7.64
CA ASP B 4 4.03 -13.60 8.05
C ASP B 4 4.88 -13.98 6.84
N ASP B 5 4.30 -14.76 5.94
CA ASP B 5 4.99 -15.14 4.71
C ASP B 5 5.09 -13.95 3.79
N PHE B 6 4.04 -13.13 3.78
CA PHE B 6 4.02 -11.90 2.99
C PHE B 6 5.08 -10.91 3.47
N LEU B 7 5.61 -11.14 4.67
CA LEU B 7 6.67 -10.30 5.20
C LEU B 7 8.02 -10.78 4.70
N LYS B 8 8.33 -12.05 4.90
CA LYS B 8 9.67 -12.56 4.62
C LYS B 8 9.95 -12.64 3.13
N TRP B 9 8.95 -12.97 2.32
CA TRP B 9 9.16 -13.07 0.87
C TRP B 9 9.35 -11.68 0.28
N TRP B 10 8.85 -10.67 0.99
CA TRP B 10 8.90 -9.30 0.53
C TRP B 10 10.23 -8.68 0.91
N ARG B 11 10.62 -8.88 2.16
CA ARG B 11 11.81 -8.25 2.70
C ARG B 11 13.08 -8.91 2.17
N SER B 12 13.02 -10.21 1.93
CA SER B 12 14.19 -10.93 1.43
C SER B 12 14.69 -10.32 0.13
N GLU B 13 13.77 -10.12 -0.80
CA GLU B 13 14.13 -9.61 -2.11
C GLU B 13 14.34 -8.09 -2.09
N GLU B 14 13.42 -7.37 -1.44
CA GLU B 14 13.46 -5.91 -1.46
C GLU B 14 14.59 -5.35 -0.61
N ALA B 15 14.78 -5.89 0.59
CA ALA B 15 15.82 -5.40 1.48
C ALA B 15 17.21 -5.76 0.96
N GLN B 16 17.25 -6.72 0.04
CA GLN B 16 18.49 -7.13 -0.60
C GLN B 16 19.08 -5.98 -1.42
N ASP B 17 18.20 -5.11 -1.93
CA ASP B 17 18.64 -3.92 -2.65
C ASP B 17 19.26 -2.93 -1.69
N MET B 18 18.80 -2.95 -0.45
CA MET B 18 19.29 -2.06 0.59
C MET B 18 20.60 -2.59 1.17
N GLY B 19 20.67 -3.89 1.36
CA GLY B 19 21.87 -4.50 1.86
C GLY B 19 21.88 -6.00 1.62
N PRO A 1 -6.25 8.58 -16.55
CA PRO A 1 -5.04 7.75 -16.60
C PRO A 1 -4.48 7.51 -15.21
N SER A 2 -3.97 6.29 -14.99
CA SER A 2 -3.33 5.90 -13.73
C SER A 2 -4.13 6.36 -12.51
N HIS A 3 -5.23 5.67 -12.21
CA HIS A 3 -5.98 5.93 -10.98
C HIS A 3 -6.73 4.69 -10.51
N SER A 4 -6.86 3.70 -11.38
CA SER A 4 -7.65 2.52 -11.03
C SER A 4 -7.18 1.28 -11.77
N GLY A 5 -7.69 0.16 -11.30
CA GLY A 5 -7.35 -1.13 -11.85
C GLY A 5 -7.81 -2.23 -10.92
N ALA A 6 -8.16 -3.36 -11.49
CA ALA A 6 -8.74 -4.44 -10.73
C ALA A 6 -7.75 -5.03 -9.75
N ALA A 7 -8.07 -4.88 -8.47
CA ALA A 7 -7.22 -5.34 -7.38
C ALA A 7 -8.00 -6.27 -6.48
N ILE A 8 -7.33 -6.81 -5.47
CA ILE A 8 -7.96 -7.73 -4.54
C ILE A 8 -7.65 -7.32 -3.10
N PHE A 9 -8.66 -7.39 -2.24
CA PHE A 9 -8.50 -7.03 -0.84
C PHE A 9 -9.42 -7.92 0.00
N GLU A 10 -8.89 -8.48 1.09
CA GLU A 10 -9.64 -9.43 1.92
C GLU A 10 -9.95 -10.70 1.15
N LYS A 11 -9.05 -11.04 0.25
CA LYS A 11 -9.16 -12.24 -0.59
C LYS A 11 -10.34 -12.18 -1.57
N VAL A 12 -11.04 -11.06 -1.61
CA VAL A 12 -12.05 -10.84 -2.63
C VAL A 12 -11.51 -9.85 -3.65
N SER A 13 -11.94 -10.01 -4.88
CA SER A 13 -11.43 -9.20 -5.98
C SER A 13 -12.35 -8.02 -6.26
N GLY A 14 -11.74 -6.98 -6.82
CA GLY A 14 -12.45 -5.76 -7.14
C GLY A 14 -11.59 -4.82 -7.93
N ILE A 15 -11.83 -3.53 -7.78
CA ILE A 15 -11.00 -2.52 -8.41
C ILE A 15 -10.41 -1.60 -7.34
N ILE A 16 -9.19 -1.15 -7.56
CA ILE A 16 -8.59 -0.14 -6.73
C ILE A 16 -8.73 1.18 -7.47
N ALA A 17 -9.23 2.21 -6.79
CA ALA A 17 -9.60 3.45 -7.46
C ALA A 17 -9.24 4.67 -6.64
N ILE A 18 -8.28 5.44 -7.11
CA ILE A 18 -7.80 6.60 -6.39
C ILE A 18 -8.59 7.84 -6.79
N ASN A 19 -9.12 8.53 -5.79
CA ASN A 19 -10.00 9.67 -6.01
C ASN A 19 -9.36 10.94 -5.51
N GLU A 20 -9.17 11.90 -6.40
CA GLU A 20 -8.79 13.22 -5.95
C GLU A 20 -9.82 14.21 -6.46
N ASP A 21 -10.97 14.17 -5.83
CA ASP A 21 -11.98 15.23 -5.91
C ASP A 21 -12.10 15.86 -4.54
N VAL A 22 -11.65 15.07 -3.59
CA VAL A 22 -11.98 15.22 -2.19
C VAL A 22 -10.80 15.73 -1.40
N SER A 23 -10.97 15.70 -0.09
CA SER A 23 -9.90 16.04 0.83
C SER A 23 -8.92 14.87 0.79
N PRO A 24 -7.71 14.98 1.38
CA PRO A 24 -6.51 14.35 0.82
C PRO A 24 -6.79 13.01 0.14
N ALA A 25 -6.34 12.94 -1.12
CA ALA A 25 -6.70 11.90 -2.06
C ALA A 25 -6.80 10.54 -1.42
N GLU A 26 -7.89 9.85 -1.69
CA GLU A 26 -8.12 8.58 -1.07
C GLU A 26 -8.19 7.49 -2.13
N LEU A 27 -7.76 6.30 -1.74
CA LEU A 27 -7.76 5.14 -2.61
C LEU A 27 -8.93 4.25 -2.25
N THR A 28 -9.69 3.87 -3.22
CA THR A 28 -10.90 3.14 -2.98
C THR A 28 -10.86 1.77 -3.62
N TRP A 29 -10.73 0.72 -2.81
CA TRP A 29 -10.88 -0.61 -3.35
C TRP A 29 -12.32 -1.03 -3.21
N ARG A 30 -12.93 -1.36 -4.33
CA ARG A 30 -14.30 -1.82 -4.34
C ARG A 30 -14.38 -3.16 -5.04
N SER A 31 -15.01 -4.11 -4.38
CA SER A 31 -15.12 -5.47 -4.88
C SER A 31 -15.84 -5.49 -6.22
N THR A 32 -15.59 -6.54 -7.00
CA THR A 32 -16.10 -6.64 -8.37
C THR A 32 -17.62 -6.59 -8.42
N ASP A 33 -18.27 -6.89 -7.30
CA ASP A 33 -19.72 -6.83 -7.20
C ASP A 33 -20.19 -5.41 -6.92
N GLY A 34 -19.33 -4.63 -6.26
CA GLY A 34 -19.67 -3.26 -5.91
C GLY A 34 -20.15 -3.14 -4.48
N ASP A 35 -20.21 -4.28 -3.79
CA ASP A 35 -20.70 -4.32 -2.43
C ASP A 35 -19.66 -3.79 -1.44
N LYS A 36 -18.43 -4.26 -1.59
CA LYS A 36 -17.35 -3.87 -0.70
C LYS A 36 -16.61 -2.66 -1.23
N VAL A 37 -16.42 -1.68 -0.37
CA VAL A 37 -15.66 -0.47 -0.69
C VAL A 37 -14.80 -0.11 0.51
N HIS A 38 -13.51 0.04 0.29
CA HIS A 38 -12.60 0.39 1.37
C HIS A 38 -11.74 1.56 0.92
N THR A 39 -11.87 2.68 1.61
CA THR A 39 -11.24 3.90 1.14
C THR A 39 -10.06 4.31 2.04
N VAL A 40 -8.90 4.47 1.39
CA VAL A 40 -7.64 4.79 2.04
C VAL A 40 -7.22 6.22 1.71
N VAL A 41 -7.39 7.16 2.65
CA VAL A 41 -6.92 8.52 2.43
C VAL A 41 -5.39 8.55 2.48
N LEU A 42 -4.81 8.91 1.36
CA LEU A 42 -3.37 8.79 1.12
C LEU A 42 -2.53 9.67 2.04
N SER A 43 -3.16 10.65 2.66
CA SER A 43 -2.46 11.53 3.59
C SER A 43 -2.03 10.76 4.84
N THR A 44 -2.57 9.56 5.03
CA THR A 44 -2.27 8.77 6.20
C THR A 44 -1.29 7.64 5.84
N ILE A 45 -0.84 7.63 4.60
CA ILE A 45 0.11 6.63 4.15
C ILE A 45 1.53 7.19 4.13
N ASP A 46 2.45 6.44 4.72
CA ASP A 46 3.84 6.86 4.85
C ASP A 46 4.68 6.38 3.67
N LYS A 47 4.52 5.11 3.34
CA LYS A 47 5.32 4.52 2.29
C LYS A 47 4.45 3.72 1.34
N LEU A 48 5.04 3.31 0.26
CA LEU A 48 4.37 2.48 -0.72
C LEU A 48 5.36 1.53 -1.34
N GLN A 49 4.96 0.29 -1.51
CA GLN A 49 5.86 -0.73 -2.03
C GLN A 49 5.13 -1.70 -2.92
N ALA A 50 5.75 -2.05 -4.02
CA ALA A 50 5.22 -3.04 -4.94
C ALA A 50 6.11 -4.28 -4.90
N THR A 51 5.62 -5.38 -5.46
CA THR A 51 6.40 -6.61 -5.50
C THR A 51 7.66 -6.43 -6.35
N PRO A 52 8.79 -6.96 -5.86
CA PRO A 52 10.08 -6.87 -6.55
C PRO A 52 10.02 -7.44 -7.97
N ALA A 53 10.92 -6.97 -8.82
CA ALA A 53 10.95 -7.37 -10.23
C ALA A 53 11.20 -8.85 -10.40
N SER A 54 11.72 -9.48 -9.36
CA SER A 54 11.99 -10.90 -9.37
C SER A 54 10.73 -11.70 -9.01
N SER A 55 9.68 -10.98 -8.66
CA SER A 55 8.42 -11.60 -8.28
C SER A 55 7.36 -11.30 -9.33
N GLU A 56 6.71 -12.35 -9.80
CA GLU A 56 5.63 -12.23 -10.76
C GLU A 56 4.39 -11.64 -10.10
N LYS A 57 4.12 -12.09 -8.89
CA LYS A 57 2.84 -11.83 -8.25
C LYS A 57 2.56 -10.33 -8.14
N MET A 58 1.44 -9.91 -8.71
CA MET A 58 1.06 -8.51 -8.74
C MET A 58 0.52 -8.06 -7.40
N MET A 59 1.22 -7.13 -6.78
CA MET A 59 0.86 -6.67 -5.46
C MET A 59 1.34 -5.24 -5.19
N LEU A 60 0.48 -4.43 -4.60
CA LEU A 60 0.88 -3.12 -4.11
C LEU A 60 0.64 -3.05 -2.61
N ARG A 61 1.49 -2.31 -1.93
CA ARG A 61 1.32 -2.09 -0.50
C ARG A 61 1.08 -0.63 -0.19
N LEU A 62 0.21 -0.41 0.77
CA LEU A 62 -0.02 0.91 1.34
C LEU A 62 0.55 0.95 2.74
N ILE A 63 1.69 1.58 2.92
CA ILE A 63 2.33 1.59 4.22
C ILE A 63 1.80 2.77 5.03
N GLY A 64 0.86 2.50 5.91
CA GLY A 64 0.21 3.57 6.65
C GLY A 64 1.14 4.23 7.66
N LYS A 65 0.92 5.50 7.89
CA LYS A 65 1.74 6.28 8.80
C LYS A 65 1.54 5.88 10.24
N VAL A 66 2.52 6.21 11.04
CA VAL A 66 2.41 6.06 12.47
C VAL A 66 2.49 7.44 13.13
N ASP A 67 1.38 7.91 13.67
CA ASP A 67 1.37 9.20 14.34
C ASP A 67 2.34 9.17 15.51
N GLU A 68 2.97 10.29 15.78
CA GLU A 68 3.97 10.39 16.82
C GLU A 68 3.37 10.12 18.20
N SER A 69 2.07 10.31 18.34
CA SER A 69 1.38 10.01 19.59
C SER A 69 0.95 8.55 19.65
N LYS A 70 1.09 7.86 18.52
CA LYS A 70 0.70 6.48 18.43
C LYS A 70 1.84 5.56 18.89
N LYS A 71 2.99 6.15 19.16
CA LYS A 71 4.13 5.38 19.68
C LYS A 71 3.74 4.61 20.93
N ARG A 72 4.43 3.52 21.17
CA ARG A 72 4.01 2.59 22.21
C ARG A 72 5.19 2.16 23.07
N LYS A 73 4.86 1.51 24.19
CA LYS A 73 5.88 0.97 25.07
C LYS A 73 5.70 -0.54 25.19
N ASP A 74 6.80 -1.23 25.37
CA ASP A 74 6.79 -2.67 25.49
C ASP A 74 6.57 -3.07 26.96
N ASN A 75 6.69 -4.35 27.28
CA ASN A 75 6.34 -4.85 28.61
C ASN A 75 7.18 -4.20 29.71
N GLU A 76 8.42 -3.89 29.39
CA GLU A 76 9.31 -3.27 30.38
C GLU A 76 9.34 -1.76 30.23
N GLY A 77 8.32 -1.22 29.55
CA GLY A 77 8.26 0.20 29.31
C GLY A 77 9.30 0.65 28.32
N ASN A 78 9.42 -0.09 27.24
CA ASN A 78 10.36 0.22 26.20
C ASN A 78 9.64 0.99 25.13
N GLU A 79 9.97 2.25 25.05
CA GLU A 79 9.42 3.16 24.04
C GLU A 79 9.83 2.74 22.64
N VAL A 80 9.27 1.64 22.20
CA VAL A 80 9.58 1.06 20.92
C VAL A 80 8.83 1.75 19.79
N VAL A 81 9.49 1.91 18.66
CA VAL A 81 8.87 2.52 17.51
C VAL A 81 7.88 1.54 16.87
N PRO A 82 6.64 1.99 16.66
CA PRO A 82 5.60 1.15 16.06
C PRO A 82 5.79 0.96 14.58
N LYS A 83 5.63 -0.27 14.13
CA LYS A 83 5.78 -0.60 12.74
C LYS A 83 4.53 -0.21 11.98
N PRO A 84 4.71 0.61 10.96
CA PRO A 84 3.63 1.16 10.14
C PRO A 84 2.72 0.08 9.59
N GLN A 85 1.43 0.26 9.81
CA GLN A 85 0.43 -0.72 9.42
C GLN A 85 0.16 -0.60 7.93
N ARG A 86 0.47 -1.64 7.20
CA ARG A 86 0.38 -1.59 5.76
C ARG A 86 -0.82 -2.38 5.23
N HIS A 87 -1.36 -1.89 4.14
CA HIS A 87 -2.44 -2.56 3.43
C HIS A 87 -1.84 -3.25 2.22
N MET A 88 -2.48 -4.30 1.73
CA MET A 88 -1.93 -5.01 0.59
C MET A 88 -3.02 -5.35 -0.41
N PHE A 89 -2.79 -4.99 -1.67
CA PHE A 89 -3.77 -5.22 -2.73
C PHE A 89 -3.13 -5.99 -3.89
N SER A 90 -3.86 -6.95 -4.42
CA SER A 90 -3.33 -7.80 -5.49
C SER A 90 -3.98 -7.44 -6.83
N PHE A 91 -3.17 -7.32 -7.86
CA PHE A 91 -3.67 -7.12 -9.22
C PHE A 91 -3.35 -8.35 -10.06
N ASN A 92 -3.75 -8.31 -11.32
CA ASN A 92 -3.42 -9.38 -12.25
C ASN A 92 -2.73 -8.80 -13.48
N ASN A 93 -2.19 -7.60 -13.36
CA ASN A 93 -1.55 -6.94 -14.47
C ASN A 93 -0.39 -6.08 -14.00
N ARG A 94 0.77 -6.27 -14.62
CA ARG A 94 1.99 -5.56 -14.24
C ARG A 94 1.89 -4.07 -14.54
N THR A 95 1.24 -3.74 -15.65
CA THR A 95 1.03 -2.36 -16.04
C THR A 95 0.14 -1.64 -15.03
N VAL A 96 -0.97 -2.29 -14.66
CA VAL A 96 -1.83 -1.80 -13.58
C VAL A 96 -1.01 -1.52 -12.34
N MET A 97 -0.22 -2.51 -11.92
CA MET A 97 0.71 -2.31 -10.81
C MET A 97 1.48 -1.03 -10.94
N ASP A 98 2.30 -0.93 -11.98
CA ASP A 98 3.18 0.23 -12.18
C ASP A 98 2.39 1.55 -12.16
N ASN A 99 1.19 1.54 -12.73
CA ASN A 99 0.34 2.72 -12.77
C ASN A 99 -0.13 3.09 -11.38
N ILE A 100 -0.87 2.18 -10.75
CA ILE A 100 -1.35 2.37 -9.38
C ILE A 100 -0.18 2.68 -8.46
N LYS A 101 0.87 1.88 -8.57
CA LYS A 101 2.09 2.06 -7.81
C LYS A 101 2.54 3.51 -7.85
N MET A 102 2.72 4.03 -9.06
CA MET A 102 3.17 5.40 -9.26
C MET A 102 2.14 6.40 -8.75
N THR A 103 0.89 6.22 -9.19
CA THR A 103 -0.20 7.11 -8.83
C THR A 103 -0.20 7.39 -7.32
N LEU A 104 -0.22 6.32 -6.56
CA LEU A 104 -0.34 6.40 -5.12
C LEU A 104 0.94 7.00 -4.54
N GLN A 105 2.07 6.42 -4.94
CA GLN A 105 3.39 6.83 -4.48
C GLN A 105 3.59 8.34 -4.62
N GLN A 106 3.23 8.87 -5.78
CA GLN A 106 3.43 10.27 -6.08
C GLN A 106 2.52 11.16 -5.23
N ILE A 107 1.27 10.77 -5.09
CA ILE A 107 0.33 11.51 -4.25
C ILE A 107 0.77 11.45 -2.79
N ILE A 108 1.27 10.30 -2.37
CA ILE A 108 1.87 10.15 -1.04
C ILE A 108 3.02 11.13 -0.88
N SER A 109 3.86 11.22 -1.90
CA SER A 109 4.99 12.14 -1.90
C SER A 109 4.50 13.59 -1.87
N ARG A 110 3.35 13.85 -2.48
CA ARG A 110 2.76 15.19 -2.45
C ARG A 110 2.41 15.59 -1.03
N TYR A 111 1.99 14.63 -0.22
CA TYR A 111 1.63 14.88 1.17
C TYR A 111 2.85 14.78 2.06
N LYS A 112 3.90 14.18 1.53
CA LYS A 112 5.18 14.12 2.21
C LYS A 112 5.83 15.50 2.21
N ASP A 113 5.97 16.06 1.02
CA ASP A 113 6.55 17.38 0.85
C ASP A 113 5.52 18.44 1.21
N ALA A 114 4.27 18.14 0.86
CA ALA A 114 3.10 18.93 1.23
C ALA A 114 3.09 20.32 0.61
N ASP A 115 3.89 20.49 -0.44
CA ASP A 115 3.96 21.77 -1.13
C ASP A 115 3.55 21.61 -2.58
N ASP B 1 0.11 -16.56 11.61
CA ASP B 1 0.65 -17.50 10.60
C ASP B 1 0.57 -16.93 9.19
N THR B 2 -0.58 -16.37 8.82
CA THR B 2 -0.79 -15.86 7.49
C THR B 2 -0.03 -14.55 7.27
N GLN B 3 -0.28 -13.58 8.14
CA GLN B 3 0.39 -12.29 8.07
C GLN B 3 1.90 -12.47 8.24
N ASP B 4 2.27 -13.51 8.99
CA ASP B 4 3.67 -13.82 9.23
C ASP B 4 4.33 -14.32 7.96
N ASP B 5 3.54 -15.00 7.14
CA ASP B 5 4.04 -15.54 5.88
C ASP B 5 4.25 -14.43 4.87
N PHE B 6 3.32 -13.48 4.84
CA PHE B 6 3.44 -12.31 3.96
C PHE B 6 4.69 -11.51 4.30
N LEU B 7 5.00 -11.42 5.59
CA LEU B 7 6.22 -10.77 6.05
C LEU B 7 7.43 -11.54 5.57
N LYS B 8 7.28 -12.85 5.46
CA LYS B 8 8.39 -13.73 5.12
C LYS B 8 8.67 -13.74 3.61
N TRP B 9 7.64 -13.94 2.80
CA TRP B 9 7.85 -14.10 1.36
C TRP B 9 8.21 -12.77 0.72
N TRP B 10 7.68 -11.68 1.25
CA TRP B 10 7.96 -10.37 0.68
C TRP B 10 9.38 -9.96 1.01
N ARG B 11 9.77 -10.11 2.28
CA ARG B 11 11.07 -9.66 2.74
C ARG B 11 12.18 -10.45 2.08
N SER B 12 11.93 -11.73 1.84
CA SER B 12 12.91 -12.59 1.20
C SER B 12 13.17 -12.14 -0.23
N GLU B 13 12.12 -11.73 -0.93
CA GLU B 13 12.26 -11.25 -2.30
C GLU B 13 12.80 -9.83 -2.34
N GLU B 14 12.57 -9.07 -1.27
CA GLU B 14 13.10 -7.71 -1.17
C GLU B 14 14.63 -7.71 -1.22
N ALA B 15 15.23 -8.80 -0.76
CA ALA B 15 16.68 -8.92 -0.76
C ALA B 15 17.23 -8.91 -2.18
N GLN B 16 16.37 -9.17 -3.15
CA GLN B 16 16.78 -9.17 -4.55
C GLN B 16 16.63 -7.78 -5.16
N ASP B 17 15.82 -6.94 -4.51
CA ASP B 17 15.60 -5.57 -4.99
C ASP B 17 16.50 -4.60 -4.22
N MET B 18 16.62 -4.85 -2.91
CA MET B 18 17.48 -4.08 -2.01
C MET B 18 16.90 -2.69 -1.74
N GLY B 19 16.71 -1.91 -2.78
CA GLY B 19 16.14 -0.59 -2.63
C GLY B 19 17.05 0.48 -3.19
N PRO A 1 -6.08 8.94 -15.79
CA PRO A 1 -5.52 7.58 -16.03
C PRO A 1 -4.75 7.09 -14.79
N SER A 2 -4.42 5.80 -14.81
CA SER A 2 -3.58 5.14 -13.80
C SER A 2 -4.13 5.24 -12.36
N HIS A 3 -5.32 5.82 -12.19
CA HIS A 3 -5.88 6.01 -10.87
C HIS A 3 -6.73 4.82 -10.45
N SER A 4 -6.92 3.88 -11.35
CA SER A 4 -7.73 2.71 -11.02
C SER A 4 -7.35 1.51 -11.85
N GLY A 5 -7.71 0.35 -11.33
CA GLY A 5 -7.40 -0.91 -11.95
C GLY A 5 -7.83 -2.04 -11.09
N ALA A 6 -8.13 -3.17 -11.70
CA ALA A 6 -8.70 -4.29 -10.99
C ALA A 6 -7.70 -4.88 -9.99
N ALA A 7 -8.09 -4.81 -8.73
CA ALA A 7 -7.26 -5.31 -7.65
C ALA A 7 -8.05 -6.30 -6.82
N ILE A 8 -7.39 -6.95 -5.90
CA ILE A 8 -8.00 -7.95 -5.06
C ILE A 8 -7.66 -7.69 -3.59
N PHE A 9 -8.65 -7.77 -2.74
CA PHE A 9 -8.49 -7.44 -1.33
C PHE A 9 -9.42 -8.31 -0.50
N GLU A 10 -8.87 -8.93 0.55
CA GLU A 10 -9.64 -9.85 1.40
C GLU A 10 -10.13 -11.06 0.61
N LYS A 11 -9.27 -11.51 -0.29
CA LYS A 11 -9.51 -12.70 -1.13
C LYS A 11 -10.69 -12.53 -2.08
N VAL A 12 -11.28 -11.35 -2.12
CA VAL A 12 -12.29 -11.04 -3.11
C VAL A 12 -11.70 -10.05 -4.10
N SER A 13 -12.16 -10.13 -5.33
CA SER A 13 -11.61 -9.31 -6.39
C SER A 13 -12.44 -8.07 -6.63
N GLY A 14 -11.81 -7.04 -7.16
CA GLY A 14 -12.48 -5.79 -7.44
C GLY A 14 -11.61 -4.83 -8.21
N ILE A 15 -11.82 -3.54 -8.00
CA ILE A 15 -10.98 -2.51 -8.58
C ILE A 15 -10.41 -1.62 -7.48
N ILE A 16 -9.20 -1.16 -7.67
CA ILE A 16 -8.60 -0.17 -6.79
C ILE A 16 -8.74 1.19 -7.48
N ALA A 17 -9.20 2.19 -6.76
CA ALA A 17 -9.57 3.47 -7.38
C ALA A 17 -9.14 4.66 -6.52
N ILE A 18 -8.17 5.40 -7.00
CA ILE A 18 -7.67 6.56 -6.29
C ILE A 18 -8.40 7.81 -6.74
N ASN A 19 -8.99 8.50 -5.79
CA ASN A 19 -9.86 9.62 -6.08
C ASN A 19 -9.28 10.92 -5.57
N GLU A 20 -9.19 11.92 -6.42
CA GLU A 20 -8.93 13.24 -5.94
C GLU A 20 -10.08 14.15 -6.36
N ASP A 21 -11.20 13.92 -5.70
CA ASP A 21 -12.34 14.85 -5.71
C ASP A 21 -12.46 15.45 -4.34
N VAL A 22 -11.93 14.68 -3.43
CA VAL A 22 -12.20 14.80 -2.02
C VAL A 22 -11.03 15.39 -1.27
N SER A 23 -11.12 15.34 0.03
CA SER A 23 -10.03 15.75 0.89
C SER A 23 -8.99 14.65 0.80
N PRO A 24 -7.76 14.82 1.32
CA PRO A 24 -6.55 14.23 0.73
C PRO A 24 -6.80 12.87 0.08
N ALA A 25 -6.41 12.82 -1.20
CA ALA A 25 -6.76 11.75 -2.13
C ALA A 25 -6.81 10.39 -1.48
N GLU A 26 -7.89 9.67 -1.69
CA GLU A 26 -8.05 8.40 -1.05
C GLU A 26 -8.09 7.29 -2.10
N LEU A 27 -7.62 6.12 -1.71
CA LEU A 27 -7.60 4.97 -2.57
C LEU A 27 -8.75 4.06 -2.19
N THR A 28 -9.52 3.67 -3.16
CA THR A 28 -10.75 2.97 -2.89
C THR A 28 -10.77 1.63 -3.59
N TRP A 29 -10.64 0.55 -2.83
CA TRP A 29 -10.80 -0.76 -3.41
C TRP A 29 -12.26 -1.18 -3.29
N ARG A 30 -12.88 -1.42 -4.42
CA ARG A 30 -14.24 -1.88 -4.46
C ARG A 30 -14.33 -3.20 -5.17
N SER A 31 -14.90 -4.18 -4.48
CA SER A 31 -15.07 -5.50 -5.01
C SER A 31 -15.87 -5.46 -6.29
N THR A 32 -15.64 -6.39 -7.22
CA THR A 32 -16.27 -6.33 -8.53
C THR A 32 -17.78 -6.12 -8.45
N ASP A 33 -18.41 -6.73 -7.43
CA ASP A 33 -19.85 -6.63 -7.25
C ASP A 33 -20.28 -5.20 -6.89
N GLY A 34 -19.37 -4.48 -6.24
CA GLY A 34 -19.66 -3.11 -5.84
C GLY A 34 -20.09 -3.03 -4.39
N ASP A 35 -20.07 -4.16 -3.72
CA ASP A 35 -20.49 -4.25 -2.33
C ASP A 35 -19.39 -3.73 -1.40
N LYS A 36 -18.25 -4.41 -1.43
CA LYS A 36 -17.13 -4.04 -0.59
C LYS A 36 -16.36 -2.86 -1.17
N VAL A 37 -16.28 -1.79 -0.40
CA VAL A 37 -15.52 -0.60 -0.76
C VAL A 37 -14.64 -0.19 0.41
N HIS A 38 -13.33 -0.16 0.19
CA HIS A 38 -12.41 0.20 1.24
C HIS A 38 -11.60 1.41 0.80
N THR A 39 -11.66 2.47 1.60
CA THR A 39 -11.07 3.73 1.21
C THR A 39 -9.86 4.10 2.08
N VAL A 40 -8.77 4.42 1.41
CA VAL A 40 -7.50 4.76 2.06
C VAL A 40 -7.10 6.19 1.71
N VAL A 41 -7.31 7.13 2.63
CA VAL A 41 -6.87 8.50 2.42
C VAL A 41 -5.34 8.56 2.47
N LEU A 42 -4.77 8.92 1.34
CA LEU A 42 -3.33 8.81 1.11
C LEU A 42 -2.51 9.72 2.02
N SER A 43 -3.18 10.68 2.64
CA SER A 43 -2.49 11.58 3.57
C SER A 43 -2.07 10.83 4.83
N THR A 44 -2.64 9.65 5.05
CA THR A 44 -2.34 8.86 6.23
C THR A 44 -1.28 7.82 5.92
N ILE A 45 -0.80 7.80 4.68
CA ILE A 45 0.19 6.85 4.25
C ILE A 45 1.59 7.48 4.19
N ASP A 46 2.59 6.72 4.61
CA ASP A 46 3.97 7.19 4.68
C ASP A 46 4.80 6.62 3.53
N LYS A 47 4.64 5.34 3.27
CA LYS A 47 5.45 4.67 2.27
C LYS A 47 4.58 3.83 1.36
N LEU A 48 5.15 3.39 0.26
CA LEU A 48 4.44 2.55 -0.68
C LEU A 48 5.38 1.51 -1.24
N GLN A 49 4.93 0.28 -1.23
CA GLN A 49 5.75 -0.83 -1.67
C GLN A 49 5.02 -1.62 -2.75
N ALA A 50 5.78 -2.30 -3.58
CA ALA A 50 5.21 -3.05 -4.70
C ALA A 50 6.07 -4.27 -5.00
N THR A 51 5.51 -5.22 -5.74
CA THR A 51 6.24 -6.42 -6.12
C THR A 51 7.33 -6.11 -7.15
N PRO A 52 8.45 -6.84 -7.09
CA PRO A 52 9.52 -6.73 -8.06
C PRO A 52 9.05 -7.05 -9.48
N ALA A 53 9.44 -6.21 -10.43
CA ALA A 53 9.03 -6.36 -11.83
C ALA A 53 9.58 -7.64 -12.44
N SER A 54 10.53 -8.25 -11.74
CA SER A 54 11.10 -9.52 -12.17
C SER A 54 10.12 -10.65 -11.91
N SER A 55 9.11 -10.37 -11.11
CA SER A 55 8.05 -11.33 -10.81
C SER A 55 6.81 -10.99 -11.63
N GLU A 56 5.96 -11.98 -11.83
CA GLU A 56 4.73 -11.76 -12.56
C GLU A 56 3.62 -11.24 -11.66
N LYS A 57 3.62 -11.72 -10.41
CA LYS A 57 2.56 -11.39 -9.49
C LYS A 57 2.62 -9.92 -9.07
N MET A 58 1.46 -9.32 -8.87
CA MET A 58 1.37 -7.89 -8.63
C MET A 58 0.82 -7.62 -7.23
N MET A 59 1.59 -6.95 -6.39
CA MET A 59 1.17 -6.62 -5.05
C MET A 59 1.58 -5.20 -4.69
N LEU A 60 0.64 -4.44 -4.13
CA LEU A 60 0.94 -3.10 -3.64
C LEU A 60 0.77 -3.06 -2.13
N ARG A 61 1.58 -2.25 -1.47
CA ARG A 61 1.39 -2.00 -0.05
C ARG A 61 1.27 -0.53 0.24
N LEU A 62 0.33 -0.23 1.10
CA LEU A 62 0.09 1.11 1.59
C LEU A 62 0.65 1.21 3.00
N ILE A 63 1.78 1.83 3.15
CA ILE A 63 2.44 1.89 4.45
C ILE A 63 1.93 3.09 5.22
N GLY A 64 1.02 2.87 6.15
CA GLY A 64 0.43 3.98 6.88
C GLY A 64 1.41 4.69 7.79
N LYS A 65 1.19 5.98 8.02
CA LYS A 65 2.07 6.78 8.84
C LYS A 65 1.96 6.42 10.30
N VAL A 66 3.05 6.69 10.97
CA VAL A 66 3.16 6.48 12.39
C VAL A 66 3.46 7.78 13.10
N ASP A 67 2.94 7.92 14.30
CA ASP A 67 3.34 8.99 15.19
C ASP A 67 4.25 8.42 16.25
N GLU A 68 5.45 8.96 16.35
CA GLU A 68 6.46 8.46 17.28
C GLU A 68 5.99 8.61 18.72
N SER A 69 5.02 9.50 18.92
CA SER A 69 4.51 9.78 20.26
C SER A 69 3.43 8.77 20.67
N LYS A 70 3.02 7.89 19.76
CA LYS A 70 2.04 6.86 20.10
C LYS A 70 2.75 5.64 20.68
N LYS A 71 3.96 5.37 20.21
CA LYS A 71 4.81 4.38 20.84
C LYS A 71 5.68 5.04 21.87
N ARG A 72 6.12 4.28 22.85
CA ARG A 72 6.90 4.84 23.93
C ARG A 72 8.38 4.66 23.72
N LYS A 73 9.10 5.62 24.26
CA LYS A 73 10.55 5.62 24.19
C LYS A 73 11.14 4.62 25.16
N ASP A 74 12.34 4.15 24.84
CA ASP A 74 13.03 3.19 25.70
C ASP A 74 13.69 3.92 26.87
N ASN A 75 14.43 3.22 27.70
CA ASN A 75 15.03 3.81 28.91
C ASN A 75 15.95 4.98 28.55
N GLU A 76 16.59 4.89 27.39
CA GLU A 76 17.52 5.92 26.95
C GLU A 76 16.81 7.04 26.21
N GLY A 77 15.48 6.97 26.22
CA GLY A 77 14.68 7.98 25.57
C GLY A 77 14.94 8.10 24.09
N ASN A 78 15.27 6.97 23.47
CA ASN A 78 15.46 6.90 22.02
C ASN A 78 14.34 7.57 21.24
N GLU A 79 13.11 7.50 21.76
CA GLU A 79 11.94 7.96 21.02
C GLU A 79 11.85 7.21 19.70
N VAL A 80 11.58 5.91 19.80
CA VAL A 80 11.63 5.03 18.65
C VAL A 80 10.38 5.19 17.80
N VAL A 81 10.54 4.99 16.50
CA VAL A 81 9.43 5.04 15.58
C VAL A 81 8.82 3.66 15.41
N PRO A 82 7.51 3.54 15.65
CA PRO A 82 6.82 2.25 15.61
C PRO A 82 6.68 1.73 14.19
N LYS A 83 6.63 0.41 14.04
CA LYS A 83 6.45 -0.20 12.74
C LYS A 83 5.07 0.11 12.18
N PRO A 84 5.05 0.77 11.02
CA PRO A 84 3.84 1.25 10.36
C PRO A 84 2.84 0.14 10.03
N GLN A 85 1.56 0.43 10.21
CA GLN A 85 0.51 -0.48 9.81
C GLN A 85 0.21 -0.29 8.33
N ARG A 86 0.43 -1.33 7.56
CA ARG A 86 0.33 -1.23 6.13
C ARG A 86 -0.86 -2.01 5.58
N HIS A 87 -1.26 -1.65 4.38
CA HIS A 87 -2.37 -2.29 3.70
C HIS A 87 -1.83 -2.96 2.45
N MET A 88 -2.40 -4.08 2.05
CA MET A 88 -1.89 -4.78 0.89
C MET A 88 -3.00 -5.08 -0.11
N PHE A 89 -2.77 -4.74 -1.36
CA PHE A 89 -3.74 -5.00 -2.41
C PHE A 89 -3.08 -5.80 -3.54
N SER A 90 -3.79 -6.79 -4.02
CA SER A 90 -3.31 -7.61 -5.12
C SER A 90 -3.91 -7.11 -6.43
N PHE A 91 -3.22 -7.31 -7.54
CA PHE A 91 -3.82 -7.09 -8.86
C PHE A 91 -3.59 -8.33 -9.71
N ASN A 92 -4.10 -8.29 -10.93
CA ASN A 92 -3.84 -9.34 -11.90
C ASN A 92 -3.49 -8.73 -13.24
N ASN A 93 -2.87 -7.56 -13.20
CA ASN A 93 -2.37 -6.90 -14.38
C ASN A 93 -1.14 -6.10 -14.00
N ARG A 94 -0.01 -6.40 -14.63
CA ARG A 94 1.26 -5.82 -14.23
C ARG A 94 1.35 -4.36 -14.63
N THR A 95 0.63 -3.98 -15.66
CA THR A 95 0.51 -2.59 -16.06
C THR A 95 -0.27 -1.80 -14.99
N VAL A 96 -1.40 -2.37 -14.57
CA VAL A 96 -2.20 -1.81 -13.48
C VAL A 96 -1.35 -1.50 -12.27
N MET A 97 -0.67 -2.51 -11.73
CA MET A 97 0.09 -2.34 -10.50
C MET A 97 1.07 -1.19 -10.60
N ASP A 98 1.83 -1.16 -11.68
CA ASP A 98 2.81 -0.11 -11.95
C ASP A 98 2.14 1.27 -12.04
N ASN A 99 1.01 1.34 -12.73
CA ASN A 99 0.26 2.58 -12.86
C ASN A 99 -0.25 3.04 -11.51
N ILE A 100 -0.91 2.14 -10.80
CA ILE A 100 -1.36 2.39 -9.44
C ILE A 100 -0.16 2.74 -8.55
N LYS A 101 0.91 1.96 -8.67
CA LYS A 101 2.17 2.21 -7.97
C LYS A 101 2.54 3.68 -8.02
N MET A 102 2.80 4.14 -9.22
CA MET A 102 3.22 5.49 -9.49
C MET A 102 2.20 6.50 -8.99
N THR A 103 0.94 6.27 -9.31
CA THR A 103 -0.14 7.16 -8.92
C THR A 103 -0.18 7.35 -7.41
N LEU A 104 -0.10 6.26 -6.68
CA LEU A 104 -0.21 6.29 -5.23
C LEU A 104 1.04 6.91 -4.63
N GLN A 105 2.17 6.41 -5.09
CA GLN A 105 3.48 6.82 -4.63
C GLN A 105 3.65 8.34 -4.67
N GLN A 106 3.35 8.93 -5.82
CA GLN A 106 3.53 10.36 -6.00
C GLN A 106 2.58 11.18 -5.13
N ILE A 107 1.32 10.77 -5.08
CA ILE A 107 0.35 11.46 -4.23
C ILE A 107 0.78 11.36 -2.76
N ILE A 108 1.26 10.19 -2.37
CA ILE A 108 1.84 9.99 -1.05
C ILE A 108 2.97 10.98 -0.81
N SER A 109 3.90 11.02 -1.74
CA SER A 109 5.06 11.86 -1.65
C SER A 109 4.69 13.35 -1.64
N ARG A 110 3.53 13.66 -2.19
CA ARG A 110 3.04 15.01 -2.24
C ARG A 110 2.51 15.42 -0.87
N TYR A 111 1.99 14.46 -0.14
CA TYR A 111 1.55 14.69 1.24
C TYR A 111 2.72 14.48 2.19
N LYS A 112 3.75 13.83 1.69
CA LYS A 112 4.98 13.63 2.45
C LYS A 112 5.77 14.92 2.46
N ASP A 113 6.12 15.37 1.27
CA ASP A 113 6.81 16.62 1.09
C ASP A 113 5.92 17.79 1.42
N ALA A 114 4.62 17.58 1.21
CA ALA A 114 3.59 18.60 1.47
C ALA A 114 3.82 19.83 0.62
N ASP A 115 4.49 19.64 -0.50
CA ASP A 115 4.85 20.73 -1.40
C ASP A 115 3.70 21.01 -2.37
N ASP B 1 0.44 -18.43 9.59
CA ASP B 1 1.22 -19.08 8.51
C ASP B 1 1.06 -18.34 7.19
N THR B 2 -0.18 -17.99 6.86
CA THR B 2 -0.47 -17.34 5.58
C THR B 2 0.14 -15.94 5.51
N GLN B 3 -0.12 -15.13 6.52
CA GLN B 3 0.43 -13.77 6.57
C GLN B 3 1.93 -13.84 6.78
N ASP B 4 2.39 -14.90 7.42
CA ASP B 4 3.81 -15.10 7.71
C ASP B 4 4.60 -15.15 6.40
N ASP B 5 4.01 -15.80 5.40
CA ASP B 5 4.61 -15.84 4.07
C ASP B 5 4.79 -14.45 3.51
N PHE B 6 3.73 -13.64 3.62
CA PHE B 6 3.73 -12.28 3.11
C PHE B 6 4.79 -11.42 3.82
N LEU B 7 5.14 -11.82 5.03
CA LEU B 7 6.15 -11.11 5.79
C LEU B 7 7.55 -11.48 5.31
N LYS B 8 7.81 -12.79 5.23
CA LYS B 8 9.14 -13.29 4.93
C LYS B 8 9.51 -13.11 3.46
N TRP B 9 8.58 -13.38 2.56
CA TRP B 9 8.89 -13.38 1.13
C TRP B 9 9.21 -11.95 0.65
N TRP B 10 8.55 -10.97 1.24
CA TRP B 10 8.74 -9.59 0.83
C TRP B 10 10.14 -9.12 1.22
N ARG B 11 10.57 -9.52 2.40
CA ARG B 11 11.90 -9.16 2.87
C ARG B 11 12.96 -9.97 2.12
N SER B 12 12.57 -11.13 1.61
CA SER B 12 13.43 -11.93 0.77
C SER B 12 13.62 -11.23 -0.58
N GLU B 13 12.52 -10.74 -1.15
CA GLU B 13 12.58 -10.00 -2.41
C GLU B 13 13.35 -8.71 -2.23
N GLU B 14 13.08 -8.02 -1.12
CA GLU B 14 13.78 -6.79 -0.76
C GLU B 14 15.28 -7.05 -0.66
N ALA B 15 15.62 -8.23 -0.15
CA ALA B 15 17.01 -8.64 0.01
C ALA B 15 17.68 -8.80 -1.36
N GLN B 16 16.91 -9.25 -2.34
CA GLN B 16 17.44 -9.45 -3.69
C GLN B 16 17.82 -8.12 -4.34
N ASP B 17 17.11 -7.07 -3.95
CA ASP B 17 17.44 -5.72 -4.42
C ASP B 17 18.72 -5.24 -3.76
N MET B 18 18.91 -5.67 -2.52
CA MET B 18 20.09 -5.29 -1.74
C MET B 18 21.33 -6.01 -2.26
N GLY B 19 21.21 -7.30 -2.50
CA GLY B 19 22.33 -8.07 -3.01
C GLY B 19 22.03 -9.56 -3.04
N PRO A 1 -5.65 1.42 -17.86
CA PRO A 1 -6.31 1.97 -16.65
C PRO A 1 -5.34 2.84 -15.86
N SER A 2 -5.83 3.99 -15.41
CA SER A 2 -5.00 4.89 -14.61
C SER A 2 -5.77 5.33 -13.37
N HIS A 3 -5.04 5.48 -12.26
CA HIS A 3 -5.64 5.79 -10.94
C HIS A 3 -6.42 4.59 -10.40
N SER A 4 -6.74 3.65 -11.25
CA SER A 4 -7.53 2.50 -10.86
C SER A 4 -7.12 1.26 -11.63
N GLY A 5 -7.61 0.13 -11.16
CA GLY A 5 -7.31 -1.14 -11.74
C GLY A 5 -7.82 -2.24 -10.87
N ALA A 6 -8.19 -3.35 -11.49
CA ALA A 6 -8.81 -4.43 -10.74
C ALA A 6 -7.82 -5.06 -9.76
N ALA A 7 -8.18 -5.00 -8.50
CA ALA A 7 -7.35 -5.50 -7.43
C ALA A 7 -8.14 -6.46 -6.57
N ILE A 8 -7.47 -7.11 -5.65
CA ILE A 8 -8.09 -8.09 -4.79
C ILE A 8 -7.73 -7.82 -3.33
N PHE A 9 -8.73 -7.86 -2.46
CA PHE A 9 -8.55 -7.52 -1.06
C PHE A 9 -9.54 -8.32 -0.22
N GLU A 10 -9.10 -8.87 0.91
CA GLU A 10 -9.94 -9.71 1.77
C GLU A 10 -10.41 -10.95 1.04
N LYS A 11 -9.54 -11.45 0.19
CA LYS A 11 -9.76 -12.67 -0.59
C LYS A 11 -10.95 -12.55 -1.55
N VAL A 12 -11.43 -11.32 -1.73
CA VAL A 12 -12.44 -11.03 -2.75
C VAL A 12 -11.84 -10.07 -3.77
N SER A 13 -12.30 -10.18 -4.99
CA SER A 13 -11.77 -9.37 -6.07
C SER A 13 -12.56 -8.08 -6.23
N GLY A 14 -11.90 -7.07 -6.76
CA GLY A 14 -12.51 -5.78 -6.98
C GLY A 14 -11.65 -4.86 -7.82
N ILE A 15 -11.82 -3.57 -7.65
CA ILE A 15 -10.96 -2.58 -8.28
C ILE A 15 -10.33 -1.70 -7.21
N ILE A 16 -9.11 -1.28 -7.43
CA ILE A 16 -8.48 -0.29 -6.59
C ILE A 16 -8.58 1.06 -7.32
N ALA A 17 -9.01 2.09 -6.63
CA ALA A 17 -9.34 3.36 -7.28
C ALA A 17 -8.88 4.57 -6.49
N ILE A 18 -7.83 5.21 -6.96
CA ILE A 18 -7.33 6.42 -6.33
C ILE A 18 -8.09 7.63 -6.86
N ASN A 19 -8.76 8.33 -5.98
CA ASN A 19 -9.62 9.43 -6.35
C ASN A 19 -9.02 10.76 -5.95
N GLU A 20 -8.85 11.67 -6.89
CA GLU A 20 -8.52 13.01 -6.54
C GLU A 20 -9.63 13.92 -7.05
N ASP A 21 -10.77 13.82 -6.39
CA ASP A 21 -11.85 14.78 -6.52
C ASP A 21 -12.00 15.51 -5.20
N VAL A 22 -11.53 14.80 -4.19
CA VAL A 22 -11.85 15.07 -2.80
C VAL A 22 -10.67 15.65 -2.05
N SER A 23 -10.82 15.74 -0.75
CA SER A 23 -9.75 16.12 0.13
C SER A 23 -8.81 14.91 0.21
N PRO A 24 -7.61 15.01 0.82
CA PRO A 24 -6.42 14.31 0.33
C PRO A 24 -6.72 12.96 -0.31
N ALA A 25 -6.24 12.83 -1.55
CA ALA A 25 -6.62 11.74 -2.46
C ALA A 25 -6.75 10.42 -1.75
N GLU A 26 -7.83 9.73 -2.00
CA GLU A 26 -8.07 8.49 -1.31
C GLU A 26 -8.11 7.34 -2.30
N LEU A 27 -7.66 6.19 -1.84
CA LEU A 27 -7.64 4.99 -2.65
C LEU A 27 -8.79 4.11 -2.24
N THR A 28 -9.56 3.68 -3.19
CA THR A 28 -10.76 2.95 -2.90
C THR A 28 -10.72 1.57 -3.53
N TRP A 29 -10.55 0.55 -2.73
CA TRP A 29 -10.70 -0.79 -3.23
C TRP A 29 -12.14 -1.19 -3.08
N ARG A 30 -12.77 -1.55 -4.18
CA ARG A 30 -14.14 -1.97 -4.13
C ARG A 30 -14.34 -3.22 -4.93
N SER A 31 -14.94 -4.19 -4.27
CA SER A 31 -15.15 -5.51 -4.82
C SER A 31 -16.00 -5.41 -6.08
N THR A 32 -15.68 -6.26 -7.06
CA THR A 32 -16.30 -6.21 -8.38
C THR A 32 -17.82 -6.33 -8.30
N ASP A 33 -18.29 -6.92 -7.21
CA ASP A 33 -19.73 -7.09 -6.97
C ASP A 33 -20.39 -5.74 -6.68
N GLY A 34 -19.62 -4.80 -6.16
CA GLY A 34 -20.13 -3.47 -5.88
C GLY A 34 -20.51 -3.28 -4.42
N ASP A 35 -20.33 -4.33 -3.64
CA ASP A 35 -20.72 -4.32 -2.24
C ASP A 35 -19.61 -3.74 -1.36
N LYS A 36 -18.46 -4.41 -1.34
CA LYS A 36 -17.33 -3.97 -0.53
C LYS A 36 -16.63 -2.78 -1.13
N VAL A 37 -16.42 -1.75 -0.32
CA VAL A 37 -15.68 -0.55 -0.70
C VAL A 37 -14.82 -0.10 0.47
N HIS A 38 -13.53 0.04 0.25
CA HIS A 38 -12.62 0.43 1.31
C HIS A 38 -11.78 1.62 0.86
N THR A 39 -11.85 2.70 1.61
CA THR A 39 -11.25 3.95 1.18
C THR A 39 -10.05 4.35 2.05
N VAL A 40 -8.90 4.48 1.40
CA VAL A 40 -7.64 4.84 2.02
C VAL A 40 -7.23 6.25 1.63
N VAL A 41 -7.43 7.22 2.50
CA VAL A 41 -6.99 8.58 2.22
C VAL A 41 -5.47 8.64 2.32
N LEU A 42 -4.84 8.96 1.19
CA LEU A 42 -3.39 8.94 1.04
C LEU A 42 -2.65 9.72 2.12
N SER A 43 -3.31 10.73 2.68
CA SER A 43 -2.68 11.60 3.67
C SER A 43 -2.26 10.81 4.91
N THR A 44 -2.78 9.61 5.08
CA THR A 44 -2.47 8.80 6.24
C THR A 44 -1.45 7.71 5.90
N ILE A 45 -0.98 7.74 4.67
CA ILE A 45 0.01 6.79 4.20
C ILE A 45 1.40 7.41 4.24
N ASP A 46 2.38 6.60 4.63
CA ASP A 46 3.77 7.04 4.75
C ASP A 46 4.57 6.60 3.52
N LYS A 47 4.36 5.35 3.11
CA LYS A 47 5.10 4.78 1.99
C LYS A 47 4.20 3.85 1.20
N LEU A 48 4.71 3.34 0.11
CA LEU A 48 4.08 2.25 -0.62
C LEU A 48 5.15 1.31 -1.10
N GLN A 49 4.80 0.05 -1.29
CA GLN A 49 5.77 -0.95 -1.72
C GLN A 49 5.15 -1.85 -2.78
N ALA A 50 5.93 -2.18 -3.78
CA ALA A 50 5.45 -2.98 -4.89
C ALA A 50 6.36 -4.17 -5.13
N THR A 51 5.78 -5.24 -5.64
CA THR A 51 6.51 -6.48 -5.86
C THR A 51 7.52 -6.35 -6.99
N PRO A 52 8.65 -7.07 -6.85
CA PRO A 52 9.75 -7.05 -7.83
C PRO A 52 9.28 -7.42 -9.24
N ALA A 53 9.84 -6.73 -10.23
CA ALA A 53 9.49 -6.94 -11.62
C ALA A 53 9.89 -8.34 -12.08
N SER A 54 10.79 -8.96 -11.34
CA SER A 54 11.22 -10.31 -11.62
C SER A 54 10.09 -11.30 -11.31
N SER A 55 9.30 -10.96 -10.31
CA SER A 55 8.18 -11.75 -9.92
C SER A 55 6.96 -11.42 -10.78
N GLU A 56 6.16 -12.44 -11.08
CA GLU A 56 4.97 -12.25 -11.86
C GLU A 56 3.85 -11.66 -11.00
N LYS A 57 3.74 -12.17 -9.79
CA LYS A 57 2.61 -11.81 -8.95
C LYS A 57 2.61 -10.32 -8.66
N MET A 58 1.44 -9.73 -8.81
CA MET A 58 1.31 -8.29 -8.83
C MET A 58 0.66 -7.78 -7.55
N MET A 59 1.43 -7.01 -6.78
CA MET A 59 1.00 -6.58 -5.46
C MET A 59 1.43 -5.15 -5.15
N LEU A 60 0.57 -4.39 -4.50
CA LEU A 60 0.94 -3.11 -3.94
C LEU A 60 0.67 -3.11 -2.45
N ARG A 61 1.53 -2.41 -1.72
CA ARG A 61 1.31 -2.21 -0.30
C ARG A 61 1.03 -0.75 0.00
N LEU A 62 0.27 -0.53 1.04
CA LEU A 62 0.00 0.80 1.55
C LEU A 62 0.62 0.91 2.91
N ILE A 63 1.72 1.62 2.99
CA ILE A 63 2.42 1.73 4.25
C ILE A 63 1.85 2.90 5.02
N GLY A 64 0.95 2.60 5.95
CA GLY A 64 0.25 3.66 6.64
C GLY A 64 1.09 4.31 7.71
N LYS A 65 0.81 5.57 7.97
CA LYS A 65 1.57 6.35 8.92
C LYS A 65 1.41 5.81 10.33
N VAL A 66 2.39 6.14 11.14
CA VAL A 66 2.45 5.68 12.51
C VAL A 66 2.33 6.84 13.46
N ASP A 67 2.10 6.53 14.72
CA ASP A 67 1.92 7.55 15.74
C ASP A 67 3.19 7.71 16.55
N GLU A 68 3.98 8.74 16.20
CA GLU A 68 5.25 8.99 16.83
C GLU A 68 5.08 9.27 18.33
N SER A 69 4.06 10.04 18.67
CA SER A 69 3.83 10.44 20.05
C SER A 69 3.31 9.27 20.90
N LYS A 70 2.76 8.25 20.23
CA LYS A 70 2.25 7.09 20.92
C LYS A 70 3.38 6.22 21.44
N LYS A 71 4.48 6.18 20.71
CA LYS A 71 5.60 5.33 21.06
C LYS A 71 6.61 6.06 21.93
N ARG A 72 7.39 5.27 22.64
CA ARG A 72 8.44 5.80 23.50
C ARG A 72 9.76 5.13 23.17
N LYS A 73 10.84 5.77 23.60
CA LYS A 73 12.18 5.28 23.32
C LYS A 73 12.51 4.08 24.21
N ASP A 74 13.59 3.41 23.89
CA ASP A 74 14.01 2.23 24.65
C ASP A 74 14.81 2.67 25.87
N ASN A 75 15.40 1.73 26.61
CA ASN A 75 16.11 2.09 27.84
C ASN A 75 17.38 2.88 27.53
N GLU A 76 17.82 2.85 26.29
CA GLU A 76 18.95 3.66 25.85
C GLU A 76 18.48 4.89 25.08
N GLY A 77 17.18 5.16 25.18
CA GLY A 77 16.58 6.26 24.43
C GLY A 77 16.78 6.09 22.95
N ASN A 78 16.59 4.86 22.47
CA ASN A 78 16.83 4.52 21.07
C ASN A 78 15.97 5.35 20.12
N GLU A 79 14.71 5.59 20.49
CA GLU A 79 13.77 6.28 19.62
C GLU A 79 13.68 5.54 18.29
N VAL A 80 12.93 4.45 18.32
CA VAL A 80 12.84 3.54 17.20
C VAL A 80 11.52 3.73 16.47
N VAL A 81 11.55 3.51 15.16
CA VAL A 81 10.36 3.66 14.35
C VAL A 81 9.47 2.42 14.48
N PRO A 82 8.18 2.62 14.79
CA PRO A 82 7.22 1.53 14.88
C PRO A 82 6.77 1.06 13.51
N LYS A 83 6.52 -0.24 13.39
CA LYS A 83 6.12 -0.81 12.11
C LYS A 83 4.79 -0.27 11.64
N PRO A 84 4.83 0.45 10.51
CA PRO A 84 3.67 1.10 9.90
C PRO A 84 2.57 0.12 9.54
N GLN A 85 1.33 0.55 9.70
CA GLN A 85 0.18 -0.28 9.40
C GLN A 85 0.03 -0.43 7.88
N ARG A 86 0.20 -1.63 7.41
CA ARG A 86 0.22 -1.89 5.98
C ARG A 86 -1.07 -2.49 5.47
N HIS A 87 -1.44 -2.05 4.29
CA HIS A 87 -2.57 -2.62 3.56
C HIS A 87 -2.02 -3.25 2.28
N MET A 88 -2.53 -4.40 1.90
CA MET A 88 -1.97 -5.09 0.74
C MET A 88 -3.05 -5.45 -0.26
N PHE A 89 -2.82 -5.13 -1.53
CA PHE A 89 -3.81 -5.37 -2.56
C PHE A 89 -3.19 -6.12 -3.73
N SER A 90 -3.92 -7.10 -4.25
CA SER A 90 -3.44 -7.95 -5.32
C SER A 90 -4.00 -7.51 -6.67
N PHE A 91 -3.15 -7.38 -7.67
CA PHE A 91 -3.60 -7.06 -9.03
C PHE A 91 -3.35 -8.23 -9.96
N ASN A 92 -3.77 -8.07 -11.20
CA ASN A 92 -3.64 -9.12 -12.20
C ASN A 92 -3.20 -8.54 -13.54
N ASN A 93 -2.71 -7.30 -13.54
CA ASN A 93 -2.20 -6.68 -14.75
C ASN A 93 -0.92 -5.90 -14.45
N ARG A 94 0.02 -5.96 -15.39
CA ARG A 94 1.37 -5.46 -15.18
C ARG A 94 1.39 -3.93 -15.12
N THR A 95 0.65 -3.30 -16.03
CA THR A 95 0.56 -1.85 -16.07
C THR A 95 -0.11 -1.31 -14.80
N VAL A 96 -1.23 -1.92 -14.43
CA VAL A 96 -1.96 -1.55 -13.21
C VAL A 96 -1.00 -1.41 -12.03
N MET A 97 -0.18 -2.42 -11.80
CA MET A 97 0.86 -2.34 -10.77
C MET A 97 1.61 -1.02 -10.81
N ASP A 98 2.24 -0.73 -11.94
CA ASP A 98 3.11 0.43 -12.05
C ASP A 98 2.30 1.73 -12.04
N ASN A 99 1.10 1.68 -12.59
CA ASN A 99 0.24 2.86 -12.64
C ASN A 99 -0.26 3.21 -11.24
N ILE A 100 -0.83 2.22 -10.57
CA ILE A 100 -1.27 2.37 -9.19
C ILE A 100 -0.09 2.75 -8.31
N LYS A 101 1.05 2.10 -8.57
CA LYS A 101 2.31 2.45 -7.91
C LYS A 101 2.56 3.93 -7.99
N MET A 102 2.76 4.40 -9.21
CA MET A 102 3.05 5.77 -9.51
C MET A 102 2.01 6.71 -8.93
N THR A 103 0.74 6.41 -9.21
CA THR A 103 -0.38 7.19 -8.72
C THR A 103 -0.27 7.44 -7.22
N LEU A 104 -0.19 6.36 -6.45
CA LEU A 104 -0.04 6.43 -5.01
C LEU A 104 1.24 7.14 -4.63
N GLN A 105 2.35 6.62 -5.14
CA GLN A 105 3.70 7.10 -4.86
C GLN A 105 3.79 8.62 -4.91
N GLN A 106 3.37 9.22 -6.01
CA GLN A 106 3.46 10.65 -6.20
C GLN A 106 2.59 11.38 -5.18
N ILE A 107 1.37 10.91 -4.98
CA ILE A 107 0.46 11.52 -4.02
C ILE A 107 1.03 11.42 -2.61
N ILE A 108 1.54 10.24 -2.26
CA ILE A 108 2.22 10.02 -0.99
C ILE A 108 3.36 11.02 -0.81
N SER A 109 4.13 11.21 -1.87
CA SER A 109 5.25 12.14 -1.85
C SER A 109 4.78 13.59 -1.79
N ARG A 110 3.60 13.86 -2.36
CA ARG A 110 3.01 15.21 -2.30
C ARG A 110 2.74 15.61 -0.86
N TYR A 111 2.38 14.63 -0.04
CA TYR A 111 2.08 14.85 1.36
C TYR A 111 3.35 14.82 2.19
N LYS A 112 4.41 14.36 1.56
CA LYS A 112 5.73 14.32 2.19
C LYS A 112 6.44 15.65 2.01
N ASP A 113 6.48 16.13 0.78
CA ASP A 113 7.06 17.43 0.49
C ASP A 113 6.16 18.53 1.04
N ALA A 114 4.86 18.28 0.90
CA ALA A 114 3.81 19.07 1.55
C ALA A 114 3.80 20.53 1.10
N ASP A 115 4.47 20.82 0.00
CA ASP A 115 4.52 22.17 -0.53
C ASP A 115 3.80 22.25 -1.86
N ASP B 1 -0.56 -19.56 7.86
CA ASP B 1 0.65 -19.58 7.03
C ASP B 1 0.52 -18.67 5.82
N THR B 2 -0.65 -18.70 5.18
CA THR B 2 -0.88 -17.95 3.96
C THR B 2 -0.63 -16.45 4.14
N GLN B 3 -1.19 -15.89 5.21
CA GLN B 3 -1.04 -14.47 5.47
C GLN B 3 0.40 -14.14 5.84
N ASP B 4 1.09 -15.12 6.39
CA ASP B 4 2.48 -14.94 6.81
C ASP B 4 3.41 -15.04 5.60
N ASP B 5 3.00 -15.84 4.62
CA ASP B 5 3.76 -15.97 3.38
C ASP B 5 3.93 -14.62 2.70
N PHE B 6 2.92 -13.77 2.84
CA PHE B 6 2.93 -12.45 2.22
C PHE B 6 3.98 -11.54 2.85
N LEU B 7 4.49 -11.93 4.01
CA LEU B 7 5.60 -11.25 4.63
C LEU B 7 6.90 -11.87 4.16
N LYS B 8 6.89 -13.21 4.06
CA LYS B 8 8.07 -13.98 3.70
C LYS B 8 8.52 -13.69 2.26
N TRP B 9 7.59 -13.78 1.31
CA TRP B 9 7.94 -13.65 -0.11
C TRP B 9 8.38 -12.24 -0.44
N TRP B 10 7.96 -11.29 0.38
CA TRP B 10 8.28 -9.90 0.15
C TRP B 10 9.73 -9.63 0.52
N ARG B 11 10.14 -10.15 1.67
CA ARG B 11 11.47 -9.88 2.19
C ARG B 11 12.49 -10.89 1.69
N SER B 12 12.03 -12.01 1.17
CA SER B 12 12.92 -12.97 0.53
C SER B 12 13.42 -12.40 -0.79
N GLU B 13 12.49 -11.85 -1.57
CA GLU B 13 12.85 -11.18 -2.82
C GLU B 13 13.61 -9.89 -2.55
N GLU B 14 13.33 -9.28 -1.40
CA GLU B 14 14.04 -8.09 -0.96
C GLU B 14 15.51 -8.43 -0.69
N ALA B 15 15.75 -9.64 -0.18
CA ALA B 15 17.09 -10.09 0.14
C ALA B 15 17.91 -10.34 -1.13
N GLN B 16 17.23 -10.47 -2.26
CA GLN B 16 17.90 -10.73 -3.53
C GLN B 16 18.79 -9.56 -3.91
N ASP B 17 18.47 -8.37 -3.42
CA ASP B 17 19.22 -7.16 -3.74
C ASP B 17 20.57 -7.14 -3.03
N MET B 18 20.76 -8.03 -2.07
CA MET B 18 22.02 -8.09 -1.34
C MET B 18 22.70 -9.43 -1.58
N GLY B 19 22.25 -10.12 -2.63
CA GLY B 19 22.80 -11.41 -2.96
C GLY B 19 22.03 -12.53 -2.29
N PRO A 1 -5.84 2.18 -17.69
CA PRO A 1 -5.63 1.72 -16.29
C PRO A 1 -4.96 2.79 -15.45
N SER A 2 -5.50 3.99 -15.48
CA SER A 2 -4.96 5.10 -14.72
C SER A 2 -5.81 5.36 -13.48
N HIS A 3 -5.14 5.56 -12.35
CA HIS A 3 -5.79 5.85 -11.07
C HIS A 3 -6.71 4.71 -10.62
N SER A 4 -6.69 3.59 -11.33
CA SER A 4 -7.53 2.46 -10.99
C SER A 4 -7.10 1.21 -11.73
N GLY A 5 -7.60 0.08 -11.25
CA GLY A 5 -7.29 -1.19 -11.83
C GLY A 5 -7.80 -2.30 -10.95
N ALA A 6 -8.17 -3.41 -11.55
CA ALA A 6 -8.80 -4.49 -10.83
C ALA A 6 -7.84 -5.14 -9.84
N ALA A 7 -8.18 -5.03 -8.56
CA ALA A 7 -7.33 -5.50 -7.49
C ALA A 7 -8.12 -6.43 -6.59
N ILE A 8 -7.43 -7.18 -5.78
CA ILE A 8 -8.05 -8.13 -4.87
C ILE A 8 -7.61 -7.83 -3.44
N PHE A 9 -8.53 -7.93 -2.50
CA PHE A 9 -8.24 -7.58 -1.12
C PHE A 9 -8.98 -8.51 -0.16
N GLU A 10 -8.21 -9.25 0.62
CA GLU A 10 -8.73 -10.15 1.65
C GLU A 10 -9.82 -11.07 1.13
N LYS A 11 -9.42 -11.92 0.21
CA LYS A 11 -10.24 -13.03 -0.30
C LYS A 11 -11.40 -12.59 -1.19
N VAL A 12 -11.51 -11.30 -1.47
CA VAL A 12 -12.49 -10.82 -2.42
C VAL A 12 -11.82 -9.96 -3.48
N SER A 13 -12.34 -10.04 -4.69
CA SER A 13 -11.78 -9.33 -5.81
C SER A 13 -12.52 -8.01 -6.05
N GLY A 14 -11.85 -7.09 -6.73
CA GLY A 14 -12.46 -5.81 -7.04
C GLY A 14 -11.58 -4.93 -7.89
N ILE A 15 -11.71 -3.63 -7.70
CA ILE A 15 -10.86 -2.64 -8.34
C ILE A 15 -10.25 -1.74 -7.27
N ILE A 16 -9.04 -1.26 -7.51
CA ILE A 16 -8.46 -0.24 -6.69
C ILE A 16 -8.62 1.09 -7.44
N ALA A 17 -9.11 2.12 -6.78
CA ALA A 17 -9.45 3.37 -7.44
C ALA A 17 -9.04 4.57 -6.61
N ILE A 18 -8.20 5.44 -7.17
CA ILE A 18 -7.64 6.54 -6.41
C ILE A 18 -8.38 7.84 -6.63
N ASN A 19 -8.79 8.41 -5.53
CA ASN A 19 -9.42 9.71 -5.45
C ASN A 19 -8.37 10.81 -5.44
N GLU A 20 -8.77 11.94 -5.93
CA GLU A 20 -7.95 13.07 -6.25
C GLU A 20 -8.46 14.25 -5.44
N ASP A 21 -8.56 15.38 -6.12
CA ASP A 21 -8.82 16.75 -5.60
C ASP A 21 -9.98 16.88 -4.60
N VAL A 22 -10.25 15.80 -3.97
CA VAL A 22 -11.18 15.69 -2.88
C VAL A 22 -10.36 15.76 -1.61
N SER A 23 -10.92 15.42 -0.48
CA SER A 23 -10.19 15.54 0.77
C SER A 23 -9.11 14.48 0.70
N PRO A 24 -7.91 14.74 1.25
CA PRO A 24 -6.65 14.28 0.66
C PRO A 24 -6.73 12.93 -0.02
N ALA A 25 -6.27 12.94 -1.29
CA ALA A 25 -6.49 11.87 -2.27
C ALA A 25 -6.63 10.51 -1.63
N GLU A 26 -7.75 9.88 -1.86
CA GLU A 26 -8.09 8.67 -1.15
C GLU A 26 -8.13 7.47 -2.10
N LEU A 27 -7.60 6.35 -1.67
CA LEU A 27 -7.55 5.17 -2.51
C LEU A 27 -8.65 4.23 -2.10
N THR A 28 -9.45 3.86 -3.04
CA THR A 28 -10.61 3.07 -2.78
C THR A 28 -10.49 1.71 -3.42
N TRP A 29 -10.27 0.67 -2.63
CA TRP A 29 -10.42 -0.66 -3.15
C TRP A 29 -11.87 -1.05 -2.99
N ARG A 30 -12.49 -1.42 -4.07
CA ARG A 30 -13.87 -1.82 -4.03
C ARG A 30 -14.06 -3.10 -4.81
N SER A 31 -14.85 -3.96 -4.23
CA SER A 31 -15.04 -5.30 -4.74
C SER A 31 -15.79 -5.28 -6.08
N THR A 32 -15.60 -6.34 -6.86
CA THR A 32 -16.08 -6.41 -8.24
C THR A 32 -17.59 -6.23 -8.37
N ASP A 33 -18.32 -6.50 -7.30
CA ASP A 33 -19.76 -6.32 -7.28
C ASP A 33 -20.13 -4.87 -6.99
N GLY A 34 -19.19 -4.15 -6.41
CA GLY A 34 -19.43 -2.76 -6.05
C GLY A 34 -20.00 -2.65 -4.66
N ASP A 35 -20.03 -3.77 -3.96
CA ASP A 35 -20.58 -3.83 -2.61
C ASP A 35 -19.55 -3.40 -1.59
N LYS A 36 -18.48 -4.16 -1.48
CA LYS A 36 -17.42 -3.87 -0.55
C LYS A 36 -16.52 -2.77 -1.11
N VAL A 37 -16.28 -1.77 -0.28
CA VAL A 37 -15.54 -0.57 -0.67
C VAL A 37 -14.75 -0.04 0.52
N HIS A 38 -13.46 0.21 0.32
CA HIS A 38 -12.62 0.74 1.40
C HIS A 38 -11.84 1.93 0.88
N THR A 39 -11.88 3.03 1.61
CA THR A 39 -11.29 4.26 1.12
C THR A 39 -10.12 4.72 2.00
N VAL A 40 -8.94 4.75 1.41
CA VAL A 40 -7.70 5.12 2.08
C VAL A 40 -7.28 6.54 1.72
N VAL A 41 -7.54 7.49 2.60
CA VAL A 41 -7.06 8.85 2.40
C VAL A 41 -5.54 8.88 2.53
N LEU A 42 -4.87 9.20 1.45
CA LEU A 42 -3.42 9.04 1.31
C LEU A 42 -2.62 9.93 2.25
N SER A 43 -3.28 10.93 2.84
CA SER A 43 -2.61 11.79 3.81
C SER A 43 -2.25 11.00 5.08
N THR A 44 -2.82 9.82 5.23
CA THR A 44 -2.57 8.99 6.40
C THR A 44 -1.55 7.90 6.09
N ILE A 45 -0.98 7.95 4.90
CA ILE A 45 -0.02 6.97 4.46
C ILE A 45 1.41 7.50 4.55
N ASP A 46 2.35 6.60 4.83
CA ASP A 46 3.74 6.99 5.01
C ASP A 46 4.64 6.39 3.93
N LYS A 47 4.40 5.15 3.56
CA LYS A 47 5.21 4.51 2.53
C LYS A 47 4.32 3.76 1.55
N LEU A 48 4.95 3.23 0.52
CA LEU A 48 4.26 2.40 -0.44
C LEU A 48 5.21 1.31 -0.89
N GLN A 49 4.69 0.12 -1.08
CA GLN A 49 5.51 -1.02 -1.45
C GLN A 49 4.92 -1.72 -2.67
N ALA A 50 5.79 -2.18 -3.54
CA ALA A 50 5.38 -2.81 -4.79
C ALA A 50 6.34 -3.93 -5.13
N THR A 51 5.81 -5.00 -5.73
CA THR A 51 6.61 -6.18 -6.01
C THR A 51 7.77 -5.88 -6.95
N PRO A 52 8.96 -6.40 -6.61
CA PRO A 52 10.19 -6.21 -7.40
C PRO A 52 10.05 -6.76 -8.81
N ALA A 53 10.93 -6.31 -9.69
CA ALA A 53 10.92 -6.73 -11.09
C ALA A 53 11.17 -8.22 -11.23
N SER A 54 11.78 -8.80 -10.21
CA SER A 54 12.06 -10.22 -10.17
C SER A 54 10.77 -11.02 -9.95
N SER A 55 9.84 -10.43 -9.22
CA SER A 55 8.59 -11.08 -8.88
C SER A 55 7.59 -10.90 -10.01
N GLU A 56 6.98 -12.00 -10.43
CA GLU A 56 5.94 -11.96 -11.44
C GLU A 56 4.64 -11.43 -10.86
N LYS A 57 4.34 -11.85 -9.65
CA LYS A 57 3.04 -11.58 -9.07
C LYS A 57 2.85 -10.08 -8.82
N MET A 58 1.61 -9.64 -8.96
CA MET A 58 1.29 -8.23 -8.93
C MET A 58 0.71 -7.84 -7.57
N MET A 59 1.44 -7.02 -6.83
CA MET A 59 1.02 -6.64 -5.50
C MET A 59 1.39 -5.20 -5.21
N LEU A 60 0.49 -4.49 -4.55
CA LEU A 60 0.78 -3.16 -4.04
C LEU A 60 0.49 -3.12 -2.55
N ARG A 61 1.19 -2.26 -1.85
CA ARG A 61 0.90 -2.02 -0.44
C ARG A 61 0.73 -0.55 -0.15
N LEU A 62 -0.16 -0.25 0.77
CA LEU A 62 -0.33 1.08 1.31
C LEU A 62 0.21 1.11 2.73
N ILE A 63 1.36 1.72 2.93
CA ILE A 63 1.97 1.73 4.25
C ILE A 63 1.47 2.93 5.05
N GLY A 64 0.53 2.69 5.93
CA GLY A 64 -0.04 3.77 6.71
C GLY A 64 0.92 4.31 7.74
N LYS A 65 0.74 5.58 8.09
CA LYS A 65 1.61 6.25 9.04
C LYS A 65 1.55 5.62 10.41
N VAL A 66 2.64 5.78 11.13
CA VAL A 66 2.74 5.33 12.50
C VAL A 66 2.86 6.53 13.43
N ASP A 67 2.07 6.52 14.49
CA ASP A 67 2.04 7.64 15.42
C ASP A 67 3.27 7.64 16.31
N GLU A 68 4.31 8.32 15.83
CA GLU A 68 5.60 8.37 16.50
C GLU A 68 5.49 9.03 17.87
N SER A 69 4.69 10.07 17.96
CA SER A 69 4.53 10.81 19.20
C SER A 69 3.72 10.01 20.21
N LYS A 70 2.89 9.11 19.72
CA LYS A 70 2.03 8.31 20.58
C LYS A 70 2.68 6.97 20.91
N LYS A 71 3.71 6.63 20.16
CA LYS A 71 4.48 5.42 20.40
C LYS A 71 5.38 5.60 21.60
N ARG A 72 5.70 4.49 22.26
CA ARG A 72 6.49 4.55 23.48
C ARG A 72 7.83 3.89 23.34
N LYS A 73 8.79 4.43 24.06
CA LYS A 73 10.14 3.90 24.07
C LYS A 73 10.30 2.81 25.11
N ASP A 74 11.40 2.08 25.03
CA ASP A 74 11.67 1.00 25.96
C ASP A 74 12.50 1.54 27.14
N ASN A 75 13.07 0.65 27.94
CA ASN A 75 13.72 1.05 29.20
C ASN A 75 14.88 2.02 28.97
N GLU A 76 15.57 1.90 27.85
CA GLU A 76 16.70 2.78 27.55
C GLU A 76 16.30 3.93 26.65
N GLY A 77 15.02 4.27 26.64
CA GLY A 77 14.53 5.31 25.75
C GLY A 77 14.80 4.97 24.30
N ASN A 78 14.62 3.69 23.99
CA ASN A 78 14.88 3.16 22.65
C ASN A 78 14.17 3.95 21.57
N GLU A 79 12.93 4.35 21.85
CA GLU A 79 12.10 5.04 20.87
C GLU A 79 12.02 4.22 19.59
N VAL A 80 11.43 3.04 19.71
CA VAL A 80 11.48 2.06 18.64
C VAL A 80 10.54 2.42 17.51
N VAL A 81 10.97 2.18 16.28
CA VAL A 81 10.12 2.36 15.14
C VAL A 81 9.19 1.15 15.00
N PRO A 82 7.88 1.40 15.04
CA PRO A 82 6.88 0.34 15.05
C PRO A 82 6.60 -0.20 13.65
N LYS A 83 5.83 -1.28 13.59
CA LYS A 83 5.39 -1.80 12.32
C LYS A 83 4.16 -1.04 11.84
N PRO A 84 4.29 -0.40 10.68
CA PRO A 84 3.23 0.40 10.07
C PRO A 84 2.02 -0.45 9.66
N GLN A 85 0.83 0.10 9.88
CA GLN A 85 -0.39 -0.54 9.44
C GLN A 85 -0.50 -0.39 7.93
N ARG A 86 -0.46 -1.49 7.22
CA ARG A 86 -0.39 -1.43 5.78
C ARG A 86 -1.52 -2.22 5.13
N HIS A 87 -1.84 -1.83 3.91
CA HIS A 87 -2.88 -2.50 3.12
C HIS A 87 -2.19 -3.23 1.96
N MET A 88 -2.65 -4.42 1.60
CA MET A 88 -2.03 -5.16 0.51
C MET A 88 -3.05 -5.56 -0.55
N PHE A 89 -2.77 -5.17 -1.79
CA PHE A 89 -3.68 -5.41 -2.91
C PHE A 89 -3.05 -6.33 -3.93
N SER A 90 -3.87 -7.19 -4.50
CA SER A 90 -3.42 -8.12 -5.51
C SER A 90 -4.02 -7.78 -6.88
N PHE A 91 -3.17 -7.53 -7.87
CA PHE A 91 -3.63 -7.33 -9.25
C PHE A 91 -3.15 -8.50 -10.09
N ASN A 92 -3.51 -8.49 -11.36
CA ASN A 92 -3.02 -9.47 -12.30
C ASN A 92 -2.61 -8.80 -13.60
N ASN A 93 -2.21 -7.54 -13.50
CA ASN A 93 -1.78 -6.77 -14.64
C ASN A 93 -0.61 -5.90 -14.25
N ARG A 94 0.50 -6.04 -14.96
CA ARG A 94 1.73 -5.35 -14.59
C ARG A 94 1.67 -3.87 -14.95
N THR A 95 0.88 -3.57 -15.98
CA THR A 95 0.62 -2.19 -16.36
C THR A 95 -0.16 -1.48 -15.26
N VAL A 96 -1.24 -2.10 -14.82
CA VAL A 96 -1.98 -1.65 -13.65
C VAL A 96 -1.03 -1.41 -12.49
N MET A 97 -0.21 -2.41 -12.19
CA MET A 97 0.81 -2.27 -11.16
C MET A 97 1.55 -0.95 -11.25
N ASP A 98 2.28 -0.74 -12.34
CA ASP A 98 3.14 0.43 -12.47
C ASP A 98 2.34 1.72 -12.35
N ASN A 99 1.12 1.71 -12.86
CA ASN A 99 0.26 2.87 -12.83
C ASN A 99 -0.23 3.13 -11.40
N ILE A 100 -0.83 2.12 -10.80
CA ILE A 100 -1.26 2.21 -9.39
C ILE A 100 -0.06 2.53 -8.51
N LYS A 101 1.05 1.84 -8.73
CA LYS A 101 2.31 2.11 -8.01
C LYS A 101 2.59 3.59 -8.00
N MET A 102 2.81 4.13 -9.18
CA MET A 102 3.13 5.54 -9.36
C MET A 102 2.04 6.45 -8.82
N THR A 103 0.79 6.15 -9.18
CA THR A 103 -0.35 6.96 -8.77
C THR A 103 -0.34 7.19 -7.27
N LEU A 104 -0.22 6.11 -6.54
CA LEU A 104 -0.31 6.14 -5.09
C LEU A 104 0.95 6.79 -4.53
N GLN A 105 2.09 6.26 -4.99
CA GLN A 105 3.40 6.72 -4.60
C GLN A 105 3.54 8.23 -4.74
N GLN A 106 3.20 8.75 -5.91
CA GLN A 106 3.37 10.16 -6.21
C GLN A 106 2.48 11.04 -5.35
N ILE A 107 1.22 10.65 -5.18
CA ILE A 107 0.32 11.43 -4.35
C ILE A 107 0.80 11.42 -2.90
N ILE A 108 1.24 10.26 -2.44
CA ILE A 108 1.89 10.13 -1.13
C ILE A 108 3.04 11.13 -1.03
N SER A 109 3.90 11.11 -2.03
CA SER A 109 5.06 11.96 -2.07
C SER A 109 4.68 13.44 -2.20
N ARG A 110 3.51 13.72 -2.76
CA ARG A 110 3.01 15.10 -2.84
C ARG A 110 2.70 15.62 -1.44
N TYR A 111 2.30 14.71 -0.56
CA TYR A 111 2.00 15.06 0.82
C TYR A 111 3.27 15.01 1.65
N LYS A 112 4.29 14.37 1.09
CA LYS A 112 5.60 14.32 1.73
C LYS A 112 6.40 15.57 1.41
N ASP A 113 6.40 15.93 0.14
CA ASP A 113 7.11 17.11 -0.33
C ASP A 113 6.39 18.36 0.15
N ALA A 114 5.06 18.27 0.13
CA ALA A 114 4.16 19.25 0.73
C ALA A 114 4.36 20.66 0.20
N ASP A 115 4.88 20.77 -1.02
CA ASP A 115 5.06 22.07 -1.65
C ASP A 115 4.04 22.25 -2.75
N ASP B 1 2.31 -20.97 7.19
CA ASP B 1 3.04 -21.09 5.91
C ASP B 1 2.56 -20.07 4.89
N THR B 2 1.24 -19.93 4.78
CA THR B 2 0.65 -19.07 3.75
C THR B 2 0.89 -17.60 4.06
N GLN B 3 0.48 -17.16 5.26
CA GLN B 3 0.69 -15.78 5.66
C GLN B 3 2.18 -15.48 5.79
N ASP B 4 2.94 -16.53 6.10
CA ASP B 4 4.38 -16.43 6.22
C ASP B 4 5.00 -16.05 4.89
N ASP B 5 4.53 -16.72 3.83
CA ASP B 5 4.99 -16.47 2.48
C ASP B 5 4.83 -15.01 2.11
N PHE B 6 3.62 -14.50 2.35
CA PHE B 6 3.28 -13.11 1.99
C PHE B 6 4.05 -12.09 2.82
N LEU B 7 4.68 -12.54 3.89
CA LEU B 7 5.46 -11.65 4.72
C LEU B 7 6.92 -11.69 4.32
N LYS B 8 7.50 -12.88 4.21
CA LYS B 8 8.93 -13.02 3.99
C LYS B 8 9.33 -12.70 2.55
N TRP B 9 8.45 -12.97 1.59
CA TRP B 9 8.78 -12.77 0.18
C TRP B 9 9.00 -11.28 -0.10
N TRP B 10 8.43 -10.44 0.74
CA TRP B 10 8.54 -9.01 0.57
C TRP B 10 9.84 -8.52 1.19
N ARG B 11 10.40 -9.32 2.07
CA ARG B 11 11.61 -8.94 2.78
C ARG B 11 12.85 -9.51 2.11
N SER B 12 12.71 -10.71 1.55
CA SER B 12 13.82 -11.40 0.92
C SER B 12 14.41 -10.60 -0.23
N GLU B 13 13.53 -10.12 -1.12
CA GLU B 13 13.99 -9.39 -2.29
C GLU B 13 14.58 -8.04 -1.91
N GLU B 14 14.03 -7.40 -0.88
CA GLU B 14 14.55 -6.11 -0.44
C GLU B 14 15.94 -6.28 0.16
N ALA B 15 16.19 -7.43 0.74
CA ALA B 15 17.50 -7.74 1.30
C ALA B 15 18.51 -7.95 0.17
N GLN B 16 18.02 -8.40 -0.98
CA GLN B 16 18.87 -8.68 -2.13
C GLN B 16 19.44 -7.40 -2.73
N ASP B 17 18.66 -6.33 -2.72
CA ASP B 17 19.13 -5.05 -3.24
C ASP B 17 19.71 -4.20 -2.13
N MET B 18 19.53 -4.66 -0.90
CA MET B 18 20.06 -3.96 0.27
C MET B 18 21.55 -4.23 0.41
N GLY B 19 21.95 -5.46 0.15
CA GLY B 19 23.35 -5.84 0.26
C GLY B 19 23.55 -7.28 -0.12
N PRO A 1 -6.60 2.89 -17.81
CA PRO A 1 -6.84 3.38 -16.44
C PRO A 1 -5.52 3.71 -15.75
N SER A 2 -5.52 4.74 -14.93
CA SER A 2 -4.32 5.16 -14.22
C SER A 2 -4.59 5.30 -12.72
N HIS A 3 -5.73 5.89 -12.39
CA HIS A 3 -6.13 6.06 -11.00
C HIS A 3 -6.75 4.78 -10.47
N SER A 4 -7.10 3.87 -11.35
CA SER A 4 -7.80 2.67 -10.94
C SER A 4 -7.35 1.45 -11.73
N GLY A 5 -7.74 0.29 -11.23
CA GLY A 5 -7.38 -0.97 -11.82
C GLY A 5 -7.82 -2.12 -10.95
N ALA A 6 -8.17 -3.22 -11.57
CA ALA A 6 -8.75 -4.34 -10.84
C ALA A 6 -7.78 -4.97 -9.86
N ALA A 7 -8.15 -4.93 -8.59
CA ALA A 7 -7.33 -5.43 -7.50
C ALA A 7 -8.13 -6.39 -6.64
N ILE A 8 -7.47 -7.01 -5.69
CA ILE A 8 -8.10 -7.97 -4.80
C ILE A 8 -7.74 -7.65 -3.36
N PHE A 9 -8.73 -7.72 -2.46
CA PHE A 9 -8.53 -7.41 -1.06
C PHE A 9 -9.46 -8.26 -0.23
N GLU A 10 -8.91 -8.93 0.79
CA GLU A 10 -9.68 -9.83 1.66
C GLU A 10 -10.18 -11.04 0.89
N LYS A 11 -9.34 -11.50 -0.03
CA LYS A 11 -9.64 -12.66 -0.87
C LYS A 11 -10.79 -12.44 -1.83
N VAL A 12 -11.42 -11.27 -1.76
CA VAL A 12 -12.44 -10.91 -2.72
C VAL A 12 -11.84 -9.95 -3.74
N SER A 13 -12.33 -10.01 -4.94
CA SER A 13 -11.77 -9.28 -6.05
C SER A 13 -12.58 -8.02 -6.35
N GLY A 14 -11.91 -7.03 -6.92
CA GLY A 14 -12.55 -5.78 -7.26
C GLY A 14 -11.65 -4.85 -8.03
N ILE A 15 -11.85 -3.55 -7.84
CA ILE A 15 -10.99 -2.54 -8.43
C ILE A 15 -10.38 -1.67 -7.33
N ILE A 16 -9.16 -1.23 -7.55
CA ILE A 16 -8.54 -0.25 -6.69
C ILE A 16 -8.67 1.11 -7.38
N ALA A 17 -9.08 2.12 -6.65
CA ALA A 17 -9.47 3.39 -7.27
C ALA A 17 -9.00 4.59 -6.47
N ILE A 18 -7.98 5.27 -6.97
CA ILE A 18 -7.49 6.48 -6.32
C ILE A 18 -8.28 7.68 -6.82
N ASN A 19 -8.88 8.39 -5.88
CA ASN A 19 -9.75 9.51 -6.19
C ASN A 19 -9.14 10.82 -5.74
N GLU A 20 -8.94 11.74 -6.68
CA GLU A 20 -8.63 13.09 -6.30
C GLU A 20 -9.73 13.98 -6.81
N ASP A 21 -10.86 13.88 -6.14
CA ASP A 21 -11.95 14.85 -6.24
C ASP A 21 -12.07 15.57 -4.93
N VAL A 22 -11.59 14.86 -3.93
CA VAL A 22 -11.90 15.09 -2.54
C VAL A 22 -10.71 15.67 -1.79
N SER A 23 -10.85 15.69 -0.49
CA SER A 23 -9.77 16.05 0.40
C SER A 23 -8.80 14.86 0.40
N PRO A 24 -7.57 14.96 0.97
CA PRO A 24 -6.40 14.28 0.43
C PRO A 24 -6.69 12.93 -0.19
N ALA A 25 -6.25 12.81 -1.45
CA ALA A 25 -6.65 11.73 -2.36
C ALA A 25 -6.78 10.41 -1.66
N GLU A 26 -7.87 9.73 -1.89
CA GLU A 26 -8.11 8.49 -1.22
C GLU A 26 -8.18 7.35 -2.23
N LEU A 27 -7.70 6.19 -1.82
CA LEU A 27 -7.70 5.01 -2.64
C LEU A 27 -8.83 4.12 -2.20
N THR A 28 -9.63 3.70 -3.14
CA THR A 28 -10.80 2.93 -2.83
C THR A 28 -10.76 1.59 -3.51
N TRP A 29 -10.56 0.52 -2.76
CA TRP A 29 -10.70 -0.79 -3.32
C TRP A 29 -12.14 -1.19 -3.19
N ARG A 30 -12.75 -1.58 -4.29
CA ARG A 30 -14.12 -1.99 -4.27
C ARG A 30 -14.34 -3.22 -5.12
N SER A 31 -14.95 -4.20 -4.49
CA SER A 31 -15.18 -5.49 -5.08
C SER A 31 -15.98 -5.37 -6.37
N THR A 32 -15.77 -6.33 -7.27
CA THR A 32 -16.34 -6.29 -8.62
C THR A 32 -17.86 -6.19 -8.60
N ASP A 33 -18.48 -6.70 -7.54
CA ASP A 33 -19.93 -6.62 -7.38
C ASP A 33 -20.37 -5.20 -7.08
N GLY A 34 -19.48 -4.44 -6.45
CA GLY A 34 -19.80 -3.07 -6.10
C GLY A 34 -20.29 -2.95 -4.67
N ASP A 35 -20.24 -4.05 -3.94
CA ASP A 35 -20.71 -4.09 -2.55
C ASP A 35 -19.64 -3.59 -1.59
N LYS A 36 -18.49 -4.25 -1.61
CA LYS A 36 -17.41 -3.98 -0.69
C LYS A 36 -16.51 -2.88 -1.23
N VAL A 37 -16.41 -1.78 -0.50
CA VAL A 37 -15.49 -0.72 -0.82
C VAL A 37 -14.67 -0.38 0.42
N HIS A 38 -13.42 -0.02 0.21
CA HIS A 38 -12.53 0.32 1.31
C HIS A 38 -11.68 1.51 0.90
N THR A 39 -11.71 2.56 1.69
CA THR A 39 -11.13 3.83 1.28
C THR A 39 -9.90 4.21 2.13
N VAL A 40 -8.79 4.44 1.44
CA VAL A 40 -7.51 4.81 2.03
C VAL A 40 -7.13 6.24 1.64
N VAL A 41 -7.31 7.19 2.53
CA VAL A 41 -6.87 8.56 2.27
C VAL A 41 -5.35 8.63 2.32
N LEU A 42 -4.75 9.00 1.20
CA LEU A 42 -3.31 8.98 1.00
C LEU A 42 -2.53 9.74 2.07
N SER A 43 -3.15 10.74 2.67
CA SER A 43 -2.47 11.58 3.65
C SER A 43 -2.11 10.77 4.91
N THR A 44 -2.65 9.57 5.01
CA THR A 44 -2.37 8.71 6.15
C THR A 44 -1.30 7.69 5.81
N ILE A 45 -0.73 7.79 4.61
CA ILE A 45 0.26 6.85 4.14
C ILE A 45 1.68 7.40 4.29
N ASP A 46 2.58 6.53 4.76
CA ASP A 46 3.98 6.85 4.97
C ASP A 46 4.83 6.35 3.81
N LYS A 47 4.60 5.11 3.39
CA LYS A 47 5.40 4.49 2.35
C LYS A 47 4.50 3.72 1.37
N LEU A 48 5.10 3.28 0.29
CA LEU A 48 4.41 2.44 -0.69
C LEU A 48 5.37 1.40 -1.23
N GLN A 49 4.92 0.16 -1.23
CA GLN A 49 5.78 -0.96 -1.61
C GLN A 49 5.14 -1.77 -2.72
N ALA A 50 5.96 -2.28 -3.62
CA ALA A 50 5.47 -3.06 -4.75
C ALA A 50 6.37 -4.26 -5.00
N THR A 51 5.78 -5.39 -5.36
CA THR A 51 6.52 -6.61 -5.59
C THR A 51 7.36 -6.54 -6.86
N PRO A 52 8.44 -7.32 -6.91
CA PRO A 52 9.37 -7.36 -8.05
C PRO A 52 8.70 -7.89 -9.31
N ALA A 53 9.15 -7.40 -10.45
CA ALA A 53 8.66 -7.84 -11.75
C ALA A 53 9.05 -9.30 -11.99
N SER A 54 10.11 -9.73 -11.30
CA SER A 54 10.58 -11.10 -11.40
C SER A 54 9.57 -12.07 -10.76
N SER A 55 8.73 -11.54 -9.88
CA SER A 55 7.67 -12.33 -9.28
C SER A 55 6.41 -12.15 -10.10
N GLU A 56 5.64 -13.21 -10.26
CA GLU A 56 4.38 -13.12 -10.98
C GLU A 56 3.37 -12.29 -10.22
N LYS A 57 3.25 -12.57 -8.93
CA LYS A 57 2.18 -11.99 -8.16
C LYS A 57 2.45 -10.51 -7.91
N MET A 58 1.78 -9.69 -8.69
CA MET A 58 1.95 -8.26 -8.66
C MET A 58 1.10 -7.63 -7.57
N MET A 59 1.77 -6.98 -6.64
CA MET A 59 1.16 -6.56 -5.38
C MET A 59 1.53 -5.12 -5.07
N LEU A 60 0.62 -4.41 -4.40
CA LEU A 60 0.94 -3.10 -3.86
C LEU A 60 0.67 -3.07 -2.37
N ARG A 61 1.49 -2.32 -1.67
CA ARG A 61 1.24 -2.07 -0.26
C ARG A 61 1.06 -0.59 0.01
N LEU A 62 0.16 -0.32 0.94
CA LEU A 62 -0.07 1.02 1.42
C LEU A 62 0.47 1.10 2.84
N ILE A 63 1.61 1.71 3.01
CA ILE A 63 2.25 1.75 4.30
C ILE A 63 1.75 2.95 5.09
N GLY A 64 0.82 2.74 5.99
CA GLY A 64 0.19 3.87 6.68
C GLY A 64 1.04 4.46 7.77
N LYS A 65 0.97 5.78 7.91
CA LYS A 65 1.73 6.48 8.95
C LYS A 65 1.17 6.12 10.31
N VAL A 66 2.05 5.78 11.20
CA VAL A 66 1.66 5.39 12.53
C VAL A 66 2.23 6.34 13.57
N ASP A 67 1.39 7.19 14.10
CA ASP A 67 1.83 8.04 15.20
C ASP A 67 1.16 7.65 16.52
N GLU A 68 1.58 6.54 17.12
CA GLU A 68 1.09 6.20 18.43
C GLU A 68 1.95 6.80 19.53
N SER A 69 3.25 6.55 19.44
CA SER A 69 4.23 7.11 20.36
C SER A 69 4.94 8.32 19.74
N LYS A 70 4.51 8.66 18.53
CA LYS A 70 5.27 9.56 17.65
C LYS A 70 5.03 11.01 17.99
N LYS A 71 4.41 11.21 19.13
CA LYS A 71 4.46 12.47 19.84
C LYS A 71 5.92 12.89 19.99
N ARG A 72 6.15 14.15 20.33
CA ARG A 72 7.49 14.75 20.24
C ARG A 72 8.56 13.92 20.96
N LYS A 73 9.81 14.27 20.74
CA LYS A 73 10.94 13.42 21.10
C LYS A 73 11.03 13.21 22.60
N ASP A 74 11.52 12.03 22.96
CA ASP A 74 11.60 11.62 24.36
C ASP A 74 12.80 12.29 25.04
N ASN A 75 13.06 11.96 26.30
CA ASN A 75 14.06 12.68 27.09
C ASN A 75 15.46 12.68 26.43
N GLU A 76 15.79 11.61 25.71
CA GLU A 76 17.10 11.54 25.07
C GLU A 76 17.03 12.03 23.61
N GLY A 77 15.93 12.68 23.27
CA GLY A 77 15.74 13.15 21.91
C GLY A 77 15.59 11.99 20.95
N ASN A 78 14.77 11.03 21.36
CA ASN A 78 14.59 9.79 20.62
C ASN A 78 14.19 10.01 19.18
N GLU A 79 13.05 10.69 18.98
CA GLU A 79 12.42 10.76 17.68
C GLU A 79 12.21 9.33 17.19
N VAL A 80 11.23 8.68 17.77
CA VAL A 80 11.14 7.23 17.70
C VAL A 80 10.68 6.77 16.32
N VAL A 81 11.45 5.86 15.75
CA VAL A 81 11.21 5.37 14.40
C VAL A 81 9.93 4.55 14.35
N PRO A 82 8.99 4.93 13.48
CA PRO A 82 7.70 4.29 13.39
C PRO A 82 7.69 3.00 12.60
N LYS A 83 7.03 1.99 13.14
CA LYS A 83 6.71 0.81 12.38
C LYS A 83 5.24 0.82 12.01
N PRO A 84 5.00 1.18 10.75
CA PRO A 84 3.66 1.40 10.18
C PRO A 84 2.75 0.17 10.13
N GLN A 85 1.45 0.46 10.20
CA GLN A 85 0.42 -0.51 9.88
C GLN A 85 0.09 -0.34 8.39
N ARG A 86 0.17 -1.40 7.63
CA ARG A 86 0.08 -1.28 6.18
C ARG A 86 -1.09 -2.07 5.59
N HIS A 87 -1.43 -1.70 4.36
CA HIS A 87 -2.49 -2.37 3.61
C HIS A 87 -1.83 -3.11 2.44
N MET A 88 -2.47 -4.15 1.94
CA MET A 88 -1.91 -4.90 0.81
C MET A 88 -2.99 -5.27 -0.19
N PHE A 89 -2.78 -4.94 -1.46
CA PHE A 89 -3.77 -5.22 -2.49
C PHE A 89 -3.13 -6.01 -3.64
N SER A 90 -3.91 -6.88 -4.24
CA SER A 90 -3.42 -7.80 -5.26
C SER A 90 -3.98 -7.47 -6.64
N PHE A 91 -3.12 -7.35 -7.64
CA PHE A 91 -3.58 -7.16 -9.02
C PHE A 91 -3.22 -8.36 -9.86
N ASN A 92 -3.63 -8.31 -11.12
CA ASN A 92 -3.33 -9.36 -12.08
C ASN A 92 -2.87 -8.76 -13.40
N ASN A 93 -2.39 -7.53 -13.34
CA ASN A 93 -1.88 -6.83 -14.51
C ASN A 93 -0.71 -5.94 -14.14
N ARG A 94 0.40 -6.11 -14.87
CA ARG A 94 1.65 -5.41 -14.59
C ARG A 94 1.48 -3.90 -14.73
N THR A 95 0.84 -3.49 -15.82
CA THR A 95 0.58 -2.08 -16.07
C THR A 95 -0.21 -1.47 -14.91
N VAL A 96 -1.29 -2.14 -14.53
CA VAL A 96 -2.11 -1.72 -13.40
C VAL A 96 -1.26 -1.44 -12.16
N MET A 97 -0.52 -2.44 -11.70
CA MET A 97 0.23 -2.31 -10.46
C MET A 97 1.22 -1.17 -10.53
N ASP A 98 1.90 -1.09 -11.66
CA ASP A 98 2.89 -0.04 -11.90
C ASP A 98 2.24 1.35 -11.96
N ASN A 99 1.10 1.45 -12.64
CA ASN A 99 0.41 2.72 -12.78
C ASN A 99 -0.18 3.14 -11.44
N ILE A 100 -0.87 2.20 -10.79
CA ILE A 100 -1.38 2.39 -9.44
C ILE A 100 -0.23 2.73 -8.49
N LYS A 101 0.93 2.11 -8.71
CA LYS A 101 2.13 2.44 -7.94
C LYS A 101 2.38 3.92 -8.00
N MET A 102 2.67 4.39 -9.20
CA MET A 102 3.01 5.76 -9.46
C MET A 102 1.92 6.71 -8.98
N THR A 103 0.68 6.38 -9.29
CA THR A 103 -0.46 7.18 -8.86
C THR A 103 -0.42 7.42 -7.35
N LEU A 104 -0.31 6.34 -6.58
CA LEU A 104 -0.29 6.42 -5.14
C LEU A 104 0.99 7.05 -4.64
N GLN A 105 2.09 6.51 -5.11
CA GLN A 105 3.43 6.90 -4.72
C GLN A 105 3.63 8.43 -4.83
N GLN A 106 3.22 9.02 -5.94
CA GLN A 106 3.34 10.45 -6.14
C GLN A 106 2.53 11.21 -5.11
N ILE A 107 1.26 10.84 -4.96
CA ILE A 107 0.38 11.51 -4.01
C ILE A 107 0.97 11.45 -2.60
N ILE A 108 1.50 10.27 -2.25
CA ILE A 108 2.24 10.09 -1.01
C ILE A 108 3.38 11.09 -0.90
N SER A 109 4.23 11.09 -1.91
CA SER A 109 5.38 11.95 -1.95
C SER A 109 4.99 13.43 -1.91
N ARG A 110 3.82 13.74 -2.45
CA ARG A 110 3.29 15.10 -2.44
C ARG A 110 2.89 15.51 -1.03
N TYR A 111 2.57 14.53 -0.17
CA TYR A 111 2.27 14.81 1.23
C TYR A 111 3.54 14.69 2.07
N LYS A 112 4.54 14.06 1.49
CA LYS A 112 5.85 13.93 2.14
C LYS A 112 6.60 15.25 2.06
N ASP A 113 6.73 15.77 0.84
CA ASP A 113 7.40 17.05 0.63
C ASP A 113 6.45 18.19 0.94
N ALA A 114 5.17 17.90 0.72
CA ALA A 114 4.08 18.82 1.03
C ALA A 114 4.07 20.02 0.10
N ASP A 115 4.72 19.88 -1.05
CA ASP A 115 4.74 20.92 -2.06
C ASP A 115 4.26 20.35 -3.38
N ASP B 1 -0.48 -18.06 9.70
CA ASP B 1 0.48 -18.86 8.90
C ASP B 1 0.41 -18.48 7.42
N THR B 2 -0.77 -18.09 6.96
CA THR B 2 -0.97 -17.74 5.57
C THR B 2 -0.59 -16.28 5.30
N GLN B 3 -1.12 -15.39 6.11
CA GLN B 3 -0.81 -13.96 6.01
C GLN B 3 0.67 -13.74 6.32
N ASP B 4 1.21 -14.62 7.14
CA ASP B 4 2.62 -14.54 7.55
C ASP B 4 3.54 -14.83 6.36
N ASP B 5 3.07 -15.68 5.46
CA ASP B 5 3.84 -16.03 4.27
C ASP B 5 4.00 -14.80 3.38
N PHE B 6 3.02 -13.91 3.44
CA PHE B 6 3.03 -12.68 2.66
C PHE B 6 4.10 -11.71 3.17
N LEU B 7 4.65 -11.99 4.34
CA LEU B 7 5.73 -11.20 4.87
C LEU B 7 7.07 -11.69 4.30
N LYS B 8 7.29 -12.99 4.38
CA LYS B 8 8.59 -13.56 4.04
C LYS B 8 8.91 -13.42 2.55
N TRP B 9 7.94 -13.67 1.67
CA TRP B 9 8.19 -13.61 0.23
C TRP B 9 8.51 -12.19 -0.20
N TRP B 10 8.15 -11.24 0.65
CA TRP B 10 8.37 -9.83 0.35
C TRP B 10 9.77 -9.41 0.78
N ARG B 11 10.14 -9.80 2.00
CA ARG B 11 11.42 -9.40 2.56
C ARG B 11 12.57 -10.23 2.00
N SER B 12 12.24 -11.42 1.49
CA SER B 12 13.26 -12.26 0.85
C SER B 12 13.82 -11.55 -0.39
N GLU B 13 12.94 -10.85 -1.10
CA GLU B 13 13.34 -10.10 -2.27
C GLU B 13 14.25 -8.94 -1.87
N GLU B 14 13.88 -8.27 -0.77
CA GLU B 14 14.69 -7.20 -0.23
C GLU B 14 16.06 -7.71 0.18
N ALA B 15 16.09 -8.88 0.80
CA ALA B 15 17.33 -9.51 1.20
C ALA B 15 18.24 -9.71 -0.01
N GLN B 16 17.67 -10.25 -1.08
CA GLN B 16 18.42 -10.49 -2.32
C GLN B 16 18.86 -9.18 -2.96
N ASP B 17 18.05 -8.14 -2.77
CA ASP B 17 18.33 -6.82 -3.34
C ASP B 17 19.46 -6.14 -2.58
N MET B 18 19.56 -6.44 -1.30
CA MET B 18 20.58 -5.85 -0.43
C MET B 18 21.92 -6.54 -0.64
N GLY B 19 21.89 -7.77 -1.14
CA GLY B 19 23.11 -8.49 -1.40
C GLY B 19 22.94 -9.98 -1.26
N PRO A 1 -6.29 6.02 -18.63
CA PRO A 1 -7.08 5.58 -17.46
C PRO A 1 -6.41 6.01 -16.16
N SER A 2 -5.37 5.29 -15.75
CA SER A 2 -4.61 5.55 -14.51
C SER A 2 -5.52 5.54 -13.28
N HIS A 3 -4.89 5.67 -12.11
CA HIS A 3 -5.60 5.83 -10.83
C HIS A 3 -6.36 4.57 -10.40
N SER A 4 -6.60 3.65 -11.29
CA SER A 4 -7.42 2.49 -10.98
C SER A 4 -6.99 1.25 -11.73
N GLY A 5 -7.47 0.12 -11.22
CA GLY A 5 -7.15 -1.17 -11.79
C GLY A 5 -7.64 -2.26 -10.88
N ALA A 6 -7.96 -3.39 -11.45
CA ALA A 6 -8.57 -4.47 -10.69
C ALA A 6 -7.62 -5.05 -9.67
N ALA A 7 -8.01 -4.95 -8.40
CA ALA A 7 -7.19 -5.41 -7.30
C ALA A 7 -7.99 -6.34 -6.40
N ILE A 8 -7.33 -6.94 -5.44
CA ILE A 8 -7.96 -7.87 -4.53
C ILE A 8 -7.65 -7.53 -3.09
N PHE A 9 -8.65 -7.61 -2.23
CA PHE A 9 -8.50 -7.28 -0.82
C PHE A 9 -9.46 -8.12 0.00
N GLU A 10 -8.98 -8.72 1.08
CA GLU A 10 -9.79 -9.60 1.94
C GLU A 10 -10.23 -10.84 1.19
N LYS A 11 -9.35 -11.32 0.33
CA LYS A 11 -9.56 -12.54 -0.45
C LYS A 11 -10.73 -12.42 -1.43
N VAL A 12 -11.28 -11.23 -1.56
CA VAL A 12 -12.27 -10.94 -2.58
C VAL A 12 -11.65 -9.98 -3.59
N SER A 13 -12.07 -10.10 -4.83
CA SER A 13 -11.50 -9.30 -5.90
C SER A 13 -12.34 -8.05 -6.16
N GLY A 14 -11.70 -7.06 -6.74
CA GLY A 14 -12.37 -5.81 -7.05
C GLY A 14 -11.49 -4.90 -7.87
N ILE A 15 -11.69 -3.60 -7.71
CA ILE A 15 -10.84 -2.60 -8.34
C ILE A 15 -10.24 -1.70 -7.27
N ILE A 16 -9.02 -1.25 -7.49
CA ILE A 16 -8.42 -0.22 -6.67
C ILE A 16 -8.54 1.09 -7.44
N ALA A 17 -9.07 2.11 -6.81
CA ALA A 17 -9.39 3.35 -7.50
C ALA A 17 -9.03 4.56 -6.66
N ILE A 18 -8.02 5.29 -7.09
CA ILE A 18 -7.56 6.46 -6.36
C ILE A 18 -8.25 7.71 -6.88
N ASN A 19 -8.85 8.44 -5.97
CA ASN A 19 -9.66 9.60 -6.30
C ASN A 19 -9.00 10.87 -5.80
N GLU A 20 -8.82 11.84 -6.68
CA GLU A 20 -8.49 13.16 -6.22
C GLU A 20 -9.55 14.11 -6.74
N ASP A 21 -10.72 14.01 -6.14
CA ASP A 21 -11.78 15.00 -6.29
C ASP A 21 -11.99 15.68 -4.96
N VAL A 22 -11.55 14.94 -3.96
CA VAL A 22 -11.93 15.14 -2.59
C VAL A 22 -10.80 15.74 -1.77
N SER A 23 -11.01 15.74 -0.47
CA SER A 23 -9.96 16.11 0.47
C SER A 23 -8.99 14.94 0.46
N PRO A 24 -7.78 15.06 1.08
CA PRO A 24 -6.58 14.39 0.60
C PRO A 24 -6.84 13.03 -0.04
N ALA A 25 -6.32 12.92 -1.27
CA ALA A 25 -6.63 11.84 -2.21
C ALA A 25 -6.79 10.50 -1.52
N GLU A 26 -7.78 9.75 -1.93
CA GLU A 26 -8.06 8.49 -1.29
C GLU A 26 -8.03 7.36 -2.30
N LEU A 27 -7.62 6.20 -1.83
CA LEU A 27 -7.56 5.00 -2.65
C LEU A 27 -8.75 4.12 -2.30
N THR A 28 -9.49 3.73 -3.29
CA THR A 28 -10.72 3.03 -3.05
C THR A 28 -10.67 1.62 -3.61
N TRP A 29 -10.59 0.63 -2.75
CA TRP A 29 -10.73 -0.73 -3.21
C TRP A 29 -12.18 -1.09 -3.18
N ARG A 30 -12.72 -1.45 -4.31
CA ARG A 30 -14.09 -1.86 -4.32
C ARG A 30 -14.28 -3.15 -5.09
N SER A 31 -14.85 -4.09 -4.39
CA SER A 31 -15.03 -5.45 -4.86
C SER A 31 -15.83 -5.44 -6.16
N THR A 32 -15.54 -6.41 -7.03
CA THR A 32 -16.07 -6.46 -8.39
C THR A 32 -17.60 -6.43 -8.40
N ASP A 33 -18.21 -6.88 -7.31
CA ASP A 33 -19.66 -6.91 -7.18
C ASP A 33 -20.21 -5.51 -6.88
N GLY A 34 -19.38 -4.67 -6.30
CA GLY A 34 -19.82 -3.34 -5.92
C GLY A 34 -20.28 -3.26 -4.48
N ASP A 35 -20.15 -4.36 -3.77
CA ASP A 35 -20.57 -4.43 -2.37
C ASP A 35 -19.52 -3.82 -1.45
N LYS A 36 -18.31 -4.34 -1.50
CA LYS A 36 -17.24 -3.87 -0.66
C LYS A 36 -16.51 -2.69 -1.30
N VAL A 37 -16.23 -1.69 -0.49
CA VAL A 37 -15.49 -0.49 -0.89
C VAL A 37 -14.65 -0.01 0.30
N HIS A 38 -13.33 0.00 0.16
CA HIS A 38 -12.49 0.43 1.26
C HIS A 38 -11.62 1.58 0.81
N THR A 39 -11.78 2.73 1.43
CA THR A 39 -11.15 3.95 0.95
C THR A 39 -10.00 4.39 1.87
N VAL A 40 -8.85 4.63 1.26
CA VAL A 40 -7.61 4.97 1.95
C VAL A 40 -7.14 6.36 1.56
N VAL A 41 -7.37 7.34 2.42
CA VAL A 41 -6.88 8.70 2.18
C VAL A 41 -5.36 8.73 2.38
N LEU A 42 -4.65 8.98 1.29
CA LEU A 42 -3.20 8.89 1.23
C LEU A 42 -2.47 9.68 2.33
N SER A 43 -3.08 10.71 2.90
CA SER A 43 -2.43 11.51 3.93
C SER A 43 -2.23 10.72 5.22
N THR A 44 -2.87 9.57 5.33
CA THR A 44 -2.68 8.70 6.49
C THR A 44 -1.60 7.67 6.19
N ILE A 45 -1.09 7.72 4.97
CA ILE A 45 -0.11 6.79 4.50
C ILE A 45 1.30 7.37 4.57
N ASP A 46 2.27 6.51 4.84
CA ASP A 46 3.67 6.90 4.96
C ASP A 46 4.42 6.54 3.68
N LYS A 47 4.19 5.33 3.18
CA LYS A 47 4.85 4.86 1.97
C LYS A 47 3.91 3.96 1.16
N LEU A 48 4.36 3.56 -0.01
CA LEU A 48 3.70 2.51 -0.77
C LEU A 48 4.73 1.69 -1.50
N GLN A 49 4.38 0.46 -1.80
CA GLN A 49 5.33 -0.51 -2.34
C GLN A 49 4.63 -1.46 -3.27
N ALA A 50 5.41 -2.24 -4.00
CA ALA A 50 4.87 -3.18 -4.97
C ALA A 50 5.73 -4.44 -5.00
N THR A 51 5.23 -5.50 -5.63
CA THR A 51 6.01 -6.71 -5.81
C THR A 51 7.15 -6.46 -6.80
N PRO A 52 8.29 -7.14 -6.59
CA PRO A 52 9.44 -7.04 -7.49
C PRO A 52 9.07 -7.41 -8.93
N ALA A 53 9.50 -6.58 -9.87
CA ALA A 53 9.17 -6.76 -11.27
C ALA A 53 9.71 -8.07 -11.83
N SER A 54 10.66 -8.66 -11.13
CA SER A 54 11.24 -9.93 -11.51
C SER A 54 10.23 -11.07 -11.33
N SER A 55 9.19 -10.79 -10.55
CA SER A 55 8.12 -11.75 -10.31
C SER A 55 6.89 -11.33 -11.08
N GLU A 56 6.18 -12.31 -11.61
CA GLU A 56 4.91 -12.06 -12.29
C GLU A 56 3.87 -11.62 -11.29
N LYS A 57 4.03 -12.06 -10.05
CA LYS A 57 3.04 -11.79 -9.02
C LYS A 57 2.89 -10.29 -8.82
N MET A 58 1.65 -9.87 -8.63
CA MET A 58 1.33 -8.46 -8.64
C MET A 58 0.62 -8.06 -7.35
N MET A 59 1.31 -7.24 -6.55
CA MET A 59 0.82 -6.82 -5.25
C MET A 59 1.31 -5.42 -4.91
N LEU A 60 0.43 -4.59 -4.38
CA LEU A 60 0.81 -3.27 -3.89
C LEU A 60 0.67 -3.24 -2.38
N ARG A 61 1.51 -2.46 -1.73
CA ARG A 61 1.38 -2.25 -0.29
C ARG A 61 1.08 -0.80 0.02
N LEU A 62 0.33 -0.61 1.07
CA LEU A 62 0.04 0.71 1.58
C LEU A 62 0.68 0.83 2.93
N ILE A 63 1.78 1.55 3.01
CA ILE A 63 2.47 1.65 4.27
C ILE A 63 1.88 2.81 5.04
N GLY A 64 0.96 2.52 5.93
CA GLY A 64 0.31 3.58 6.69
C GLY A 64 1.21 4.12 7.77
N LYS A 65 0.86 5.28 8.29
CA LYS A 65 1.64 5.89 9.33
C LYS A 65 1.68 5.01 10.57
N VAL A 66 2.61 5.31 11.43
CA VAL A 66 3.05 4.39 12.44
C VAL A 66 2.45 4.68 13.81
N ASP A 67 2.11 3.62 14.51
CA ASP A 67 1.59 3.71 15.87
C ASP A 67 2.73 3.92 16.87
N GLU A 68 3.22 5.15 16.91
CA GLU A 68 4.26 5.56 17.82
C GLU A 68 3.70 5.98 19.17
N SER A 69 2.40 5.94 19.29
CA SER A 69 1.72 6.57 20.42
C SER A 69 1.81 5.77 21.73
N LYS A 70 1.71 4.44 21.70
CA LYS A 70 1.64 3.69 22.95
C LYS A 70 2.89 2.84 23.24
N LYS A 71 3.42 2.19 22.22
CA LYS A 71 4.62 1.37 22.41
C LYS A 71 5.84 2.13 21.98
N ARG A 72 6.74 2.42 22.91
CA ARG A 72 7.90 3.22 22.56
C ARG A 72 9.21 2.75 23.16
N LYS A 73 9.98 2.05 22.33
CA LYS A 73 11.41 1.76 22.54
C LYS A 73 12.05 1.48 21.19
N ASP A 74 13.07 2.23 20.84
CA ASP A 74 13.72 2.05 19.55
C ASP A 74 14.83 1.00 19.68
N ASN A 75 15.57 0.73 18.61
CA ASN A 75 16.69 -0.20 18.69
C ASN A 75 17.74 0.35 19.66
N GLU A 76 17.81 1.67 19.76
CA GLU A 76 18.67 2.32 20.74
C GLU A 76 17.91 2.58 22.03
N GLY A 77 16.66 2.12 22.03
CA GLY A 77 15.74 2.41 23.12
C GLY A 77 15.49 3.89 23.28
N ASN A 78 15.41 4.59 22.14
CA ASN A 78 15.07 6.01 22.11
C ASN A 78 13.66 6.27 22.64
N GLU A 79 12.98 5.18 23.00
CA GLU A 79 11.59 5.21 23.45
C GLU A 79 10.67 5.59 22.30
N VAL A 80 10.92 4.96 21.16
CA VAL A 80 10.05 5.06 19.99
C VAL A 80 9.87 3.69 19.35
N VAL A 81 8.66 3.33 19.01
CA VAL A 81 8.44 2.18 18.17
C VAL A 81 7.51 2.56 17.04
N PRO A 82 8.03 2.73 15.84
CA PRO A 82 7.19 3.02 14.73
C PRO A 82 6.66 1.75 14.10
N LYS A 83 5.38 1.57 14.24
CA LYS A 83 4.68 0.47 13.60
C LYS A 83 3.75 0.97 12.53
N PRO A 84 4.13 0.75 11.29
CA PRO A 84 3.37 1.18 10.13
C PRO A 84 2.09 0.34 9.96
N GLN A 85 0.98 0.96 9.60
CA GLN A 85 -0.23 0.18 9.32
C GLN A 85 -0.27 -0.15 7.83
N ARG A 86 -0.12 -1.41 7.49
CA ARG A 86 -0.03 -1.78 6.09
C ARG A 86 -1.29 -2.43 5.56
N HIS A 87 -1.62 -2.04 4.35
CA HIS A 87 -2.70 -2.66 3.59
C HIS A 87 -2.08 -3.30 2.37
N MET A 88 -2.61 -4.43 1.92
CA MET A 88 -2.01 -5.11 0.79
C MET A 88 -3.06 -5.48 -0.24
N PHE A 89 -2.80 -5.13 -1.49
CA PHE A 89 -3.75 -5.37 -2.57
C PHE A 89 -3.09 -6.10 -3.73
N SER A 90 -3.79 -7.07 -4.29
CA SER A 90 -3.25 -7.85 -5.41
C SER A 90 -3.91 -7.43 -6.71
N PHE A 91 -3.14 -7.26 -7.75
CA PHE A 91 -3.69 -6.97 -9.06
C PHE A 91 -3.42 -8.15 -9.99
N ASN A 92 -3.92 -8.04 -11.20
CA ASN A 92 -3.72 -9.08 -12.20
C ASN A 92 -3.31 -8.46 -13.52
N ASN A 93 -2.57 -7.35 -13.44
CA ASN A 93 -2.09 -6.65 -14.61
C ASN A 93 -0.85 -5.83 -14.28
N ARG A 94 0.17 -5.92 -15.14
CA ARG A 94 1.47 -5.32 -14.90
C ARG A 94 1.42 -3.80 -15.01
N THR A 95 0.66 -3.31 -15.99
CA THR A 95 0.50 -1.88 -16.17
C THR A 95 -0.24 -1.27 -14.98
N VAL A 96 -1.32 -1.92 -14.57
CA VAL A 96 -2.03 -1.54 -13.35
C VAL A 96 -1.05 -1.37 -12.20
N MET A 97 -0.26 -2.41 -11.93
CA MET A 97 0.77 -2.34 -10.90
C MET A 97 1.56 -1.05 -10.96
N ASP A 98 2.15 -0.78 -12.12
CA ASP A 98 3.02 0.38 -12.27
C ASP A 98 2.25 1.69 -12.16
N ASN A 99 1.07 1.73 -12.77
CA ASN A 99 0.26 2.94 -12.79
C ASN A 99 -0.27 3.25 -11.39
N ILE A 100 -0.78 2.22 -10.72
CA ILE A 100 -1.21 2.35 -9.33
C ILE A 100 0.00 2.72 -8.48
N LYS A 101 1.14 2.04 -8.70
CA LYS A 101 2.38 2.42 -8.04
C LYS A 101 2.62 3.91 -8.16
N MET A 102 2.70 4.38 -9.40
CA MET A 102 2.96 5.77 -9.70
C MET A 102 1.92 6.69 -9.08
N THR A 103 0.64 6.36 -9.28
CA THR A 103 -0.46 7.16 -8.77
C THR A 103 -0.34 7.36 -7.26
N LEU A 104 -0.18 6.26 -6.54
CA LEU A 104 -0.14 6.28 -5.09
C LEU A 104 1.14 6.99 -4.65
N GLN A 105 2.25 6.56 -5.24
CA GLN A 105 3.58 7.07 -4.93
C GLN A 105 3.64 8.60 -5.04
N GLN A 106 3.15 9.15 -6.16
CA GLN A 106 3.17 10.59 -6.36
C GLN A 106 2.36 11.30 -5.31
N ILE A 107 1.13 10.84 -5.09
CA ILE A 107 0.24 11.44 -4.11
C ILE A 107 0.81 11.33 -2.70
N ILE A 108 1.30 10.14 -2.36
CA ILE A 108 1.96 9.92 -1.09
C ILE A 108 3.16 10.83 -0.94
N SER A 109 3.97 10.91 -1.99
CA SER A 109 5.13 11.80 -2.03
C SER A 109 4.70 13.26 -1.81
N ARG A 110 3.51 13.62 -2.32
CA ARG A 110 2.97 14.96 -2.15
C ARG A 110 2.71 15.27 -0.67
N TYR A 111 2.25 14.27 0.07
CA TYR A 111 1.96 14.44 1.49
C TYR A 111 3.20 14.13 2.30
N LYS A 112 4.13 13.47 1.64
CA LYS A 112 5.42 13.13 2.22
C LYS A 112 6.27 14.37 2.34
N ASP A 113 6.40 15.10 1.24
CA ASP A 113 7.08 16.40 1.24
C ASP A 113 6.22 17.43 1.95
N ALA A 114 4.92 17.26 1.78
CA ALA A 114 3.89 18.02 2.50
C ALA A 114 3.83 19.48 2.07
N ASP A 115 4.35 19.76 0.88
CA ASP A 115 4.31 21.10 0.32
C ASP A 115 3.32 21.15 -0.84
N ASP B 1 0.48 -12.82 12.80
CA ASP B 1 1.79 -13.46 12.48
C ASP B 1 1.95 -13.67 10.97
N THR B 2 0.85 -13.89 10.26
CA THR B 2 0.93 -14.21 8.85
C THR B 2 1.20 -12.97 8.01
N GLN B 3 0.81 -11.80 8.51
CA GLN B 3 1.18 -10.54 7.86
C GLN B 3 2.69 -10.41 7.87
N ASP B 4 3.31 -11.06 8.84
CA ASP B 4 4.77 -11.02 8.99
C ASP B 4 5.40 -11.98 7.99
N ASP B 5 4.73 -13.09 7.74
CA ASP B 5 5.16 -14.07 6.75
C ASP B 5 5.13 -13.44 5.35
N PHE B 6 4.19 -12.50 5.17
CA PHE B 6 4.09 -11.78 3.91
C PHE B 6 5.22 -10.77 3.75
N LEU B 7 5.92 -10.49 4.84
CA LEU B 7 7.04 -9.57 4.78
C LEU B 7 8.30 -10.29 4.34
N LYS B 8 8.37 -11.59 4.61
CA LYS B 8 9.59 -12.35 4.31
C LYS B 8 9.59 -12.89 2.89
N TRP B 9 8.45 -13.38 2.38
CA TRP B 9 8.41 -13.90 1.01
C TRP B 9 8.66 -12.77 0.03
N TRP B 10 8.31 -11.56 0.44
CA TRP B 10 8.52 -10.39 -0.37
C TRP B 10 10.01 -10.20 -0.63
N ARG B 11 10.81 -10.32 0.43
CA ARG B 11 12.25 -10.16 0.32
C ARG B 11 12.87 -11.38 -0.36
N SER B 12 12.20 -12.53 -0.23
CA SER B 12 12.66 -13.76 -0.83
C SER B 12 12.62 -13.66 -2.36
N GLU B 13 11.49 -13.19 -2.89
CA GLU B 13 11.34 -13.02 -4.32
C GLU B 13 12.10 -11.79 -4.81
N GLU B 14 12.29 -10.83 -3.91
CA GLU B 14 13.05 -9.63 -4.23
C GLU B 14 14.53 -9.96 -4.38
N ALA B 15 14.99 -10.97 -3.64
CA ALA B 15 16.38 -11.40 -3.69
C ALA B 15 16.75 -11.92 -5.08
N GLN B 16 15.74 -12.36 -5.83
CA GLN B 16 15.94 -12.87 -7.19
C GLN B 16 16.49 -11.75 -8.08
N ASP B 17 15.86 -10.59 -8.02
CA ASP B 17 16.28 -9.45 -8.82
C ASP B 17 17.52 -8.79 -8.22
N MET B 18 17.66 -8.90 -6.91
CA MET B 18 18.77 -8.27 -6.21
C MET B 18 20.07 -9.04 -6.43
N GLY B 19 20.02 -10.36 -6.37
CA GLY B 19 21.20 -11.17 -6.57
C GLY B 19 20.94 -12.33 -7.50
N PRO A 1 -5.98 0.86 -15.95
CA PRO A 1 -6.05 2.33 -15.98
C PRO A 1 -4.95 2.93 -15.11
N SER A 2 -4.91 4.25 -15.01
CA SER A 2 -3.89 4.92 -14.24
C SER A 2 -4.24 4.95 -12.76
N HIS A 3 -5.38 5.56 -12.46
CA HIS A 3 -5.83 5.76 -11.09
C HIS A 3 -6.66 4.60 -10.59
N SER A 4 -6.73 3.54 -11.38
CA SER A 4 -7.53 2.40 -11.00
C SER A 4 -7.11 1.13 -11.73
N GLY A 5 -7.58 0.02 -11.22
CA GLY A 5 -7.27 -1.26 -11.79
C GLY A 5 -7.76 -2.37 -10.91
N ALA A 6 -8.13 -3.48 -11.52
CA ALA A 6 -8.74 -4.56 -10.79
C ALA A 6 -7.78 -5.19 -9.80
N ALA A 7 -8.13 -5.07 -8.52
CA ALA A 7 -7.29 -5.53 -7.43
C ALA A 7 -8.09 -6.46 -6.53
N ILE A 8 -7.42 -7.05 -5.56
CA ILE A 8 -8.05 -7.96 -4.62
C ILE A 8 -7.70 -7.58 -3.20
N PHE A 9 -8.68 -7.63 -2.32
CA PHE A 9 -8.50 -7.27 -0.92
C PHE A 9 -9.44 -8.11 -0.06
N GLU A 10 -8.90 -8.74 0.98
CA GLU A 10 -9.67 -9.61 1.87
C GLU A 10 -10.18 -10.84 1.12
N LYS A 11 -9.31 -11.39 0.29
CA LYS A 11 -9.60 -12.58 -0.51
C LYS A 11 -10.68 -12.36 -1.59
N VAL A 12 -11.33 -11.21 -1.57
CA VAL A 12 -12.32 -10.89 -2.58
C VAL A 12 -11.71 -9.94 -3.61
N SER A 13 -12.17 -10.08 -4.83
CA SER A 13 -11.63 -9.31 -5.94
C SER A 13 -12.49 -8.10 -6.26
N GLY A 14 -11.85 -7.12 -6.85
CA GLY A 14 -12.51 -5.89 -7.21
C GLY A 14 -11.60 -4.97 -7.98
N ILE A 15 -11.76 -3.67 -7.78
CA ILE A 15 -10.92 -2.67 -8.39
C ILE A 15 -10.32 -1.78 -7.31
N ILE A 16 -9.10 -1.32 -7.53
CA ILE A 16 -8.50 -0.30 -6.70
C ILE A 16 -8.64 1.02 -7.46
N ALA A 17 -9.12 2.05 -6.80
CA ALA A 17 -9.45 3.30 -7.48
C ALA A 17 -9.04 4.50 -6.65
N ILE A 18 -8.20 5.36 -7.20
CA ILE A 18 -7.68 6.49 -6.46
C ILE A 18 -8.45 7.77 -6.73
N ASN A 19 -8.94 8.33 -5.65
CA ASN A 19 -9.72 9.54 -5.67
C ASN A 19 -8.81 10.75 -5.45
N GLU A 20 -9.15 11.84 -6.08
CA GLU A 20 -8.40 13.03 -6.15
C GLU A 20 -9.24 14.10 -5.55
N ASP A 21 -9.11 15.30 -6.06
CA ASP A 21 -9.13 16.65 -5.43
C ASP A 21 -10.11 16.90 -4.28
N VAL A 22 -10.37 15.86 -3.60
CA VAL A 22 -11.12 15.86 -2.37
C VAL A 22 -10.11 15.92 -1.24
N SER A 23 -10.53 15.70 -0.02
CA SER A 23 -9.61 15.80 1.09
C SER A 23 -8.69 14.59 0.95
N PRO A 24 -7.48 14.62 1.56
CA PRO A 24 -6.29 13.99 0.97
C PRO A 24 -6.59 12.74 0.18
N ALA A 25 -6.13 12.77 -1.08
CA ALA A 25 -6.48 11.79 -2.11
C ALA A 25 -6.67 10.41 -1.53
N GLU A 26 -7.79 9.80 -1.82
CA GLU A 26 -8.15 8.57 -1.14
C GLU A 26 -8.17 7.43 -2.13
N LEU A 27 -7.69 6.28 -1.72
CA LEU A 27 -7.66 5.11 -2.57
C LEU A 27 -8.79 4.18 -2.19
N THR A 28 -9.55 3.77 -3.15
CA THR A 28 -10.74 3.03 -2.90
C THR A 28 -10.68 1.66 -3.56
N TRP A 29 -10.53 0.62 -2.77
CA TRP A 29 -10.69 -0.71 -3.30
C TRP A 29 -12.14 -1.10 -3.15
N ARG A 30 -12.75 -1.47 -4.25
CA ARG A 30 -14.12 -1.90 -4.23
C ARG A 30 -14.29 -3.17 -5.02
N SER A 31 -15.02 -4.09 -4.44
CA SER A 31 -15.16 -5.43 -4.98
C SER A 31 -15.87 -5.39 -6.33
N THR A 32 -15.72 -6.49 -7.08
CA THR A 32 -16.27 -6.57 -8.44
C THR A 32 -17.80 -6.43 -8.43
N ASP A 33 -18.41 -6.64 -7.27
CA ASP A 33 -19.85 -6.50 -7.12
C ASP A 33 -20.22 -5.05 -6.79
N GLY A 34 -19.31 -4.36 -6.13
CA GLY A 34 -19.54 -2.97 -5.78
C GLY A 34 -19.99 -2.80 -4.35
N ASP A 35 -20.27 -3.92 -3.68
CA ASP A 35 -20.71 -3.89 -2.29
C ASP A 35 -19.58 -3.43 -1.38
N LYS A 36 -18.46 -4.13 -1.45
CA LYS A 36 -17.32 -3.81 -0.63
C LYS A 36 -16.55 -2.64 -1.22
N VAL A 37 -16.44 -1.57 -0.45
CA VAL A 37 -15.71 -0.38 -0.84
C VAL A 37 -14.89 0.10 0.34
N HIS A 38 -13.58 0.13 0.19
CA HIS A 38 -12.70 0.54 1.28
C HIS A 38 -11.87 1.72 0.83
N THR A 39 -11.95 2.81 1.56
CA THR A 39 -11.32 4.04 1.13
C THR A 39 -10.15 4.44 2.03
N VAL A 40 -8.98 4.48 1.43
CA VAL A 40 -7.75 4.85 2.10
C VAL A 40 -7.40 6.30 1.76
N VAL A 41 -7.69 7.21 2.68
CA VAL A 41 -7.27 8.60 2.51
C VAL A 41 -5.77 8.67 2.70
N LEU A 42 -5.09 9.02 1.64
CA LEU A 42 -3.68 8.75 1.49
C LEU A 42 -2.78 9.51 2.48
N SER A 43 -3.18 10.69 2.94
CA SER A 43 -2.33 11.45 3.87
C SER A 43 -2.13 10.73 5.22
N THR A 44 -2.61 9.50 5.34
CA THR A 44 -2.36 8.67 6.50
C THR A 44 -1.28 7.63 6.19
N ILE A 45 -0.81 7.65 4.95
CA ILE A 45 0.20 6.73 4.47
C ILE A 45 1.59 7.36 4.58
N ASP A 46 2.60 6.53 4.88
CA ASP A 46 3.98 6.98 4.95
C ASP A 46 4.78 6.44 3.78
N LYS A 47 4.55 5.19 3.42
CA LYS A 47 5.33 4.56 2.36
C LYS A 47 4.44 3.80 1.39
N LEU A 48 5.06 3.31 0.34
CA LEU A 48 4.38 2.49 -0.64
C LEU A 48 5.36 1.46 -1.17
N GLN A 49 4.91 0.22 -1.25
CA GLN A 49 5.77 -0.89 -1.65
C GLN A 49 5.10 -1.71 -2.73
N ALA A 50 5.91 -2.28 -3.61
CA ALA A 50 5.38 -3.08 -4.71
C ALA A 50 6.20 -4.36 -4.85
N THR A 51 5.59 -5.40 -5.40
CA THR A 51 6.26 -6.67 -5.59
C THR A 51 7.41 -6.55 -6.59
N PRO A 52 8.52 -7.26 -6.33
CA PRO A 52 9.69 -7.28 -7.22
C PRO A 52 9.33 -7.67 -8.64
N ALA A 53 9.99 -7.03 -9.60
CA ALA A 53 9.69 -7.22 -11.02
C ALA A 53 10.01 -8.64 -11.48
N SER A 54 10.80 -9.35 -10.69
CA SER A 54 11.16 -10.72 -11.01
C SER A 54 9.96 -11.65 -10.79
N SER A 55 9.03 -11.20 -9.96
CA SER A 55 7.88 -11.99 -9.59
C SER A 55 6.75 -11.74 -10.58
N GLU A 56 6.09 -12.81 -10.98
CA GLU A 56 4.89 -12.72 -11.80
C GLU A 56 3.75 -12.15 -10.97
N LYS A 57 3.77 -12.47 -9.69
CA LYS A 57 2.74 -12.02 -8.79
C LYS A 57 2.78 -10.50 -8.65
N MET A 58 1.61 -9.92 -8.49
CA MET A 58 1.46 -8.47 -8.57
C MET A 58 0.71 -7.93 -7.37
N MET A 59 1.40 -7.13 -6.58
CA MET A 59 0.87 -6.65 -5.32
C MET A 59 1.37 -5.24 -5.00
N LEU A 60 0.49 -4.41 -4.45
CA LEU A 60 0.89 -3.11 -3.94
C LEU A 60 0.65 -3.05 -2.44
N ARG A 61 1.48 -2.26 -1.76
CA ARG A 61 1.28 -2.01 -0.34
C ARG A 61 1.11 -0.52 -0.07
N LEU A 62 0.11 -0.22 0.72
CA LEU A 62 -0.09 1.12 1.26
C LEU A 62 0.47 1.17 2.68
N ILE A 63 1.64 1.74 2.86
CA ILE A 63 2.28 1.71 4.18
C ILE A 63 1.79 2.88 5.00
N GLY A 64 0.86 2.61 5.90
CA GLY A 64 0.33 3.65 6.77
C GLY A 64 1.40 4.26 7.63
N LYS A 65 1.03 5.34 8.30
CA LYS A 65 2.01 6.16 9.00
C LYS A 65 2.62 5.49 10.23
N VAL A 66 3.74 6.08 10.62
CA VAL A 66 4.71 5.52 11.56
C VAL A 66 4.60 6.15 12.93
N ASP A 67 5.50 5.75 13.82
CA ASP A 67 5.49 6.18 15.22
C ASP A 67 5.41 7.71 15.32
N GLU A 68 4.18 8.17 15.42
CA GLU A 68 3.82 9.56 15.50
C GLU A 68 3.94 10.11 16.91
N SER A 69 4.49 9.29 17.81
CA SER A 69 4.66 9.62 19.23
C SER A 69 5.36 10.98 19.48
N LYS A 70 5.66 11.70 18.42
CA LYS A 70 6.06 13.09 18.51
C LYS A 70 4.87 13.87 19.07
N LYS A 71 3.69 13.41 18.68
CA LYS A 71 2.43 13.91 19.18
C LYS A 71 2.07 13.22 20.49
N ARG A 72 1.17 13.84 21.25
CA ARG A 72 0.78 13.31 22.55
C ARG A 72 0.14 11.93 22.48
N LYS A 73 -0.01 11.34 23.65
CA LYS A 73 -0.64 10.03 23.81
C LYS A 73 -2.12 10.10 23.50
N ASP A 74 -2.76 8.94 23.41
CA ASP A 74 -4.15 8.86 22.96
C ASP A 74 -5.11 9.48 23.99
N ASN A 75 -6.41 9.27 23.81
CA ASN A 75 -7.43 9.99 24.58
C ASN A 75 -7.34 9.69 26.07
N GLU A 76 -6.97 8.47 26.42
CA GLU A 76 -6.82 8.09 27.82
C GLU A 76 -5.36 8.15 28.22
N GLY A 77 -4.59 8.91 27.46
CA GLY A 77 -3.17 9.02 27.70
C GLY A 77 -2.45 7.74 27.42
N ASN A 78 -3.00 6.95 26.52
CA ASN A 78 -2.42 5.68 26.13
C ASN A 78 -1.08 5.89 25.50
N GLU A 79 -0.09 5.34 26.14
CA GLU A 79 1.28 5.35 25.64
C GLU A 79 1.40 4.41 24.45
N VAL A 80 0.71 4.73 23.38
CA VAL A 80 0.66 3.86 22.21
C VAL A 80 1.95 3.96 21.42
N VAL A 81 2.32 2.87 20.80
CA VAL A 81 3.42 2.87 19.87
C VAL A 81 2.90 2.46 18.49
N PRO A 82 2.73 3.44 17.60
CA PRO A 82 2.11 3.21 16.33
C PRO A 82 3.08 2.70 15.28
N LYS A 83 2.74 1.56 14.74
CA LYS A 83 3.47 0.92 13.66
C LYS A 83 2.72 1.15 12.37
N PRO A 84 3.45 1.20 11.27
CA PRO A 84 2.89 1.51 9.97
C PRO A 84 1.83 0.50 9.60
N GLN A 85 0.63 0.97 9.33
CA GLN A 85 -0.45 0.07 8.98
C GLN A 85 -0.53 -0.03 7.48
N ARG A 86 -0.19 -1.18 6.93
CA ARG A 86 -0.11 -1.29 5.51
C ARG A 86 -1.27 -2.08 4.94
N HIS A 87 -1.70 -1.66 3.79
CA HIS A 87 -2.82 -2.28 3.09
C HIS A 87 -2.29 -2.97 1.85
N MET A 88 -2.64 -4.23 1.65
CA MET A 88 -2.07 -4.99 0.56
C MET A 88 -3.13 -5.41 -0.45
N PHE A 89 -2.91 -5.08 -1.72
CA PHE A 89 -3.87 -5.38 -2.76
C PHE A 89 -3.22 -6.13 -3.91
N SER A 90 -3.89 -7.15 -4.41
CA SER A 90 -3.37 -7.95 -5.51
C SER A 90 -3.99 -7.52 -6.84
N PHE A 91 -3.18 -7.39 -7.86
CA PHE A 91 -3.68 -7.08 -9.19
C PHE A 91 -3.47 -8.25 -10.12
N ASN A 92 -3.93 -8.10 -11.34
CA ASN A 92 -3.80 -9.14 -12.35
C ASN A 92 -3.22 -8.55 -13.63
N ASN A 93 -2.45 -7.47 -13.49
CA ASN A 93 -1.86 -6.81 -14.63
C ASN A 93 -0.66 -5.98 -14.19
N ARG A 94 0.47 -6.14 -14.89
CA ARG A 94 1.72 -5.50 -14.50
C ARG A 94 1.68 -3.99 -14.77
N THR A 95 0.98 -3.61 -15.83
CA THR A 95 0.78 -2.22 -16.15
C THR A 95 0.04 -1.51 -15.02
N VAL A 96 -1.08 -2.12 -14.63
CA VAL A 96 -1.84 -1.67 -13.46
C VAL A 96 -0.92 -1.47 -12.26
N MET A 97 -0.13 -2.49 -11.93
CA MET A 97 0.87 -2.38 -10.87
C MET A 97 1.64 -1.07 -10.93
N ASP A 98 2.28 -0.82 -12.06
CA ASP A 98 3.15 0.35 -12.21
C ASP A 98 2.35 1.64 -12.14
N ASN A 99 1.16 1.63 -12.74
CA ASN A 99 0.30 2.80 -12.76
C ASN A 99 -0.19 3.13 -11.37
N ILE A 100 -0.75 2.13 -10.69
CA ILE A 100 -1.18 2.28 -9.32
C ILE A 100 0.01 2.64 -8.44
N LYS A 101 1.16 2.01 -8.68
CA LYS A 101 2.38 2.37 -7.96
C LYS A 101 2.61 3.86 -7.99
N MET A 102 2.84 4.36 -9.19
CA MET A 102 3.11 5.75 -9.43
C MET A 102 2.00 6.66 -8.94
N THR A 103 0.77 6.34 -9.33
CA THR A 103 -0.39 7.13 -8.95
C THR A 103 -0.41 7.40 -7.45
N LEU A 104 -0.25 6.35 -6.67
CA LEU A 104 -0.34 6.43 -5.23
C LEU A 104 0.91 7.12 -4.68
N GLN A 105 2.05 6.60 -5.12
CA GLN A 105 3.34 7.05 -4.67
C GLN A 105 3.55 8.54 -4.92
N GLN A 106 3.15 9.03 -6.09
CA GLN A 106 3.28 10.44 -6.42
C GLN A 106 2.44 11.31 -5.50
N ILE A 107 1.19 10.90 -5.28
CA ILE A 107 0.32 11.60 -4.34
C ILE A 107 0.97 11.64 -2.97
N ILE A 108 1.49 10.50 -2.55
CA ILE A 108 2.22 10.39 -1.30
C ILE A 108 3.37 11.37 -1.26
N SER A 109 4.22 11.29 -2.25
CA SER A 109 5.38 12.12 -2.35
C SER A 109 4.98 13.61 -2.37
N ARG A 110 3.76 13.87 -2.81
CA ARG A 110 3.22 15.20 -2.83
C ARG A 110 2.84 15.66 -1.42
N TYR A 111 2.34 14.74 -0.58
CA TYR A 111 2.07 15.08 0.82
C TYR A 111 3.28 14.75 1.70
N LYS A 112 4.36 14.33 1.06
CA LYS A 112 5.65 14.18 1.73
C LYS A 112 6.42 15.49 1.65
N ASP A 113 6.55 16.00 0.43
CA ASP A 113 7.24 17.26 0.19
C ASP A 113 6.42 18.42 0.76
N ALA A 114 5.10 18.29 0.61
CA ALA A 114 4.12 19.19 1.23
C ALA A 114 4.22 20.62 0.71
N ASP A 115 4.86 20.78 -0.44
CA ASP A 115 4.98 22.09 -1.06
C ASP A 115 4.02 22.18 -2.23
N ASP B 1 0.56 -16.85 11.43
CA ASP B 1 1.20 -17.60 10.34
C ASP B 1 0.79 -17.06 8.98
N THR B 2 -0.50 -16.81 8.79
CA THR B 2 -1.03 -16.38 7.51
C THR B 2 -0.51 -14.99 7.14
N GLN B 3 -0.70 -14.03 8.04
CA GLN B 3 -0.20 -12.67 7.81
C GLN B 3 1.32 -12.67 7.81
N ASP B 4 1.89 -13.57 8.60
CA ASP B 4 3.35 -13.67 8.75
C ASP B 4 3.98 -14.10 7.44
N ASP B 5 3.32 -15.01 6.76
CA ASP B 5 3.85 -15.61 5.53
C ASP B 5 4.11 -14.56 4.46
N PHE B 6 3.29 -13.51 4.44
CA PHE B 6 3.45 -12.44 3.46
C PHE B 6 4.78 -11.72 3.67
N LEU B 7 5.19 -11.62 4.92
CA LEU B 7 6.46 -10.97 5.24
C LEU B 7 7.63 -11.88 4.88
N LYS B 8 7.33 -13.16 4.72
CA LYS B 8 8.36 -14.14 4.39
C LYS B 8 8.57 -14.22 2.88
N TRP B 9 7.48 -14.33 2.12
CA TRP B 9 7.61 -14.51 0.68
C TRP B 9 8.01 -13.20 -0.01
N TRP B 10 7.54 -12.09 0.53
CA TRP B 10 7.79 -10.79 -0.07
C TRP B 10 9.28 -10.46 -0.05
N ARG B 11 9.90 -10.66 1.10
CA ARG B 11 11.31 -10.31 1.26
C ARG B 11 12.21 -11.33 0.59
N SER B 12 11.76 -12.57 0.52
CA SER B 12 12.56 -13.62 -0.13
C SER B 12 12.74 -13.29 -1.61
N GLU B 13 11.66 -12.87 -2.25
CA GLU B 13 11.72 -12.49 -3.66
C GLU B 13 12.36 -11.11 -3.82
N GLU B 14 12.15 -10.24 -2.84
CA GLU B 14 12.75 -8.92 -2.83
C GLU B 14 14.28 -9.03 -2.81
N ALA B 15 14.78 -9.90 -1.93
CA ALA B 15 16.21 -10.10 -1.80
C ALA B 15 16.75 -11.00 -2.91
N GLN B 16 15.84 -11.58 -3.68
CA GLN B 16 16.21 -12.44 -4.80
C GLN B 16 16.57 -11.61 -6.02
N ASP B 17 15.75 -10.61 -6.32
CA ASP B 17 15.98 -9.75 -7.47
C ASP B 17 16.92 -8.61 -7.11
N MET B 18 16.70 -8.01 -5.94
CA MET B 18 17.51 -6.91 -5.46
C MET B 18 17.44 -5.72 -6.43
N GLY B 19 16.29 -5.08 -6.47
CA GLY B 19 16.11 -3.95 -7.36
C GLY B 19 15.96 -2.65 -6.59
N PRO A 1 -8.39 3.29 -17.31
CA PRO A 1 -7.03 3.81 -17.57
C PRO A 1 -6.58 4.75 -16.46
N SER A 2 -5.45 4.40 -15.85
CA SER A 2 -4.83 5.18 -14.76
C SER A 2 -5.73 5.31 -13.53
N HIS A 3 -5.10 5.55 -12.37
CA HIS A 3 -5.79 5.78 -11.10
C HIS A 3 -6.58 4.57 -10.61
N SER A 4 -6.67 3.52 -11.41
CA SER A 4 -7.49 2.38 -11.06
C SER A 4 -7.05 1.13 -11.78
N GLY A 5 -7.54 0.01 -11.29
CA GLY A 5 -7.20 -1.27 -11.84
C GLY A 5 -7.71 -2.37 -10.94
N ALA A 6 -8.05 -3.50 -11.53
CA ALA A 6 -8.67 -4.58 -10.79
C ALA A 6 -7.73 -5.17 -9.76
N ALA A 7 -8.13 -5.07 -8.50
CA ALA A 7 -7.31 -5.51 -7.38
C ALA A 7 -8.11 -6.46 -6.49
N ILE A 8 -7.43 -7.05 -5.54
CA ILE A 8 -8.04 -7.99 -4.60
C ILE A 8 -7.63 -7.62 -3.18
N PHE A 9 -8.59 -7.62 -2.26
CA PHE A 9 -8.33 -7.19 -0.89
C PHE A 9 -9.08 -8.08 0.10
N GLU A 10 -8.30 -8.74 0.95
CA GLU A 10 -8.84 -9.62 1.99
C GLU A 10 -9.79 -10.66 1.43
N LYS A 11 -9.25 -11.44 0.49
CA LYS A 11 -9.91 -12.62 -0.05
C LYS A 11 -11.13 -12.32 -0.92
N VAL A 12 -11.28 -11.07 -1.34
CA VAL A 12 -12.29 -10.72 -2.33
C VAL A 12 -11.68 -9.84 -3.41
N SER A 13 -12.20 -9.97 -4.61
CA SER A 13 -11.68 -9.28 -5.77
C SER A 13 -12.51 -8.05 -6.13
N GLY A 14 -11.86 -7.11 -6.78
CA GLY A 14 -12.51 -5.89 -7.20
C GLY A 14 -11.58 -5.00 -7.99
N ILE A 15 -11.74 -3.69 -7.82
CA ILE A 15 -10.88 -2.69 -8.44
C ILE A 15 -10.31 -1.76 -7.38
N ILE A 16 -9.10 -1.29 -7.59
CA ILE A 16 -8.54 -0.24 -6.77
C ILE A 16 -8.67 1.07 -7.55
N ALA A 17 -9.18 2.11 -6.92
CA ALA A 17 -9.49 3.36 -7.60
C ALA A 17 -9.09 4.57 -6.76
N ILE A 18 -8.20 5.40 -7.27
CA ILE A 18 -7.66 6.50 -6.48
C ILE A 18 -8.41 7.81 -6.71
N ASN A 19 -8.80 8.39 -5.61
CA ASN A 19 -9.51 9.66 -5.54
C ASN A 19 -8.52 10.80 -5.43
N GLU A 20 -8.95 11.92 -5.95
CA GLU A 20 -8.20 13.12 -6.12
C GLU A 20 -8.86 14.20 -5.31
N ASP A 21 -9.04 15.36 -5.93
CA ASP A 21 -9.41 16.69 -5.38
C ASP A 21 -10.59 16.71 -4.40
N VAL A 22 -10.78 15.61 -3.79
CA VAL A 22 -11.69 15.40 -2.70
C VAL A 22 -10.83 15.51 -1.44
N SER A 23 -11.35 15.14 -0.30
CA SER A 23 -10.57 15.31 0.91
C SER A 23 -9.44 14.29 0.83
N PRO A 24 -8.28 14.55 1.48
CA PRO A 24 -6.96 14.15 0.94
C PRO A 24 -6.99 12.84 0.18
N ALA A 25 -6.48 12.94 -1.06
CA ALA A 25 -6.64 11.92 -2.11
C ALA A 25 -6.74 10.52 -1.53
N GLU A 26 -7.85 9.87 -1.81
CA GLU A 26 -8.18 8.63 -1.14
C GLU A 26 -8.20 7.47 -2.13
N LEU A 27 -7.71 6.32 -1.73
CA LEU A 27 -7.66 5.16 -2.60
C LEU A 27 -8.80 4.23 -2.26
N THR A 28 -9.57 3.88 -3.25
CA THR A 28 -10.76 3.13 -3.03
C THR A 28 -10.68 1.76 -3.66
N TRP A 29 -10.52 0.73 -2.84
CA TRP A 29 -10.67 -0.61 -3.35
C TRP A 29 -12.12 -1.00 -3.21
N ARG A 30 -12.73 -1.35 -4.32
CA ARG A 30 -14.10 -1.76 -4.30
C ARG A 30 -14.24 -3.08 -5.04
N SER A 31 -15.05 -3.95 -4.48
CA SER A 31 -15.14 -5.31 -4.96
C SER A 31 -15.82 -5.36 -6.33
N THR A 32 -15.64 -6.45 -7.07
CA THR A 32 -16.14 -6.52 -8.44
C THR A 32 -17.63 -6.21 -8.51
N ASP A 33 -18.38 -6.68 -7.51
CA ASP A 33 -19.81 -6.47 -7.45
C ASP A 33 -20.13 -5.01 -7.15
N GLY A 34 -19.20 -4.34 -6.49
CA GLY A 34 -19.43 -2.96 -6.10
C GLY A 34 -19.98 -2.85 -4.71
N ASP A 35 -20.19 -4.00 -4.07
CA ASP A 35 -20.72 -4.05 -2.72
C ASP A 35 -19.72 -3.53 -1.72
N LYS A 36 -18.51 -4.09 -1.77
CA LYS A 36 -17.45 -3.67 -0.87
C LYS A 36 -16.70 -2.49 -1.46
N VAL A 37 -16.51 -1.48 -0.65
CA VAL A 37 -15.76 -0.29 -1.03
C VAL A 37 -14.96 0.20 0.17
N HIS A 38 -13.65 0.20 0.05
CA HIS A 38 -12.78 0.61 1.14
C HIS A 38 -11.89 1.73 0.69
N THR A 39 -11.88 2.81 1.44
CA THR A 39 -11.18 4.00 1.00
C THR A 39 -10.01 4.35 1.92
N VAL A 40 -8.83 4.42 1.32
CA VAL A 40 -7.59 4.77 1.99
C VAL A 40 -7.21 6.21 1.66
N VAL A 41 -7.48 7.14 2.55
CA VAL A 41 -7.05 8.52 2.35
C VAL A 41 -5.53 8.59 2.47
N LEU A 42 -4.89 8.96 1.38
CA LEU A 42 -3.43 8.94 1.25
C LEU A 42 -2.71 9.66 2.39
N SER A 43 -3.38 10.63 3.00
CA SER A 43 -2.78 11.42 4.06
C SER A 43 -2.38 10.56 5.25
N THR A 44 -2.95 9.36 5.33
CA THR A 44 -2.66 8.46 6.45
C THR A 44 -1.56 7.47 6.08
N ILE A 45 -1.01 7.63 4.88
CA ILE A 45 0.02 6.75 4.39
C ILE A 45 1.41 7.36 4.59
N ASP A 46 2.39 6.51 4.83
CA ASP A 46 3.77 6.92 5.07
C ASP A 46 4.66 6.52 3.90
N LYS A 47 4.57 5.25 3.50
CA LYS A 47 5.44 4.69 2.48
C LYS A 47 4.60 3.86 1.49
N LEU A 48 5.10 3.63 0.30
CA LEU A 48 4.45 2.71 -0.63
C LEU A 48 5.45 1.68 -1.12
N GLN A 49 5.00 0.43 -1.20
CA GLN A 49 5.84 -0.67 -1.66
C GLN A 49 5.16 -1.41 -2.79
N ALA A 50 5.96 -1.94 -3.70
CA ALA A 50 5.45 -2.70 -4.83
C ALA A 50 6.31 -3.92 -5.06
N THR A 51 5.70 -5.00 -5.55
CA THR A 51 6.41 -6.26 -5.76
C THR A 51 7.54 -6.10 -6.76
N PRO A 52 8.70 -6.69 -6.43
CA PRO A 52 9.88 -6.70 -7.30
C PRO A 52 9.62 -7.42 -8.62
N ALA A 53 10.37 -7.02 -9.64
CA ALA A 53 10.18 -7.54 -11.00
C ALA A 53 10.49 -9.04 -11.08
N SER A 54 11.18 -9.56 -10.09
CA SER A 54 11.49 -10.97 -10.03
C SER A 54 10.24 -11.78 -9.72
N SER A 55 9.28 -11.14 -9.07
CA SER A 55 8.06 -11.80 -8.66
C SER A 55 6.97 -11.55 -9.68
N GLU A 56 6.28 -12.62 -10.05
CA GLU A 56 5.17 -12.53 -10.99
C GLU A 56 3.95 -11.96 -10.32
N LYS A 57 3.90 -12.06 -9.01
CA LYS A 57 2.72 -11.69 -8.26
C LYS A 57 2.54 -10.18 -8.24
N MET A 58 1.49 -9.70 -8.90
CA MET A 58 1.17 -8.28 -8.93
C MET A 58 0.62 -7.83 -7.58
N MET A 59 1.32 -6.91 -6.95
CA MET A 59 0.99 -6.52 -5.58
C MET A 59 1.40 -5.09 -5.29
N LEU A 60 0.55 -4.37 -4.58
CA LEU A 60 0.91 -3.06 -4.04
C LEU A 60 0.69 -3.03 -2.54
N ARG A 61 1.53 -2.28 -1.85
CA ARG A 61 1.35 -2.10 -0.41
C ARG A 61 1.17 -0.63 -0.08
N LEU A 62 0.30 -0.38 0.86
CA LEU A 62 0.09 0.94 1.39
C LEU A 62 0.68 0.95 2.78
N ILE A 63 1.82 1.58 2.95
CA ILE A 63 2.44 1.60 4.24
C ILE A 63 1.89 2.76 5.02
N GLY A 64 0.90 2.48 5.86
CA GLY A 64 0.24 3.53 6.60
C GLY A 64 1.09 4.06 7.72
N LYS A 65 0.77 5.26 8.16
CA LYS A 65 1.52 5.93 9.18
C LYS A 65 1.44 5.20 10.51
N VAL A 66 2.35 5.59 11.36
CA VAL A 66 2.53 4.96 12.64
C VAL A 66 2.20 5.93 13.76
N ASP A 67 1.97 5.36 14.92
CA ASP A 67 1.82 6.13 16.14
C ASP A 67 3.09 6.91 16.43
N GLU A 68 2.93 8.07 17.06
CA GLU A 68 4.03 8.95 17.44
C GLU A 68 5.09 8.25 18.31
N SER A 69 4.90 6.96 18.58
CA SER A 69 5.85 6.15 19.34
C SER A 69 7.24 6.11 18.69
N LYS A 70 7.42 6.81 17.58
CA LYS A 70 8.73 7.01 16.99
C LYS A 70 9.56 7.89 17.94
N LYS A 71 8.83 8.57 18.82
CA LYS A 71 9.40 9.30 19.94
C LYS A 71 10.23 8.39 20.84
N ARG A 72 11.02 9.01 21.71
CA ARG A 72 11.92 8.27 22.59
C ARG A 72 11.16 7.23 23.42
N LYS A 73 11.92 6.36 24.09
CA LYS A 73 11.35 5.22 24.78
C LYS A 73 10.50 5.61 25.99
N ASP A 74 9.65 4.66 26.39
CA ASP A 74 8.77 4.83 27.54
C ASP A 74 9.60 4.94 28.82
N ASN A 75 8.97 5.15 29.97
CA ASN A 75 9.70 5.36 31.21
C ASN A 75 10.61 4.16 31.54
N GLU A 76 10.20 2.97 31.14
CA GLU A 76 10.98 1.76 31.39
C GLU A 76 12.02 1.56 30.30
N GLY A 77 12.05 2.51 29.37
CA GLY A 77 12.95 2.43 28.25
C GLY A 77 12.67 1.24 27.36
N ASN A 78 11.39 0.95 27.18
CA ASN A 78 10.95 -0.09 26.22
C ASN A 78 11.64 0.05 24.87
N GLU A 79 11.88 1.28 24.43
CA GLU A 79 12.41 1.55 23.09
C GLU A 79 11.52 0.86 22.06
N VAL A 80 10.27 1.29 22.01
CA VAL A 80 9.27 0.60 21.22
C VAL A 80 9.43 0.94 19.75
N VAL A 81 9.21 -0.05 18.90
CA VAL A 81 9.25 0.16 17.48
C VAL A 81 7.85 0.39 16.96
N PRO A 82 7.62 1.49 16.23
CA PRO A 82 6.32 1.79 15.69
C PRO A 82 6.00 0.94 14.47
N LYS A 83 4.89 0.24 14.55
CA LYS A 83 4.50 -0.66 13.48
C LYS A 83 3.56 0.02 12.50
N PRO A 84 4.02 0.12 11.25
CA PRO A 84 3.26 0.73 10.15
C PRO A 84 2.00 -0.05 9.84
N GLN A 85 0.90 0.64 9.56
CA GLN A 85 -0.35 -0.04 9.23
C GLN A 85 -0.43 -0.24 7.73
N ARG A 86 -0.36 -1.46 7.29
CA ARG A 86 -0.25 -1.73 5.87
C ARG A 86 -1.54 -2.25 5.27
N HIS A 87 -1.80 -1.81 4.05
CA HIS A 87 -2.89 -2.31 3.25
C HIS A 87 -2.28 -2.94 2.00
N MET A 88 -2.41 -4.24 1.83
CA MET A 88 -1.83 -4.89 0.66
C MET A 88 -2.93 -5.31 -0.32
N PHE A 89 -2.78 -4.91 -1.57
CA PHE A 89 -3.76 -5.20 -2.59
C PHE A 89 -3.15 -6.03 -3.70
N SER A 90 -3.88 -7.03 -4.15
CA SER A 90 -3.40 -7.95 -5.17
C SER A 90 -3.99 -7.60 -6.53
N PHE A 91 -3.14 -7.42 -7.53
CA PHE A 91 -3.59 -7.19 -8.89
C PHE A 91 -3.24 -8.37 -9.77
N ASN A 92 -3.65 -8.29 -11.02
CA ASN A 92 -3.40 -9.34 -11.99
C ASN A 92 -2.90 -8.76 -13.31
N ASN A 93 -2.45 -7.52 -13.27
CA ASN A 93 -1.98 -6.84 -14.48
C ASN A 93 -0.76 -5.99 -14.17
N ARG A 94 0.25 -6.10 -15.02
CA ARG A 94 1.54 -5.43 -14.80
C ARG A 94 1.43 -3.93 -14.99
N THR A 95 0.65 -3.51 -16.00
CA THR A 95 0.43 -2.10 -16.24
C THR A 95 -0.29 -1.48 -15.05
N VAL A 96 -1.37 -2.13 -14.62
CA VAL A 96 -2.09 -1.72 -13.42
C VAL A 96 -1.13 -1.45 -12.27
N MET A 97 -0.30 -2.45 -11.94
CA MET A 97 0.72 -2.27 -10.93
C MET A 97 1.48 -0.98 -11.10
N ASP A 98 2.19 -0.85 -12.21
CA ASP A 98 3.05 0.31 -12.46
C ASP A 98 2.28 1.63 -12.36
N ASN A 99 1.07 1.64 -12.90
CA ASN A 99 0.24 2.85 -12.90
C ASN A 99 -0.25 3.17 -11.49
N ILE A 100 -0.86 2.18 -10.84
CA ILE A 100 -1.28 2.31 -9.44
C ILE A 100 -0.06 2.66 -8.58
N LYS A 101 1.02 1.92 -8.76
CA LYS A 101 2.30 2.19 -8.09
C LYS A 101 2.60 3.67 -8.09
N MET A 102 2.78 4.21 -9.27
CA MET A 102 3.10 5.61 -9.46
C MET A 102 1.98 6.52 -8.95
N THR A 103 0.73 6.21 -9.31
CA THR A 103 -0.42 7.00 -8.90
C THR A 103 -0.41 7.26 -7.39
N LEU A 104 -0.23 6.18 -6.64
CA LEU A 104 -0.32 6.23 -5.20
C LEU A 104 0.93 6.88 -4.63
N GLN A 105 2.08 6.38 -5.09
CA GLN A 105 3.39 6.84 -4.66
C GLN A 105 3.52 8.36 -4.80
N GLN A 106 3.13 8.88 -5.97
CA GLN A 106 3.24 10.31 -6.24
C GLN A 106 2.40 11.13 -5.27
N ILE A 107 1.16 10.71 -5.04
CA ILE A 107 0.30 11.40 -4.08
C ILE A 107 0.91 11.33 -2.69
N ILE A 108 1.45 10.17 -2.34
CA ILE A 108 2.18 10.00 -1.07
C ILE A 108 3.34 10.98 -1.01
N SER A 109 4.15 10.99 -2.07
CA SER A 109 5.31 11.87 -2.16
C SER A 109 4.89 13.34 -2.01
N ARG A 110 3.69 13.65 -2.49
CA ARG A 110 3.17 15.01 -2.39
C ARG A 110 2.88 15.39 -0.94
N TYR A 111 2.54 14.41 -0.12
CA TYR A 111 2.33 14.64 1.31
C TYR A 111 3.62 14.38 2.07
N LYS A 112 4.52 13.68 1.40
CA LYS A 112 5.81 13.32 1.95
C LYS A 112 6.72 14.52 1.93
N ASP A 113 6.80 15.14 0.77
CA ASP A 113 7.54 16.38 0.58
C ASP A 113 6.70 17.54 1.09
N ALA A 114 5.39 17.31 1.11
CA ALA A 114 4.41 18.31 1.49
C ALA A 114 4.48 19.51 0.55
N ASP A 115 4.98 19.27 -0.65
CA ASP A 115 5.13 20.31 -1.64
C ASP A 115 3.92 20.34 -2.56
N ASP B 1 2.16 -17.60 11.48
CA ASP B 1 2.98 -18.33 10.50
C ASP B 1 2.64 -17.92 9.08
N THR B 2 1.35 -17.88 8.74
CA THR B 2 0.94 -17.58 7.38
C THR B 2 1.22 -16.13 7.02
N GLN B 3 0.76 -15.21 7.84
CA GLN B 3 1.01 -13.79 7.62
C GLN B 3 2.51 -13.51 7.71
N ASP B 4 3.21 -14.34 8.45
CA ASP B 4 4.65 -14.18 8.64
C ASP B 4 5.40 -14.52 7.34
N ASP B 5 5.07 -15.66 6.75
CA ASP B 5 5.66 -16.04 5.47
C ASP B 5 5.18 -15.11 4.38
N PHE B 6 3.97 -14.60 4.57
CA PHE B 6 3.35 -13.66 3.66
C PHE B 6 4.10 -12.32 3.64
N LEU B 7 4.97 -12.12 4.63
CA LEU B 7 5.87 -10.98 4.62
C LEU B 7 7.28 -11.43 4.26
N LYS B 8 7.59 -12.67 4.60
CA LYS B 8 8.90 -13.24 4.36
C LYS B 8 9.21 -13.28 2.87
N TRP B 9 8.26 -13.75 2.07
CA TRP B 9 8.47 -13.88 0.62
C TRP B 9 8.83 -12.54 0.01
N TRP B 10 8.25 -11.47 0.53
CA TRP B 10 8.53 -10.13 0.05
C TRP B 10 9.96 -9.76 0.33
N ARG B 11 10.39 -10.03 1.56
CA ARG B 11 11.74 -9.74 1.99
C ARG B 11 12.76 -10.52 1.18
N SER B 12 12.41 -11.76 0.86
CA SER B 12 13.28 -12.65 0.11
C SER B 12 13.37 -12.22 -1.35
N GLU B 13 12.26 -11.75 -1.91
CA GLU B 13 12.26 -11.24 -3.28
C GLU B 13 13.15 -10.01 -3.38
N GLU B 14 13.12 -9.17 -2.35
CA GLU B 14 13.99 -8.00 -2.29
C GLU B 14 15.45 -8.45 -2.19
N ALA B 15 15.67 -9.56 -1.49
CA ALA B 15 17.00 -10.12 -1.36
C ALA B 15 17.54 -10.55 -2.73
N GLN B 16 16.66 -11.08 -3.56
CA GLN B 16 17.02 -11.47 -4.92
C GLN B 16 17.37 -10.26 -5.76
N ASP B 17 16.74 -9.13 -5.45
CA ASP B 17 16.98 -7.88 -6.18
C ASP B 17 18.43 -7.45 -6.00
N MET B 18 18.92 -7.61 -4.79
CA MET B 18 20.29 -7.25 -4.47
C MET B 18 21.24 -8.37 -4.87
N GLY B 19 20.96 -9.57 -4.37
CA GLY B 19 21.80 -10.71 -4.66
C GLY B 19 22.08 -11.50 -3.40
N PRO A 1 -8.60 1.99 -15.29
CA PRO A 1 -7.23 2.31 -15.79
C PRO A 1 -6.83 3.71 -15.37
N SER A 2 -5.57 3.87 -14.96
CA SER A 2 -5.04 5.13 -14.45
C SER A 2 -5.75 5.53 -13.15
N HIS A 3 -4.98 5.55 -12.06
CA HIS A 3 -5.53 5.76 -10.71
C HIS A 3 -6.33 4.56 -10.23
N SER A 4 -6.57 3.61 -11.11
CA SER A 4 -7.40 2.45 -10.77
C SER A 4 -6.95 1.20 -11.52
N GLY A 5 -7.46 0.09 -11.05
CA GLY A 5 -7.16 -1.19 -11.63
C GLY A 5 -7.63 -2.30 -10.74
N ALA A 6 -7.91 -3.44 -11.33
CA ALA A 6 -8.52 -4.53 -10.60
C ALA A 6 -7.57 -5.12 -9.56
N ALA A 7 -7.96 -4.96 -8.30
CA ALA A 7 -7.16 -5.40 -7.17
C ALA A 7 -7.95 -6.36 -6.31
N ILE A 8 -7.32 -6.92 -5.30
CA ILE A 8 -7.98 -7.86 -4.41
C ILE A 8 -7.72 -7.48 -2.95
N PHE A 9 -8.76 -7.56 -2.13
CA PHE A 9 -8.67 -7.20 -0.72
C PHE A 9 -9.68 -8.03 0.05
N GLU A 10 -9.25 -8.61 1.18
CA GLU A 10 -10.10 -9.51 1.98
C GLU A 10 -10.43 -10.77 1.20
N LYS A 11 -9.47 -11.20 0.39
CA LYS A 11 -9.57 -12.41 -0.43
C LYS A 11 -10.64 -12.27 -1.54
N VAL A 12 -11.39 -11.19 -1.53
CA VAL A 12 -12.32 -10.91 -2.60
C VAL A 12 -11.67 -9.97 -3.60
N SER A 13 -12.04 -10.13 -4.85
CA SER A 13 -11.46 -9.35 -5.91
C SER A 13 -12.30 -8.14 -6.25
N GLY A 14 -11.64 -7.12 -6.78
CA GLY A 14 -12.32 -5.89 -7.14
C GLY A 14 -11.43 -4.97 -7.91
N ILE A 15 -11.63 -3.67 -7.73
CA ILE A 15 -10.78 -2.65 -8.31
C ILE A 15 -10.25 -1.72 -7.22
N ILE A 16 -9.03 -1.26 -7.38
CA ILE A 16 -8.48 -0.23 -6.51
C ILE A 16 -8.60 1.10 -7.26
N ALA A 17 -9.07 2.13 -6.59
CA ALA A 17 -9.39 3.39 -7.27
C ALA A 17 -8.98 4.59 -6.44
N ILE A 18 -7.95 5.27 -6.88
CA ILE A 18 -7.46 6.46 -6.20
C ILE A 18 -8.15 7.70 -6.75
N ASN A 19 -8.75 8.47 -5.85
CA ASN A 19 -9.56 9.61 -6.23
C ASN A 19 -8.92 10.92 -5.81
N GLU A 20 -8.77 11.84 -6.75
CA GLU A 20 -8.43 13.19 -6.38
C GLU A 20 -9.53 14.11 -6.90
N ASP A 21 -10.66 14.04 -6.24
CA ASP A 21 -11.72 15.02 -6.36
C ASP A 21 -11.85 15.75 -5.05
N VAL A 22 -11.41 15.04 -4.04
CA VAL A 22 -11.74 15.30 -2.65
C VAL A 22 -10.57 15.85 -1.88
N SER A 23 -10.75 15.89 -0.58
CA SER A 23 -9.70 16.24 0.35
C SER A 23 -8.77 15.04 0.40
N PRO A 24 -7.56 15.13 1.01
CA PRO A 24 -6.37 14.42 0.51
C PRO A 24 -6.68 13.07 -0.12
N ALA A 25 -6.21 12.93 -1.36
CA ALA A 25 -6.56 11.84 -2.27
C ALA A 25 -6.73 10.52 -1.56
N GLU A 26 -7.84 9.87 -1.80
CA GLU A 26 -8.12 8.63 -1.10
C GLU A 26 -8.18 7.48 -2.10
N LEU A 27 -7.80 6.31 -1.62
CA LEU A 27 -7.77 5.11 -2.43
C LEU A 27 -8.95 4.25 -2.08
N THR A 28 -9.67 3.81 -3.08
CA THR A 28 -10.89 3.09 -2.86
C THR A 28 -10.84 1.72 -3.51
N TRP A 29 -10.71 0.67 -2.70
CA TRP A 29 -10.83 -0.67 -3.23
C TRP A 29 -12.28 -1.09 -3.16
N ARG A 30 -12.80 -1.59 -4.26
CA ARG A 30 -14.16 -2.04 -4.28
C ARG A 30 -14.26 -3.30 -5.10
N SER A 31 -15.02 -4.25 -4.58
CA SER A 31 -15.10 -5.58 -5.13
C SER A 31 -15.78 -5.55 -6.51
N THR A 32 -15.49 -6.56 -7.33
CA THR A 32 -16.07 -6.65 -8.66
C THR A 32 -17.59 -6.75 -8.58
N ASP A 33 -18.07 -7.22 -7.43
CA ASP A 33 -19.49 -7.31 -7.17
C ASP A 33 -20.11 -5.92 -7.12
N GLY A 34 -19.29 -4.95 -6.74
CA GLY A 34 -19.72 -3.56 -6.73
C GLY A 34 -20.32 -3.15 -5.41
N ASP A 35 -20.14 -4.00 -4.41
CA ASP A 35 -20.73 -3.79 -3.11
C ASP A 35 -19.69 -3.35 -2.08
N LYS A 36 -18.68 -4.19 -1.88
CA LYS A 36 -17.65 -3.91 -0.91
C LYS A 36 -16.74 -2.80 -1.41
N VAL A 37 -16.69 -1.72 -0.65
CA VAL A 37 -15.90 -0.54 -0.99
C VAL A 37 -15.15 -0.07 0.25
N HIS A 38 -13.85 0.13 0.11
CA HIS A 38 -13.04 0.57 1.24
C HIS A 38 -12.23 1.78 0.80
N THR A 39 -12.19 2.81 1.62
CA THR A 39 -11.58 4.06 1.21
C THR A 39 -10.42 4.44 2.15
N VAL A 40 -9.26 4.68 1.54
CA VAL A 40 -8.02 4.98 2.24
C VAL A 40 -7.50 6.37 1.84
N VAL A 41 -7.67 7.36 2.70
CA VAL A 41 -7.12 8.68 2.43
C VAL A 41 -5.60 8.62 2.50
N LEU A 42 -4.96 8.89 1.37
CA LEU A 42 -3.54 8.68 1.16
C LEU A 42 -2.68 9.56 2.06
N SER A 43 -3.29 10.58 2.65
CA SER A 43 -2.58 11.45 3.59
C SER A 43 -2.17 10.68 4.83
N THR A 44 -2.80 9.52 5.05
CA THR A 44 -2.50 8.71 6.22
C THR A 44 -1.52 7.60 5.87
N ILE A 45 -1.03 7.62 4.64
CA ILE A 45 -0.07 6.63 4.18
C ILE A 45 1.32 7.26 4.10
N ASP A 46 2.33 6.52 4.56
CA ASP A 46 3.70 7.02 4.59
C ASP A 46 4.44 6.61 3.33
N LYS A 47 4.25 5.37 2.90
CA LYS A 47 4.92 4.86 1.71
C LYS A 47 4.00 3.89 0.96
N LEU A 48 4.46 3.47 -0.19
CA LEU A 48 3.84 2.38 -0.92
C LEU A 48 4.93 1.54 -1.54
N GLN A 49 4.62 0.29 -1.77
CA GLN A 49 5.62 -0.70 -2.19
C GLN A 49 5.00 -1.66 -3.17
N ALA A 50 5.80 -2.19 -4.07
CA ALA A 50 5.29 -3.11 -5.06
C ALA A 50 6.10 -4.40 -5.04
N THR A 51 5.56 -5.45 -5.64
CA THR A 51 6.21 -6.75 -5.67
C THR A 51 7.50 -6.72 -6.48
N PRO A 52 8.51 -7.48 -6.03
CA PRO A 52 9.79 -7.61 -6.73
C PRO A 52 9.61 -8.10 -8.15
N ALA A 53 10.44 -7.58 -9.05
CA ALA A 53 10.31 -7.84 -10.49
C ALA A 53 10.46 -9.31 -10.84
N SER A 54 11.10 -10.07 -9.96
CA SER A 54 11.32 -11.49 -10.18
C SER A 54 10.08 -12.31 -9.80
N SER A 55 9.07 -11.63 -9.30
CA SER A 55 7.83 -12.27 -8.93
C SER A 55 6.75 -11.96 -9.97
N GLU A 56 5.97 -12.97 -10.31
CA GLU A 56 4.86 -12.81 -11.24
C GLU A 56 3.69 -12.15 -10.55
N LYS A 57 3.52 -12.48 -9.28
CA LYS A 57 2.37 -12.02 -8.54
C LYS A 57 2.38 -10.50 -8.41
N MET A 58 1.29 -9.90 -8.80
CA MET A 58 1.18 -8.46 -8.81
C MET A 58 0.53 -7.95 -7.55
N MET A 59 1.23 -7.08 -6.83
CA MET A 59 0.79 -6.64 -5.51
C MET A 59 1.31 -5.24 -5.21
N LEU A 60 0.48 -4.44 -4.57
CA LEU A 60 0.92 -3.15 -4.04
C LEU A 60 0.73 -3.14 -2.54
N ARG A 61 1.65 -2.52 -1.85
CA ARG A 61 1.51 -2.29 -0.42
C ARG A 61 1.41 -0.81 -0.13
N LEU A 62 0.63 -0.49 0.86
CA LEU A 62 0.51 0.84 1.35
C LEU A 62 1.05 0.89 2.76
N ILE A 63 2.13 1.60 2.94
CA ILE A 63 2.74 1.67 4.24
C ILE A 63 2.07 2.79 5.00
N GLY A 64 1.10 2.46 5.82
CA GLY A 64 0.34 3.48 6.50
C GLY A 64 1.14 4.21 7.54
N LYS A 65 0.86 5.49 7.69
CA LYS A 65 1.52 6.31 8.68
C LYS A 65 1.18 5.82 10.07
N VAL A 66 2.03 6.13 11.00
CA VAL A 66 1.82 5.71 12.38
C VAL A 66 1.62 6.93 13.28
N ASP A 67 0.42 7.06 13.81
CA ASP A 67 0.12 8.08 14.80
C ASP A 67 0.04 7.41 16.17
N GLU A 68 1.20 7.18 16.77
CA GLU A 68 1.34 6.21 17.82
C GLU A 68 0.34 6.39 18.97
N SER A 69 0.22 7.58 19.55
CA SER A 69 -0.94 7.79 20.43
C SER A 69 -2.03 8.57 19.70
N LYS A 70 -1.70 9.79 19.25
CA LYS A 70 -2.45 10.49 18.25
C LYS A 70 -1.51 11.22 17.30
N LYS A 71 -0.47 11.79 17.88
CA LYS A 71 0.52 12.57 17.15
C LYS A 71 1.70 11.70 16.77
N ARG A 72 2.46 12.14 15.80
CA ARG A 72 3.60 11.36 15.35
C ARG A 72 4.85 12.22 15.14
N LYS A 73 5.78 12.10 16.08
CA LYS A 73 7.14 12.58 15.85
C LYS A 73 8.22 11.91 16.70
N ASP A 74 9.15 11.28 16.02
CA ASP A 74 10.43 10.88 16.61
C ASP A 74 11.52 11.75 15.99
N ASN A 75 12.74 11.26 15.97
CA ASN A 75 13.83 11.94 15.30
C ASN A 75 13.52 12.06 13.80
N GLU A 76 12.82 11.06 13.24
CA GLU A 76 12.36 11.12 11.86
C GLU A 76 10.99 11.77 11.79
N GLY A 77 10.14 11.44 12.75
CA GLY A 77 8.83 12.05 12.84
C GLY A 77 7.67 11.06 12.85
N ASN A 78 7.89 9.93 13.51
CA ASN A 78 6.83 8.94 13.75
C ASN A 78 6.39 9.01 15.20
N GLU A 79 7.38 8.94 16.07
CA GLU A 79 7.29 9.15 17.50
C GLU A 79 8.40 8.32 18.08
N VAL A 80 8.34 7.09 17.69
CA VAL A 80 9.39 6.10 17.86
C VAL A 80 9.52 5.32 16.57
N VAL A 81 10.71 4.79 16.26
CA VAL A 81 10.92 3.99 15.06
C VAL A 81 9.89 2.83 15.01
N PRO A 82 8.83 3.04 14.24
CA PRO A 82 7.59 2.28 14.32
C PRO A 82 7.53 1.07 13.40
N LYS A 83 6.53 0.23 13.62
CA LYS A 83 6.06 -0.65 12.61
C LYS A 83 4.73 -0.16 12.06
N PRO A 84 4.78 0.36 10.85
CA PRO A 84 3.64 0.94 10.15
C PRO A 84 2.55 -0.07 9.81
N GLN A 85 1.32 0.42 9.73
CA GLN A 85 0.18 -0.40 9.35
C GLN A 85 0.09 -0.49 7.83
N ARG A 86 0.28 -1.68 7.30
CA ARG A 86 0.35 -1.86 5.87
C ARG A 86 -0.93 -2.43 5.28
N HIS A 87 -1.33 -1.85 4.17
CA HIS A 87 -2.48 -2.32 3.42
C HIS A 87 -1.99 -2.97 2.14
N MET A 88 -2.37 -4.21 1.91
CA MET A 88 -1.85 -4.94 0.77
C MET A 88 -2.98 -5.33 -0.19
N PHE A 89 -2.80 -5.02 -1.48
CA PHE A 89 -3.80 -5.32 -2.49
C PHE A 89 -3.16 -6.03 -3.67
N SER A 90 -3.83 -7.04 -4.19
CA SER A 90 -3.29 -7.82 -5.30
C SER A 90 -3.91 -7.41 -6.63
N PHE A 91 -3.09 -7.24 -7.64
CA PHE A 91 -3.58 -6.99 -8.99
C PHE A 91 -3.22 -8.18 -9.87
N ASN A 92 -3.66 -8.11 -11.11
CA ASN A 92 -3.38 -9.15 -12.08
C ASN A 92 -3.04 -8.54 -13.44
N ASN A 93 -2.39 -7.38 -13.41
CA ASN A 93 -1.95 -6.71 -14.62
C ASN A 93 -0.76 -5.82 -14.30
N ARG A 94 0.29 -5.94 -15.11
CA ARG A 94 1.57 -5.27 -14.87
C ARG A 94 1.45 -3.76 -15.04
N THR A 95 0.64 -3.33 -16.01
CA THR A 95 0.41 -1.92 -16.23
C THR A 95 -0.29 -1.30 -15.02
N VAL A 96 -1.35 -1.97 -14.57
CA VAL A 96 -2.06 -1.57 -13.36
C VAL A 96 -1.09 -1.34 -12.21
N MET A 97 -0.26 -2.36 -11.93
CA MET A 97 0.77 -2.23 -10.89
C MET A 97 1.55 -0.95 -11.02
N ASP A 98 2.10 -0.71 -12.20
CA ASP A 98 2.96 0.44 -12.42
C ASP A 98 2.19 1.75 -12.30
N ASN A 99 0.96 1.75 -12.79
CA ASN A 99 0.09 2.92 -12.72
C ASN A 99 -0.32 3.20 -11.29
N ILE A 100 -0.82 2.18 -10.60
CA ILE A 100 -1.15 2.28 -9.18
C ILE A 100 0.10 2.64 -8.38
N LYS A 101 1.24 2.04 -8.73
CA LYS A 101 2.50 2.39 -8.11
C LYS A 101 2.71 3.90 -8.16
N MET A 102 2.82 4.39 -9.39
CA MET A 102 3.08 5.81 -9.63
C MET A 102 2.01 6.70 -9.02
N THR A 103 0.75 6.31 -9.20
CA THR A 103 -0.37 7.07 -8.67
C THR A 103 -0.22 7.28 -7.17
N LEU A 104 -0.04 6.19 -6.44
CA LEU A 104 0.03 6.23 -4.99
C LEU A 104 1.32 6.92 -4.58
N GLN A 105 2.43 6.46 -5.16
CA GLN A 105 3.75 6.96 -4.86
C GLN A 105 3.82 8.48 -4.86
N GLN A 106 3.42 9.11 -5.96
CA GLN A 106 3.52 10.54 -6.09
C GLN A 106 2.60 11.27 -5.13
N ILE A 107 1.34 10.81 -5.04
CA ILE A 107 0.38 11.40 -4.11
C ILE A 107 0.86 11.26 -2.67
N ILE A 108 1.28 10.04 -2.32
CA ILE A 108 1.85 9.76 -1.01
C ILE A 108 3.01 10.68 -0.72
N SER A 109 3.97 10.73 -1.64
CA SER A 109 5.15 11.54 -1.49
C SER A 109 4.82 13.02 -1.41
N ARG A 110 3.63 13.39 -1.89
CA ARG A 110 3.20 14.76 -1.88
C ARG A 110 2.60 15.11 -0.52
N TYR A 111 2.04 14.11 0.14
CA TYR A 111 1.57 14.28 1.52
C TYR A 111 2.68 13.92 2.49
N LYS A 112 3.68 13.25 1.97
CA LYS A 112 4.86 12.86 2.72
C LYS A 112 5.72 14.08 3.00
N ASP A 113 6.09 14.76 1.94
CA ASP A 113 6.87 15.99 2.05
C ASP A 113 5.98 17.13 2.48
N ALA A 114 4.73 17.05 2.02
CA ALA A 114 3.65 17.95 2.46
C ALA A 114 3.89 19.38 1.99
N ASP A 115 4.67 19.54 0.93
CA ASP A 115 4.97 20.86 0.41
C ASP A 115 3.93 21.26 -0.63
N ASP B 1 -0.13 -17.37 11.28
CA ASP B 1 1.10 -17.53 10.47
C ASP B 1 0.92 -17.02 9.05
N THR B 2 -0.32 -16.99 8.56
CA THR B 2 -0.57 -16.64 7.18
C THR B 2 -0.41 -15.14 6.93
N GLN B 3 -0.81 -14.33 7.91
CA GLN B 3 -0.60 -12.89 7.82
C GLN B 3 0.90 -12.62 7.84
N ASP B 4 1.63 -13.54 8.43
CA ASP B 4 3.08 -13.41 8.52
C ASP B 4 3.72 -13.83 7.21
N ASP B 5 3.21 -14.91 6.64
CA ASP B 5 3.68 -15.42 5.35
C ASP B 5 3.57 -14.36 4.26
N PHE B 6 2.56 -13.49 4.40
CA PHE B 6 2.33 -12.43 3.43
C PHE B 6 3.39 -11.34 3.48
N LEU B 7 4.22 -11.33 4.52
CA LEU B 7 5.37 -10.44 4.53
C LEU B 7 6.65 -11.23 4.31
N LYS B 8 6.59 -12.54 4.56
CA LYS B 8 7.74 -13.41 4.39
C LYS B 8 8.09 -13.58 2.92
N TRP B 9 7.07 -13.86 2.10
CA TRP B 9 7.28 -14.09 0.67
C TRP B 9 7.87 -12.87 -0.01
N TRP B 10 7.67 -11.70 0.60
CA TRP B 10 8.19 -10.45 0.07
C TRP B 10 9.68 -10.33 0.35
N ARG B 11 10.05 -10.62 1.59
CA ARG B 11 11.43 -10.47 2.03
C ARG B 11 12.29 -11.61 1.50
N SER B 12 11.68 -12.79 1.39
CA SER B 12 12.38 -13.98 0.93
C SER B 12 12.74 -13.85 -0.56
N GLU B 13 11.85 -13.24 -1.32
CA GLU B 13 12.08 -13.05 -2.76
C GLU B 13 13.21 -12.05 -3.00
N GLU B 14 13.30 -11.05 -2.12
CA GLU B 14 14.38 -10.07 -2.21
C GLU B 14 15.70 -10.71 -1.83
N ALA B 15 15.64 -11.65 -0.89
CA ALA B 15 16.81 -12.35 -0.40
C ALA B 15 17.36 -13.30 -1.45
N GLN B 16 16.61 -13.52 -2.52
CA GLN B 16 17.06 -14.38 -3.61
C GLN B 16 18.24 -13.73 -4.33
N ASP B 17 18.21 -12.40 -4.42
CA ASP B 17 19.32 -11.67 -5.01
C ASP B 17 20.27 -11.20 -3.93
N MET B 18 19.72 -10.58 -2.89
CA MET B 18 20.54 -10.10 -1.79
C MET B 18 20.23 -10.87 -0.50
N GLY B 19 21.08 -11.84 -0.20
CA GLY B 19 20.89 -12.66 0.98
C GLY B 19 21.94 -13.74 1.07
N PRO A 1 -6.36 5.30 -16.78
CA PRO A 1 -5.66 4.00 -16.70
C PRO A 1 -4.47 4.09 -15.73
N SER A 2 -4.67 4.79 -14.62
CA SER A 2 -3.63 4.93 -13.63
C SER A 2 -4.23 5.04 -12.23
N HIS A 3 -5.38 5.72 -12.14
CA HIS A 3 -6.05 5.91 -10.86
C HIS A 3 -6.77 4.65 -10.41
N SER A 4 -7.02 3.73 -11.33
CA SER A 4 -7.77 2.54 -10.99
C SER A 4 -7.35 1.33 -11.79
N GLY A 5 -7.75 0.18 -11.28
CA GLY A 5 -7.43 -1.09 -11.86
C GLY A 5 -7.78 -2.20 -10.92
N ALA A 6 -8.05 -3.37 -11.46
CA ALA A 6 -8.57 -4.46 -10.68
C ALA A 6 -7.55 -4.99 -9.68
N ALA A 7 -7.93 -4.91 -8.41
CA ALA A 7 -7.10 -5.34 -7.31
C ALA A 7 -7.88 -6.29 -6.41
N ILE A 8 -7.21 -6.81 -5.40
CA ILE A 8 -7.84 -7.73 -4.46
C ILE A 8 -7.57 -7.30 -3.03
N PHE A 9 -8.58 -7.38 -2.18
CA PHE A 9 -8.47 -6.97 -0.79
C PHE A 9 -9.46 -7.80 0.03
N GLU A 10 -9.00 -8.33 1.17
CA GLU A 10 -9.83 -9.19 2.02
C GLU A 10 -10.16 -10.48 1.31
N LYS A 11 -9.24 -10.93 0.47
CA LYS A 11 -9.37 -12.16 -0.31
C LYS A 11 -10.44 -12.08 -1.39
N VAL A 12 -11.21 -11.00 -1.40
CA VAL A 12 -12.18 -10.76 -2.45
C VAL A 12 -11.54 -9.85 -3.49
N SER A 13 -11.94 -10.04 -4.72
CA SER A 13 -11.36 -9.33 -5.83
C SER A 13 -12.22 -8.14 -6.24
N GLY A 14 -11.58 -7.13 -6.80
CA GLY A 14 -12.28 -5.95 -7.23
C GLY A 14 -11.41 -4.97 -7.94
N ILE A 15 -11.66 -3.69 -7.74
CA ILE A 15 -10.90 -2.63 -8.36
C ILE A 15 -10.34 -1.69 -7.30
N ILE A 16 -9.13 -1.21 -7.53
CA ILE A 16 -8.54 -0.18 -6.70
C ILE A 16 -8.71 1.15 -7.43
N ALA A 17 -9.19 2.17 -6.73
CA ALA A 17 -9.57 3.42 -7.39
C ALA A 17 -9.17 4.64 -6.58
N ILE A 18 -8.20 5.39 -7.06
CA ILE A 18 -7.73 6.57 -6.37
C ILE A 18 -8.46 7.80 -6.86
N ASN A 19 -8.98 8.58 -5.92
CA ASN A 19 -9.78 9.76 -6.24
C ASN A 19 -9.07 11.00 -5.76
N GLU A 20 -8.84 11.95 -6.65
CA GLU A 20 -8.39 13.24 -6.22
C GLU A 20 -9.41 14.27 -6.69
N ASP A 21 -10.55 14.25 -6.03
CA ASP A 21 -11.55 15.30 -6.10
C ASP A 21 -11.62 15.99 -4.75
N VAL A 22 -11.19 15.20 -3.80
CA VAL A 22 -11.48 15.41 -2.40
C VAL A 22 -10.25 15.85 -1.63
N SER A 23 -10.40 15.86 -0.32
CA SER A 23 -9.31 16.13 0.60
C SER A 23 -8.43 14.88 0.57
N PRO A 24 -7.21 14.89 1.16
CA PRO A 24 -6.07 14.14 0.63
C PRO A 24 -6.46 12.84 -0.04
N ALA A 25 -6.02 12.74 -1.30
CA ALA A 25 -6.44 11.70 -2.23
C ALA A 25 -6.68 10.38 -1.56
N GLU A 26 -7.80 9.77 -1.86
CA GLU A 26 -8.14 8.52 -1.22
C GLU A 26 -8.17 7.40 -2.24
N LEU A 27 -7.74 6.23 -1.80
CA LEU A 27 -7.72 5.04 -2.62
C LEU A 27 -8.87 4.17 -2.23
N THR A 28 -9.65 3.79 -3.20
CA THR A 28 -10.85 3.06 -2.95
C THR A 28 -10.77 1.68 -3.58
N TRP A 29 -10.59 0.66 -2.76
CA TRP A 29 -10.71 -0.68 -3.27
C TRP A 29 -12.16 -1.10 -3.14
N ARG A 30 -12.77 -1.42 -4.25
CA ARG A 30 -14.12 -1.85 -4.26
C ARG A 30 -14.26 -3.14 -5.04
N SER A 31 -14.89 -4.13 -4.44
CA SER A 31 -14.99 -5.46 -5.03
C SER A 31 -15.74 -5.41 -6.35
N THR A 32 -15.32 -6.26 -7.27
CA THR A 32 -16.04 -6.43 -8.52
C THR A 32 -17.22 -7.35 -8.25
N ASP A 33 -17.20 -7.88 -7.03
CA ASP A 33 -18.17 -8.85 -6.53
C ASP A 33 -19.45 -8.16 -6.04
N GLY A 34 -19.70 -6.96 -6.53
CA GLY A 34 -20.87 -6.21 -6.09
C GLY A 34 -20.52 -4.97 -5.29
N ASP A 35 -19.30 -4.47 -5.48
CA ASP A 35 -18.92 -3.14 -5.04
C ASP A 35 -18.85 -3.03 -3.51
N LYS A 36 -18.02 -3.89 -2.92
CA LYS A 36 -17.63 -3.75 -1.54
C LYS A 36 -16.48 -2.75 -1.50
N VAL A 37 -16.70 -1.65 -0.83
CA VAL A 37 -15.85 -0.47 -1.00
C VAL A 37 -15.11 -0.14 0.29
N HIS A 38 -13.80 0.06 0.16
CA HIS A 38 -12.97 0.45 1.28
C HIS A 38 -12.08 1.60 0.84
N THR A 39 -12.17 2.72 1.53
CA THR A 39 -11.47 3.91 1.08
C THR A 39 -10.31 4.28 2.01
N VAL A 40 -9.14 4.39 1.41
CA VAL A 40 -7.91 4.76 2.09
C VAL A 40 -7.53 6.20 1.74
N VAL A 41 -7.80 7.14 2.64
CA VAL A 41 -7.31 8.49 2.44
C VAL A 41 -5.81 8.49 2.61
N LEU A 42 -5.13 8.81 1.54
CA LEU A 42 -3.69 8.62 1.42
C LEU A 42 -2.90 9.42 2.45
N SER A 43 -3.48 10.50 2.96
CA SER A 43 -2.80 11.31 3.97
C SER A 43 -2.35 10.46 5.18
N THR A 44 -2.92 9.25 5.31
CA THR A 44 -2.59 8.38 6.43
C THR A 44 -1.48 7.40 6.04
N ILE A 45 -0.97 7.52 4.83
CA ILE A 45 0.07 6.64 4.33
C ILE A 45 1.45 7.29 4.43
N ASP A 46 2.45 6.48 4.78
CA ASP A 46 3.82 6.95 4.91
C ASP A 46 4.65 6.52 3.69
N LYS A 47 4.54 5.24 3.34
CA LYS A 47 5.33 4.70 2.25
C LYS A 47 4.46 3.83 1.34
N LEU A 48 5.01 3.41 0.24
CA LEU A 48 4.33 2.54 -0.70
C LEU A 48 5.32 1.52 -1.24
N GLN A 49 4.86 0.30 -1.44
CA GLN A 49 5.73 -0.77 -1.90
C GLN A 49 5.03 -1.58 -2.98
N ALA A 50 5.82 -2.31 -3.76
CA ALA A 50 5.29 -3.10 -4.86
C ALA A 50 6.16 -4.32 -5.09
N THR A 51 5.64 -5.27 -5.85
CA THR A 51 6.40 -6.46 -6.20
C THR A 51 7.33 -6.21 -7.37
N PRO A 52 8.47 -6.92 -7.39
CA PRO A 52 9.42 -6.87 -8.50
C PRO A 52 8.79 -7.34 -9.80
N ALA A 53 9.08 -6.63 -10.89
CA ALA A 53 8.52 -6.95 -12.21
C ALA A 53 8.99 -8.30 -12.70
N SER A 54 10.03 -8.82 -12.07
CA SER A 54 10.55 -10.13 -12.40
C SER A 54 9.62 -11.23 -11.88
N SER A 55 8.74 -10.84 -10.96
CA SER A 55 7.76 -11.77 -10.39
C SER A 55 6.45 -11.66 -11.16
N GLU A 56 5.71 -12.75 -11.20
CA GLU A 56 4.40 -12.75 -11.83
C GLU A 56 3.42 -11.92 -11.01
N LYS A 57 3.39 -12.19 -9.71
CA LYS A 57 2.33 -11.67 -8.88
C LYS A 57 2.48 -10.17 -8.67
N MET A 58 1.41 -9.45 -9.02
CA MET A 58 1.41 -8.00 -8.94
C MET A 58 0.80 -7.58 -7.61
N MET A 59 1.63 -6.99 -6.76
CA MET A 59 1.20 -6.63 -5.42
C MET A 59 1.59 -5.21 -5.09
N LEU A 60 0.66 -4.47 -4.50
CA LEU A 60 0.95 -3.13 -4.01
C LEU A 60 0.76 -3.09 -2.51
N ARG A 61 1.54 -2.28 -1.84
CA ARG A 61 1.36 -2.07 -0.42
C ARG A 61 1.07 -0.62 -0.10
N LEU A 62 0.29 -0.43 0.94
CA LEU A 62 0.07 0.88 1.52
C LEU A 62 0.73 0.88 2.88
N ILE A 63 1.83 1.58 3.01
CA ILE A 63 2.51 1.63 4.28
C ILE A 63 1.94 2.78 5.09
N GLY A 64 1.02 2.48 5.98
CA GLY A 64 0.34 3.53 6.69
C GLY A 64 1.21 4.18 7.74
N LYS A 65 1.08 5.49 7.88
CA LYS A 65 1.78 6.20 8.93
C LYS A 65 1.31 5.65 10.25
N VAL A 66 2.22 5.40 11.12
CA VAL A 66 1.89 4.64 12.31
C VAL A 66 1.75 5.56 13.53
N ASP A 67 0.49 5.79 13.86
CA ASP A 67 0.09 6.39 15.12
C ASP A 67 -0.65 5.35 15.96
N GLU A 68 0.04 4.60 16.82
CA GLU A 68 -0.70 3.59 17.56
C GLU A 68 -1.56 4.24 18.64
N SER A 69 -0.94 4.99 19.56
CA SER A 69 -1.74 5.89 20.40
C SER A 69 -1.54 7.36 20.03
N LYS A 70 -0.27 7.77 19.96
CA LYS A 70 0.09 9.14 19.72
C LYS A 70 1.23 9.29 18.71
N LYS A 71 1.87 8.17 18.39
CA LYS A 71 3.18 8.16 17.78
C LYS A 71 3.31 9.09 16.57
N ARG A 72 4.39 9.85 16.60
CA ARG A 72 4.69 10.85 15.61
C ARG A 72 6.13 10.77 15.18
N LYS A 73 6.45 11.52 14.16
CA LYS A 73 7.82 11.66 13.70
C LYS A 73 8.63 12.46 14.71
N ASP A 74 9.93 12.52 14.51
CA ASP A 74 10.85 13.11 15.49
C ASP A 74 10.60 14.61 15.68
N ASN A 75 11.29 15.22 16.63
CA ASN A 75 11.16 16.66 16.87
C ASN A 75 11.65 17.46 15.67
N GLU A 76 12.64 16.91 14.97
CA GLU A 76 13.16 17.52 13.76
C GLU A 76 12.46 16.91 12.56
N GLY A 77 11.55 16.01 12.88
CA GLY A 77 10.90 15.21 11.89
C GLY A 77 11.62 13.90 11.73
N ASN A 78 12.91 14.00 11.44
CA ASN A 78 13.78 12.85 11.11
C ASN A 78 13.24 12.00 9.96
N GLU A 79 11.97 12.21 9.60
CA GLU A 79 11.16 11.29 8.81
C GLU A 79 11.54 9.83 9.09
N VAL A 80 11.32 9.42 10.33
CA VAL A 80 11.57 8.05 10.73
C VAL A 80 10.46 7.17 10.22
N VAL A 81 10.79 5.93 9.91
CA VAL A 81 9.78 4.98 9.58
C VAL A 81 9.59 3.98 10.71
N PRO A 82 8.54 4.19 11.50
CA PRO A 82 8.22 3.35 12.62
C PRO A 82 7.41 2.16 12.17
N LYS A 83 7.18 1.21 13.05
CA LYS A 83 6.48 -0.02 12.66
C LYS A 83 5.05 0.26 12.21
N PRO A 84 4.82 0.18 10.89
CA PRO A 84 3.57 0.55 10.25
C PRO A 84 2.50 -0.52 10.26
N GLN A 85 1.25 -0.08 10.13
CA GLN A 85 0.18 -0.98 9.77
C GLN A 85 0.06 -0.94 8.25
N ARG A 86 0.35 -2.06 7.60
CA ARG A 86 0.40 -2.09 6.16
C ARG A 86 -0.86 -2.70 5.56
N HIS A 87 -1.21 -2.19 4.41
CA HIS A 87 -2.34 -2.69 3.65
C HIS A 87 -1.82 -3.27 2.35
N MET A 88 -2.31 -4.42 1.94
CA MET A 88 -1.78 -5.07 0.74
C MET A 88 -2.88 -5.37 -0.27
N PHE A 89 -2.62 -5.03 -1.53
CA PHE A 89 -3.59 -5.23 -2.58
C PHE A 89 -2.94 -5.97 -3.75
N SER A 90 -3.66 -6.91 -4.34
CA SER A 90 -3.15 -7.69 -5.44
C SER A 90 -3.87 -7.33 -6.74
N PHE A 91 -3.14 -7.18 -7.81
CA PHE A 91 -3.76 -6.96 -9.12
C PHE A 91 -3.49 -8.18 -9.98
N ASN A 92 -4.00 -8.15 -11.20
CA ASN A 92 -3.75 -9.22 -12.16
C ASN A 92 -3.31 -8.62 -13.49
N ASN A 93 -2.59 -7.52 -13.41
CA ASN A 93 -2.12 -6.82 -14.59
C ASN A 93 -0.86 -6.03 -14.25
N ARG A 94 0.22 -6.31 -14.98
CA ARG A 94 1.52 -5.69 -14.73
C ARG A 94 1.45 -4.18 -14.91
N THR A 95 0.70 -3.73 -15.91
CA THR A 95 0.54 -2.31 -16.17
C THR A 95 -0.18 -1.63 -15.01
N VAL A 96 -1.32 -2.19 -14.63
CA VAL A 96 -2.11 -1.69 -13.51
C VAL A 96 -1.25 -1.44 -12.28
N MET A 97 -0.58 -2.48 -11.79
CA MET A 97 0.20 -2.35 -10.56
C MET A 97 1.21 -1.22 -10.64
N ASP A 98 1.92 -1.17 -11.75
CA ASP A 98 2.92 -0.13 -11.99
C ASP A 98 2.29 1.26 -12.07
N ASN A 99 1.15 1.33 -12.71
CA ASN A 99 0.44 2.59 -12.91
C ASN A 99 -0.20 3.06 -11.59
N ILE A 100 -0.85 2.12 -10.89
CA ILE A 100 -1.33 2.37 -9.54
C ILE A 100 -0.16 2.76 -8.64
N LYS A 101 0.97 2.03 -8.75
CA LYS A 101 2.20 2.36 -8.01
C LYS A 101 2.48 3.85 -8.03
N MET A 102 2.72 4.35 -9.23
CA MET A 102 3.06 5.73 -9.44
C MET A 102 2.00 6.66 -8.92
N THR A 103 0.76 6.41 -9.34
CA THR A 103 -0.36 7.24 -8.95
C THR A 103 -0.42 7.45 -7.44
N LEU A 104 -0.23 6.36 -6.71
CA LEU A 104 -0.31 6.39 -5.26
C LEU A 104 0.93 7.03 -4.70
N GLN A 105 2.07 6.53 -5.16
CA GLN A 105 3.37 6.93 -4.66
C GLN A 105 3.62 8.43 -4.81
N GLN A 106 3.28 8.99 -5.97
CA GLN A 106 3.51 10.41 -6.21
C GLN A 106 2.68 11.27 -5.26
N ILE A 107 1.41 10.93 -5.09
CA ILE A 107 0.56 11.64 -4.14
C ILE A 107 1.18 11.59 -2.75
N ILE A 108 1.67 10.42 -2.39
CA ILE A 108 2.37 10.22 -1.12
C ILE A 108 3.58 11.14 -1.04
N SER A 109 4.43 11.05 -2.03
CA SER A 109 5.64 11.83 -2.08
C SER A 109 5.33 13.33 -2.05
N ARG A 110 4.11 13.68 -2.46
CA ARG A 110 3.63 15.04 -2.36
C ARG A 110 3.33 15.40 -0.90
N TYR A 111 2.64 14.52 -0.18
CA TYR A 111 2.34 14.80 1.22
C TYR A 111 3.47 14.35 2.14
N LYS A 112 4.54 13.86 1.54
CA LYS A 112 5.79 13.62 2.26
C LYS A 112 6.56 14.93 2.40
N ASP A 113 6.50 15.73 1.34
CA ASP A 113 7.15 17.03 1.32
C ASP A 113 6.26 18.08 1.94
N ALA A 114 4.97 17.91 1.68
CA ALA A 114 3.90 18.67 2.34
C ALA A 114 3.97 20.17 2.06
N ASP A 115 4.65 20.55 0.99
CA ASP A 115 4.83 21.94 0.65
C ASP A 115 4.25 22.23 -0.73
N ASP B 1 -2.12 -17.93 9.37
CA ASP B 1 -0.86 -18.66 9.07
C ASP B 1 -0.23 -18.16 7.77
N THR B 2 -1.03 -18.01 6.73
CA THR B 2 -0.53 -17.60 5.43
C THR B 2 -0.10 -16.14 5.41
N GLN B 3 -0.78 -15.33 6.21
CA GLN B 3 -0.47 -13.90 6.30
C GLN B 3 0.97 -13.69 6.73
N ASP B 4 1.51 -14.65 7.47
CA ASP B 4 2.87 -14.58 7.96
C ASP B 4 3.86 -14.78 6.82
N ASP B 5 3.47 -15.63 5.88
CA ASP B 5 4.31 -15.95 4.74
C ASP B 5 4.53 -14.73 3.87
N PHE B 6 3.56 -13.82 3.90
CA PHE B 6 3.62 -12.59 3.11
C PHE B 6 4.75 -11.68 3.56
N LEU B 7 5.23 -11.90 4.76
CA LEU B 7 6.39 -11.16 5.25
C LEU B 7 7.67 -11.78 4.70
N LYS B 8 7.75 -13.10 4.76
CA LYS B 8 8.95 -13.81 4.35
C LYS B 8 9.21 -13.72 2.85
N TRP B 9 8.18 -13.97 2.03
CA TRP B 9 8.40 -14.00 0.58
C TRP B 9 8.72 -12.60 0.05
N TRP B 10 8.31 -11.58 0.79
CA TRP B 10 8.59 -10.22 0.38
C TRP B 10 10.01 -9.83 0.79
N ARG B 11 10.38 -10.15 2.03
CA ARG B 11 11.71 -9.81 2.53
C ARG B 11 12.78 -10.57 1.75
N SER B 12 12.56 -11.86 1.53
CA SER B 12 13.49 -12.68 0.78
C SER B 12 13.64 -12.16 -0.64
N GLU B 13 12.58 -11.55 -1.16
CA GLU B 13 12.58 -11.02 -2.52
C GLU B 13 13.36 -9.71 -2.57
N GLU B 14 13.09 -8.82 -1.63
CA GLU B 14 13.77 -7.53 -1.59
C GLU B 14 15.24 -7.72 -1.22
N ALA B 15 15.53 -8.79 -0.49
CA ALA B 15 16.89 -9.13 -0.11
C ALA B 15 17.73 -9.45 -1.33
N GLN B 16 17.08 -9.84 -2.42
CA GLN B 16 17.78 -10.13 -3.66
C GLN B 16 18.30 -8.84 -4.29
N ASP B 17 17.56 -7.76 -4.09
CA ASP B 17 17.97 -6.45 -4.56
C ASP B 17 19.08 -5.90 -3.68
N MET B 18 18.88 -6.02 -2.37
CA MET B 18 19.84 -5.53 -1.39
C MET B 18 20.80 -6.64 -0.97
N GLY B 19 21.27 -7.39 -1.94
CA GLY B 19 22.12 -8.53 -1.67
C GLY B 19 22.81 -9.03 -2.91
N PRO A 1 -6.42 1.38 -15.70
CA PRO A 1 -6.13 2.79 -16.03
C PRO A 1 -5.07 3.35 -15.09
N SER A 2 -4.93 4.67 -15.06
CA SER A 2 -3.92 5.30 -14.23
C SER A 2 -4.29 5.23 -12.75
N HIS A 3 -5.49 5.70 -12.44
CA HIS A 3 -5.93 5.82 -11.04
C HIS A 3 -6.70 4.59 -10.59
N SER A 4 -6.87 3.62 -11.46
CA SER A 4 -7.64 2.45 -11.10
C SER A 4 -7.22 1.20 -11.86
N GLY A 5 -7.61 0.08 -11.31
CA GLY A 5 -7.29 -1.20 -11.86
C GLY A 5 -7.79 -2.30 -10.98
N ALA A 6 -8.13 -3.43 -11.57
CA ALA A 6 -8.76 -4.50 -10.82
C ALA A 6 -7.79 -5.11 -9.81
N ALA A 7 -8.16 -5.00 -8.55
CA ALA A 7 -7.34 -5.47 -7.45
C ALA A 7 -8.14 -6.42 -6.57
N ILE A 8 -7.47 -7.06 -5.66
CA ILE A 8 -8.09 -8.02 -4.76
C ILE A 8 -7.70 -7.70 -3.33
N PHE A 9 -8.69 -7.71 -2.44
CA PHE A 9 -8.49 -7.31 -1.06
C PHE A 9 -9.40 -8.14 -0.16
N GLU A 10 -8.85 -8.72 0.89
CA GLU A 10 -9.62 -9.57 1.82
C GLU A 10 -10.18 -10.78 1.11
N LYS A 11 -9.35 -11.35 0.23
CA LYS A 11 -9.67 -12.57 -0.51
C LYS A 11 -10.84 -12.37 -1.50
N VAL A 12 -11.34 -11.16 -1.61
CA VAL A 12 -12.36 -10.84 -2.60
C VAL A 12 -11.78 -9.90 -3.65
N SER A 13 -12.29 -10.03 -4.87
CA SER A 13 -11.77 -9.29 -6.00
C SER A 13 -12.59 -8.04 -6.28
N GLY A 14 -11.93 -7.06 -6.88
CA GLY A 14 -12.58 -5.81 -7.22
C GLY A 14 -11.66 -4.89 -8.01
N ILE A 15 -11.86 -3.60 -7.85
CA ILE A 15 -11.00 -2.60 -8.47
C ILE A 15 -10.43 -1.68 -7.40
N ILE A 16 -9.20 -1.23 -7.61
CA ILE A 16 -8.62 -0.21 -6.77
C ILE A 16 -8.75 1.11 -7.52
N ALA A 17 -9.23 2.15 -6.85
CA ALA A 17 -9.59 3.40 -7.50
C ALA A 17 -9.17 4.61 -6.69
N ILE A 18 -8.22 5.37 -7.19
CA ILE A 18 -7.69 6.51 -6.45
C ILE A 18 -8.40 7.80 -6.81
N ASN A 19 -8.90 8.44 -5.78
CA ASN A 19 -9.58 9.70 -5.90
C ASN A 19 -8.65 10.84 -5.56
N GLU A 20 -8.80 11.89 -6.34
CA GLU A 20 -8.16 13.13 -6.16
C GLU A 20 -9.30 14.08 -5.88
N ASP A 21 -9.19 15.31 -6.30
CA ASP A 21 -9.58 16.59 -5.65
C ASP A 21 -10.80 16.59 -4.74
N VAL A 22 -10.95 15.48 -4.11
CA VAL A 22 -11.89 15.24 -3.05
C VAL A 22 -11.14 15.43 -1.75
N SER A 23 -11.70 15.00 -0.65
CA SER A 23 -11.03 15.21 0.61
C SER A 23 -9.82 14.28 0.59
N PRO A 24 -8.77 14.53 1.41
CA PRO A 24 -7.39 14.18 1.05
C PRO A 24 -7.28 12.89 0.27
N ALA A 25 -6.59 12.99 -0.89
CA ALA A 25 -6.61 11.97 -1.96
C ALA A 25 -6.71 10.58 -1.39
N GLU A 26 -7.65 9.82 -1.89
CA GLU A 26 -8.03 8.56 -1.27
C GLU A 26 -8.04 7.44 -2.29
N LEU A 27 -7.60 6.27 -1.86
CA LEU A 27 -7.58 5.09 -2.69
C LEU A 27 -8.73 4.21 -2.29
N THR A 28 -9.50 3.79 -3.26
CA THR A 28 -10.73 3.10 -2.98
C THR A 28 -10.76 1.73 -3.61
N TRP A 29 -10.64 0.68 -2.81
CA TRP A 29 -10.81 -0.66 -3.34
C TRP A 29 -12.26 -1.05 -3.21
N ARG A 30 -12.89 -1.31 -4.33
CA ARG A 30 -14.27 -1.74 -4.35
C ARG A 30 -14.37 -3.10 -5.01
N SER A 31 -15.06 -4.01 -4.36
CA SER A 31 -15.18 -5.37 -4.84
C SER A 31 -15.97 -5.39 -6.14
N THR A 32 -15.72 -6.37 -7.00
CA THR A 32 -16.32 -6.40 -8.34
C THR A 32 -17.83 -6.19 -8.27
N ASP A 33 -18.45 -6.78 -7.24
CA ASP A 33 -19.90 -6.72 -7.05
C ASP A 33 -20.36 -5.30 -6.78
N GLY A 34 -19.48 -4.50 -6.22
CA GLY A 34 -19.82 -3.13 -5.87
C GLY A 34 -20.30 -3.02 -4.44
N ASP A 35 -20.11 -4.09 -3.69
CA ASP A 35 -20.58 -4.14 -2.31
C ASP A 35 -19.52 -3.65 -1.34
N LYS A 36 -18.30 -4.14 -1.50
CA LYS A 36 -17.20 -3.74 -0.65
C LYS A 36 -16.49 -2.54 -1.22
N VAL A 37 -16.23 -1.56 -0.36
CA VAL A 37 -15.49 -0.36 -0.72
C VAL A 37 -14.64 0.05 0.47
N HIS A 38 -13.33 0.04 0.28
CA HIS A 38 -12.42 0.40 1.35
C HIS A 38 -11.58 1.58 0.90
N THR A 39 -11.76 2.70 1.57
CA THR A 39 -11.14 3.93 1.15
C THR A 39 -9.91 4.28 2.00
N VAL A 40 -8.80 4.49 1.32
CA VAL A 40 -7.53 4.82 1.95
C VAL A 40 -7.11 6.23 1.56
N VAL A 41 -7.31 7.18 2.46
CA VAL A 41 -6.85 8.55 2.22
C VAL A 41 -5.32 8.56 2.37
N LEU A 42 -4.63 8.81 1.27
CA LEU A 42 -3.17 8.75 1.19
C LEU A 42 -2.47 9.61 2.24
N SER A 43 -3.15 10.62 2.76
CA SER A 43 -2.57 11.48 3.78
C SER A 43 -2.22 10.70 5.05
N THR A 44 -2.78 9.51 5.17
CA THR A 44 -2.52 8.67 6.33
C THR A 44 -1.54 7.56 5.98
N ILE A 45 -0.96 7.64 4.79
CA ILE A 45 0.02 6.68 4.33
C ILE A 45 1.42 7.31 4.27
N ASP A 46 2.42 6.53 4.64
CA ASP A 46 3.79 7.02 4.77
C ASP A 46 4.68 6.47 3.66
N LYS A 47 4.50 5.19 3.31
CA LYS A 47 5.30 4.59 2.25
C LYS A 47 4.43 3.76 1.30
N LEU A 48 5.06 3.26 0.26
CA LEU A 48 4.40 2.41 -0.72
C LEU A 48 5.37 1.37 -1.22
N GLN A 49 4.89 0.14 -1.40
CA GLN A 49 5.75 -0.96 -1.82
C GLN A 49 5.08 -1.74 -2.95
N ALA A 50 5.89 -2.36 -3.80
CA ALA A 50 5.39 -3.10 -4.95
C ALA A 50 6.28 -4.29 -5.25
N THR A 51 5.66 -5.37 -5.71
CA THR A 51 6.40 -6.59 -6.05
C THR A 51 7.18 -6.42 -7.34
N PRO A 52 8.30 -7.15 -7.47
CA PRO A 52 9.11 -7.14 -8.70
C PRO A 52 8.29 -7.56 -9.92
N ALA A 53 8.30 -6.70 -10.94
CA ALA A 53 7.52 -6.94 -12.16
C ALA A 53 8.04 -8.15 -12.91
N SER A 54 9.27 -8.54 -12.60
CA SER A 54 9.88 -9.72 -13.20
C SER A 54 9.23 -10.99 -12.70
N SER A 55 8.49 -10.88 -11.59
CA SER A 55 7.81 -12.01 -11.00
C SER A 55 6.42 -12.13 -11.59
N GLU A 56 5.79 -13.29 -11.39
CA GLU A 56 4.40 -13.44 -11.73
C GLU A 56 3.55 -12.54 -10.87
N LYS A 57 3.86 -12.53 -9.60
CA LYS A 57 3.00 -11.90 -8.63
C LYS A 57 3.07 -10.39 -8.70
N MET A 58 1.94 -9.76 -8.50
CA MET A 58 1.81 -8.33 -8.65
C MET A 58 0.97 -7.75 -7.52
N MET A 59 1.62 -6.97 -6.67
CA MET A 59 1.01 -6.50 -5.43
C MET A 59 1.45 -5.08 -5.10
N LEU A 60 0.53 -4.29 -4.55
CA LEU A 60 0.88 -2.98 -4.02
C LEU A 60 0.64 -2.95 -2.53
N ARG A 61 1.46 -2.19 -1.84
CA ARG A 61 1.26 -1.98 -0.41
C ARG A 61 1.09 -0.51 -0.09
N LEU A 62 0.26 -0.28 0.91
CA LEU A 62 0.07 1.04 1.48
C LEU A 62 0.64 1.05 2.88
N ILE A 63 1.79 1.67 3.06
CA ILE A 63 2.41 1.69 4.38
C ILE A 63 1.85 2.86 5.16
N GLY A 64 0.90 2.59 6.04
CA GLY A 64 0.22 3.66 6.75
C GLY A 64 1.14 4.42 7.67
N LYS A 65 0.77 5.66 7.95
CA LYS A 65 1.55 6.54 8.79
C LYS A 65 1.43 6.20 10.26
N VAL A 66 2.46 6.58 10.96
CA VAL A 66 2.49 6.50 12.41
C VAL A 66 2.60 7.91 12.96
N ASP A 67 2.04 8.13 14.13
CA ASP A 67 2.15 9.43 14.79
C ASP A 67 3.62 9.76 15.03
N GLU A 68 3.94 11.05 14.86
CA GLU A 68 5.31 11.53 14.86
C GLU A 68 6.06 11.22 16.15
N SER A 69 5.34 11.19 17.27
CA SER A 69 5.97 10.86 18.54
C SER A 69 5.88 9.37 18.82
N LYS A 70 5.11 8.67 17.97
CA LYS A 70 4.97 7.24 18.06
C LYS A 70 5.83 6.56 17.00
N LYS A 71 6.58 7.38 16.29
CA LYS A 71 7.59 6.92 15.35
C LYS A 71 8.56 5.96 16.03
N ARG A 72 9.34 5.23 15.24
CA ARG A 72 10.03 4.01 15.72
C ARG A 72 10.81 4.24 17.01
N LYS A 73 11.24 3.15 17.64
CA LYS A 73 11.56 3.19 19.07
C LYS A 73 12.70 4.13 19.39
N ASP A 74 12.59 4.74 20.57
CA ASP A 74 13.37 5.93 20.90
C ASP A 74 14.63 5.59 21.72
N ASN A 75 15.38 6.61 22.15
CA ASN A 75 16.64 6.41 22.85
C ASN A 75 16.42 5.67 24.18
N GLU A 76 15.28 5.92 24.80
CA GLU A 76 14.95 5.26 26.05
C GLU A 76 13.97 4.15 25.77
N GLY A 77 13.78 3.89 24.49
CA GLY A 77 12.86 2.88 24.04
C GLY A 77 11.55 3.50 23.62
N ASN A 78 10.94 4.23 24.55
CA ASN A 78 9.59 4.81 24.39
C ASN A 78 8.52 3.75 24.14
N GLU A 79 8.97 2.54 23.83
CA GLU A 79 8.15 1.47 23.27
C GLU A 79 6.97 2.03 22.46
N VAL A 80 7.32 2.57 21.31
CA VAL A 80 6.37 3.18 20.42
C VAL A 80 5.57 2.13 19.66
N VAL A 81 4.37 2.50 19.24
CA VAL A 81 3.54 1.62 18.43
C VAL A 81 4.38 0.96 17.32
N PRO A 82 4.23 -0.35 17.13
CA PRO A 82 5.03 -1.14 16.19
C PRO A 82 4.95 -0.63 14.75
N LYS A 83 5.75 -1.25 13.88
CA LYS A 83 5.89 -0.87 12.47
C LYS A 83 4.57 -0.44 11.85
N PRO A 84 4.67 0.58 10.99
CA PRO A 84 3.55 1.27 10.36
C PRO A 84 2.49 0.32 9.81
N GLN A 85 1.24 0.65 10.10
CA GLN A 85 0.12 -0.21 9.74
C GLN A 85 -0.09 -0.20 8.23
N ARG A 86 0.14 -1.34 7.62
CA ARG A 86 0.25 -1.44 6.20
C ARG A 86 -0.93 -2.19 5.57
N HIS A 87 -1.39 -1.69 4.43
CA HIS A 87 -2.43 -2.35 3.64
C HIS A 87 -1.77 -3.06 2.46
N MET A 88 -2.42 -4.09 1.93
CA MET A 88 -1.89 -4.78 0.75
C MET A 88 -3.01 -5.10 -0.22
N PHE A 89 -2.80 -4.81 -1.51
CA PHE A 89 -3.80 -5.08 -2.52
C PHE A 89 -3.19 -5.89 -3.65
N SER A 90 -3.92 -6.87 -4.13
CA SER A 90 -3.43 -7.80 -5.14
C SER A 90 -3.95 -7.44 -6.53
N PHE A 91 -3.06 -7.33 -7.50
CA PHE A 91 -3.47 -7.10 -8.88
C PHE A 91 -3.16 -8.29 -9.75
N ASN A 92 -3.53 -8.19 -11.01
CA ASN A 92 -3.36 -9.26 -11.97
C ASN A 92 -2.79 -8.73 -13.28
N ASN A 93 -2.06 -7.62 -13.21
CA ASN A 93 -1.50 -6.99 -14.40
C ASN A 93 -0.34 -6.05 -14.01
N ARG A 94 0.79 -6.19 -14.70
CA ARG A 94 1.97 -5.37 -14.44
C ARG A 94 1.72 -3.90 -14.80
N THR A 95 0.88 -3.69 -15.80
CA THR A 95 0.51 -2.34 -16.21
C THR A 95 -0.20 -1.62 -15.06
N VAL A 96 -1.23 -2.25 -14.54
CA VAL A 96 -1.94 -1.77 -13.36
C VAL A 96 -0.94 -1.52 -12.23
N MET A 97 -0.08 -2.49 -11.97
CA MET A 97 0.98 -2.35 -10.98
C MET A 97 1.72 -1.03 -11.11
N ASP A 98 2.27 -0.79 -12.27
CA ASP A 98 3.11 0.38 -12.50
C ASP A 98 2.30 1.67 -12.39
N ASN A 99 1.07 1.63 -12.90
CA ASN A 99 0.19 2.79 -12.88
C ASN A 99 -0.26 3.12 -11.47
N ILE A 100 -0.85 2.14 -10.82
CA ILE A 100 -1.28 2.27 -9.42
C ILE A 100 -0.07 2.61 -8.54
N LYS A 101 1.07 1.99 -8.82
CA LYS A 101 2.31 2.34 -8.10
C LYS A 101 2.52 3.84 -8.11
N MET A 102 2.71 4.36 -9.31
CA MET A 102 3.00 5.75 -9.54
C MET A 102 1.90 6.66 -8.99
N THR A 103 0.67 6.35 -9.32
CA THR A 103 -0.48 7.13 -8.87
C THR A 103 -0.48 7.32 -7.36
N LEU A 104 -0.25 6.23 -6.64
CA LEU A 104 -0.34 6.25 -5.20
C LEU A 104 0.91 6.89 -4.62
N GLN A 105 2.06 6.41 -5.09
CA GLN A 105 3.36 6.87 -4.65
C GLN A 105 3.49 8.39 -4.72
N GLN A 106 3.09 8.98 -5.85
CA GLN A 106 3.17 10.42 -6.02
C GLN A 106 2.30 11.15 -5.02
N ILE A 107 1.06 10.68 -4.87
CA ILE A 107 0.13 11.27 -3.92
C ILE A 107 0.64 11.12 -2.50
N ILE A 108 1.18 9.96 -2.19
CA ILE A 108 1.82 9.72 -0.90
C ILE A 108 2.97 10.69 -0.70
N SER A 109 3.80 10.83 -1.74
CA SER A 109 4.92 11.76 -1.72
C SER A 109 4.43 13.19 -1.47
N ARG A 110 3.24 13.51 -1.99
CA ARG A 110 2.64 14.83 -1.77
C ARG A 110 2.39 15.06 -0.28
N TYR A 111 1.93 14.00 0.40
CA TYR A 111 1.61 14.08 1.82
C TYR A 111 2.80 13.61 2.64
N LYS A 112 3.87 13.31 1.93
CA LYS A 112 5.12 12.89 2.52
C LYS A 112 6.00 14.11 2.73
N ASP A 113 6.13 14.88 1.66
CA ASP A 113 6.82 16.16 1.72
C ASP A 113 5.98 17.12 2.53
N ALA A 114 4.66 16.97 2.36
CA ALA A 114 3.65 17.68 3.14
C ALA A 114 3.63 19.17 2.79
N ASP A 115 4.05 19.48 1.59
CA ASP A 115 4.02 20.85 1.10
C ASP A 115 2.60 21.23 0.74
N ASP B 1 0.92 -21.60 8.29
CA ASP B 1 2.11 -20.72 8.22
C ASP B 1 2.32 -20.17 6.81
N THR B 2 1.39 -20.46 5.90
CA THR B 2 1.52 -20.00 4.52
C THR B 2 0.92 -18.62 4.35
N GLN B 3 -0.04 -18.28 5.19
CA GLN B 3 -0.55 -16.93 5.25
C GLN B 3 0.54 -16.03 5.80
N ASP B 4 1.45 -16.65 6.54
CA ASP B 4 2.57 -15.92 7.14
C ASP B 4 3.67 -15.66 6.11
N ASP B 5 3.97 -16.66 5.29
CA ASP B 5 5.02 -16.53 4.27
C ASP B 5 4.62 -15.46 3.25
N PHE B 6 3.32 -15.21 3.18
CA PHE B 6 2.77 -14.21 2.27
C PHE B 6 3.24 -12.80 2.65
N LEU B 7 3.80 -12.66 3.83
CA LEU B 7 4.38 -11.39 4.25
C LEU B 7 5.90 -11.42 4.17
N LYS B 8 6.49 -12.62 4.24
CA LYS B 8 7.94 -12.75 4.34
C LYS B 8 8.58 -12.74 2.95
N TRP B 9 7.90 -13.31 1.95
CA TRP B 9 8.44 -13.39 0.60
C TRP B 9 8.71 -11.99 0.06
N TRP B 10 7.96 -11.03 0.58
CA TRP B 10 8.07 -9.64 0.15
C TRP B 10 9.46 -9.11 0.39
N ARG B 11 9.98 -9.35 1.59
CA ARG B 11 11.27 -8.83 1.98
C ARG B 11 12.39 -9.74 1.47
N SER B 12 12.03 -10.95 1.09
CA SER B 12 12.96 -11.86 0.45
C SER B 12 13.21 -11.38 -0.98
N GLU B 13 12.18 -10.83 -1.59
CA GLU B 13 12.28 -10.25 -2.92
C GLU B 13 12.98 -8.90 -2.84
N GLU B 14 12.68 -8.15 -1.79
CA GLU B 14 13.34 -6.88 -1.56
C GLU B 14 14.83 -7.10 -1.27
N ALA B 15 15.13 -8.25 -0.70
CA ALA B 15 16.52 -8.63 -0.41
C ALA B 15 17.32 -8.80 -1.69
N GLN B 16 16.63 -8.99 -2.81
CA GLN B 16 17.28 -9.15 -4.11
C GLN B 16 17.79 -7.80 -4.62
N ASP B 17 17.29 -6.72 -4.02
CA ASP B 17 17.75 -5.39 -4.35
C ASP B 17 18.74 -4.90 -3.30
N MET B 18 18.61 -5.47 -2.11
CA MET B 18 19.49 -5.13 -0.99
C MET B 18 20.82 -5.87 -1.11
N GLY B 19 20.78 -7.06 -1.68
CA GLY B 19 21.97 -7.86 -1.84
C GLY B 19 21.72 -9.07 -2.71
N PRO A 1 -6.89 1.92 -15.56
CA PRO A 1 -6.34 3.26 -15.89
C PRO A 1 -5.20 3.60 -14.94
N SER A 2 -4.86 4.88 -14.85
CA SER A 2 -3.80 5.30 -13.96
C SER A 2 -4.29 5.31 -12.52
N HIS A 3 -5.49 5.83 -12.31
CA HIS A 3 -6.03 5.98 -10.96
C HIS A 3 -6.83 4.76 -10.52
N SER A 4 -6.89 3.71 -11.34
CA SER A 4 -7.64 2.54 -10.96
C SER A 4 -7.25 1.31 -11.76
N GLY A 5 -7.59 0.16 -11.19
CA GLY A 5 -7.29 -1.11 -11.79
C GLY A 5 -7.75 -2.23 -10.90
N ALA A 6 -8.09 -3.35 -11.50
CA ALA A 6 -8.72 -4.44 -10.78
C ALA A 6 -7.75 -5.11 -9.81
N ALA A 7 -8.08 -4.99 -8.52
CA ALA A 7 -7.22 -5.49 -7.46
C ALA A 7 -8.02 -6.44 -6.55
N ILE A 8 -7.34 -7.07 -5.62
CA ILE A 8 -7.97 -7.99 -4.69
C ILE A 8 -7.57 -7.64 -3.26
N PHE A 9 -8.54 -7.67 -2.35
CA PHE A 9 -8.32 -7.31 -0.96
C PHE A 9 -9.27 -8.09 -0.07
N GLU A 10 -8.73 -8.74 0.96
CA GLU A 10 -9.53 -9.58 1.87
C GLU A 10 -10.12 -10.76 1.13
N LYS A 11 -9.29 -11.36 0.28
CA LYS A 11 -9.63 -12.58 -0.48
C LYS A 11 -10.74 -12.36 -1.52
N VAL A 12 -11.31 -11.16 -1.55
CA VAL A 12 -12.29 -10.82 -2.56
C VAL A 12 -11.65 -9.90 -3.59
N SER A 13 -12.11 -10.02 -4.82
CA SER A 13 -11.57 -9.26 -5.92
C SER A 13 -12.41 -8.02 -6.19
N GLY A 14 -11.77 -7.05 -6.81
CA GLY A 14 -12.43 -5.80 -7.14
C GLY A 14 -11.54 -4.88 -7.93
N ILE A 15 -11.68 -3.60 -7.71
CA ILE A 15 -10.84 -2.59 -8.32
C ILE A 15 -10.22 -1.71 -7.24
N ILE A 16 -9.02 -1.24 -7.48
CA ILE A 16 -8.42 -0.24 -6.65
C ILE A 16 -8.57 1.11 -7.36
N ALA A 17 -9.04 2.12 -6.67
CA ALA A 17 -9.42 3.38 -7.32
C ALA A 17 -9.01 4.59 -6.48
N ILE A 18 -8.15 5.41 -7.03
CA ILE A 18 -7.65 6.58 -6.32
C ILE A 18 -8.46 7.81 -6.68
N ASN A 19 -9.03 8.42 -5.66
CA ASN A 19 -9.85 9.59 -5.81
C ASN A 19 -9.04 10.84 -5.48
N GLU A 20 -9.35 11.89 -6.18
CA GLU A 20 -8.67 13.13 -6.14
C GLU A 20 -9.65 14.11 -5.51
N ASP A 21 -9.57 15.33 -5.96
CA ASP A 21 -9.72 16.64 -5.25
C ASP A 21 -10.77 16.74 -4.14
N VAL A 22 -10.97 15.66 -3.53
CA VAL A 22 -11.73 15.51 -2.32
C VAL A 22 -10.73 15.57 -1.19
N SER A 23 -11.14 15.23 0.01
CA SER A 23 -10.25 15.39 1.14
C SER A 23 -9.15 14.35 0.96
N PRO A 24 -7.93 14.63 1.44
CA PRO A 24 -6.70 14.25 0.75
C PRO A 24 -6.79 12.92 0.01
N ALA A 25 -6.45 13.00 -1.30
CA ALA A 25 -6.67 11.95 -2.31
C ALA A 25 -6.75 10.57 -1.68
N GLU A 26 -7.82 9.86 -1.96
CA GLU A 26 -8.08 8.64 -1.25
C GLU A 26 -8.03 7.44 -2.20
N LEU A 27 -7.50 6.35 -1.68
CA LEU A 27 -7.27 5.12 -2.41
C LEU A 27 -8.36 4.14 -2.02
N THR A 28 -9.19 3.81 -2.96
CA THR A 28 -10.38 3.05 -2.68
C THR A 28 -10.34 1.69 -3.35
N TRP A 29 -10.15 0.64 -2.58
CA TRP A 29 -10.33 -0.68 -3.12
C TRP A 29 -11.77 -1.06 -2.97
N ARG A 30 -12.39 -1.49 -4.04
CA ARG A 30 -13.77 -1.89 -3.97
C ARG A 30 -14.00 -3.16 -4.76
N SER A 31 -14.74 -4.04 -4.15
CA SER A 31 -14.97 -5.37 -4.65
C SER A 31 -15.77 -5.32 -5.97
N THR A 32 -15.56 -6.33 -6.81
CA THR A 32 -16.04 -6.35 -8.19
C THR A 32 -17.54 -6.08 -8.31
N ASP A 33 -18.29 -6.39 -7.26
CA ASP A 33 -19.73 -6.20 -7.27
C ASP A 33 -20.09 -4.77 -6.92
N GLY A 34 -19.19 -4.08 -6.24
CA GLY A 34 -19.43 -2.72 -5.81
C GLY A 34 -19.94 -2.65 -4.39
N ASP A 35 -19.95 -3.80 -3.72
CA ASP A 35 -20.42 -3.87 -2.35
C ASP A 35 -19.35 -3.42 -1.36
N LYS A 36 -18.26 -4.16 -1.31
CA LYS A 36 -17.19 -3.90 -0.37
C LYS A 36 -16.23 -2.86 -0.91
N VAL A 37 -16.13 -1.76 -0.20
CA VAL A 37 -15.25 -0.68 -0.54
C VAL A 37 -14.40 -0.31 0.67
N HIS A 38 -13.21 0.17 0.42
CA HIS A 38 -12.32 0.60 1.48
C HIS A 38 -11.58 1.83 1.00
N THR A 39 -11.71 2.94 1.70
CA THR A 39 -11.17 4.19 1.23
C THR A 39 -9.97 4.64 2.07
N VAL A 40 -8.82 4.71 1.42
CA VAL A 40 -7.57 5.09 2.03
C VAL A 40 -7.18 6.51 1.68
N VAL A 41 -7.46 7.45 2.55
CA VAL A 41 -7.03 8.83 2.31
C VAL A 41 -5.51 8.91 2.46
N LEU A 42 -4.85 9.25 1.35
CA LEU A 42 -3.39 9.23 1.23
C LEU A 42 -2.67 9.98 2.36
N SER A 43 -3.34 10.91 3.00
CA SER A 43 -2.73 11.71 4.06
C SER A 43 -2.43 10.85 5.29
N THR A 44 -2.97 9.64 5.31
CA THR A 44 -2.73 8.73 6.42
C THR A 44 -1.67 7.70 6.04
N ILE A 45 -1.06 7.89 4.88
CA ILE A 45 -0.05 6.98 4.37
C ILE A 45 1.36 7.51 4.62
N ASP A 46 2.29 6.58 4.84
CA ASP A 46 3.68 6.93 5.11
C ASP A 46 4.60 6.40 4.00
N LYS A 47 4.36 5.15 3.58
CA LYS A 47 5.20 4.52 2.58
C LYS A 47 4.32 3.81 1.54
N LEU A 48 4.96 3.28 0.51
CA LEU A 48 4.28 2.45 -0.46
C LEU A 48 5.23 1.36 -0.92
N GLN A 49 4.73 0.15 -0.99
CA GLN A 49 5.55 -0.99 -1.37
C GLN A 49 4.93 -1.72 -2.54
N ALA A 50 5.76 -2.28 -3.40
CA ALA A 50 5.31 -3.02 -4.55
C ALA A 50 6.15 -4.27 -4.75
N THR A 51 5.58 -5.28 -5.40
CA THR A 51 6.28 -6.53 -5.61
C THR A 51 7.34 -6.41 -6.70
N PRO A 52 8.39 -7.25 -6.62
CA PRO A 52 9.45 -7.30 -7.61
C PRO A 52 8.92 -7.58 -9.01
N ALA A 53 9.22 -6.69 -9.95
CA ALA A 53 8.75 -6.81 -11.32
C ALA A 53 9.28 -8.08 -11.98
N SER A 54 10.36 -8.61 -11.43
CA SER A 54 10.97 -9.83 -11.93
C SER A 54 10.07 -11.04 -11.64
N SER A 55 9.17 -10.88 -10.69
CA SER A 55 8.22 -11.92 -10.34
C SER A 55 6.93 -11.75 -11.12
N GLU A 56 6.13 -12.79 -11.18
CA GLU A 56 4.82 -12.72 -11.80
C GLU A 56 3.87 -11.92 -10.92
N LYS A 57 3.95 -12.18 -9.63
CA LYS A 57 2.92 -11.72 -8.72
C LYS A 57 2.93 -10.21 -8.57
N MET A 58 1.82 -9.61 -8.93
CA MET A 58 1.67 -8.17 -8.91
C MET A 58 0.88 -7.75 -7.69
N MET A 59 1.54 -7.07 -6.77
CA MET A 59 0.92 -6.68 -5.52
C MET A 59 1.35 -5.27 -5.13
N LEU A 60 0.43 -4.51 -4.58
CA LEU A 60 0.76 -3.22 -4.02
C LEU A 60 0.47 -3.20 -2.54
N ARG A 61 1.22 -2.39 -1.83
CA ARG A 61 0.92 -2.12 -0.43
C ARG A 61 0.82 -0.63 -0.18
N LEU A 62 -0.22 -0.26 0.53
CA LEU A 62 -0.39 1.09 1.02
C LEU A 62 0.10 1.14 2.45
N ILE A 63 1.25 1.75 2.68
CA ILE A 63 1.80 1.77 4.02
C ILE A 63 1.24 2.95 4.77
N GLY A 64 0.25 2.69 5.60
CA GLY A 64 -0.33 3.72 6.41
C GLY A 64 0.63 4.14 7.49
N LYS A 65 0.45 5.33 8.02
CA LYS A 65 1.27 5.82 9.09
C LYS A 65 1.17 4.90 10.28
N VAL A 66 2.15 5.00 11.12
CA VAL A 66 2.36 4.00 12.15
C VAL A 66 1.63 4.38 13.43
N ASP A 67 1.32 3.36 14.20
CA ASP A 67 0.68 3.51 15.50
C ASP A 67 1.56 4.30 16.45
N GLU A 68 0.90 5.02 17.37
CA GLU A 68 1.54 5.88 18.36
C GLU A 68 2.60 5.16 19.22
N SER A 69 2.79 3.87 18.96
CA SER A 69 3.82 3.06 19.60
C SER A 69 5.24 3.59 19.31
N LYS A 70 5.33 4.74 18.63
CA LYS A 70 6.60 5.40 18.32
C LYS A 70 7.29 5.86 19.60
N LYS A 71 6.57 5.78 20.70
CA LYS A 71 7.03 6.24 21.99
C LYS A 71 8.38 5.65 22.39
N ARG A 72 9.05 6.34 23.30
CA ARG A 72 10.33 5.92 23.84
C ARG A 72 10.27 4.54 24.45
N LYS A 73 11.44 4.04 24.82
CA LYS A 73 11.56 2.69 25.32
C LYS A 73 10.82 2.54 26.64
N ASP A 74 10.27 1.35 26.84
CA ASP A 74 9.31 1.09 27.91
C ASP A 74 10.03 0.83 29.24
N ASN A 75 9.30 0.46 30.28
CA ASN A 75 9.90 0.34 31.62
C ASN A 75 10.93 -0.79 31.68
N GLU A 76 10.70 -1.83 30.88
CA GLU A 76 11.61 -2.96 30.80
C GLU A 76 12.60 -2.73 29.68
N GLY A 77 12.53 -1.54 29.12
CA GLY A 77 13.28 -1.22 27.94
C GLY A 77 12.44 -1.44 26.71
N ASN A 78 11.96 -2.68 26.59
CA ASN A 78 11.26 -3.18 25.39
C ASN A 78 12.01 -2.94 24.09
N GLU A 79 12.35 -1.69 23.81
CA GLU A 79 12.92 -1.28 22.53
C GLU A 79 11.94 -1.61 21.42
N VAL A 80 10.77 -0.99 21.48
CA VAL A 80 9.70 -1.31 20.56
C VAL A 80 9.90 -0.57 19.25
N VAL A 81 9.50 -1.22 18.17
CA VAL A 81 9.53 -0.59 16.88
C VAL A 81 8.10 -0.35 16.41
N PRO A 82 7.79 0.89 16.01
CA PRO A 82 6.44 1.27 15.64
C PRO A 82 5.99 0.58 14.36
N LYS A 83 4.87 -0.09 14.43
CA LYS A 83 4.35 -0.83 13.30
C LYS A 83 3.40 0.01 12.47
N PRO A 84 3.68 0.10 11.17
CA PRO A 84 2.82 0.76 10.21
C PRO A 84 1.62 -0.10 9.84
N GLN A 85 0.45 0.49 9.72
CA GLN A 85 -0.70 -0.26 9.26
C GLN A 85 -0.79 -0.16 7.75
N ARG A 86 -0.62 -1.28 7.06
CA ARG A 86 -0.55 -1.26 5.62
C ARG A 86 -1.65 -2.08 4.99
N HIS A 87 -1.93 -1.76 3.75
CA HIS A 87 -2.99 -2.41 2.98
C HIS A 87 -2.37 -3.16 1.81
N MET A 88 -2.91 -4.30 1.40
CA MET A 88 -2.28 -5.09 0.35
C MET A 88 -3.29 -5.53 -0.72
N PHE A 89 -2.92 -5.27 -1.97
CA PHE A 89 -3.80 -5.49 -3.12
C PHE A 89 -3.13 -6.35 -4.18
N SER A 90 -3.85 -7.35 -4.66
CA SER A 90 -3.35 -8.18 -5.74
C SER A 90 -3.97 -7.75 -7.06
N PHE A 91 -3.14 -7.52 -8.06
CA PHE A 91 -3.61 -7.26 -9.42
C PHE A 91 -3.21 -8.41 -10.31
N ASN A 92 -3.62 -8.34 -11.56
CA ASN A 92 -3.28 -9.37 -12.54
C ASN A 92 -2.89 -8.73 -13.86
N ASN A 93 -2.31 -7.54 -13.77
CA ASN A 93 -1.85 -6.83 -14.96
C ASN A 93 -0.64 -5.96 -14.59
N ARG A 94 0.41 -6.10 -15.40
CA ARG A 94 1.69 -5.45 -15.14
C ARG A 94 1.58 -3.93 -15.19
N THR A 95 0.87 -3.43 -16.19
CA THR A 95 0.67 -2.01 -16.34
C THR A 95 -0.10 -1.45 -15.15
N VAL A 96 -1.20 -2.12 -14.80
CA VAL A 96 -2.02 -1.73 -13.66
C VAL A 96 -1.19 -1.49 -12.42
N MET A 97 -0.46 -2.50 -11.97
CA MET A 97 0.26 -2.38 -10.71
C MET A 97 1.27 -1.25 -10.77
N ASP A 98 2.05 -1.23 -11.84
CA ASP A 98 3.05 -0.18 -12.06
C ASP A 98 2.42 1.22 -12.10
N ASN A 99 1.23 1.32 -12.67
CA ASN A 99 0.55 2.60 -12.78
C ASN A 99 0.01 3.02 -11.42
N ILE A 100 -0.76 2.12 -10.81
CA ILE A 100 -1.22 2.29 -9.42
C ILE A 100 -0.03 2.61 -8.51
N LYS A 101 1.05 1.84 -8.68
CA LYS A 101 2.31 2.08 -7.96
C LYS A 101 2.66 3.55 -7.94
N MET A 102 2.89 4.08 -9.12
CA MET A 102 3.24 5.46 -9.32
C MET A 102 2.15 6.40 -8.80
N THR A 103 0.92 6.20 -9.26
CA THR A 103 -0.22 7.06 -8.89
C THR A 103 -0.29 7.30 -7.39
N LEU A 104 -0.14 6.24 -6.63
CA LEU A 104 -0.27 6.29 -5.19
C LEU A 104 0.96 6.95 -4.60
N GLN A 105 2.11 6.44 -5.01
CA GLN A 105 3.40 6.91 -4.55
C GLN A 105 3.58 8.42 -4.77
N GLN A 106 3.18 8.89 -5.95
CA GLN A 106 3.31 10.31 -6.29
C GLN A 106 2.45 11.15 -5.37
N ILE A 107 1.24 10.70 -5.07
CA ILE A 107 0.36 11.42 -4.18
C ILE A 107 0.95 11.43 -2.76
N ILE A 108 1.55 10.31 -2.37
CA ILE A 108 2.28 10.23 -1.10
C ILE A 108 3.41 11.27 -1.09
N SER A 109 4.23 11.24 -2.12
CA SER A 109 5.34 12.16 -2.26
C SER A 109 4.83 13.60 -2.30
N ARG A 110 3.66 13.80 -2.92
CA ARG A 110 2.99 15.07 -2.96
C ARG A 110 2.75 15.63 -1.56
N TYR A 111 2.44 14.75 -0.61
CA TYR A 111 2.19 15.16 0.77
C TYR A 111 3.48 15.16 1.58
N LYS A 112 4.49 14.49 1.04
CA LYS A 112 5.80 14.49 1.64
C LYS A 112 6.53 15.79 1.33
N ASP A 113 6.38 16.23 0.10
CA ASP A 113 6.87 17.55 -0.30
C ASP A 113 5.88 18.61 0.15
N ALA A 114 4.65 18.14 0.33
CA ALA A 114 3.53 18.94 0.81
C ALA A 114 3.19 20.03 -0.19
N ASP A 115 3.32 19.68 -1.45
CA ASP A 115 3.08 20.61 -2.55
C ASP A 115 1.64 21.09 -2.56
N ASP B 1 -2.94 -18.93 7.67
CA ASP B 1 -1.50 -18.57 7.64
C ASP B 1 -1.16 -17.68 6.45
N THR B 2 -2.14 -17.44 5.59
CA THR B 2 -1.92 -16.64 4.38
C THR B 2 -1.34 -15.27 4.70
N GLN B 3 -1.97 -14.56 5.63
CA GLN B 3 -1.53 -13.23 6.03
C GLN B 3 -0.10 -13.27 6.59
N ASP B 4 0.27 -14.40 7.17
CA ASP B 4 1.61 -14.60 7.72
C ASP B 4 2.58 -14.92 6.60
N ASP B 5 2.09 -15.60 5.59
CA ASP B 5 2.89 -15.97 4.42
C ASP B 5 3.25 -14.71 3.64
N PHE B 6 2.28 -13.81 3.52
CA PHE B 6 2.46 -12.54 2.84
C PHE B 6 3.53 -11.68 3.53
N LEU B 7 3.86 -12.01 4.77
CA LEU B 7 4.86 -11.27 5.52
C LEU B 7 6.26 -11.72 5.13
N LYS B 8 6.49 -13.02 5.21
CA LYS B 8 7.82 -13.58 5.03
C LYS B 8 8.28 -13.50 3.56
N TRP B 9 7.41 -13.87 2.64
CA TRP B 9 7.78 -13.92 1.22
C TRP B 9 8.21 -12.53 0.73
N TRP B 10 7.55 -11.50 1.27
CA TRP B 10 7.79 -10.14 0.84
C TRP B 10 9.16 -9.68 1.33
N ARG B 11 9.43 -9.94 2.60
CA ARG B 11 10.69 -9.53 3.21
C ARG B 11 11.84 -10.33 2.62
N SER B 12 11.53 -11.47 2.03
CA SER B 12 12.53 -12.29 1.36
C SER B 12 12.97 -11.62 0.07
N GLU B 13 12.02 -11.02 -0.64
CA GLU B 13 12.32 -10.33 -1.89
C GLU B 13 13.17 -9.10 -1.63
N GLU B 14 12.95 -8.46 -0.49
CA GLU B 14 13.73 -7.30 -0.09
C GLU B 14 15.10 -7.76 0.44
N ALA B 15 15.16 -8.99 0.92
CA ALA B 15 16.38 -9.55 1.48
C ALA B 15 17.37 -9.94 0.39
N GLN B 16 16.87 -10.61 -0.65
CA GLN B 16 17.73 -11.11 -1.73
C GLN B 16 18.49 -9.97 -2.40
N ASP B 17 17.95 -8.77 -2.33
CA ASP B 17 18.58 -7.59 -2.91
C ASP B 17 19.92 -7.31 -2.24
N MET B 18 19.95 -7.45 -0.92
CA MET B 18 21.16 -7.18 -0.16
C MET B 18 21.86 -8.49 0.22
N GLY B 19 21.71 -9.50 -0.63
CA GLY B 19 22.35 -10.77 -0.41
C GLY B 19 23.27 -11.12 -1.55
#